data_3CJT
#
_entry.id   3CJT
#
_cell.length_a   69.822
_cell.length_b   69.943
_cell.length_c   379.007
_cell.angle_alpha   90.00
_cell.angle_beta   90.47
_cell.angle_gamma   90.00
#
_symmetry.space_group_name_H-M   'P 1 2 1'
#
loop_
_entity.id
_entity.type
_entity.pdbx_description
1 polymer 'Ribosomal protein L11 methyltransferase'
2 polymer '50S ribosomal protein L11'
3 non-polymer 'NITRATE ION'
4 non-polymer 'CHLORIDE ION'
5 non-polymer S-ADENOSYL-L-HOMOCYSTEINE
6 non-polymer 1,2-ETHANEDIOL
7 non-polymer N,N-dimethyl-L-methionine
8 non-polymer S-ADENOSYLMETHIONINE
9 water water
#
loop_
_entity_poly.entity_id
_entity_poly.type
_entity_poly.pdbx_seq_one_letter_code
_entity_poly.pdbx_strand_id
1 'polypeptide(L)'
;MWVYRLKGTLEALDPILPGLFDGGARGLWEREGEVWAFFPAPVDLPYEGVWEEVGDEDWLEAWRRDLKPALAPPFVVLAP
WHTWEGAEIPLVIEPGMAFGTGHAETTRLALKALARHLRPGDKVLDLGTGSGVLAIAAEKLGGKALGVDIDPMVLPQAEA
NAKRNGVRPRFLEGSLEAALPFGPFDLLVANLYAELHAALAPRYREALVPGGRALLTGILKDRAPLVREAMAGAGFRPLE
EAAEGEWVLLAYGR
;
A,C,E,G,I,K,M,O
2 'polypeptide(L)'
;MKKVVAVVKLQLPAGKATPAPPVGPALGQHGANIMEFVKAFNAATANMGDAIVPVEITIYADRSFTFVTKTPPASYLIRK
AAGLEKGAHKPGREKVGRITWEQVLEIAKQKMPDLNTTDLEAAARMIAGSARSMGVEVVGAPEVKDA
;
B,D,F,H,J,L,N,P
#
loop_
_chem_comp.id
_chem_comp.type
_chem_comp.name
_chem_comp.formula
2MM non-polymer N,N-dimethyl-L-methionine 'C7 H15 N O2 S'
CL non-polymer 'CHLORIDE ION' 'Cl -1'
EDO non-polymer 1,2-ETHANEDIOL 'C2 H6 O2'
NO3 non-polymer 'NITRATE ION' 'N O3 -1'
SAM non-polymer S-ADENOSYLMETHIONINE 'C15 H22 N6 O5 S'
#
# COMPACT_ATOMS: atom_id res chain seq x y z
N MET A 1 -33.21 9.28 93.71
CA MET A 1 -32.20 8.28 94.16
C MET A 1 -31.28 8.87 95.25
N TRP A 2 -30.66 8.00 96.03
CA TRP A 2 -29.82 8.42 97.12
C TRP A 2 -28.45 7.88 96.91
N VAL A 3 -27.45 8.60 97.41
CA VAL A 3 -26.09 8.12 97.42
C VAL A 3 -25.55 8.14 98.85
N TYR A 4 -24.77 7.12 99.17
CA TYR A 4 -24.08 7.01 100.42
C TYR A 4 -22.60 7.17 100.09
N ARG A 5 -21.99 8.25 100.59
CA ARG A 5 -20.61 8.62 100.22
C ARG A 5 -19.62 8.21 101.30
N LEU A 6 -18.64 7.40 100.91
CA LEU A 6 -17.67 6.84 101.85
C LEU A 6 -16.25 7.25 101.47
N LYS A 7 -15.46 7.67 102.46
CA LYS A 7 -14.05 8.02 102.23
C LYS A 7 -13.22 6.79 101.94
N GLY A 8 -12.44 6.84 100.88
CA GLY A 8 -11.63 5.72 100.51
C GLY A 8 -11.95 5.20 99.12
N THR A 9 -11.09 4.32 98.66
CA THR A 9 -11.20 3.68 97.37
C THR A 9 -11.95 2.38 97.55
N LEU A 10 -12.31 1.75 96.45
CA LEU A 10 -12.94 0.44 96.48
C LEU A 10 -12.02 -0.58 97.14
N GLU A 11 -10.75 -0.54 96.77
CA GLU A 11 -9.75 -1.41 97.38
C GLU A 11 -9.78 -1.25 98.90
N ALA A 12 -9.51 -0.04 99.38
CA ALA A 12 -9.45 0.23 100.81
C ALA A 12 -10.71 -0.21 101.51
N LEU A 13 -11.86 -0.06 100.85
CA LEU A 13 -13.17 -0.31 101.48
C LEU A 13 -13.71 -1.71 101.27
N ASP A 14 -12.89 -2.59 100.69
CA ASP A 14 -13.29 -3.96 100.32
C ASP A 14 -14.17 -4.72 101.34
N PRO A 15 -13.82 -4.65 102.65
CA PRO A 15 -14.62 -5.45 103.60
C PRO A 15 -16.10 -5.04 103.75
N ILE A 16 -16.41 -3.78 103.43
CA ILE A 16 -17.77 -3.25 103.64
C ILE A 16 -18.68 -3.24 102.40
N LEU A 17 -18.13 -3.52 101.23
CA LEU A 17 -18.89 -3.43 99.96
C LEU A 17 -20.06 -4.44 99.85
N PRO A 18 -19.83 -5.73 100.18
CA PRO A 18 -20.99 -6.65 100.26
C PRO A 18 -22.14 -6.11 101.12
N GLY A 19 -21.82 -5.51 102.25
CA GLY A 19 -22.84 -4.90 103.13
C GLY A 19 -23.66 -3.78 102.50
N LEU A 20 -23.00 -2.99 101.66
CA LEU A 20 -23.68 -1.93 100.90
C LEU A 20 -24.73 -2.49 99.98
N PHE A 21 -24.37 -3.53 99.23
CA PHE A 21 -25.31 -4.29 98.38
C PHE A 21 -26.42 -4.99 99.18
N ASP A 22 -26.06 -5.74 100.23
CA ASP A 22 -27.07 -6.35 101.11
C ASP A 22 -28.00 -5.32 101.75
N GLY A 23 -27.56 -4.06 101.83
CA GLY A 23 -28.39 -2.97 102.31
C GLY A 23 -29.29 -2.38 101.25
N GLY A 24 -29.02 -2.72 99.98
CA GLY A 24 -29.86 -2.28 98.87
C GLY A 24 -29.17 -1.47 97.78
N ALA A 25 -27.84 -1.31 97.87
CA ALA A 25 -27.07 -0.61 96.82
C ALA A 25 -27.30 -1.28 95.48
N ARG A 26 -27.43 -0.46 94.44
CA ARG A 26 -27.62 -0.98 93.09
C ARG A 26 -26.30 -0.95 92.31
N GLY A 27 -25.30 -0.28 92.86
CA GLY A 27 -23.99 -0.25 92.24
C GLY A 27 -23.09 0.74 92.92
N LEU A 28 -21.79 0.57 92.71
CA LEU A 28 -20.75 1.37 93.37
C LEU A 28 -19.87 2.10 92.34
N TRP A 29 -19.43 3.31 92.68
CA TRP A 29 -18.66 4.17 91.78
C TRP A 29 -17.52 4.81 92.56
N GLU A 30 -16.29 4.50 92.17
CA GLU A 30 -15.12 5.12 92.79
C GLU A 30 -14.87 6.48 92.17
N ARG A 31 -14.81 7.49 93.02
CA ARG A 31 -14.55 8.88 92.61
C ARG A 31 -13.29 9.36 93.34
N GLU A 32 -12.97 10.65 93.28
CA GLU A 32 -11.68 11.08 93.85
C GLU A 32 -11.63 10.96 95.37
N GLY A 33 -11.08 9.84 95.83
CA GLY A 33 -10.94 9.57 97.25
C GLY A 33 -12.22 9.17 97.93
N GLU A 34 -13.25 8.85 97.14
CA GLU A 34 -14.55 8.42 97.68
C GLU A 34 -15.17 7.24 96.89
N VAL A 35 -15.97 6.45 97.58
CA VAL A 35 -16.88 5.53 96.94
C VAL A 35 -18.33 6.02 97.11
N TRP A 36 -19.02 6.11 95.99
CA TRP A 36 -20.44 6.47 95.96
C TRP A 36 -21.27 5.23 95.74
N ALA A 37 -22.14 4.93 96.72
CA ALA A 37 -23.06 3.80 96.66
C ALA A 37 -24.47 4.33 96.41
N PHE A 38 -25.13 3.78 95.41
CA PHE A 38 -26.43 4.29 94.98
C PHE A 38 -27.56 3.40 95.46
N PHE A 39 -28.51 4.01 96.14
CA PHE A 39 -29.66 3.31 96.71
C PHE A 39 -30.91 4.06 96.28
N PRO A 40 -32.05 3.35 96.10
CA PRO A 40 -33.34 4.03 95.89
C PRO A 40 -33.79 4.92 97.06
N ALA A 41 -33.40 4.55 98.28
CA ALA A 41 -33.90 5.17 99.51
C ALA A 41 -32.82 4.99 100.59
N PRO A 42 -32.72 5.95 101.53
CA PRO A 42 -31.63 5.83 102.51
C PRO A 42 -31.94 4.71 103.49
N VAL A 43 -30.88 4.01 103.93
CA VAL A 43 -30.97 3.00 104.97
C VAL A 43 -29.95 3.24 106.08
N ASP A 44 -30.21 2.65 107.24
CA ASP A 44 -29.35 2.79 108.39
C ASP A 44 -28.19 1.83 108.22
N LEU A 45 -27.00 2.38 108.09
CA LEU A 45 -25.80 1.62 107.81
C LEU A 45 -24.79 1.89 108.91
N PRO A 46 -24.01 0.85 109.26
CA PRO A 46 -22.95 1.00 110.24
C PRO A 46 -21.63 1.55 109.69
N TYR A 47 -21.59 2.04 108.45
CA TYR A 47 -20.28 2.31 107.87
C TYR A 47 -19.71 3.70 108.04
N GLU A 48 -20.46 4.62 108.65
CA GLU A 48 -19.98 6.00 108.77
C GLU A 48 -19.76 6.66 107.40
N GLY A 49 -20.68 6.50 106.46
CA GLY A 49 -20.68 7.31 105.27
C GLY A 49 -21.72 8.39 105.45
N VAL A 50 -22.03 9.11 104.38
CA VAL A 50 -22.98 10.22 104.41
C VAL A 50 -24.05 10.08 103.30
N TRP A 51 -25.31 10.21 103.70
CA TRP A 51 -26.45 10.13 102.80
C TRP A 51 -26.70 11.47 102.13
N GLU A 52 -26.82 11.43 100.80
CA GLU A 52 -27.09 12.62 100.02
C GLU A 52 -28.11 12.21 98.95
N GLU A 53 -29.14 13.03 98.76
CA GLU A 53 -30.10 12.76 97.71
C GLU A 53 -29.60 13.38 96.41
N VAL A 54 -29.61 12.62 95.32
CA VAL A 54 -29.19 13.13 94.01
C VAL A 54 -30.40 13.28 93.11
N GLY A 55 -30.30 14.13 92.10
CA GLY A 55 -31.39 14.37 91.16
C GLY A 55 -31.45 13.27 90.13
N ASP A 56 -32.67 12.81 89.82
CA ASP A 56 -32.88 11.65 88.95
C ASP A 56 -33.07 12.02 87.47
N GLU A 57 -32.03 11.76 86.67
CA GLU A 57 -32.07 11.92 85.22
C GLU A 57 -32.51 10.66 84.47
N ASP A 58 -33.00 10.87 83.25
CA ASP A 58 -33.07 9.82 82.26
C ASP A 58 -31.75 9.89 81.49
N TRP A 59 -30.79 9.06 81.92
CA TRP A 59 -29.42 9.14 81.37
C TRP A 59 -29.33 8.74 79.89
N LEU A 60 -30.13 7.78 79.47
CA LEU A 60 -30.22 7.46 78.06
C LEU A 60 -30.64 8.65 77.21
N GLU A 61 -31.63 9.41 77.69
CA GLU A 61 -32.11 10.59 76.95
C GLU A 61 -31.09 11.73 76.92
N ALA A 62 -30.43 11.99 78.05
CA ALA A 62 -29.36 12.99 78.13
C ALA A 62 -28.20 12.67 77.18
N TRP A 63 -27.83 11.39 77.11
CA TRP A 63 -26.77 10.97 76.22
C TRP A 63 -27.15 11.09 74.73
N ARG A 64 -28.32 10.59 74.35
CA ARG A 64 -28.82 10.75 72.97
C ARG A 64 -28.90 12.22 72.53
N ARG A 65 -29.44 13.08 73.39
CA ARG A 65 -29.54 14.49 73.03
C ARG A 65 -28.21 15.24 72.85
N ASP A 66 -27.20 14.96 73.66
CA ASP A 66 -25.91 15.61 73.47
C ASP A 66 -24.99 14.95 72.40
N LEU A 67 -25.38 13.79 71.88
CA LEU A 67 -24.62 13.13 70.82
C LEU A 67 -25.17 13.55 69.45
N LYS A 68 -24.44 14.42 68.78
CA LYS A 68 -24.89 15.04 67.53
C LYS A 68 -24.15 14.45 66.31
N PRO A 69 -24.80 14.41 65.13
CA PRO A 69 -24.06 14.05 63.92
C PRO A 69 -22.72 14.80 63.83
N ALA A 70 -21.68 14.12 63.37
CA ALA A 70 -20.34 14.69 63.26
C ALA A 70 -20.03 15.05 61.81
N LEU A 71 -20.01 16.34 61.52
CA LEU A 71 -19.77 16.80 60.17
C LEU A 71 -18.30 16.80 59.83
N ALA A 72 -17.98 16.17 58.71
CA ALA A 72 -16.64 16.23 58.15
C ALA A 72 -16.80 16.24 56.63
N PRO A 73 -17.17 17.42 56.08
CA PRO A 73 -17.48 17.51 54.64
C PRO A 73 -16.47 16.75 53.76
N PRO A 74 -16.97 15.90 52.82
CA PRO A 74 -18.36 15.78 52.36
C PRO A 74 -19.23 14.79 53.13
N PHE A 75 -18.74 14.32 54.28
CA PHE A 75 -19.41 13.31 55.06
C PHE A 75 -20.13 13.89 56.26
N VAL A 76 -21.15 13.16 56.70
CA VAL A 76 -21.70 13.34 58.03
C VAL A 76 -21.60 11.96 58.69
N VAL A 77 -21.09 11.92 59.91
CA VAL A 77 -20.98 10.66 60.64
C VAL A 77 -22.11 10.59 61.62
N LEU A 78 -22.95 9.60 61.41
CA LEU A 78 -24.22 9.49 62.08
C LEU A 78 -24.25 8.23 62.94
N ALA A 79 -24.88 8.33 64.12
CA ALA A 79 -25.23 7.16 64.92
C ALA A 79 -26.47 6.51 64.27
N PRO A 80 -26.65 5.17 64.44
CA PRO A 80 -27.80 4.44 63.85
C PRO A 80 -29.19 5.07 64.06
N TRP A 81 -29.42 5.72 65.19
CA TRP A 81 -30.71 6.36 65.49
C TRP A 81 -30.80 7.79 64.98
N HIS A 82 -29.73 8.33 64.40
CA HIS A 82 -29.77 9.68 63.86
C HIS A 82 -30.62 9.73 62.59
N THR A 83 -31.28 10.87 62.38
CA THR A 83 -31.87 11.21 61.07
C THR A 83 -31.09 12.39 60.51
N TRP A 84 -31.03 12.50 59.20
CA TRP A 84 -30.29 13.59 58.56
C TRP A 84 -30.99 14.01 57.28
N GLU A 85 -31.06 15.33 57.06
CA GLU A 85 -31.79 15.90 55.92
C GLU A 85 -30.88 16.48 54.84
N GLY A 86 -29.64 16.83 55.20
CA GLY A 86 -28.68 17.44 54.25
C GLY A 86 -28.25 16.54 53.09
N ALA A 87 -27.31 17.02 52.29
CA ALA A 87 -26.88 16.29 51.08
C ALA A 87 -25.52 15.55 51.24
N GLU A 88 -24.99 15.60 52.46
CA GLU A 88 -23.71 14.99 52.83
C GLU A 88 -23.73 13.49 52.62
N ILE A 89 -22.58 12.90 52.32
CA ILE A 89 -22.44 11.46 52.31
C ILE A 89 -22.54 10.94 53.75
N PRO A 90 -23.59 10.18 54.05
CA PRO A 90 -23.75 9.63 55.39
C PRO A 90 -22.77 8.48 55.67
N LEU A 91 -22.23 8.46 56.89
CA LEU A 91 -21.44 7.34 57.39
C LEU A 91 -22.03 6.95 58.72
N VAL A 92 -22.60 5.76 58.77
CA VAL A 92 -23.25 5.29 59.98
C VAL A 92 -22.27 4.47 60.80
N ILE A 93 -21.96 4.96 61.99
CA ILE A 93 -21.02 4.31 62.87
C ILE A 93 -21.67 4.26 64.24
N GLU A 94 -21.80 3.05 64.77
CA GLU A 94 -22.25 2.89 66.14
C GLU A 94 -21.17 3.42 67.09
N PRO A 95 -21.53 4.38 67.97
CA PRO A 95 -20.57 4.79 69.00
C PRO A 95 -20.48 3.66 70.00
N GLY A 96 -19.38 2.91 69.94
CA GLY A 96 -19.25 1.65 70.69
C GLY A 96 -17.85 1.51 71.24
N MET A 97 -17.25 0.35 71.02
CA MET A 97 -16.02 -0.02 71.69
C MET A 97 -14.78 0.03 70.77
N ALA A 98 -14.82 0.94 69.80
CA ALA A 98 -13.75 1.02 68.82
C ALA A 98 -13.51 2.46 68.42
N PHE A 99 -12.25 2.88 68.51
CA PHE A 99 -11.90 4.24 68.11
C PHE A 99 -12.29 4.45 66.64
N GLY A 100 -12.86 5.63 66.35
CA GLY A 100 -13.40 5.99 65.03
C GLY A 100 -14.92 6.15 64.97
N THR A 101 -15.49 6.69 66.05
CA THR A 101 -16.91 7.05 66.10
C THR A 101 -17.21 8.27 65.22
N GLY A 102 -16.18 9.03 64.85
CA GLY A 102 -16.33 10.22 64.05
C GLY A 102 -16.22 11.47 64.88
N HIS A 103 -16.20 11.29 66.19
CA HIS A 103 -16.09 12.43 67.10
C HIS A 103 -14.64 12.80 67.48
N ALA A 104 -13.65 12.31 66.74
CA ALA A 104 -12.26 12.77 66.97
C ALA A 104 -11.87 13.71 65.84
N GLU A 105 -11.17 14.78 66.19
CA GLU A 105 -10.57 15.68 65.24
C GLU A 105 -9.70 14.96 64.21
N THR A 106 -8.90 13.99 64.65
CA THR A 106 -8.06 13.23 63.72
C THR A 106 -8.89 12.39 62.74
N THR A 107 -9.93 11.71 63.19
CA THR A 107 -10.79 10.95 62.27
C THR A 107 -11.37 11.86 61.19
N ARG A 108 -11.85 13.03 61.63
CA ARG A 108 -12.39 14.03 60.73
C ARG A 108 -11.35 14.61 59.76
N LEU A 109 -10.16 14.93 60.25
CA LEU A 109 -9.07 15.30 59.39
C LEU A 109 -8.87 14.28 58.26
N ALA A 110 -8.84 13.01 58.63
CA ALA A 110 -8.59 11.96 57.66
C ALA A 110 -9.77 11.82 56.69
N LEU A 111 -11.02 11.93 57.18
CA LEU A 111 -12.17 11.90 56.28
C LEU A 111 -12.14 12.99 55.17
N LYS A 112 -11.76 14.22 55.54
CA LYS A 112 -11.69 15.31 54.58
C LYS A 112 -10.55 15.14 53.59
N ALA A 113 -9.42 14.65 54.08
CA ALA A 113 -8.26 14.35 53.23
C ALA A 113 -8.56 13.25 52.21
N LEU A 114 -9.34 12.25 52.60
CA LEU A 114 -9.77 11.22 51.66
C LEU A 114 -10.52 11.84 50.48
N ALA A 115 -11.36 12.82 50.75
CA ALA A 115 -12.20 13.39 49.70
C ALA A 115 -11.34 14.20 48.72
N ARG A 116 -10.29 14.83 49.24
CA ARG A 116 -9.31 15.57 48.44
C ARG A 116 -8.40 14.70 47.55
N HIS A 117 -8.08 13.48 47.99
CA HIS A 117 -7.01 12.69 47.35
C HIS A 117 -7.41 11.39 46.67
N LEU A 118 -8.58 10.88 47.01
N LEU A 118 -8.55 10.85 47.06
CA LEU A 118 -9.01 9.54 46.58
CA LEU A 118 -9.00 9.55 46.55
C LEU A 118 -9.69 9.60 45.22
C LEU A 118 -9.61 9.70 45.17
N ARG A 119 -9.12 8.88 44.24
CA ARG A 119 -9.67 8.80 42.89
C ARG A 119 -10.61 7.59 42.81
N PRO A 120 -11.74 7.75 42.10
CA PRO A 120 -12.59 6.57 41.97
C PRO A 120 -11.81 5.38 41.41
N GLY A 121 -12.05 4.21 41.99
CA GLY A 121 -11.38 2.98 41.57
C GLY A 121 -10.07 2.75 42.28
N ASP A 122 -9.57 3.72 43.02
CA ASP A 122 -8.24 3.49 43.55
C ASP A 122 -8.19 2.53 44.79
N LYS A 123 -7.06 1.86 44.98
CA LYS A 123 -6.95 0.87 46.05
C LYS A 123 -6.41 1.55 47.32
N VAL A 124 -7.11 1.33 48.44
CA VAL A 124 -6.88 2.11 49.65
C VAL A 124 -6.57 1.21 50.84
N LEU A 125 -5.47 1.52 51.53
CA LEU A 125 -5.11 0.88 52.75
C LEU A 125 -5.49 1.81 53.89
N ASP A 126 -6.40 1.35 54.74
CA ASP A 126 -6.73 2.03 56.00
C ASP A 126 -5.94 1.34 57.10
N LEU A 127 -4.77 1.90 57.46
CA LEU A 127 -3.91 1.32 58.48
C LEU A 127 -4.33 1.71 59.89
N GLY A 128 -4.79 0.75 60.68
CA GLY A 128 -5.32 1.02 62.01
C GLY A 128 -6.80 1.41 61.91
N THR A 129 -7.60 0.49 61.41
CA THR A 129 -8.96 0.79 60.98
C THR A 129 -9.98 1.06 62.12
N GLY A 130 -9.81 0.38 63.27
CA GLY A 130 -10.67 0.58 64.42
C GLY A 130 -12.10 0.29 64.04
N SER A 131 -12.99 1.29 64.15
CA SER A 131 -14.40 1.14 63.80
C SER A 131 -14.67 0.79 62.33
N GLY A 132 -13.67 0.98 61.47
CA GLY A 132 -13.83 0.79 60.02
C GLY A 132 -14.18 2.08 59.29
N VAL A 133 -14.40 3.15 60.02
CA VAL A 133 -14.89 4.43 59.49
C VAL A 133 -14.23 4.91 58.19
N LEU A 134 -12.91 4.93 58.14
CA LEU A 134 -12.16 5.45 56.99
C LEU A 134 -12.19 4.53 55.79
N ALA A 135 -12.15 3.22 56.03
CA ALA A 135 -12.26 2.22 54.95
C ALA A 135 -13.67 2.26 54.32
N ILE A 136 -14.68 2.44 55.15
CA ILE A 136 -16.06 2.60 54.71
C ILE A 136 -16.25 3.89 53.90
N ALA A 137 -15.59 4.96 54.34
CA ALA A 137 -15.68 6.25 53.70
C ALA A 137 -15.02 6.15 52.34
N ALA A 138 -13.88 5.45 52.28
CA ALA A 138 -13.16 5.17 51.02
C ALA A 138 -14.02 4.40 50.03
N GLU A 139 -14.73 3.38 50.49
CA GLU A 139 -15.72 2.66 49.64
C GLU A 139 -16.80 3.61 49.10
N LYS A 140 -17.39 4.43 49.97
CA LYS A 140 -18.35 5.46 49.54
C LYS A 140 -17.81 6.42 48.47
N LEU A 141 -16.50 6.65 48.45
CA LEU A 141 -15.86 7.53 47.47
C LEU A 141 -15.38 6.81 46.20
N GLY A 142 -15.74 5.53 46.06
CA GLY A 142 -15.41 4.75 44.85
C GLY A 142 -14.12 3.96 44.93
N GLY A 143 -13.46 3.93 46.09
CA GLY A 143 -12.26 3.12 46.25
C GLY A 143 -12.57 1.69 46.65
N LYS A 144 -11.55 0.82 46.58
CA LYS A 144 -11.62 -0.50 47.19
C LYS A 144 -10.68 -0.48 48.40
N ALA A 145 -11.25 -0.75 49.58
CA ALA A 145 -10.55 -0.56 50.80
C ALA A 145 -10.12 -1.90 51.47
N LEU A 146 -8.91 -1.89 52.00
CA LEU A 146 -8.45 -2.87 52.97
C LEU A 146 -8.26 -2.11 54.26
N GLY A 147 -8.97 -2.52 55.31
CA GLY A 147 -8.78 -1.99 56.65
C GLY A 147 -8.08 -3.03 57.50
N VAL A 148 -6.90 -2.68 58.03
CA VAL A 148 -6.19 -3.56 58.98
C VAL A 148 -6.06 -2.98 60.39
N ASP A 149 -5.96 -3.88 61.36
CA ASP A 149 -5.81 -3.54 62.77
C ASP A 149 -5.18 -4.70 63.54
N ILE A 150 -4.23 -4.38 64.42
CA ILE A 150 -3.54 -5.40 65.23
C ILE A 150 -4.39 -5.84 66.39
N ASP A 151 -5.45 -5.09 66.66
CA ASP A 151 -6.38 -5.37 67.73
C ASP A 151 -7.56 -6.16 67.17
N PRO A 152 -7.63 -7.46 67.49
CA PRO A 152 -8.66 -8.31 66.90
C PRO A 152 -10.07 -7.97 67.39
N MET A 153 -10.16 -7.24 68.50
CA MET A 153 -11.46 -6.90 69.07
C MET A 153 -12.29 -5.93 68.21
N VAL A 154 -11.62 -5.17 67.35
CA VAL A 154 -12.30 -4.14 66.58
C VAL A 154 -12.85 -4.61 65.24
N LEU A 155 -12.35 -5.74 64.79
CA LEU A 155 -12.63 -6.19 63.44
C LEU A 155 -14.09 -6.64 63.24
N PRO A 156 -14.68 -7.36 64.23
CA PRO A 156 -16.11 -7.65 64.11
C PRO A 156 -16.95 -6.36 64.18
N GLN A 157 -16.46 -5.35 64.90
CA GLN A 157 -17.13 -4.04 64.98
C GLN A 157 -17.03 -3.27 63.68
N ALA A 158 -15.87 -3.37 63.04
CA ALA A 158 -15.65 -2.73 61.75
C ALA A 158 -16.52 -3.39 60.68
N GLU A 159 -16.63 -4.71 60.73
CA GLU A 159 -17.52 -5.50 59.87
C GLU A 159 -18.97 -5.10 60.04
N ALA A 160 -19.42 -4.97 61.29
CA ALA A 160 -20.81 -4.66 61.58
C ALA A 160 -21.13 -3.25 61.15
N ASN A 161 -20.17 -2.32 61.30
CA ASN A 161 -20.32 -0.97 60.76
C ASN A 161 -20.42 -0.97 59.26
N ALA A 162 -19.63 -1.83 58.58
CA ALA A 162 -19.66 -1.89 57.12
C ALA A 162 -21.06 -2.31 56.62
N LYS A 163 -21.71 -3.24 57.32
CA LYS A 163 -23.09 -3.64 57.05
C LYS A 163 -24.12 -2.54 57.22
N ARG A 164 -23.87 -1.59 58.12
CA ARG A 164 -24.73 -0.42 58.33
C ARG A 164 -24.60 0.57 57.17
N ASN A 165 -23.69 0.27 56.25
CA ASN A 165 -23.39 1.20 55.17
C ASN A 165 -23.51 0.59 53.78
N GLY A 166 -23.88 -0.69 53.74
CA GLY A 166 -24.03 -1.41 52.48
C GLY A 166 -22.74 -1.57 51.70
N VAL A 167 -21.61 -1.57 52.43
CA VAL A 167 -20.27 -1.78 51.82
C VAL A 167 -19.53 -2.98 52.44
N ARG A 168 -18.62 -3.57 51.68
CA ARG A 168 -17.78 -4.63 52.25
C ARG A 168 -16.28 -4.35 51.97
N PRO A 169 -15.65 -3.50 52.79
CA PRO A 169 -14.18 -3.43 52.70
C PRO A 169 -13.62 -4.76 53.09
N ARG A 170 -12.38 -5.03 52.70
CA ARG A 170 -11.71 -6.19 53.23
C ARG A 170 -11.18 -5.80 54.61
N PHE A 171 -11.49 -6.58 55.64
CA PHE A 171 -10.95 -6.33 56.95
C PHE A 171 -9.97 -7.43 57.36
N LEU A 172 -8.85 -7.03 57.97
CA LEU A 172 -7.78 -7.97 58.26
C LEU A 172 -7.03 -7.65 59.56
N GLU A 173 -6.72 -8.71 60.31
CA GLU A 173 -5.91 -8.61 61.51
C GLU A 173 -4.45 -8.54 61.16
N GLY A 174 -3.76 -7.55 61.71
CA GLY A 174 -2.32 -7.43 61.60
C GLY A 174 -1.97 -5.99 61.31
N SER A 175 -0.83 -5.79 60.66
CA SER A 175 -0.37 -4.45 60.41
C SER A 175 0.03 -4.29 58.94
N LEU A 176 1.00 -3.40 58.68
CA LEU A 176 1.44 -3.06 57.33
C LEU A 176 1.95 -4.28 56.56
N GLU A 177 2.84 -5.05 57.17
CA GLU A 177 3.28 -6.35 56.61
C GLU A 177 2.20 -7.34 56.16
N ALA A 178 1.13 -7.49 56.93
CA ALA A 178 0.01 -8.37 56.54
C ALA A 178 -0.85 -7.81 55.37
N ALA A 179 -0.80 -6.50 55.18
CA ALA A 179 -1.48 -5.82 54.08
C ALA A 179 -0.72 -5.84 52.76
N LEU A 180 0.60 -5.99 52.84
CA LEU A 180 1.50 -5.86 51.69
C LEU A 180 1.12 -6.70 50.47
N PRO A 181 0.83 -8.00 50.67
CA PRO A 181 0.37 -8.90 49.57
C PRO A 181 -0.92 -8.47 48.82
N PHE A 182 -1.71 -7.59 49.43
CA PHE A 182 -2.94 -7.06 48.85
C PHE A 182 -2.69 -5.80 48.04
N GLY A 183 -1.46 -5.31 48.12
CA GLY A 183 -1.08 -4.11 47.42
C GLY A 183 -0.27 -4.45 46.18
N PRO A 184 0.48 -3.47 45.67
CA PRO A 184 0.59 -2.12 46.23
C PRO A 184 -0.71 -1.30 46.17
N PHE A 185 -0.82 -0.25 46.99
CA PHE A 185 -2.05 0.53 47.05
C PHE A 185 -1.89 1.87 46.34
N ASP A 186 -3.02 2.44 45.95
CA ASP A 186 -2.99 3.77 45.40
C ASP A 186 -3.00 4.81 46.50
N LEU A 187 -3.64 4.47 47.61
CA LEU A 187 -3.82 5.41 48.69
CA LEU A 187 -3.76 5.42 48.71
C LEU A 187 -3.67 4.72 50.05
N LEU A 188 -2.85 5.29 50.91
CA LEU A 188 -2.76 4.87 52.31
C LEU A 188 -3.29 5.96 53.22
N VAL A 189 -4.18 5.58 54.13
CA VAL A 189 -4.65 6.51 55.16
C VAL A 189 -4.35 5.91 56.54
N ALA A 190 -3.74 6.68 57.42
CA ALA A 190 -3.24 6.12 58.69
C ALA A 190 -3.38 7.11 59.84
N ASN A 191 -4.42 6.92 60.63
CA ASN A 191 -4.64 7.75 61.83
C ASN A 191 -4.06 6.98 62.99
N LEU A 192 -2.75 7.19 63.22
CA LEU A 192 -2.02 6.47 64.23
C LEU A 192 -1.43 7.42 65.23
N TYR A 193 -0.10 7.50 65.26
CA TYR A 193 0.58 8.48 66.09
C TYR A 193 1.98 8.74 65.49
N ALA A 194 2.59 9.88 65.81
CA ALA A 194 3.84 10.33 65.17
C ALA A 194 4.98 9.32 65.12
N GLU A 195 5.20 8.62 66.22
CA GLU A 195 6.35 7.76 66.36
C GLU A 195 6.26 6.54 65.46
N LEU A 196 5.04 6.00 65.37
CA LEU A 196 4.77 4.86 64.49
C LEU A 196 4.90 5.26 63.01
N HIS A 197 4.40 6.44 62.63
CA HIS A 197 4.63 6.98 61.27
C HIS A 197 6.14 7.04 60.95
N ALA A 198 6.94 7.63 61.85
CA ALA A 198 8.40 7.74 61.63
C ALA A 198 9.07 6.37 61.43
N ALA A 199 8.65 5.38 62.20
CA ALA A 199 9.21 4.03 62.12
C ALA A 199 8.82 3.32 60.83
N LEU A 200 7.57 3.50 60.39
CA LEU A 200 7.01 2.80 59.21
C LEU A 200 7.21 3.49 57.86
N ALA A 201 7.64 4.77 57.88
CA ALA A 201 7.93 5.54 56.65
C ALA A 201 8.54 4.76 55.46
N PRO A 202 9.69 4.05 55.66
CA PRO A 202 10.25 3.32 54.51
C PRO A 202 9.37 2.19 53.98
N ARG A 203 8.65 1.52 54.87
CA ARG A 203 7.64 0.54 54.49
C ARG A 203 6.37 1.16 53.90
N TYR A 204 6.01 2.38 54.28
CA TYR A 204 4.94 3.12 53.59
C TYR A 204 5.28 3.27 52.10
N ARG A 205 6.53 3.58 51.79
CA ARG A 205 6.96 3.77 50.42
C ARG A 205 6.75 2.52 49.58
N GLU A 206 7.10 1.36 50.13
CA GLU A 206 6.93 0.08 49.48
C GLU A 206 5.47 -0.34 49.31
N ALA A 207 4.61 0.14 50.20
CA ALA A 207 3.20 -0.16 50.15
C ALA A 207 2.46 0.56 49.01
N LEU A 208 3.06 1.63 48.49
CA LEU A 208 2.40 2.50 47.52
C LEU A 208 3.00 2.36 46.12
N VAL A 209 2.14 2.44 45.10
CA VAL A 209 2.56 2.61 43.71
C VAL A 209 3.20 3.99 43.51
N PRO A 210 3.96 4.19 42.41
CA PRO A 210 4.40 5.52 42.05
C PRO A 210 3.22 6.51 41.84
N GLY A 211 3.32 7.68 42.45
CA GLY A 211 2.20 8.62 42.50
C GLY A 211 1.12 8.33 43.53
N GLY A 212 1.30 7.26 44.31
CA GLY A 212 0.38 6.92 45.41
C GLY A 212 0.48 7.92 46.54
N ARG A 213 -0.59 8.07 47.32
CA ARG A 213 -0.63 9.08 48.37
C ARG A 213 -0.69 8.46 49.80
N ALA A 214 0.06 9.03 50.74
CA ALA A 214 -0.03 8.67 52.17
C ALA A 214 -0.66 9.83 52.94
N LEU A 215 -1.79 9.58 53.57
CA LEU A 215 -2.49 10.59 54.39
C LEU A 215 -2.27 10.15 55.81
N LEU A 216 -1.50 10.93 56.58
CA LEU A 216 -1.08 10.48 57.90
C LEU A 216 -1.55 11.43 58.97
N THR A 217 -2.23 10.88 59.96
CA THR A 217 -2.69 11.73 61.04
C THR A 217 -2.54 11.03 62.40
N GLY A 218 -3.25 11.52 63.42
CA GLY A 218 -2.97 11.07 64.81
C GLY A 218 -1.73 11.73 65.37
N ILE A 219 -1.24 12.72 64.63
CA ILE A 219 0.03 13.43 64.92
C ILE A 219 -0.19 14.68 65.76
N LEU A 220 0.33 14.66 66.99
CA LEU A 220 0.37 15.87 67.80
C LEU A 220 1.28 16.88 67.12
N LYS A 221 0.77 18.10 67.01
CA LYS A 221 1.44 19.24 66.42
C LYS A 221 2.96 19.29 66.73
N ASP A 222 3.34 19.10 67.99
CA ASP A 222 4.76 19.16 68.39
C ASP A 222 5.58 17.91 67.99
N ARG A 223 4.88 16.85 67.62
CA ARG A 223 5.53 15.62 67.14
C ARG A 223 5.62 15.56 65.63
N ALA A 224 5.07 16.56 64.95
CA ALA A 224 5.08 16.60 63.48
C ALA A 224 6.45 16.55 62.78
N PRO A 225 7.49 17.20 63.35
CA PRO A 225 8.84 17.07 62.80
C PRO A 225 9.35 15.63 62.65
N LEU A 226 8.96 14.74 63.56
CA LEU A 226 9.39 13.35 63.52
C LEU A 226 8.90 12.71 62.25
N VAL A 227 7.67 13.06 61.87
CA VAL A 227 7.05 12.55 60.68
C VAL A 227 7.59 13.23 59.41
N ARG A 228 7.73 14.55 59.43
CA ARG A 228 8.35 15.28 58.33
C ARG A 228 9.76 14.75 58.04
N GLU A 229 10.63 14.67 59.06
CA GLU A 229 12.02 14.13 58.93
C GLU A 229 11.99 12.73 58.30
N ALA A 230 11.08 11.89 58.78
CA ALA A 230 11.04 10.49 58.37
C ALA A 230 10.51 10.28 56.94
N MET A 231 9.49 11.05 56.58
CA MET A 231 8.86 10.94 55.25
C MET A 231 9.75 11.57 54.17
N ALA A 232 10.57 12.53 54.56
CA ALA A 232 11.60 13.07 53.67
C ALA A 232 12.63 12.00 53.38
N GLY A 233 13.16 11.39 54.45
CA GLY A 233 14.18 10.35 54.37
C GLY A 233 13.73 9.10 53.63
N ALA A 234 12.43 8.83 53.62
CA ALA A 234 11.85 7.76 52.82
C ALA A 234 11.56 8.15 51.37
N GLY A 235 11.83 9.41 51.00
CA GLY A 235 11.80 9.86 49.62
C GLY A 235 10.44 10.36 49.14
N PHE A 236 9.56 10.66 50.08
CA PHE A 236 8.24 11.21 49.75
C PHE A 236 8.30 12.70 49.40
N ARG A 237 7.34 13.12 48.58
CA ARG A 237 6.99 14.52 48.33
C ARG A 237 5.78 14.92 49.22
N PRO A 238 5.89 15.99 50.03
CA PRO A 238 4.77 16.72 50.67
C PRO A 238 3.75 17.32 49.76
N LEU A 239 2.48 16.99 50.03
CA LEU A 239 1.35 17.47 49.23
C LEU A 239 0.56 18.61 49.88
N GLU A 240 0.40 18.54 51.20
CA GLU A 240 -0.35 19.52 52.00
C GLU A 240 -0.24 19.16 53.46
N GLU A 241 -0.51 20.14 54.33
CA GLU A 241 -0.68 19.90 55.76
C GLU A 241 -2.03 20.43 56.15
N ALA A 242 -2.69 19.75 57.09
CA ALA A 242 -3.98 20.21 57.61
C ALA A 242 -3.97 20.07 59.14
N ALA A 243 -4.53 21.06 59.82
CA ALA A 243 -4.54 21.09 61.26
C ALA A 243 -5.94 21.29 61.81
N GLU A 244 -6.15 20.72 63.00
CA GLU A 244 -7.35 20.95 63.77
C GLU A 244 -7.01 20.69 65.23
N GLY A 245 -7.21 21.68 66.08
CA GLY A 245 -6.86 21.56 67.50
C GLY A 245 -5.36 21.39 67.63
N GLU A 246 -4.95 20.44 68.46
CA GLU A 246 -3.55 20.13 68.72
C GLU A 246 -3.03 19.09 67.73
N TRP A 247 -3.84 18.77 66.73
CA TRP A 247 -3.57 17.69 65.79
C TRP A 247 -3.24 18.15 64.39
N VAL A 248 -2.42 17.37 63.69
CA VAL A 248 -2.21 17.61 62.23
C VAL A 248 -2.42 16.36 61.41
N LEU A 249 -2.67 16.60 60.12
CA LEU A 249 -2.62 15.59 59.11
C LEU A 249 -1.57 16.00 58.10
N LEU A 250 -0.74 15.04 57.68
CA LEU A 250 0.30 15.34 56.72
C LEU A 250 0.13 14.44 55.52
N ALA A 251 0.16 15.05 54.35
CA ALA A 251 -0.10 14.33 53.12
C ALA A 251 1.16 14.25 52.25
N TYR A 252 1.46 13.06 51.74
CA TYR A 252 2.69 12.80 51.02
C TYR A 252 2.43 12.06 49.74
N GLY A 253 3.28 12.33 48.74
CA GLY A 253 3.23 11.68 47.44
C GLY A 253 4.44 10.83 47.23
N ARG A 254 4.20 9.58 46.87
CA ARG A 254 5.24 8.64 46.48
C ARG A 254 5.65 8.85 44.99
N LYS B 2 -4.96 6.75 70.40
CA LYS B 2 -5.95 6.62 71.50
C LYS B 2 -5.29 7.23 72.71
N LYS B 3 -5.96 8.18 73.32
CA LYS B 3 -5.51 8.79 74.54
C LYS B 3 -6.64 8.60 75.51
N VAL B 4 -6.33 8.09 76.68
CA VAL B 4 -7.31 7.85 77.70
C VAL B 4 -7.77 9.16 78.36
N VAL B 5 -9.10 9.38 78.38
CA VAL B 5 -9.67 10.55 79.06
C VAL B 5 -10.21 10.19 80.44
N ALA B 6 -10.59 8.93 80.67
CA ALA B 6 -11.03 8.47 81.98
C ALA B 6 -10.91 6.98 82.12
N VAL B 7 -10.66 6.54 83.35
CA VAL B 7 -10.77 5.17 83.77
C VAL B 7 -11.76 5.18 84.95
N VAL B 8 -12.92 4.57 84.71
CA VAL B 8 -14.05 4.57 85.61
C VAL B 8 -14.09 3.20 86.24
N LYS B 9 -14.05 3.17 87.56
CA LYS B 9 -14.16 1.94 88.33
C LYS B 9 -15.52 1.86 89.04
N LEU B 10 -16.26 0.83 88.69
CA LEU B 10 -17.57 0.57 89.25
C LEU B 10 -17.56 -0.85 89.81
N GLN B 11 -18.55 -1.15 90.63
CA GLN B 11 -18.89 -2.54 90.97
C GLN B 11 -20.36 -2.64 90.74
N LEU B 12 -20.75 -3.61 89.94
CA LEU B 12 -22.15 -3.72 89.55
C LEU B 12 -22.63 -5.12 89.80
N PRO B 13 -23.95 -5.29 89.93
CA PRO B 13 -24.52 -6.63 90.03
C PRO B 13 -24.52 -7.37 88.69
N ALA B 14 -23.96 -8.58 88.70
CA ALA B 14 -23.85 -9.43 87.53
C ALA B 14 -25.17 -9.54 86.77
N GLY B 15 -25.12 -9.40 85.44
CA GLY B 15 -26.29 -9.56 84.59
C GLY B 15 -27.32 -8.46 84.74
N LYS B 16 -27.02 -7.47 85.57
CA LYS B 16 -28.02 -6.53 86.04
C LYS B 16 -27.68 -5.04 85.94
N ALA B 17 -26.72 -4.67 85.09
CA ALA B 17 -26.46 -3.26 84.83
C ALA B 17 -27.73 -2.66 84.20
N THR B 18 -28.00 -1.40 84.54
CA THR B 18 -29.03 -0.60 83.91
C THR B 18 -28.36 0.74 83.59
N PRO B 19 -29.03 1.61 82.82
CA PRO B 19 -28.39 2.91 82.57
C PRO B 19 -28.51 3.93 83.73
N ALA B 20 -29.23 3.55 84.79
CA ALA B 20 -29.29 4.31 86.03
C ALA B 20 -27.94 4.44 86.72
N PRO B 21 -27.83 5.35 87.72
CA PRO B 21 -26.56 5.51 88.44
C PRO B 21 -26.11 4.19 89.09
N PRO B 22 -24.79 3.92 89.13
CA PRO B 22 -23.68 4.79 88.71
C PRO B 22 -23.40 4.79 87.21
N VAL B 23 -23.94 3.82 86.47
CA VAL B 23 -23.52 3.64 85.07
C VAL B 23 -23.78 4.92 84.28
N GLY B 24 -25.04 5.36 84.29
CA GLY B 24 -25.45 6.59 83.60
C GLY B 24 -24.57 7.82 83.75
N PRO B 25 -24.45 8.34 84.99
CA PRO B 25 -23.56 9.50 85.21
C PRO B 25 -22.06 9.24 84.97
N ALA B 26 -21.57 8.06 85.36
CA ALA B 26 -20.14 7.75 85.26
C ALA B 26 -19.64 7.67 83.82
N LEU B 27 -20.43 7.02 82.96
CA LEU B 27 -20.10 6.93 81.55
C LEU B 27 -20.55 8.19 80.82
N GLY B 28 -21.72 8.69 81.18
CA GLY B 28 -22.28 9.90 80.56
C GLY B 28 -21.40 11.14 80.67
N GLN B 29 -20.69 11.27 81.78
CA GLN B 29 -19.77 12.38 81.97
C GLN B 29 -18.78 12.53 80.80
N HIS B 30 -18.42 11.40 80.22
CA HIS B 30 -17.45 11.38 79.15
C HIS B 30 -18.07 11.04 77.80
N GLY B 31 -19.39 10.99 77.76
CA GLY B 31 -20.11 10.73 76.54
C GLY B 31 -20.05 9.29 76.03
N ALA B 32 -19.64 8.34 76.85
CA ALA B 32 -19.59 6.95 76.41
C ALA B 32 -21.01 6.39 76.19
N ASN B 33 -21.15 5.45 75.25
CA ASN B 33 -22.44 4.83 74.96
C ASN B 33 -22.90 3.93 76.12
N ILE B 34 -23.71 4.51 76.99
CA ILE B 34 -24.25 3.83 78.18
C ILE B 34 -24.97 2.53 77.85
N MET B 35 -25.89 2.59 76.90
CA MET B 35 -26.68 1.42 76.46
C MET B 35 -25.80 0.29 75.91
N GLU B 36 -24.79 0.64 75.12
CA GLU B 36 -23.82 -0.34 74.64
C GLU B 36 -23.03 -0.99 75.80
N PHE B 37 -22.61 -0.18 76.79
CA PHE B 37 -21.97 -0.73 77.98
C PHE B 37 -22.86 -1.69 78.79
N VAL B 38 -24.06 -1.23 79.12
CA VAL B 38 -25.07 -2.07 79.79
C VAL B 38 -25.21 -3.43 79.10
N LYS B 39 -25.44 -3.40 77.79
CA LYS B 39 -25.63 -4.63 77.03
C LYS B 39 -24.41 -5.55 77.07
N ALA B 40 -23.22 -4.98 76.81
CA ALA B 40 -21.99 -5.81 76.77
C ALA B 40 -21.70 -6.29 78.17
N PHE B 41 -21.84 -5.42 79.16
CA PHE B 41 -21.60 -5.84 80.53
C PHE B 41 -22.49 -7.03 80.90
N ASN B 42 -23.78 -6.93 80.62
CA ASN B 42 -24.72 -7.97 80.99
C ASN B 42 -24.49 -9.27 80.22
N ALA B 43 -24.16 -9.16 78.93
CA ALA B 43 -23.82 -10.35 78.16
C ALA B 43 -22.59 -11.04 78.75
N ALA B 44 -21.58 -10.24 79.09
CA ALA B 44 -20.30 -10.76 79.59
C ALA B 44 -20.41 -11.35 80.99
N THR B 45 -21.42 -10.94 81.76
CA THR B 45 -21.60 -11.46 83.13
C THR B 45 -22.91 -12.27 83.33
N ALA B 46 -23.42 -12.86 82.25
CA ALA B 46 -24.69 -13.60 82.26
C ALA B 46 -24.63 -14.91 83.05
N ASN B 47 -23.46 -15.54 83.05
CA ASN B 47 -23.30 -16.85 83.69
C ASN B 47 -22.72 -16.74 85.09
N MET B 48 -22.94 -15.60 85.74
CA MET B 48 -22.30 -15.28 87.03
C MET B 48 -23.21 -15.22 88.26
N GLY B 49 -24.49 -15.56 88.10
CA GLY B 49 -25.44 -15.47 89.21
C GLY B 49 -25.73 -14.04 89.63
N ASP B 50 -25.80 -13.80 90.95
CA ASP B 50 -26.01 -12.45 91.47
C ASP B 50 -24.74 -11.87 92.08
N ALA B 51 -23.58 -12.24 91.57
CA ALA B 51 -22.31 -11.77 92.10
C ALA B 51 -22.08 -10.27 91.87
N ILE B 52 -21.27 -9.68 92.74
CA ILE B 52 -20.76 -8.32 92.54
C ILE B 52 -19.60 -8.45 91.58
N VAL B 53 -19.62 -7.65 90.52
CA VAL B 53 -18.58 -7.69 89.51
C VAL B 53 -17.93 -6.30 89.47
N PRO B 54 -16.67 -6.21 89.95
CA PRO B 54 -15.87 -5.01 89.71
C PRO B 54 -15.61 -4.87 88.19
N VAL B 55 -15.76 -3.65 87.67
CA VAL B 55 -15.62 -3.37 86.23
C VAL B 55 -14.90 -2.04 86.01
N GLU B 56 -13.96 -2.05 85.08
CA GLU B 56 -13.15 -0.89 84.82
C GLU B 56 -13.39 -0.44 83.39
N ILE B 57 -13.92 0.77 83.25
CA ILE B 57 -14.21 1.32 81.94
C ILE B 57 -13.20 2.36 81.51
N THR B 58 -12.58 2.13 80.35
CA THR B 58 -11.57 3.04 79.78
C THR B 58 -12.17 3.81 78.62
N ILE B 59 -12.24 5.13 78.73
CA ILE B 59 -12.95 5.96 77.76
C ILE B 59 -11.97 6.81 76.97
N TYR B 60 -12.22 6.94 75.68
CA TYR B 60 -11.32 7.62 74.77
C TYR B 60 -11.90 8.96 74.33
N ALA B 61 -11.13 9.78 73.62
CA ALA B 61 -11.61 11.16 73.36
C ALA B 61 -12.76 11.28 72.36
N ASP B 62 -13.04 10.21 71.61
CA ASP B 62 -14.13 10.25 70.65
C ASP B 62 -15.35 9.51 71.19
N ARG B 63 -15.35 9.22 72.49
CA ARG B 63 -16.44 8.56 73.22
C ARG B 63 -16.40 7.03 73.16
N SER B 64 -15.56 6.44 72.30
CA SER B 64 -15.37 5.00 72.34
C SER B 64 -14.81 4.60 73.71
N PHE B 65 -14.99 3.34 74.07
CA PHE B 65 -14.53 2.86 75.34
C PHE B 65 -14.27 1.37 75.26
N THR B 66 -13.54 0.84 76.23
CA THR B 66 -13.44 -0.61 76.48
C THR B 66 -13.60 -0.83 77.98
N PHE B 67 -13.88 -2.06 78.37
CA PHE B 67 -13.99 -2.41 79.79
C PHE B 67 -13.38 -3.77 80.10
N VAL B 68 -12.95 -3.94 81.35
CA VAL B 68 -12.48 -5.22 81.87
C VAL B 68 -13.31 -5.56 83.14
N THR B 69 -13.81 -6.78 83.24
CA THR B 69 -14.44 -7.20 84.48
C THR B 69 -13.48 -8.03 85.33
N LYS B 70 -13.68 -7.95 86.63
CA LYS B 70 -12.86 -8.69 87.54
C LYS B 70 -13.64 -9.74 88.32
N THR B 71 -12.89 -10.41 89.17
CA THR B 71 -13.37 -11.52 89.95
C THR B 71 -14.10 -10.88 91.16
N PRO B 72 -15.17 -11.53 91.67
CA PRO B 72 -15.88 -10.88 92.79
C PRO B 72 -14.97 -10.53 93.97
N PRO B 73 -15.30 -9.45 94.72
CA PRO B 73 -14.52 -9.08 95.92
C PRO B 73 -14.40 -10.23 96.94
N ALA B 74 -13.21 -10.34 97.54
CA ALA B 74 -12.89 -11.42 98.49
C ALA B 74 -13.92 -11.55 99.61
N SER B 75 -14.27 -10.42 100.22
CA SER B 75 -15.30 -10.34 101.25
C SER B 75 -16.65 -10.90 100.77
N TYR B 76 -17.01 -10.66 99.50
CA TYR B 76 -18.25 -11.23 98.94
C TYR B 76 -18.19 -12.75 98.89
N LEU B 77 -17.06 -13.29 98.44
CA LEU B 77 -16.91 -14.73 98.28
C LEU B 77 -16.96 -15.47 99.63
N ILE B 78 -16.17 -15.00 100.58
CA ILE B 78 -16.22 -15.50 101.96
C ILE B 78 -17.64 -15.48 102.53
N ARG B 79 -18.35 -14.37 102.38
CA ARG B 79 -19.71 -14.26 102.91
C ARG B 79 -20.67 -15.26 102.28
N LYS B 80 -20.62 -15.36 100.96
CA LYS B 80 -21.57 -16.18 100.21
C LYS B 80 -21.36 -17.69 100.50
N ALA B 81 -20.09 -18.08 100.62
CA ALA B 81 -19.70 -19.45 100.92
C ALA B 81 -20.07 -19.82 102.37
N ALA B 82 -20.18 -18.79 103.22
CA ALA B 82 -20.47 -18.97 104.64
C ALA B 82 -21.96 -18.84 105.01
N GLY B 83 -22.82 -18.68 104.01
CA GLY B 83 -24.26 -18.61 104.23
C GLY B 83 -24.85 -17.25 104.57
N LEU B 84 -24.00 -16.24 104.68
CA LEU B 84 -24.45 -14.88 105.08
C LEU B 84 -25.32 -14.23 104.03
N GLU B 85 -26.59 -13.97 104.36
CA GLU B 85 -27.56 -13.32 103.44
C GLU B 85 -28.48 -12.30 104.12
N LYS B 86 -29.11 -11.44 103.32
CA LYS B 86 -30.10 -10.47 103.82
C LYS B 86 -31.50 -11.09 103.92
N GLY B 87 -32.33 -10.50 104.79
CA GLY B 87 -33.75 -10.86 104.87
C GLY B 87 -34.20 -11.45 106.19
N ALA B 88 -34.18 -12.78 106.28
CA ALA B 88 -34.78 -13.53 107.39
C ALA B 88 -34.12 -13.46 108.79
N HIS B 89 -33.94 -12.25 109.32
CA HIS B 89 -33.52 -12.09 110.71
C HIS B 89 -34.71 -12.13 111.68
N LYS B 90 -34.95 -13.27 112.30
CA LYS B 90 -36.08 -13.43 113.21
C LYS B 90 -35.72 -13.51 114.71
N PRO B 91 -36.65 -13.10 115.61
CA PRO B 91 -36.43 -13.24 117.05
C PRO B 91 -36.03 -14.65 117.48
N GLY B 92 -35.18 -14.73 118.52
CA GLY B 92 -34.65 -16.00 119.03
C GLY B 92 -33.28 -16.34 118.46
N ARG B 93 -32.96 -17.63 118.47
CA ARG B 93 -31.69 -18.15 117.95
C ARG B 93 -31.33 -17.71 116.53
N GLU B 94 -30.07 -17.34 116.35
CA GLU B 94 -29.47 -17.18 115.02
C GLU B 94 -28.04 -17.70 114.97
N LYS B 95 -27.78 -18.49 113.93
CA LYS B 95 -26.50 -19.15 113.74
C LYS B 95 -25.46 -18.26 113.06
N VAL B 96 -24.24 -18.31 113.61
CA VAL B 96 -23.04 -17.75 112.98
C VAL B 96 -22.72 -18.49 111.65
N GLY B 97 -21.76 -17.96 110.88
CA GLY B 97 -21.37 -18.59 109.62
C GLY B 97 -20.09 -19.41 109.65
N ARG B 98 -19.94 -20.30 108.67
CA ARG B 98 -18.77 -21.18 108.48
C ARG B 98 -18.59 -21.62 107.01
N GLU B 106 -8.37 -21.59 97.47
CA GLU B 106 -9.64 -21.77 96.79
C GLU B 106 -10.21 -20.42 96.33
N ILE B 107 -10.84 -19.69 97.25
CA ILE B 107 -11.16 -18.27 97.06
C ILE B 107 -9.82 -17.53 97.01
N ALA B 108 -8.83 -18.07 97.72
CA ALA B 108 -7.45 -17.61 97.64
C ALA B 108 -6.88 -17.72 96.23
N LYS B 109 -7.20 -18.82 95.53
CA LYS B 109 -6.71 -19.04 94.16
C LYS B 109 -7.45 -18.19 93.13
N GLN B 110 -8.75 -17.96 93.35
CA GLN B 110 -9.57 -17.11 92.50
C GLN B 110 -9.20 -15.62 92.71
N LYS B 111 -8.73 -15.30 93.92
CA LYS B 111 -8.41 -13.92 94.30
C LYS B 111 -6.90 -13.61 94.37
N MET B 112 -6.07 -14.63 94.21
CA MET B 112 -4.61 -14.50 94.32
C MET B 112 -4.00 -13.44 93.39
N PRO B 113 -4.38 -13.43 92.08
CA PRO B 113 -3.95 -12.29 91.26
C PRO B 113 -4.67 -10.99 91.62
N LEU B 120 0.76 -15.76 94.94
CA LEU B 120 1.37 -16.83 94.17
C LEU B 120 1.18 -18.20 94.83
N GLU B 121 1.17 -18.21 96.15
CA GLU B 121 1.08 -19.44 96.93
C GLU B 121 0.00 -19.37 98.03
N ALA B 122 0.38 -19.72 99.26
CA ALA B 122 -0.54 -19.71 100.40
C ALA B 122 -0.85 -18.29 100.88
N ALA B 123 -1.60 -17.56 100.06
CA ALA B 123 -2.07 -16.21 100.37
C ALA B 123 -3.37 -16.27 101.17
N ALA B 124 -3.89 -17.48 101.35
CA ALA B 124 -5.10 -17.75 102.12
C ALA B 124 -4.97 -17.38 103.62
N ARG B 125 -3.87 -16.71 103.96
CA ARG B 125 -3.57 -16.30 105.35
C ARG B 125 -4.35 -15.06 105.78
N MET B 126 -4.53 -14.10 104.85
CA MET B 126 -5.46 -13.01 105.10
C MET B 126 -6.79 -13.24 104.37
N ILE B 127 -7.04 -14.50 103.97
CA ILE B 127 -8.38 -14.91 103.54
C ILE B 127 -9.10 -15.64 104.69
N ALA B 128 -8.40 -16.60 105.31
CA ALA B 128 -8.91 -17.25 106.52
C ALA B 128 -9.01 -16.22 107.65
N GLY B 129 -8.05 -15.30 107.69
CA GLY B 129 -8.00 -14.22 108.67
C GLY B 129 -9.07 -13.15 108.52
N SER B 130 -9.39 -12.80 107.28
CA SER B 130 -10.50 -11.87 106.99
C SER B 130 -11.84 -12.48 107.39
N ALA B 131 -11.96 -13.79 107.22
CA ALA B 131 -13.16 -14.54 107.59
C ALA B 131 -13.40 -14.49 109.10
N ARG B 132 -12.31 -14.56 109.87
CA ARG B 132 -12.39 -14.54 111.32
C ARG B 132 -12.62 -13.12 111.84
N SER B 133 -12.19 -12.12 111.08
CA SER B 133 -12.46 -10.73 111.40
C SER B 133 -13.92 -10.37 111.11
N MET B 134 -14.69 -11.38 110.71
CA MET B 134 -16.00 -11.21 110.08
C MET B 134 -17.29 -11.58 110.88
N GLY B 135 -17.27 -12.41 111.93
CA GLY B 135 -16.25 -13.35 112.30
C GLY B 135 -16.91 -14.67 112.00
N VAL B 136 -16.41 -15.32 110.96
CA VAL B 136 -16.96 -16.54 110.42
C VAL B 136 -16.06 -17.67 110.91
N GLU B 137 -16.65 -18.73 111.44
CA GLU B 137 -15.86 -19.87 111.93
C GLU B 137 -15.39 -20.73 110.76
N VAL B 138 -14.11 -21.08 110.75
CA VAL B 138 -13.59 -22.03 109.77
C VAL B 138 -13.52 -23.44 110.40
N VAL B 139 -13.88 -24.45 109.63
CA VAL B 139 -13.82 -25.85 110.10
C VAL B 139 -12.36 -26.37 110.15
N GLY B 140 -11.80 -26.73 109.00
CA GLY B 140 -10.44 -27.30 108.95
C GLY B 140 -9.44 -26.03 108.88
N MET C 1 -41.85 7.74 23.70
CA MET C 1 -42.71 8.95 23.79
C MET C 1 -44.10 8.62 23.25
N TRP C 2 -45.08 9.45 23.60
CA TRP C 2 -46.49 9.22 23.24
C TRP C 2 -47.03 10.30 22.31
N VAL C 3 -48.03 9.92 21.51
CA VAL C 3 -48.63 10.84 20.57
C VAL C 3 -50.15 10.86 20.74
N TYR C 4 -50.68 12.08 20.75
CA TYR C 4 -52.09 12.33 20.88
C TYR C 4 -52.64 12.68 19.50
N ARG C 5 -53.54 11.83 19.01
CA ARG C 5 -54.07 11.96 17.65
C ARG C 5 -55.48 12.56 17.63
N LEU C 6 -55.63 13.63 16.85
CA LEU C 6 -56.91 14.36 16.69
C LEU C 6 -57.30 14.54 15.22
N LYS C 7 -58.57 14.26 14.90
CA LYS C 7 -59.10 14.47 13.55
C LYS C 7 -59.22 15.95 13.17
N GLY C 8 -58.62 16.33 12.04
CA GLY C 8 -58.63 17.72 11.56
C GLY C 8 -57.26 18.33 11.33
N THR C 9 -57.22 19.42 10.56
CA THR C 9 -55.99 20.16 10.27
C THR C 9 -55.59 21.10 11.42
N LEU C 10 -54.32 21.54 11.40
CA LEU C 10 -53.80 22.55 12.35
C LEU C 10 -54.60 23.85 12.30
N GLU C 11 -55.01 24.25 11.09
CA GLU C 11 -55.88 25.40 10.87
C GLU C 11 -57.26 25.18 11.51
N ALA C 12 -57.84 23.99 11.32
CA ALA C 12 -59.16 23.66 11.88
C ALA C 12 -59.18 23.61 13.40
N LEU C 13 -58.15 22.99 13.99
CA LEU C 13 -58.06 22.78 15.44
C LEU C 13 -57.45 23.95 16.22
N ASP C 14 -57.33 25.10 15.55
CA ASP C 14 -56.74 26.32 16.12
C ASP C 14 -57.14 26.65 17.58
N PRO C 15 -58.45 26.60 17.91
CA PRO C 15 -58.83 26.99 19.27
C PRO C 15 -58.31 26.07 20.39
N ILE C 16 -58.03 24.80 20.08
CA ILE C 16 -57.58 23.86 21.12
C ILE C 16 -56.05 23.72 21.25
N LEU C 17 -55.31 24.26 20.28
CA LEU C 17 -53.84 24.11 20.20
C LEU C 17 -53.01 24.67 21.38
N PRO C 18 -53.33 25.90 21.87
CA PRO C 18 -52.66 26.36 23.10
C PRO C 18 -52.92 25.44 24.30
N GLY C 19 -54.09 24.80 24.33
CA GLY C 19 -54.45 23.83 25.37
C GLY C 19 -53.63 22.53 25.34
N LEU C 20 -53.21 22.12 24.14
CA LEU C 20 -52.32 20.95 23.99
C LEU C 20 -50.90 21.23 24.50
N PHE C 21 -50.41 22.44 24.23
CA PHE C 21 -49.12 22.90 24.78
C PHE C 21 -49.18 23.16 26.28
N ASP C 22 -50.35 23.62 26.74
CA ASP C 22 -50.60 23.84 28.17
C ASP C 22 -50.76 22.51 28.92
N GLY C 23 -51.00 21.44 28.17
CA GLY C 23 -51.10 20.09 28.70
C GLY C 23 -49.80 19.31 28.62
N GLY C 24 -48.82 19.87 27.91
CA GLY C 24 -47.47 19.32 27.86
C GLY C 24 -46.98 18.82 26.50
N ALA C 25 -47.60 19.31 25.42
CA ALA C 25 -47.17 18.97 24.05
C ALA C 25 -45.81 19.60 23.72
N ARG C 26 -44.94 18.79 23.14
CA ARG C 26 -43.57 19.22 22.83
C ARG C 26 -43.45 19.62 21.36
N GLY C 27 -44.53 19.37 20.61
CA GLY C 27 -44.60 19.70 19.19
C GLY C 27 -45.86 19.15 18.57
N LEU C 28 -46.27 19.77 17.46
CA LEU C 28 -47.43 19.32 16.67
C LEU C 28 -46.98 18.92 15.26
N TRP C 29 -47.69 17.96 14.67
CA TRP C 29 -47.38 17.49 13.31
C TRP C 29 -48.69 17.17 12.57
N GLU C 30 -48.82 17.76 11.38
CA GLU C 30 -50.01 17.56 10.55
C GLU C 30 -49.83 16.42 9.56
N ARG C 31 -50.62 15.38 9.76
CA ARG C 31 -50.52 14.15 8.99
C ARG C 31 -51.86 13.83 8.34
N GLU C 32 -51.94 14.00 7.03
CA GLU C 32 -53.11 13.60 6.25
C GLU C 32 -54.43 13.87 6.98
N GLY C 33 -54.80 15.14 7.09
CA GLY C 33 -56.03 15.57 7.76
C GLY C 33 -56.17 15.15 9.23
N GLU C 34 -55.06 15.17 9.95
CA GLU C 34 -55.01 14.75 11.34
C GLU C 34 -53.87 15.48 12.05
N VAL C 35 -54.11 15.91 13.29
CA VAL C 35 -53.08 16.54 14.12
C VAL C 35 -52.51 15.51 15.10
N TRP C 36 -51.17 15.42 15.10
CA TRP C 36 -50.42 14.52 15.95
C TRP C 36 -49.65 15.35 16.99
N ALA C 37 -50.07 15.26 18.24
CA ALA C 37 -49.47 15.98 19.35
C ALA C 37 -48.61 15.05 20.22
N PHE C 38 -47.35 15.42 20.39
CA PHE C 38 -46.36 14.59 21.07
C PHE C 38 -46.11 15.02 22.51
N PHE C 39 -46.39 14.08 23.42
CA PHE C 39 -46.25 14.24 24.88
C PHE C 39 -45.40 13.08 25.38
N PRO C 40 -44.51 13.34 26.38
CA PRO C 40 -43.76 12.28 27.08
C PRO C 40 -44.59 11.04 27.50
N ALA C 41 -45.83 11.27 27.93
CA ALA C 41 -46.76 10.22 28.37
C ALA C 41 -48.19 10.74 28.25
N PRO C 42 -49.20 9.83 28.14
CA PRO C 42 -50.58 10.34 28.10
C PRO C 42 -50.99 11.16 29.32
N VAL C 43 -51.65 12.28 29.06
CA VAL C 43 -52.27 13.11 30.09
C VAL C 43 -53.79 13.20 29.87
N ASP C 44 -54.51 13.64 30.89
CA ASP C 44 -55.96 13.85 30.74
C ASP C 44 -56.21 15.12 29.91
N LEU C 45 -56.92 14.93 28.79
CA LEU C 45 -57.29 16.03 27.91
C LEU C 45 -58.77 15.96 27.56
N PRO C 46 -59.46 17.12 27.52
CA PRO C 46 -60.88 17.16 27.17
C PRO C 46 -61.18 17.08 25.66
N TYR C 47 -60.16 16.81 24.85
CA TYR C 47 -60.22 17.03 23.40
C TYR C 47 -60.78 15.90 22.49
N GLU C 48 -61.00 14.70 23.04
CA GLU C 48 -61.63 13.59 22.32
C GLU C 48 -60.67 12.88 21.36
N GLY C 49 -59.39 13.01 21.64
CA GLY C 49 -58.34 12.36 20.83
C GLY C 49 -58.00 10.96 21.30
N VAL C 50 -56.93 10.44 20.72
CA VAL C 50 -56.49 9.08 20.95
C VAL C 50 -54.97 9.04 21.24
N TRP C 51 -54.56 8.13 22.11
CA TRP C 51 -53.16 8.01 22.58
C TRP C 51 -52.45 6.80 21.99
N GLU C 52 -51.22 7.00 21.52
CA GLU C 52 -50.40 5.95 20.92
C GLU C 52 -48.93 6.14 21.28
N GLU C 53 -48.23 5.03 21.49
CA GLU C 53 -46.79 5.06 21.75
C GLU C 53 -46.06 5.20 20.41
N VAL C 54 -44.98 5.97 20.38
CA VAL C 54 -44.17 6.04 19.16
C VAL C 54 -43.06 4.97 19.19
N GLY C 55 -42.77 4.40 18.02
CA GLY C 55 -41.64 3.49 17.85
C GLY C 55 -40.44 4.33 17.49
N ASP C 56 -39.39 4.27 18.30
CA ASP C 56 -38.27 5.22 18.17
C ASP C 56 -37.24 4.85 17.11
N GLU C 57 -37.12 3.55 16.84
CA GLU C 57 -36.00 2.99 16.08
C GLU C 57 -35.73 3.65 14.73
N ASP C 58 -36.76 3.82 13.90
CA ASP C 58 -36.62 4.49 12.61
C ASP C 58 -36.04 5.92 12.70
N TRP C 59 -36.54 6.75 13.62
CA TRP C 59 -36.10 8.15 13.70
C TRP C 59 -34.70 8.43 14.33
N LEU C 60 -34.22 7.53 15.18
CA LEU C 60 -32.81 7.53 15.60
C LEU C 60 -32.03 6.79 14.51
N GLU C 61 -31.16 7.50 13.78
CA GLU C 61 -30.70 7.04 12.45
C GLU C 61 -31.95 6.49 11.78
N ALA C 62 -32.79 7.35 11.18
CA ALA C 62 -32.55 8.74 10.70
C ALA C 62 -31.57 9.74 11.32
N TRP C 63 -31.69 10.01 12.61
CA TRP C 63 -30.94 11.11 13.22
C TRP C 63 -29.44 10.82 13.35
N ARG C 64 -29.12 9.60 13.74
CA ARG C 64 -27.75 9.17 13.98
C ARG C 64 -26.89 9.11 12.70
N ARG C 65 -27.48 8.62 11.62
CA ARG C 65 -26.80 8.40 10.34
C ARG C 65 -26.08 9.61 9.74
N ASP C 66 -26.56 10.82 10.06
CA ASP C 66 -25.95 12.05 9.53
C ASP C 66 -24.90 12.66 10.44
N LEU C 67 -24.90 12.25 11.71
CA LEU C 67 -23.93 12.74 12.69
C LEU C 67 -22.52 12.32 12.33
N LYS C 68 -21.58 13.21 12.53
CA LYS C 68 -20.20 13.02 12.05
C LYS C 68 -19.16 13.34 13.12
N PRO C 69 -17.97 12.71 13.04
CA PRO C 69 -16.84 13.11 13.91
C PRO C 69 -16.61 14.61 13.91
N ALA C 70 -16.26 15.18 15.06
CA ALA C 70 -16.00 16.60 15.17
C ALA C 70 -14.61 16.90 15.78
N LEU C 71 -13.76 17.54 14.99
CA LEU C 71 -12.45 17.93 15.47
C LEU C 71 -12.58 18.97 16.55
N ALA C 72 -11.82 18.74 17.61
CA ALA C 72 -11.69 19.69 18.70
C ALA C 72 -10.27 19.55 19.17
N PRO C 73 -9.29 20.01 18.36
CA PRO C 73 -7.87 19.76 18.64
C PRO C 73 -7.52 20.07 20.09
N PRO C 74 -6.73 19.22 20.77
CA PRO C 74 -6.03 18.00 20.30
C PRO C 74 -6.93 16.78 20.12
N PHE C 75 -8.25 16.97 20.24
CA PHE C 75 -9.21 15.87 20.25
C PHE C 75 -10.02 15.74 18.96
N VAL C 76 -10.67 14.58 18.80
CA VAL C 76 -11.80 14.39 17.89
C VAL C 76 -12.97 13.84 18.74
N VAL C 77 -14.17 14.40 18.58
CA VAL C 77 -15.35 13.91 19.32
C VAL C 77 -16.07 12.93 18.42
N LEU C 78 -16.31 11.75 18.97
CA LEU C 78 -16.82 10.62 18.25
C LEU C 78 -18.10 10.10 18.89
N ALA C 79 -19.08 9.69 18.08
CA ALA C 79 -20.16 8.84 18.54
C ALA C 79 -19.67 7.37 18.63
N PRO C 80 -20.25 6.55 19.53
CA PRO C 80 -19.76 5.16 19.71
C PRO C 80 -19.68 4.31 18.41
N TRP C 81 -20.60 4.53 17.49
CA TRP C 81 -20.66 3.78 16.26
C TRP C 81 -19.69 4.29 15.19
N HIS C 82 -19.00 5.41 15.43
CA HIS C 82 -18.12 6.00 14.40
C HIS C 82 -16.93 5.15 14.05
N THR C 83 -16.74 5.02 12.74
CA THR C 83 -15.70 4.20 12.12
C THR C 83 -14.44 5.05 11.87
N TRP C 84 -14.10 5.92 12.82
CA TRP C 84 -13.01 6.86 12.63
C TRP C 84 -11.65 6.26 12.91
N GLU C 85 -10.67 6.65 12.10
CA GLU C 85 -9.26 6.33 12.31
C GLU C 85 -8.46 7.62 12.12
N GLY C 86 -7.43 7.81 12.94
CA GLY C 86 -6.56 8.98 12.84
C GLY C 86 -5.61 9.20 13.99
N ALA C 87 -5.07 10.41 14.10
CA ALA C 87 -4.05 10.79 15.09
C ALA C 87 -4.52 11.52 16.36
N GLU C 88 -5.70 12.13 16.29
CA GLU C 88 -6.22 12.92 17.42
C GLU C 88 -6.67 12.01 18.57
N ILE C 89 -6.78 12.59 19.76
CA ILE C 89 -7.22 11.83 20.91
C ILE C 89 -8.73 11.72 20.84
N PRO C 90 -9.23 10.48 20.72
CA PRO C 90 -10.65 10.30 20.61
C PRO C 90 -11.34 10.51 21.96
N LEU C 91 -12.57 10.99 21.87
CA LEU C 91 -13.35 11.37 23.01
C LEU C 91 -14.71 10.88 22.57
N VAL C 92 -15.08 9.69 23.02
CA VAL C 92 -16.36 9.06 22.65
C VAL C 92 -17.50 9.55 23.55
N ILE C 93 -18.45 10.25 22.94
CA ILE C 93 -19.59 10.83 23.62
C ILE C 93 -20.85 10.32 22.94
N GLU C 94 -21.81 9.79 23.70
CA GLU C 94 -23.11 9.40 23.12
C GLU C 94 -23.93 10.65 22.78
N PRO C 95 -24.25 10.87 21.50
CA PRO C 95 -25.02 12.07 21.21
C PRO C 95 -26.41 11.94 21.81
N GLY C 96 -26.93 13.05 22.35
CA GLY C 96 -28.26 13.06 23.00
C GLY C 96 -29.11 14.22 22.53
N THR C 101 -27.19 25.62 22.48
CA THR C 101 -27.16 26.10 21.10
C THR C 101 -25.75 25.84 20.59
N GLY C 102 -24.86 26.83 20.74
CA GLY C 102 -23.47 26.70 20.27
C GLY C 102 -22.61 25.73 21.07
N HIS C 103 -23.18 24.56 21.38
CA HIS C 103 -22.48 23.51 22.14
C HIS C 103 -21.14 23.10 21.53
N ALA C 104 -21.18 22.82 20.23
CA ALA C 104 -20.02 22.38 19.46
C ALA C 104 -18.89 23.39 19.53
N GLU C 105 -19.22 24.65 19.29
CA GLU C 105 -18.23 25.72 19.29
C GLU C 105 -17.58 25.91 20.65
N THR C 106 -18.40 25.87 21.71
CA THR C 106 -17.92 26.16 23.07
C THR C 106 -17.20 24.95 23.65
N THR C 107 -17.65 23.75 23.31
CA THR C 107 -16.90 22.52 23.62
C THR C 107 -15.49 22.56 22.99
N ARG C 108 -15.42 22.97 21.72
CA ARG C 108 -14.15 23.13 21.01
C ARG C 108 -13.22 24.08 21.77
N LEU C 109 -13.74 25.26 22.12
CA LEU C 109 -12.97 26.27 22.84
C LEU C 109 -12.44 25.71 24.15
N ALA C 110 -13.33 25.06 24.89
CA ALA C 110 -13.01 24.52 26.21
C ALA C 110 -12.01 23.36 26.14
N LEU C 111 -12.14 22.49 25.12
CA LEU C 111 -11.23 21.35 24.98
C LEU C 111 -9.80 21.80 24.71
N LYS C 112 -9.69 22.80 23.86
CA LYS C 112 -8.42 23.37 23.46
C LYS C 112 -7.73 24.10 24.62
N ALA C 113 -8.47 24.98 25.29
CA ALA C 113 -7.98 25.64 26.51
C ALA C 113 -7.59 24.63 27.60
N LEU C 114 -8.45 23.63 27.81
CA LEU C 114 -8.19 22.58 28.80
C LEU C 114 -6.82 21.96 28.54
N ALA C 115 -6.58 21.51 27.31
CA ALA C 115 -5.30 20.90 26.92
C ALA C 115 -4.10 21.86 26.92
N ARG C 116 -4.36 23.14 26.71
CA ARG C 116 -3.32 24.16 26.79
C ARG C 116 -2.90 24.44 28.23
N HIS C 117 -3.85 24.49 29.17
CA HIS C 117 -3.52 24.88 30.55
C HIS C 117 -3.28 23.74 31.50
N LEU C 118 -3.92 22.60 31.26
CA LEU C 118 -3.86 21.45 32.15
C LEU C 118 -2.47 20.78 32.23
N ARG C 119 -2.04 20.52 33.46
CA ARG C 119 -0.82 19.78 33.74
C ARG C 119 -1.17 18.41 34.34
N PRO C 120 -0.48 17.33 33.91
CA PRO C 120 -0.74 16.04 34.55
C PRO C 120 -0.69 16.12 36.08
N GLY C 121 -1.69 15.51 36.72
CA GLY C 121 -1.86 15.61 38.17
C GLY C 121 -2.72 16.78 38.66
N ASP C 122 -3.05 17.74 37.80
CA ASP C 122 -3.90 18.84 38.25
C ASP C 122 -5.25 18.33 38.71
N LYS C 123 -5.73 18.89 39.81
CA LYS C 123 -7.10 18.66 40.19
C LYS C 123 -7.97 19.60 39.38
N VAL C 124 -8.98 19.03 38.73
CA VAL C 124 -9.82 19.78 37.80
C VAL C 124 -11.28 19.71 38.21
N LEU C 125 -11.92 20.87 38.21
CA LEU C 125 -13.35 21.00 38.44
C LEU C 125 -14.02 21.38 37.14
N ASP C 126 -14.99 20.56 36.73
CA ASP C 126 -15.80 20.84 35.55
C ASP C 126 -17.18 21.19 36.11
N LEU C 127 -17.50 22.48 36.11
CA LEU C 127 -18.77 23.01 36.61
C LEU C 127 -19.87 23.02 35.55
N GLY C 128 -21.01 22.39 35.87
CA GLY C 128 -22.06 22.15 34.91
C GLY C 128 -21.59 21.10 33.91
N THR C 129 -21.20 19.92 34.39
CA THR C 129 -20.56 18.88 33.55
C THR C 129 -21.41 18.33 32.38
N GLY C 130 -22.74 18.31 32.56
CA GLY C 130 -23.68 17.83 31.53
C GLY C 130 -23.40 16.39 31.15
N SER C 131 -23.14 16.19 29.87
CA SER C 131 -22.71 14.91 29.26
C SER C 131 -21.39 14.39 29.82
N GLY C 132 -20.60 15.28 30.42
CA GLY C 132 -19.32 14.90 31.04
C GLY C 132 -18.07 15.11 30.23
N VAL C 133 -18.23 15.57 28.98
CA VAL C 133 -17.13 15.58 28.01
C VAL C 133 -15.83 16.21 28.53
N LEU C 134 -15.95 17.27 29.31
CA LEU C 134 -14.76 18.05 29.65
C LEU C 134 -14.02 17.38 30.80
N ALA C 135 -14.77 16.87 31.77
CA ALA C 135 -14.20 16.08 32.86
C ALA C 135 -13.58 14.79 32.32
N ILE C 136 -14.23 14.18 31.35
CA ILE C 136 -13.66 13.02 30.64
C ILE C 136 -12.35 13.36 29.93
N ALA C 137 -12.32 14.47 29.20
CA ALA C 137 -11.09 14.96 28.55
C ALA C 137 -9.96 15.23 29.54
N ALA C 138 -10.30 15.89 30.63
CA ALA C 138 -9.33 16.15 31.70
C ALA C 138 -8.69 14.85 32.17
N GLU C 139 -9.50 13.82 32.44
CA GLU C 139 -8.96 12.50 32.81
C GLU C 139 -8.14 11.86 31.69
N LYS C 140 -8.59 11.95 30.43
CA LYS C 140 -7.74 11.53 29.28
C LYS C 140 -6.37 12.19 29.33
N LEU C 141 -6.31 13.43 29.78
CA LEU C 141 -5.08 14.21 29.78
C LEU C 141 -4.20 14.05 31.04
N GLY C 142 -4.61 13.21 32.00
CA GLY C 142 -3.89 13.03 33.27
C GLY C 142 -4.28 13.99 34.40
N GLY C 143 -5.40 14.68 34.22
CA GLY C 143 -5.97 15.49 35.28
C GLY C 143 -6.80 14.58 36.17
N LYS C 144 -7.09 15.07 37.37
CA LYS C 144 -7.91 14.38 38.34
C LYS C 144 -9.20 15.20 38.48
N ALA C 145 -10.29 14.70 37.87
CA ALA C 145 -11.46 15.53 37.61
C ALA C 145 -12.68 15.24 38.49
N LEU C 146 -13.36 16.33 38.86
CA LEU C 146 -14.69 16.23 39.42
C LEU C 146 -15.64 17.01 38.53
N GLY C 147 -16.73 16.36 38.11
CA GLY C 147 -17.78 17.03 37.37
C GLY C 147 -19.04 17.10 38.19
N VAL C 148 -19.53 18.31 38.40
CA VAL C 148 -20.77 18.50 39.14
C VAL C 148 -21.83 19.11 38.24
N ASP C 149 -23.08 18.70 38.45
CA ASP C 149 -24.21 19.35 37.78
C ASP C 149 -25.42 19.40 38.74
N ILE C 150 -26.11 20.52 38.76
CA ILE C 150 -27.31 20.67 39.54
C ILE C 150 -28.48 19.81 39.01
N ASP C 151 -28.39 19.36 37.76
CA ASP C 151 -29.35 18.43 37.19
C ASP C 151 -28.86 16.99 37.42
N PRO C 152 -29.47 16.25 38.36
CA PRO C 152 -28.97 14.93 38.68
C PRO C 152 -29.25 13.96 37.54
N MET C 153 -30.17 14.36 36.65
CA MET C 153 -30.62 13.51 35.56
C MET C 153 -29.54 13.30 34.49
N VAL C 154 -28.55 14.19 34.45
CA VAL C 154 -27.46 14.11 33.48
C VAL C 154 -26.33 13.21 33.95
N LEU C 155 -26.35 12.82 35.23
CA LEU C 155 -25.23 12.04 35.81
C LEU C 155 -25.07 10.60 35.27
N PRO C 156 -26.19 9.85 35.10
CA PRO C 156 -26.12 8.54 34.45
C PRO C 156 -25.50 8.60 33.04
N GLN C 157 -25.80 9.66 32.30
CA GLN C 157 -25.27 9.85 30.95
C GLN C 157 -23.79 10.23 30.98
N ALA C 158 -23.40 10.98 31.99
CA ALA C 158 -22.00 11.33 32.17
C ALA C 158 -21.19 10.08 32.51
N GLU C 159 -21.70 9.24 33.42
CA GLU C 159 -21.03 8.02 33.80
C GLU C 159 -20.89 7.12 32.60
N ALA C 160 -21.96 7.00 31.82
CA ALA C 160 -21.95 6.18 30.62
C ALA C 160 -20.90 6.65 29.60
N ASN C 161 -20.75 7.98 29.41
CA ASN C 161 -19.72 8.51 28.49
C ASN C 161 -18.30 8.27 28.98
N ALA C 162 -18.15 8.32 30.30
CA ALA C 162 -16.85 8.05 30.94
C ALA C 162 -16.40 6.61 30.71
N LYS C 163 -17.33 5.66 30.84
CA LYS C 163 -17.06 4.22 30.56
C LYS C 163 -16.63 4.02 29.08
N ARG C 164 -17.24 4.78 28.17
CA ARG C 164 -16.85 4.77 26.76
C ARG C 164 -15.41 5.17 26.50
N ASN C 165 -14.80 5.81 27.48
CA ASN C 165 -13.49 6.41 27.34
C ASN C 165 -12.44 5.81 28.21
N GLY C 166 -12.85 4.81 29.01
CA GLY C 166 -12.01 4.12 29.98
C GLY C 166 -11.38 5.00 31.04
N VAL C 167 -12.14 6.00 31.51
CA VAL C 167 -11.70 6.94 32.57
C VAL C 167 -12.79 7.04 33.65
N ARG C 168 -12.41 7.39 34.88
CA ARG C 168 -13.38 7.51 35.98
C ARG C 168 -13.25 8.83 36.72
N PRO C 169 -13.75 9.92 36.12
CA PRO C 169 -13.87 11.15 36.89
C PRO C 169 -14.84 10.92 38.02
N ARG C 170 -14.84 11.79 39.01
CA ARG C 170 -15.88 11.77 39.99
C ARG C 170 -17.00 12.66 39.47
N PHE C 171 -18.23 12.13 39.47
CA PHE C 171 -19.41 12.90 39.12
C PHE C 171 -20.37 13.02 40.31
N LEU C 172 -20.79 14.26 40.58
CA LEU C 172 -21.64 14.57 41.74
C LEU C 172 -22.73 15.59 41.40
N GLU C 173 -23.90 15.41 42.00
CA GLU C 173 -24.96 16.41 41.91
C GLU C 173 -24.57 17.59 42.79
N GLY C 174 -24.68 18.78 42.22
CA GLY C 174 -24.47 20.00 42.96
C GLY C 174 -23.78 21.06 42.14
N SER C 175 -23.25 22.04 42.82
CA SER C 175 -22.60 23.14 42.16
C SER C 175 -21.30 23.36 42.93
N LEU C 176 -20.82 24.59 42.97
CA LEU C 176 -19.60 24.96 43.68
C LEU C 176 -19.53 24.56 45.16
N GLU C 177 -20.67 24.57 45.84
CA GLU C 177 -20.71 24.23 47.26
C GLU C 177 -20.42 22.74 47.45
N ALA C 178 -21.05 21.91 46.62
CA ALA C 178 -20.86 20.47 46.65
C ALA C 178 -19.41 20.05 46.28
N ALA C 179 -18.74 20.86 45.46
CA ALA C 179 -17.36 20.65 45.00
C ALA C 179 -16.30 21.09 46.01
N LEU C 180 -16.68 21.95 46.94
CA LEU C 180 -15.77 22.49 47.95
C LEU C 180 -14.94 21.49 48.81
N PRO C 181 -15.57 20.41 49.33
CA PRO C 181 -14.80 19.45 50.14
C PRO C 181 -13.81 18.60 49.31
N PHE C 182 -13.91 18.71 47.99
CA PHE C 182 -13.13 17.92 47.06
C PHE C 182 -11.99 18.77 46.50
N GLY C 183 -12.07 20.09 46.70
CA GLY C 183 -11.01 21.01 46.28
C GLY C 183 -10.06 21.35 47.40
N PRO C 184 -9.32 22.48 47.29
CA PRO C 184 -9.26 23.43 46.18
C PRO C 184 -8.74 22.80 44.89
N PHE C 185 -9.03 23.42 43.76
CA PHE C 185 -8.67 22.84 42.47
C PHE C 185 -7.58 23.68 41.81
N ASP C 186 -6.81 23.02 40.96
CA ASP C 186 -5.78 23.69 40.20
C ASP C 186 -6.41 24.36 39.00
N LEU C 187 -7.51 23.76 38.55
CA LEU C 187 -8.14 24.25 37.37
C LEU C 187 -9.64 24.07 37.38
N LEU C 188 -10.31 25.12 36.93
CA LEU C 188 -11.73 25.16 36.79
C LEU C 188 -12.06 25.43 35.33
N VAL C 189 -12.98 24.64 34.81
CA VAL C 189 -13.46 24.79 33.44
C VAL C 189 -14.98 24.78 33.60
N ALA C 190 -15.65 25.71 32.94
CA ALA C 190 -17.08 25.93 33.15
C ALA C 190 -17.66 26.44 31.85
N ASN C 191 -18.39 25.57 31.16
CA ASN C 191 -19.06 25.92 29.95
C ASN C 191 -20.48 26.24 30.33
N LEU C 192 -20.73 27.49 30.68
CA LEU C 192 -22.02 27.88 31.20
C LEU C 192 -22.60 29.03 30.37
N TYR C 193 -22.77 30.21 30.97
CA TYR C 193 -23.20 31.42 30.24
C TYR C 193 -22.76 32.67 31.01
N ALA C 194 -22.74 33.82 30.35
CA ALA C 194 -22.17 35.03 30.93
C ALA C 194 -22.71 35.38 32.33
N GLU C 195 -24.02 35.37 32.48
CA GLU C 195 -24.67 35.84 33.71
C GLU C 195 -24.32 34.98 34.93
N LEU C 196 -24.26 33.66 34.75
CA LEU C 196 -23.88 32.75 35.81
C LEU C 196 -22.39 32.91 36.17
N HIS C 197 -21.51 32.90 35.17
CA HIS C 197 -20.11 33.24 35.42
C HIS C 197 -19.97 34.53 36.27
N ALA C 198 -20.71 35.58 35.92
CA ALA C 198 -20.56 36.84 36.61
C ALA C 198 -21.04 36.79 38.08
N ALA C 199 -22.20 36.21 38.31
CA ALA C 199 -22.71 35.99 39.67
C ALA C 199 -21.82 35.09 40.55
N LEU C 200 -21.15 34.14 39.92
CA LEU C 200 -20.36 33.11 40.61
C LEU C 200 -18.86 33.45 40.77
N ALA C 201 -18.37 34.43 40.01
CA ALA C 201 -16.94 34.82 40.02
C ALA C 201 -16.20 34.87 41.39
N PRO C 202 -16.79 35.52 42.44
CA PRO C 202 -16.11 35.50 43.75
C PRO C 202 -15.95 34.10 44.33
N ARG C 203 -16.89 33.22 44.05
CA ARG C 203 -16.79 31.86 44.51
C ARG C 203 -15.92 30.97 43.62
N TYR C 204 -15.71 31.36 42.36
CA TYR C 204 -14.68 30.74 41.52
C TYR C 204 -13.30 30.85 42.15
N ARG C 205 -12.99 32.02 42.69
CA ARG C 205 -11.70 32.26 43.32
C ARG C 205 -11.48 31.36 44.52
N GLU C 206 -12.54 31.13 45.29
CA GLU C 206 -12.43 30.31 46.49
C GLU C 206 -12.33 28.82 46.15
N ALA C 207 -12.73 28.46 44.94
CA ALA C 207 -12.62 27.09 44.46
C ALA C 207 -11.20 26.70 44.06
N LEU C 208 -10.33 27.69 43.88
CA LEU C 208 -9.01 27.44 43.32
C LEU C 208 -7.88 27.67 44.30
N VAL C 209 -6.79 26.92 44.14
CA VAL C 209 -5.53 27.13 44.83
C VAL C 209 -4.91 28.44 44.31
N PRO C 210 -4.00 29.08 45.09
CA PRO C 210 -3.25 30.21 44.56
C PRO C 210 -2.55 29.82 43.27
N GLY C 211 -2.64 30.66 42.25
CA GLY C 211 -2.04 30.36 40.95
C GLY C 211 -2.90 29.47 40.07
N GLY C 212 -4.05 29.05 40.59
CA GLY C 212 -4.96 28.16 39.84
C GLY C 212 -5.66 28.89 38.70
N ARG C 213 -6.14 28.12 37.72
CA ARG C 213 -6.78 28.72 36.53
C ARG C 213 -8.26 28.41 36.34
N ALA C 214 -8.99 29.39 35.82
CA ALA C 214 -10.41 29.28 35.46
C ALA C 214 -10.56 29.52 33.97
N LEU C 215 -11.41 28.71 33.35
CA LEU C 215 -11.56 28.72 31.91
C LEU C 215 -13.05 28.75 31.67
N LEU C 216 -13.52 29.89 31.19
CA LEU C 216 -14.93 30.18 31.21
C LEU C 216 -15.43 30.36 29.79
N THR C 217 -16.44 29.57 29.42
CA THR C 217 -17.03 29.69 28.09
C THR C 217 -18.57 29.49 28.17
N GLY C 218 -19.21 29.34 27.01
CA GLY C 218 -20.67 29.50 26.89
C GLY C 218 -21.09 30.98 26.92
N ILE C 219 -20.09 31.86 26.78
CA ILE C 219 -20.19 33.31 26.91
C ILE C 219 -20.39 33.93 25.52
N LEU C 220 -21.52 34.60 25.31
CA LEU C 220 -21.73 35.34 24.06
C LEU C 220 -20.72 36.47 24.04
N LYS C 221 -20.04 36.64 22.92
CA LYS C 221 -19.03 37.68 22.77
C LYS C 221 -19.54 39.04 23.17
N ASP C 222 -20.84 39.26 22.97
CA ASP C 222 -21.48 40.53 23.30
C ASP C 222 -21.76 40.71 24.80
N ARG C 223 -21.65 39.64 25.57
CA ARG C 223 -21.75 39.76 27.02
C ARG C 223 -20.41 39.59 27.71
N ALA C 224 -19.33 39.48 26.94
CA ALA C 224 -18.02 39.20 27.55
C ALA C 224 -17.59 40.22 28.62
N PRO C 225 -17.88 41.53 28.41
CA PRO C 225 -17.62 42.58 29.42
C PRO C 225 -18.20 42.32 30.81
N LEU C 226 -19.43 41.83 30.88
CA LEU C 226 -20.03 41.42 32.16
C LEU C 226 -19.10 40.48 32.93
N VAL C 227 -18.63 39.42 32.23
CA VAL C 227 -17.70 38.44 32.80
C VAL C 227 -16.29 39.01 33.09
N ARG C 228 -15.76 39.82 32.18
CA ARG C 228 -14.45 40.45 32.38
C ARG C 228 -14.46 41.31 33.64
N GLU C 229 -15.51 42.13 33.75
CA GLU C 229 -15.81 42.98 34.92
C GLU C 229 -15.90 42.14 36.20
N ALA C 230 -16.82 41.17 36.20
CA ALA C 230 -16.99 40.25 37.35
C ALA C 230 -15.67 39.58 37.79
N MET C 231 -14.88 39.13 36.81
CA MET C 231 -13.63 38.39 37.10
C MET C 231 -12.50 39.30 37.59
N ALA C 232 -12.44 40.52 37.04
CA ALA C 232 -11.48 41.53 37.55
C ALA C 232 -11.82 41.93 38.97
N GLY C 233 -13.12 42.07 39.26
CA GLY C 233 -13.57 42.46 40.59
C GLY C 233 -13.33 41.39 41.63
N ALA C 234 -13.26 40.13 41.20
CA ALA C 234 -12.98 39.02 42.10
C ALA C 234 -11.48 38.75 42.31
N GLY C 235 -10.61 39.58 41.72
CA GLY C 235 -9.16 39.48 41.91
C GLY C 235 -8.40 38.62 40.91
N PHE C 236 -9.04 38.29 39.79
CA PHE C 236 -8.43 37.42 38.79
C PHE C 236 -7.56 38.20 37.81
N ARG C 237 -6.48 37.56 37.35
CA ARG C 237 -5.66 38.10 36.27
C ARG C 237 -6.14 37.49 34.97
N PRO C 238 -6.33 38.32 33.93
CA PRO C 238 -6.71 37.78 32.64
C PRO C 238 -5.54 37.10 32.00
N LEU C 239 -5.82 35.99 31.35
CA LEU C 239 -4.77 35.22 30.74
C LEU C 239 -4.86 35.40 29.24
N GLU C 240 -5.66 34.60 28.57
CA GLU C 240 -5.82 34.78 27.14
C GLU C 240 -7.30 34.62 26.85
N GLU C 241 -7.75 35.12 25.71
CA GLU C 241 -9.10 34.89 25.29
C GLU C 241 -9.06 34.10 24.00
N ALA C 242 -10.12 33.36 23.72
CA ALA C 242 -10.27 32.67 22.45
C ALA C 242 -11.68 32.91 21.98
N ALA C 243 -11.90 32.86 20.67
CA ALA C 243 -13.22 33.09 20.11
C ALA C 243 -13.51 32.10 19.03
N GLU C 244 -14.77 31.71 18.92
CA GLU C 244 -15.25 31.03 17.74
C GLU C 244 -16.69 31.43 17.49
N GLY C 245 -16.92 32.09 16.36
CA GLY C 245 -18.23 32.59 16.00
C GLY C 245 -18.67 33.64 17.00
N GLU C 246 -19.84 33.44 17.59
CA GLU C 246 -20.36 34.39 18.57
C GLU C 246 -20.01 34.08 20.02
N TRP C 247 -19.11 33.12 20.22
CA TRP C 247 -18.80 32.57 21.54
C TRP C 247 -17.36 32.81 21.86
N VAL C 248 -17.09 33.12 23.12
CA VAL C 248 -15.71 33.31 23.54
C VAL C 248 -15.42 32.42 24.72
N LEU C 249 -14.12 32.28 24.99
CA LEU C 249 -13.62 31.59 26.17
C LEU C 249 -12.67 32.58 26.81
N LEU C 250 -12.86 32.80 28.10
CA LEU C 250 -12.02 33.73 28.83
C LEU C 250 -11.31 32.95 29.91
N ALA C 251 -10.00 33.11 29.95
CA ALA C 251 -9.14 32.35 30.83
C ALA C 251 -8.58 33.31 31.87
N TYR C 252 -8.53 32.84 33.12
CA TYR C 252 -8.08 33.68 34.23
C TYR C 252 -7.16 32.91 35.17
N GLY C 253 -6.32 33.66 35.87
CA GLY C 253 -5.36 33.13 36.81
C GLY C 253 -5.64 33.77 38.15
N ARG C 254 -5.68 32.98 39.20
CA ARG C 254 -5.73 33.60 40.49
C ARG C 254 -4.35 33.58 41.17
N MET D 1 -35.21 22.35 -10.09
CA MET D 1 -36.46 23.17 -9.96
C MET D 1 -36.87 23.60 -8.52
N LYS D 2 -36.85 22.71 -7.51
CA LYS D 2 -36.48 21.28 -7.61
C LYS D 2 -37.66 20.39 -7.23
N LYS D 3 -37.50 19.07 -7.44
CA LYS D 3 -38.58 18.10 -7.22
C LYS D 3 -38.95 17.95 -5.74
N VAL D 4 -40.11 18.49 -5.36
CA VAL D 4 -40.57 18.48 -3.96
C VAL D 4 -41.24 17.14 -3.60
N VAL D 5 -40.75 16.51 -2.52
CA VAL D 5 -41.29 15.22 -2.07
C VAL D 5 -42.21 15.34 -0.84
N ALA D 6 -42.07 16.43 -0.10
CA ALA D 6 -42.90 16.71 1.07
C ALA D 6 -42.98 18.19 1.40
N VAL D 7 -44.08 18.59 2.05
CA VAL D 7 -44.20 19.94 2.62
C VAL D 7 -44.77 19.82 4.03
N VAL D 8 -43.88 19.55 4.98
CA VAL D 8 -44.26 19.18 6.36
C VAL D 8 -44.82 20.37 7.14
N LYS D 9 -45.81 20.11 7.97
CA LYS D 9 -46.43 21.16 8.76
C LYS D 9 -46.23 20.86 10.25
N LEU D 10 -45.36 21.64 10.88
CA LEU D 10 -45.10 21.50 12.31
C LEU D 10 -45.43 22.77 13.08
N GLN D 11 -45.73 22.59 14.36
CA GLN D 11 -45.78 23.68 15.31
C GLN D 11 -44.88 23.35 16.49
N LEU D 12 -43.85 24.17 16.68
CA LEU D 12 -42.83 23.93 17.70
C LEU D 12 -42.66 25.16 18.60
N PRO D 13 -42.47 24.93 19.92
CA PRO D 13 -42.04 25.99 20.82
C PRO D 13 -40.71 26.63 20.34
N ALA D 14 -40.63 27.96 20.44
CA ALA D 14 -39.49 28.73 19.93
C ALA D 14 -38.19 28.38 20.65
N GLY D 15 -37.14 28.15 19.87
CA GLY D 15 -35.79 27.91 20.37
C GLY D 15 -35.61 26.60 21.12
N LYS D 16 -36.53 25.66 20.93
CA LYS D 16 -36.52 24.40 21.69
C LYS D 16 -36.70 23.16 20.80
N ALA D 17 -36.30 23.27 19.53
CA ALA D 17 -36.26 22.11 18.63
C ALA D 17 -35.20 21.08 19.05
N THR D 18 -35.55 19.80 18.90
CA THR D 18 -34.68 18.68 19.19
C THR D 18 -34.92 17.59 18.11
N PRO D 19 -34.10 16.51 18.10
CA PRO D 19 -34.40 15.41 17.15
C PRO D 19 -35.61 14.54 17.53
N ALA D 20 -36.11 14.69 18.77
CA ALA D 20 -37.26 13.95 19.27
C ALA D 20 -38.55 14.33 18.53
N PRO D 21 -39.51 13.39 18.40
CA PRO D 21 -40.73 13.67 17.62
C PRO D 21 -41.36 15.04 17.93
N PRO D 22 -41.81 15.77 16.89
CA PRO D 22 -42.07 15.32 15.52
C PRO D 22 -40.86 15.36 14.59
N VAL D 23 -39.81 16.05 15.03
CA VAL D 23 -38.72 16.44 14.14
C VAL D 23 -38.04 15.23 13.50
N GLY D 24 -37.66 14.27 14.33
CA GLY D 24 -37.09 12.99 13.87
C GLY D 24 -37.97 12.31 12.85
N PRO D 25 -39.13 11.79 13.29
CA PRO D 25 -40.07 11.11 12.38
C PRO D 25 -40.44 11.91 11.12
N ALA D 26 -40.66 13.22 11.29
CA ALA D 26 -41.16 14.08 10.23
C ALA D 26 -40.17 14.27 9.10
N LEU D 27 -38.96 14.71 9.45
CA LEU D 27 -37.91 14.95 8.45
C LEU D 27 -37.24 13.65 8.03
N GLY D 28 -36.99 12.78 9.00
CA GLY D 28 -36.28 11.52 8.79
C GLY D 28 -36.88 10.57 7.76
N GLN D 29 -38.22 10.53 7.69
CA GLN D 29 -38.91 9.66 6.73
C GLN D 29 -38.79 10.17 5.28
N HIS D 30 -38.22 11.37 5.14
CA HIS D 30 -37.86 11.95 3.85
C HIS D 30 -36.35 12.16 3.71
N GLY D 31 -35.58 11.54 4.60
CA GLY D 31 -34.12 11.52 4.52
C GLY D 31 -33.44 12.86 4.68
N ALA D 32 -34.17 13.86 5.19
CA ALA D 32 -33.63 15.19 5.43
C ALA D 32 -32.69 15.22 6.65
N ASN D 33 -31.91 16.30 6.77
CA ASN D 33 -30.93 16.46 7.86
C ASN D 33 -31.50 17.11 9.13
N ILE D 34 -31.92 16.23 10.05
CA ILE D 34 -32.66 16.60 11.26
C ILE D 34 -31.90 17.60 12.15
N MET D 35 -30.61 17.34 12.38
CA MET D 35 -29.76 18.22 13.19
C MET D 35 -29.45 19.56 12.52
N GLU D 36 -29.38 19.57 11.18
CA GLU D 36 -29.23 20.80 10.42
C GLU D 36 -30.48 21.67 10.52
N PHE D 37 -31.64 21.01 10.60
CA PHE D 37 -32.89 21.71 10.87
C PHE D 37 -32.99 22.17 12.31
N VAL D 38 -32.67 21.28 13.26
CA VAL D 38 -32.79 21.61 14.69
C VAL D 38 -32.12 22.96 14.98
N LYS D 39 -30.83 23.06 14.66
CA LYS D 39 -30.04 24.28 14.93
C LYS D 39 -30.42 25.49 14.05
N ALA D 40 -31.00 25.21 12.88
CA ALA D 40 -31.50 26.29 12.00
C ALA D 40 -32.82 26.90 12.49
N PHE D 41 -33.80 26.04 12.86
CA PHE D 41 -35.06 26.49 13.48
C PHE D 41 -34.84 27.28 14.79
N ASN D 42 -34.02 26.72 15.68
CA ASN D 42 -33.65 27.38 16.94
C ASN D 42 -32.85 28.69 16.75
N ALA D 43 -32.02 28.74 15.71
CA ALA D 43 -31.34 29.98 15.34
C ALA D 43 -32.34 31.06 14.96
N ALA D 44 -33.30 30.68 14.09
CA ALA D 44 -34.30 31.59 13.56
C ALA D 44 -35.33 32.05 14.60
N THR D 45 -35.50 31.26 15.66
CA THR D 45 -36.51 31.55 16.70
C THR D 45 -35.91 31.76 18.12
N ALA D 46 -34.61 32.04 18.18
CA ALA D 46 -33.94 32.33 19.46
C ALA D 46 -34.43 33.66 20.04
N ASN D 47 -34.76 34.58 19.13
CA ASN D 47 -35.22 35.93 19.46
C ASN D 47 -36.65 35.99 20.01
N MET D 48 -37.43 34.95 19.74
CA MET D 48 -38.84 34.89 20.17
C MET D 48 -38.91 34.40 21.62
N GLY D 49 -39.64 33.32 21.90
CA GLY D 49 -39.59 32.71 23.23
C GLY D 49 -40.94 32.40 23.86
N ASP D 50 -41.02 31.24 24.51
CA ASP D 50 -42.27 30.70 25.08
C ASP D 50 -43.44 30.72 24.06
N ALA D 51 -43.17 31.31 22.89
CA ALA D 51 -44.13 31.43 21.81
C ALA D 51 -44.16 30.16 20.95
N ILE D 52 -45.36 29.83 20.47
CA ILE D 52 -45.53 28.68 19.58
C ILE D 52 -45.28 29.12 18.12
N VAL D 53 -44.31 28.48 17.48
CA VAL D 53 -43.92 28.83 16.11
C VAL D 53 -44.36 27.77 15.09
N PRO D 54 -45.33 28.12 14.22
CA PRO D 54 -45.71 27.24 13.10
C PRO D 54 -44.63 27.26 12.02
N VAL D 55 -44.33 26.10 11.45
CA VAL D 55 -43.25 26.00 10.47
C VAL D 55 -43.57 25.01 9.36
N GLU D 56 -43.33 25.43 8.11
CA GLU D 56 -43.45 24.58 6.94
C GLU D 56 -42.07 24.27 6.36
N ILE D 57 -41.69 23.00 6.39
CA ILE D 57 -40.42 22.55 5.82
C ILE D 57 -40.68 21.92 4.44
N THR D 58 -40.01 22.45 3.42
CA THR D 58 -40.03 21.89 2.06
C THR D 58 -38.89 20.88 1.91
N ILE D 59 -39.20 19.65 1.51
CA ILE D 59 -38.16 18.62 1.32
C ILE D 59 -38.10 18.18 -0.15
N TYR D 60 -36.89 18.06 -0.66
CA TYR D 60 -36.64 17.80 -2.07
C TYR D 60 -36.14 16.38 -2.34
N ALA D 61 -35.93 16.06 -3.61
CA ALA D 61 -35.45 14.73 -4.05
C ALA D 61 -34.00 14.41 -3.60
N ASP D 62 -33.14 15.43 -3.62
CA ASP D 62 -31.75 15.29 -3.14
C ASP D 62 -31.66 15.47 -1.61
N ARG D 63 -32.80 15.28 -0.95
CA ARG D 63 -32.92 15.23 0.52
C ARG D 63 -32.70 16.56 1.24
N SER D 64 -32.47 17.64 0.48
CA SER D 64 -32.28 18.98 1.04
C SER D 64 -33.60 19.59 1.52
N PHE D 65 -33.52 20.72 2.23
CA PHE D 65 -34.74 21.39 2.72
C PHE D 65 -34.64 22.92 2.84
N THR D 66 -35.81 23.56 2.79
CA THR D 66 -35.98 24.98 3.18
C THR D 66 -37.16 25.05 4.16
N PHE D 67 -37.17 26.06 5.03
CA PHE D 67 -38.30 26.25 5.96
C PHE D 67 -38.72 27.70 6.15
N VAL D 68 -40.01 27.88 6.44
CA VAL D 68 -40.60 29.20 6.64
C VAL D 68 -41.39 29.22 7.96
N THR D 69 -41.03 30.13 8.86
CA THR D 69 -41.77 30.31 10.13
C THR D 69 -42.83 31.39 10.01
N LYS D 70 -43.78 31.43 10.95
CA LYS D 70 -44.87 32.39 10.91
C LYS D 70 -45.16 33.11 12.24
N THR D 71 -45.85 34.26 12.13
CA THR D 71 -46.27 35.08 13.28
C THR D 71 -47.80 35.22 13.30
N PRO D 72 -48.48 34.52 14.22
CA PRO D 72 -47.85 33.61 15.19
C PRO D 72 -48.54 32.24 15.19
N MET E 1 -11.14 -6.93 -7.03
CA MET E 1 -9.73 -7.39 -6.87
C MET E 1 -9.43 -8.70 -7.61
N TRP E 2 -8.14 -9.00 -7.77
CA TRP E 2 -7.73 -10.22 -8.44
C TRP E 2 -6.98 -11.17 -7.53
N VAL E 3 -7.17 -12.46 -7.76
CA VAL E 3 -6.38 -13.46 -7.07
C VAL E 3 -5.70 -14.38 -8.09
N TYR E 4 -4.45 -14.71 -7.80
CA TYR E 4 -3.65 -15.64 -8.53
C TYR E 4 -3.57 -16.92 -7.68
N ARG E 5 -4.22 -17.97 -8.15
CA ARG E 5 -4.35 -19.22 -7.42
C ARG E 5 -3.27 -20.24 -7.81
N LEU E 6 -2.47 -20.65 -6.82
CA LEU E 6 -1.34 -21.56 -7.06
C LEU E 6 -1.44 -22.83 -6.22
N LYS E 7 -1.26 -23.97 -6.88
CA LYS E 7 -1.20 -25.28 -6.24
C LYS E 7 -0.01 -25.37 -5.29
N GLY E 8 -0.27 -25.75 -4.05
CA GLY E 8 0.77 -25.88 -3.04
C GLY E 8 0.52 -25.10 -1.75
N THR E 9 1.41 -25.31 -0.80
CA THR E 9 1.35 -24.69 0.50
C THR E 9 2.32 -23.51 0.45
N LEU E 10 2.19 -22.58 1.39
CA LEU E 10 3.19 -21.51 1.47
C LEU E 10 4.60 -22.08 1.54
N GLU E 11 4.77 -23.19 2.26
CA GLU E 11 6.09 -23.78 2.48
C GLU E 11 6.67 -24.34 1.17
N ALA E 12 5.88 -25.14 0.47
CA ALA E 12 6.29 -25.74 -0.78
C ALA E 12 6.60 -24.67 -1.83
N LEU E 13 5.91 -23.54 -1.76
CA LEU E 13 6.01 -22.50 -2.79
C LEU E 13 6.98 -21.38 -2.43
N ASP E 14 7.74 -21.59 -1.36
CA ASP E 14 8.71 -20.64 -0.77
C ASP E 14 9.53 -19.79 -1.77
N PRO E 15 10.14 -20.43 -2.80
CA PRO E 15 10.98 -19.74 -3.79
C PRO E 15 10.30 -18.64 -4.63
N ILE E 16 8.99 -18.81 -4.89
CA ILE E 16 8.24 -17.90 -5.75
C ILE E 16 7.51 -16.76 -5.03
N LEU E 17 7.43 -16.85 -3.70
CA LEU E 17 6.63 -15.91 -2.92
C LEU E 17 7.09 -14.45 -3.02
N PRO E 18 8.39 -14.17 -2.89
CA PRO E 18 8.84 -12.79 -3.07
C PRO E 18 8.55 -12.21 -4.47
N GLY E 19 8.66 -13.08 -5.48
CA GLY E 19 8.25 -12.74 -6.85
C GLY E 19 6.78 -12.35 -6.99
N LEU E 20 5.91 -12.99 -6.21
CA LEU E 20 4.49 -12.59 -6.15
C LEU E 20 4.31 -11.17 -5.63
N PHE E 21 4.99 -10.83 -4.54
CA PHE E 21 4.98 -9.46 -3.99
C PHE E 21 5.63 -8.41 -4.94
N ASP E 22 6.82 -8.71 -5.46
CA ASP E 22 7.46 -7.83 -6.47
C ASP E 22 6.56 -7.60 -7.68
N GLY E 23 5.69 -8.57 -7.97
CA GLY E 23 4.71 -8.42 -9.03
C GLY E 23 3.48 -7.62 -8.67
N GLY E 24 3.35 -7.21 -7.41
CA GLY E 24 2.19 -6.42 -6.96
C GLY E 24 1.26 -7.02 -5.90
N ALA E 25 1.60 -8.20 -5.38
CA ALA E 25 0.75 -8.88 -4.40
C ALA E 25 0.69 -8.12 -3.07
N ARG E 26 -0.52 -8.03 -2.52
CA ARG E 26 -0.71 -7.28 -1.29
C ARG E 26 -0.72 -8.21 -0.07
N GLY E 27 -0.72 -9.52 -0.30
CA GLY E 27 -0.68 -10.49 0.77
C GLY E 27 -1.07 -11.85 0.23
N LEU E 28 -0.68 -12.90 0.96
CA LEU E 28 -0.88 -14.28 0.52
C LEU E 28 -1.72 -15.02 1.53
N TRP E 29 -2.50 -15.98 1.06
CA TRP E 29 -3.40 -16.71 1.93
C TRP E 29 -3.31 -18.20 1.59
N GLU E 30 -2.86 -19.01 2.54
CA GLU E 30 -2.86 -20.47 2.37
C GLU E 30 -4.25 -21.03 2.58
N ARG E 31 -4.79 -21.70 1.56
CA ARG E 31 -6.09 -22.37 1.63
C ARG E 31 -5.92 -23.85 1.33
N GLU E 32 -7.03 -24.60 1.28
CA GLU E 32 -7.02 -26.07 1.16
C GLU E 32 -6.19 -26.59 -0.04
N GLY E 33 -4.87 -26.68 0.15
CA GLY E 33 -3.99 -27.18 -0.90
C GLY E 33 -3.59 -26.15 -1.95
N GLU E 34 -3.77 -24.87 -1.63
CA GLU E 34 -3.50 -23.76 -2.55
C GLU E 34 -2.96 -22.54 -1.82
N VAL E 35 -2.29 -21.69 -2.57
CA VAL E 35 -1.99 -20.33 -2.12
C VAL E 35 -2.73 -19.32 -3.02
N TRP E 36 -3.48 -18.42 -2.38
CA TRP E 36 -4.18 -17.35 -3.07
C TRP E 36 -3.42 -16.05 -2.90
N ALA E 37 -2.92 -15.50 -4.00
CA ALA E 37 -2.16 -14.25 -3.96
C ALA E 37 -3.03 -13.13 -4.51
N PHE E 38 -3.17 -12.06 -3.71
CA PHE E 38 -4.09 -10.97 -4.01
C PHE E 38 -3.38 -9.75 -4.60
N PHE E 39 -3.95 -9.27 -5.71
CA PHE E 39 -3.40 -8.20 -6.55
C PHE E 39 -4.57 -7.28 -6.90
N PRO E 40 -4.32 -5.96 -7.05
CA PRO E 40 -5.36 -5.07 -7.59
C PRO E 40 -5.79 -5.38 -9.04
N ALA E 41 -4.86 -5.94 -9.82
CA ALA E 41 -5.04 -6.21 -11.25
C ALA E 41 -4.17 -7.40 -11.67
N PRO E 42 -4.58 -8.13 -12.72
CA PRO E 42 -3.75 -9.24 -13.14
C PRO E 42 -2.45 -8.76 -13.79
N VAL E 43 -1.37 -9.51 -13.56
CA VAL E 43 -0.05 -9.26 -14.15
C VAL E 43 0.48 -10.56 -14.79
N ASP E 44 1.43 -10.44 -15.70
CA ASP E 44 1.99 -11.61 -16.35
C ASP E 44 3.04 -12.21 -15.44
N LEU E 45 2.79 -13.43 -14.99
CA LEU E 45 3.68 -14.09 -14.03
C LEU E 45 4.22 -15.40 -14.60
N PRO E 46 5.49 -15.73 -14.27
CA PRO E 46 6.07 -16.95 -14.78
C PRO E 46 5.73 -18.21 -13.95
N TYR E 47 4.82 -18.10 -12.98
CA TYR E 47 4.68 -19.13 -11.97
C TYR E 47 3.65 -20.20 -12.23
N GLU E 48 2.90 -20.06 -13.32
CA GLU E 48 1.84 -21.01 -13.69
C GLU E 48 0.76 -21.24 -12.63
N GLY E 49 0.23 -20.15 -12.08
CA GLY E 49 -1.01 -20.18 -11.31
C GLY E 49 -2.16 -19.74 -12.20
N VAL E 50 -3.34 -19.55 -11.62
CA VAL E 50 -4.52 -19.15 -12.39
C VAL E 50 -5.10 -17.82 -11.87
N TRP E 51 -5.49 -16.95 -12.80
CA TRP E 51 -6.08 -15.66 -12.46
C TRP E 51 -7.59 -15.80 -12.33
N GLU E 52 -8.15 -15.13 -11.33
CA GLU E 52 -9.57 -15.15 -11.06
C GLU E 52 -9.95 -13.78 -10.51
N GLU E 53 -11.07 -13.25 -10.93
CA GLU E 53 -11.54 -11.99 -10.39
C GLU E 53 -12.46 -12.32 -9.22
N VAL E 54 -12.26 -11.62 -8.11
CA VAL E 54 -13.14 -11.75 -6.94
C VAL E 54 -13.90 -10.46 -6.67
N GLY E 55 -15.05 -10.58 -6.01
CA GLY E 55 -15.87 -9.40 -5.67
C GLY E 55 -15.26 -8.57 -4.56
N ASP E 56 -15.44 -7.25 -4.65
CA ASP E 56 -14.95 -6.32 -3.64
C ASP E 56 -16.00 -5.98 -2.58
N GLU E 57 -15.91 -6.67 -1.43
CA GLU E 57 -16.72 -6.33 -0.26
C GLU E 57 -15.98 -5.38 0.71
N ASP E 58 -16.75 -4.59 1.44
CA ASP E 58 -16.24 -3.83 2.58
C ASP E 58 -16.30 -4.75 3.80
N TRP E 59 -15.21 -5.46 4.05
CA TRP E 59 -15.14 -6.52 5.06
C TRP E 59 -15.42 -6.06 6.48
N LEU E 60 -14.93 -4.87 6.82
CA LEU E 60 -15.24 -4.25 8.10
C LEU E 60 -16.72 -4.09 8.30
N GLU E 61 -17.41 -3.55 7.28
CA GLU E 61 -18.86 -3.38 7.33
C GLU E 61 -19.57 -4.73 7.48
N ALA E 62 -19.16 -5.70 6.68
CA ALA E 62 -19.74 -7.06 6.75
C ALA E 62 -19.55 -7.70 8.13
N TRP E 63 -18.37 -7.50 8.73
CA TRP E 63 -18.09 -8.00 10.08
C TRP E 63 -18.89 -7.27 11.17
N ARG E 64 -19.01 -5.94 11.08
CA ARG E 64 -19.85 -5.21 12.02
C ARG E 64 -21.36 -5.62 11.97
N ARG E 65 -21.94 -5.73 10.77
CA ARG E 65 -23.35 -6.14 10.66
C ARG E 65 -23.69 -7.57 11.10
N ASP E 66 -22.76 -8.53 10.93
CA ASP E 66 -23.01 -9.87 11.45
C ASP E 66 -22.69 -10.07 12.96
N LEU E 67 -21.89 -9.18 13.55
CA LEU E 67 -21.58 -9.21 14.98
C LEU E 67 -22.66 -8.47 15.78
N LYS E 68 -23.51 -9.25 16.45
CA LYS E 68 -24.66 -8.71 17.18
C LYS E 68 -24.49 -8.87 18.69
N PRO E 69 -25.15 -7.98 19.47
CA PRO E 69 -25.20 -8.09 20.93
C PRO E 69 -25.58 -9.50 21.35
N ALA E 70 -24.90 -10.02 22.36
CA ALA E 70 -25.13 -11.40 22.80
C ALA E 70 -25.88 -11.41 24.13
N LEU E 71 -27.14 -11.83 24.08
CA LEU E 71 -28.01 -11.83 25.23
C LEU E 71 -27.72 -12.98 26.15
N ALA E 72 -27.55 -12.69 27.43
CA ALA E 72 -27.50 -13.75 28.44
C ALA E 72 -28.19 -13.22 29.66
N PRO E 73 -29.54 -13.27 29.65
CA PRO E 73 -30.31 -12.61 30.72
C PRO E 73 -29.77 -12.99 32.10
N PRO E 74 -29.54 -11.98 32.99
CA PRO E 74 -29.94 -10.58 32.83
C PRO E 74 -29.00 -9.66 32.07
N PHE E 75 -27.95 -10.21 31.46
CA PHE E 75 -26.97 -9.40 30.77
C PHE E 75 -27.18 -9.34 29.26
N VAL E 76 -26.58 -8.32 28.66
CA VAL E 76 -26.34 -8.28 27.22
C VAL E 76 -24.84 -7.97 27.04
N VAL E 77 -24.17 -8.74 26.20
CA VAL E 77 -22.75 -8.49 25.94
C VAL E 77 -22.61 -7.68 24.66
N LEU E 78 -21.96 -6.53 24.80
CA LEU E 78 -21.92 -5.55 23.74
C LEU E 78 -20.49 -5.27 23.34
N ALA E 79 -20.30 -5.11 22.03
CA ALA E 79 -19.07 -4.58 21.49
C ALA E 79 -19.13 -3.05 21.75
N PRO E 80 -17.97 -2.37 21.86
CA PRO E 80 -17.95 -0.92 22.12
C PRO E 80 -18.78 -0.03 21.19
N TRP E 81 -18.93 -0.44 19.92
CA TRP E 81 -19.72 0.35 18.95
C TRP E 81 -21.20 0.02 18.98
N HIS E 82 -21.58 -0.99 19.76
CA HIS E 82 -22.98 -1.38 19.83
C HIS E 82 -23.77 -0.32 20.58
N THR E 83 -25.04 -0.20 20.21
CA THR E 83 -26.01 0.56 21.02
C THR E 83 -27.05 -0.44 21.49
N TRP E 84 -27.66 -0.16 22.64
CA TRP E 84 -28.67 -1.04 23.24
C TRP E 84 -29.74 -0.24 24.01
N GLU E 85 -31.01 -0.55 23.76
CA GLU E 85 -32.13 0.15 24.40
C GLU E 85 -32.89 -0.66 25.48
N GLY E 86 -32.69 -1.97 25.51
CA GLY E 86 -33.30 -2.81 26.55
C GLY E 86 -32.90 -2.49 27.99
N ALA E 87 -33.48 -3.21 28.95
CA ALA E 87 -33.20 -3.02 30.38
C ALA E 87 -32.06 -3.94 30.94
N GLU E 88 -31.64 -4.92 30.14
CA GLU E 88 -30.52 -5.80 30.49
C GLU E 88 -29.29 -5.04 31.04
N ILE E 89 -28.57 -5.68 31.94
CA ILE E 89 -27.29 -5.14 32.39
C ILE E 89 -26.29 -5.26 31.24
N PRO E 90 -25.73 -4.12 30.79
CA PRO E 90 -24.72 -4.11 29.71
C PRO E 90 -23.35 -4.54 30.19
N LEU E 91 -22.70 -5.41 29.41
CA LEU E 91 -21.31 -5.80 29.63
C LEU E 91 -20.57 -5.53 28.35
N VAL E 92 -19.62 -4.59 28.40
CA VAL E 92 -18.92 -4.16 27.19
C VAL E 92 -17.58 -4.89 27.05
N ILE E 93 -17.45 -5.66 25.99
CA ILE E 93 -16.29 -6.49 25.82
C ILE E 93 -15.86 -6.26 24.38
N GLU E 94 -14.62 -5.81 24.21
CA GLU E 94 -13.99 -5.70 22.91
C GLU E 94 -13.80 -7.13 22.39
N PRO E 95 -14.39 -7.47 21.22
CA PRO E 95 -14.11 -8.81 20.67
C PRO E 95 -12.69 -8.79 20.18
N GLY E 96 -11.79 -9.48 20.87
CA GLY E 96 -10.36 -9.31 20.61
C GLY E 96 -9.59 -10.59 20.73
N MET E 97 -8.46 -10.50 21.43
CA MET E 97 -7.53 -11.63 21.52
C MET E 97 -7.60 -12.38 22.87
N ALA E 98 -8.80 -12.41 23.46
CA ALA E 98 -9.02 -13.14 24.72
C ALA E 98 -10.37 -13.81 24.70
N PHE E 99 -10.39 -15.11 24.99
CA PHE E 99 -11.63 -15.84 25.10
C PHE E 99 -12.53 -15.20 26.14
N GLY E 100 -13.84 -15.18 25.84
CA GLY E 100 -14.82 -14.50 26.66
C GLY E 100 -15.41 -13.23 26.04
N THR E 101 -15.56 -13.24 24.73
CA THR E 101 -16.26 -12.16 24.01
C THR E 101 -17.78 -12.12 24.29
N GLY E 102 -18.34 -13.23 24.80
CA GLY E 102 -19.77 -13.35 25.06
C GLY E 102 -20.50 -14.20 24.04
N HIS E 103 -19.79 -14.53 22.95
CA HIS E 103 -20.36 -15.30 21.86
C HIS E 103 -20.05 -16.79 21.95
N ALA E 104 -19.77 -17.28 23.16
CA ALA E 104 -19.65 -18.72 23.43
C ALA E 104 -20.80 -19.11 24.33
N GLU E 105 -21.41 -20.24 24.02
CA GLU E 105 -22.41 -20.88 24.87
C GLU E 105 -21.98 -21.04 26.34
N THR E 106 -20.73 -21.42 26.58
CA THR E 106 -20.25 -21.65 27.93
C THR E 106 -20.14 -20.33 28.67
N THR E 107 -19.60 -19.31 28.00
CA THR E 107 -19.57 -17.97 28.61
C THR E 107 -20.96 -17.52 29.05
N ARG E 108 -21.96 -17.70 28.18
CA ARG E 108 -23.35 -17.34 28.52
C ARG E 108 -23.99 -18.16 29.63
N LEU E 109 -23.73 -19.47 29.63
CA LEU E 109 -24.15 -20.32 30.73
C LEU E 109 -23.66 -19.77 32.07
N ALA E 110 -22.36 -19.49 32.15
CA ALA E 110 -21.74 -19.01 33.38
C ALA E 110 -22.32 -17.63 33.79
N LEU E 111 -22.61 -16.74 32.82
CA LEU E 111 -23.24 -15.44 33.12
C LEU E 111 -24.62 -15.58 33.75
N LYS E 112 -25.44 -16.46 33.17
CA LYS E 112 -26.79 -16.71 33.67
C LYS E 112 -26.75 -17.32 35.05
N ALA E 113 -25.74 -18.16 35.30
CA ALA E 113 -25.58 -18.85 36.59
C ALA E 113 -25.09 -17.87 37.67
N LEU E 114 -24.25 -16.93 37.31
CA LEU E 114 -23.87 -15.89 38.27
C LEU E 114 -25.12 -15.15 38.79
N ALA E 115 -26.07 -14.86 37.90
CA ALA E 115 -27.30 -14.12 38.30
C ALA E 115 -28.17 -14.95 39.25
N ARG E 116 -28.24 -16.26 39.02
CA ARG E 116 -28.96 -17.14 39.95
C ARG E 116 -28.29 -17.32 41.32
N HIS E 117 -26.97 -17.18 41.41
CA HIS E 117 -26.26 -17.68 42.58
C HIS E 117 -25.54 -16.64 43.41
N LEU E 118 -25.18 -15.50 42.81
CA LEU E 118 -24.37 -14.51 43.52
C LEU E 118 -25.16 -13.52 44.38
N ARG E 119 -24.76 -13.42 45.65
CA ARG E 119 -25.40 -12.53 46.60
C ARG E 119 -24.61 -11.24 46.60
N PRO E 120 -25.30 -10.10 46.72
CA PRO E 120 -24.56 -8.83 46.80
C PRO E 120 -23.57 -8.89 47.96
N GLY E 121 -22.33 -8.47 47.72
CA GLY E 121 -21.28 -8.49 48.75
C GLY E 121 -20.43 -9.76 48.66
N ASP E 122 -20.91 -10.78 47.95
CA ASP E 122 -20.14 -12.03 47.75
C ASP E 122 -18.74 -11.77 47.23
N LYS E 123 -17.78 -12.51 47.76
CA LYS E 123 -16.45 -12.51 47.18
C LYS E 123 -16.37 -13.59 46.11
N VAL E 124 -15.93 -13.21 44.92
CA VAL E 124 -16.05 -14.12 43.77
C VAL E 124 -14.69 -14.39 43.13
N LEU E 125 -14.39 -15.67 42.89
CA LEU E 125 -13.24 -16.03 42.10
C LEU E 125 -13.69 -16.43 40.69
N ASP E 126 -13.17 -15.70 39.70
CA ASP E 126 -13.34 -16.03 38.30
C ASP E 126 -12.06 -16.77 37.90
N LEU E 127 -12.11 -18.10 37.91
CA LEU E 127 -10.94 -18.91 37.57
C LEU E 127 -10.78 -19.12 36.04
N GLY E 128 -9.72 -18.55 35.49
CA GLY E 128 -9.50 -18.58 34.02
C GLY E 128 -10.32 -17.47 33.39
N THR E 129 -9.99 -16.24 33.78
CA THR E 129 -10.80 -15.05 33.50
C THR E 129 -10.82 -14.58 32.03
N GLY E 130 -9.72 -14.79 31.30
CA GLY E 130 -9.67 -14.43 29.89
C GLY E 130 -9.93 -12.94 29.69
N SER E 131 -11.05 -12.62 29.04
CA SER E 131 -11.44 -11.24 28.73
C SER E 131 -11.76 -10.42 29.96
N GLY E 132 -11.99 -11.10 31.07
CA GLY E 132 -12.46 -10.49 32.31
C GLY E 132 -13.98 -10.47 32.41
N VAL E 133 -14.69 -10.95 31.40
CA VAL E 133 -16.16 -10.80 31.32
C VAL E 133 -16.94 -11.24 32.57
N LEU E 134 -16.59 -12.40 33.11
CA LEU E 134 -17.33 -12.95 34.25
C LEU E 134 -17.04 -12.24 35.56
N ALA E 135 -15.77 -11.86 35.78
CA ALA E 135 -15.38 -11.04 36.95
C ALA E 135 -16.04 -9.66 36.87
N ILE E 136 -16.17 -9.12 35.65
CA ILE E 136 -16.85 -7.84 35.44
C ILE E 136 -18.35 -7.96 35.71
N ALA E 137 -18.94 -9.07 35.23
CA ALA E 137 -20.35 -9.39 35.46
C ALA E 137 -20.66 -9.52 36.96
N ALA E 138 -19.83 -10.29 37.67
CA ALA E 138 -19.86 -10.39 39.14
C ALA E 138 -19.88 -9.04 39.86
N GLU E 139 -19.05 -8.11 39.39
CA GLU E 139 -18.96 -6.75 39.99
C GLU E 139 -20.24 -5.95 39.75
N LYS E 140 -20.76 -5.99 38.53
CA LYS E 140 -22.14 -5.50 38.23
C LYS E 140 -23.28 -6.07 39.10
N LEU E 141 -23.19 -7.35 39.50
CA LEU E 141 -24.17 -7.95 40.41
C LEU E 141 -23.90 -7.69 41.91
N GLY E 142 -22.92 -6.83 42.23
CA GLY E 142 -22.61 -6.49 43.62
C GLY E 142 -21.53 -7.31 44.35
N GLY E 143 -20.91 -8.27 43.68
CA GLY E 143 -19.80 -9.00 44.27
C GLY E 143 -18.47 -8.25 44.20
N LYS E 144 -17.45 -8.77 44.88
CA LYS E 144 -16.06 -8.30 44.66
C LYS E 144 -15.32 -9.45 44.02
N ALA E 145 -14.80 -9.20 42.82
CA ALA E 145 -14.25 -10.25 42.01
C ALA E 145 -12.72 -10.24 41.95
N LEU E 146 -12.16 -11.44 42.01
CA LEU E 146 -10.78 -11.69 41.61
C LEU E 146 -10.85 -12.56 40.35
N GLY E 147 -10.25 -12.08 39.25
CA GLY E 147 -10.05 -12.89 38.07
C GLY E 147 -8.60 -13.30 37.93
N VAL E 148 -8.36 -14.61 37.89
CA VAL E 148 -7.01 -15.14 37.61
C VAL E 148 -6.88 -15.85 36.27
N ASP E 149 -5.70 -15.77 35.70
CA ASP E 149 -5.43 -16.51 34.46
C ASP E 149 -3.94 -16.82 34.43
N ILE E 150 -3.59 -18.03 33.99
CA ILE E 150 -2.19 -18.43 33.79
C ILE E 150 -1.57 -17.77 32.59
N ASP E 151 -2.41 -17.29 31.67
CA ASP E 151 -1.96 -16.65 30.46
C ASP E 151 -1.81 -15.14 30.71
N PRO E 152 -0.56 -14.65 30.76
CA PRO E 152 -0.36 -13.24 31.13
C PRO E 152 -0.82 -12.25 30.05
N MET E 153 -1.06 -12.75 28.83
CA MET E 153 -1.45 -11.86 27.71
C MET E 153 -2.90 -11.34 27.78
N VAL E 154 -3.76 -12.10 28.47
CA VAL E 154 -5.17 -11.73 28.64
C VAL E 154 -5.40 -10.66 29.73
N LEU E 155 -4.43 -10.52 30.63
CA LEU E 155 -4.62 -9.70 31.83
C LEU E 155 -4.76 -8.21 31.50
N PRO E 156 -3.91 -7.68 30.61
CA PRO E 156 -4.09 -6.29 30.18
C PRO E 156 -5.40 -6.09 29.40
N GLN E 157 -5.87 -7.15 28.73
CA GLN E 157 -7.12 -7.09 27.99
C GLN E 157 -8.29 -7.07 28.91
N ALA E 158 -8.18 -7.84 30.00
CA ALA E 158 -9.21 -7.91 31.02
C ALA E 158 -9.29 -6.58 31.81
N GLU E 159 -8.14 -6.01 32.14
CA GLU E 159 -8.07 -4.67 32.73
C GLU E 159 -8.73 -3.64 31.83
N ALA E 160 -8.45 -3.70 30.52
CA ALA E 160 -8.96 -2.70 29.61
C ALA E 160 -10.47 -2.83 29.51
N ASN E 161 -10.96 -4.08 29.49
CA ASN E 161 -12.40 -4.33 29.52
C ASN E 161 -13.06 -3.82 30.78
N ALA E 162 -12.39 -3.96 31.93
CA ALA E 162 -12.99 -3.52 33.19
C ALA E 162 -13.21 -1.99 33.16
N LYS E 163 -12.25 -1.28 32.56
CA LYS E 163 -12.37 0.17 32.31
C LYS E 163 -13.54 0.54 31.43
N ARG E 164 -13.90 -0.33 30.48
CA ARG E 164 -15.06 -0.12 29.59
C ARG E 164 -16.40 -0.27 30.29
N ASN E 165 -16.34 -0.62 31.57
CA ASN E 165 -17.52 -1.00 32.34
C ASN E 165 -17.63 -0.29 33.71
N GLY E 166 -16.64 0.55 34.03
CA GLY E 166 -16.67 1.31 35.26
C GLY E 166 -16.41 0.49 36.51
N VAL E 167 -15.84 -0.69 36.35
CA VAL E 167 -15.54 -1.56 37.49
C VAL E 167 -14.06 -1.90 37.56
N ARG E 168 -13.60 -2.29 38.73
CA ARG E 168 -12.22 -2.65 38.87
C ARG E 168 -12.06 -3.96 39.67
N PRO E 169 -12.26 -5.13 38.99
CA PRO E 169 -11.90 -6.37 39.64
C PRO E 169 -10.41 -6.42 39.94
N ARG E 170 -10.02 -7.31 40.85
CA ARG E 170 -8.63 -7.63 41.00
C ARG E 170 -8.29 -8.63 39.91
N PHE E 171 -7.24 -8.38 39.14
CA PHE E 171 -6.78 -9.33 38.13
C PHE E 171 -5.38 -9.85 38.46
N LEU E 172 -5.16 -11.16 38.30
CA LEU E 172 -3.93 -11.77 38.74
C LEU E 172 -3.43 -12.90 37.83
N GLU E 173 -2.13 -12.91 37.58
CA GLU E 173 -1.48 -14.02 36.89
C GLU E 173 -1.32 -15.18 37.86
N GLY E 174 -1.87 -16.33 37.48
CA GLY E 174 -1.69 -17.57 38.23
C GLY E 174 -2.90 -18.45 38.08
N SER E 175 -3.08 -19.36 39.03
CA SER E 175 -4.23 -20.23 39.01
C SER E 175 -4.86 -20.23 40.38
N LEU E 176 -5.47 -21.35 40.74
CA LEU E 176 -6.17 -21.50 42.00
C LEU E 176 -5.29 -21.19 43.22
N GLU E 177 -4.07 -21.71 43.23
CA GLU E 177 -3.11 -21.47 44.31
C GLU E 177 -2.70 -20.01 44.56
N ALA E 178 -2.45 -19.25 43.51
CA ALA E 178 -2.21 -17.82 43.61
C ALA E 178 -3.42 -17.02 44.16
N ALA E 179 -4.65 -17.46 43.86
CA ALA E 179 -5.86 -16.86 44.41
C ALA E 179 -6.16 -17.17 45.88
N LEU E 180 -5.73 -18.34 46.35
CA LEU E 180 -6.08 -18.83 47.71
C LEU E 180 -5.89 -17.82 48.87
N PRO E 181 -4.76 -17.07 48.87
CA PRO E 181 -4.53 -16.02 49.88
C PRO E 181 -5.54 -14.86 49.91
N PHE E 182 -6.26 -14.64 48.82
CA PHE E 182 -7.27 -13.59 48.71
C PHE E 182 -8.64 -14.10 49.13
N GLY E 183 -8.70 -15.39 49.48
CA GLY E 183 -9.96 -16.01 49.86
C GLY E 183 -9.98 -16.26 51.35
N PRO E 184 -10.83 -17.19 51.80
CA PRO E 184 -11.75 -17.99 50.98
C PRO E 184 -12.87 -17.19 50.31
N PHE E 185 -13.43 -17.77 49.27
CA PHE E 185 -14.43 -17.08 48.46
C PHE E 185 -15.84 -17.56 48.76
N ASP E 186 -16.80 -16.70 48.48
CA ASP E 186 -18.21 -17.09 48.52
C ASP E 186 -18.67 -17.82 47.27
N LEU E 187 -18.08 -17.46 46.12
CA LEU E 187 -18.49 -18.02 44.85
C LEU E 187 -17.27 -18.20 43.94
N LEU E 188 -17.14 -19.38 43.38
CA LEU E 188 -16.16 -19.63 42.31
C LEU E 188 -16.93 -19.85 41.02
N VAL E 189 -16.49 -19.17 39.97
CA VAL E 189 -16.94 -19.46 38.63
C VAL E 189 -15.75 -19.87 37.74
N ALA E 190 -15.90 -20.97 37.00
CA ALA E 190 -14.78 -21.48 36.22
C ALA E 190 -15.25 -22.07 34.89
N ASN E 191 -15.07 -21.31 33.83
CA ASN E 191 -15.34 -21.80 32.49
C ASN E 191 -14.06 -22.41 31.96
N LEU E 192 -13.83 -23.69 32.27
CA LEU E 192 -12.56 -24.33 31.92
C LEU E 192 -12.78 -25.51 31.02
N TYR E 193 -12.44 -26.69 31.50
CA TYR E 193 -12.75 -27.91 30.79
C TYR E 193 -12.78 -29.02 31.82
N ALA E 194 -13.50 -30.08 31.49
CA ALA E 194 -13.84 -31.19 32.40
C ALA E 194 -12.69 -31.80 33.18
N GLU E 195 -11.62 -32.13 32.49
CA GLU E 195 -10.43 -32.72 33.10
C GLU E 195 -9.79 -31.83 34.15
N LEU E 196 -9.69 -30.53 33.84
CA LEU E 196 -9.16 -29.57 34.81
C LEU E 196 -10.04 -29.49 36.08
N HIS E 197 -11.36 -29.42 35.91
CA HIS E 197 -12.30 -29.40 37.00
C HIS E 197 -12.06 -30.63 37.90
N ALA E 198 -11.91 -31.81 37.28
CA ALA E 198 -11.75 -33.04 38.04
C ALA E 198 -10.46 -33.03 38.86
N ALA E 199 -9.36 -32.60 38.25
CA ALA E 199 -8.10 -32.49 38.97
C ALA E 199 -8.21 -31.52 40.14
N LEU E 200 -8.89 -30.38 39.91
CA LEU E 200 -8.97 -29.29 40.87
C LEU E 200 -10.03 -29.40 41.96
N ALA E 201 -10.98 -30.32 41.81
CA ALA E 201 -12.12 -30.49 42.77
C ALA E 201 -11.75 -30.39 44.26
N PRO E 202 -10.71 -31.12 44.73
CA PRO E 202 -10.40 -31.00 46.17
C PRO E 202 -9.95 -29.59 46.61
N ARG E 203 -9.23 -28.89 45.74
CA ARG E 203 -8.82 -27.49 46.00
C ARG E 203 -9.95 -26.50 45.78
N TYR E 204 -10.96 -26.87 45.01
CA TYR E 204 -12.15 -26.06 44.90
C TYR E 204 -12.76 -25.90 46.27
N ARG E 205 -12.76 -26.98 47.04
CA ARG E 205 -13.37 -27.00 48.37
C ARG E 205 -12.65 -26.09 49.35
N GLU E 206 -11.33 -26.17 49.39
CA GLU E 206 -10.48 -25.29 50.20
C GLU E 206 -10.64 -23.81 49.87
N ALA E 207 -10.89 -23.49 48.60
CA ALA E 207 -11.12 -22.14 48.15
C ALA E 207 -12.45 -21.49 48.59
N LEU E 208 -13.42 -22.30 49.00
CA LEU E 208 -14.75 -21.77 49.31
C LEU E 208 -15.05 -21.82 50.81
N VAL E 209 -15.70 -20.78 51.34
CA VAL E 209 -16.27 -20.80 52.68
C VAL E 209 -17.35 -21.90 52.73
N PRO E 210 -17.77 -22.36 53.94
CA PRO E 210 -18.94 -23.25 54.01
C PRO E 210 -20.24 -22.60 53.47
N GLY E 211 -21.00 -23.35 52.66
CA GLY E 211 -22.11 -22.75 51.91
C GLY E 211 -21.74 -21.95 50.65
N GLY E 212 -20.46 -21.98 50.26
CA GLY E 212 -20.05 -21.29 49.03
C GLY E 212 -20.45 -22.12 47.83
N ARG E 213 -20.62 -21.46 46.68
CA ARG E 213 -21.03 -22.16 45.45
C ARG E 213 -19.87 -22.29 44.44
N ALA E 214 -19.81 -23.43 43.77
CA ALA E 214 -18.94 -23.59 42.58
C ALA E 214 -19.80 -23.74 41.33
N LEU E 215 -19.58 -22.87 40.35
CA LEU E 215 -20.28 -22.91 39.05
C LEU E 215 -19.26 -23.25 37.99
N LEU E 216 -19.36 -24.47 37.45
CA LEU E 216 -18.28 -24.99 36.63
C LEU E 216 -18.80 -25.24 35.24
N THR E 217 -18.13 -24.66 34.25
CA THR E 217 -18.52 -24.88 32.86
C THR E 217 -17.32 -25.12 31.91
N GLY E 218 -17.57 -25.06 30.60
CA GLY E 218 -16.58 -25.45 29.60
C GLY E 218 -16.53 -26.97 29.54
N ILE E 219 -17.60 -27.60 30.02
CA ILE E 219 -17.72 -29.06 30.15
C ILE E 219 -18.51 -29.60 28.98
N LEU E 220 -17.87 -30.41 28.14
CA LEU E 220 -18.59 -31.15 27.09
C LEU E 220 -19.52 -32.15 27.75
N LYS E 221 -20.77 -32.18 27.28
CA LYS E 221 -21.81 -33.03 27.83
C LYS E 221 -21.30 -34.44 28.15
N ASP E 222 -20.52 -35.04 27.24
CA ASP E 222 -20.01 -36.43 27.46
C ASP E 222 -18.86 -36.55 28.46
N ARG E 223 -18.22 -35.42 28.79
CA ARG E 223 -17.15 -35.38 29.78
C ARG E 223 -17.70 -35.05 31.18
N ALA E 224 -19.00 -34.74 31.25
CA ALA E 224 -19.67 -34.37 32.51
C ALA E 224 -19.53 -35.34 33.68
N PRO E 225 -19.62 -36.68 33.44
CA PRO E 225 -19.37 -37.64 34.53
C PRO E 225 -18.06 -37.39 35.29
N LEU E 226 -17.04 -36.93 34.59
CA LEU E 226 -15.72 -36.70 35.18
C LEU E 226 -15.80 -35.68 36.28
N VAL E 227 -16.56 -34.63 36.02
CA VAL E 227 -16.78 -33.54 36.96
C VAL E 227 -17.74 -33.95 38.10
N ARG E 228 -18.89 -34.54 37.76
CA ARG E 228 -19.77 -35.14 38.76
C ARG E 228 -19.07 -36.07 39.74
N GLU E 229 -18.32 -37.08 39.24
CA GLU E 229 -17.52 -38.01 40.08
C GLU E 229 -16.56 -37.25 41.01
N ALA E 230 -15.81 -36.31 40.44
CA ALA E 230 -14.82 -35.55 41.19
C ALA E 230 -15.42 -34.63 42.28
N MET E 231 -16.55 -34.00 41.99
CA MET E 231 -17.15 -33.05 42.94
C MET E 231 -17.82 -33.78 44.09
N ALA E 232 -18.46 -34.92 43.81
CA ALA E 232 -18.95 -35.83 44.85
C ALA E 232 -17.80 -36.27 45.78
N GLY E 233 -16.74 -36.81 45.21
CA GLY E 233 -15.53 -37.16 45.94
C GLY E 233 -14.96 -36.05 46.79
N ALA E 234 -15.00 -34.80 46.31
CA ALA E 234 -14.53 -33.68 47.10
C ALA E 234 -15.58 -33.19 48.11
N GLY E 235 -16.75 -33.82 48.16
CA GLY E 235 -17.73 -33.56 49.22
C GLY E 235 -18.71 -32.42 48.97
N PHE E 236 -18.85 -32.02 47.71
CA PHE E 236 -19.80 -31.00 47.31
C PHE E 236 -21.21 -31.55 47.20
N ARG E 237 -22.19 -30.68 47.43
CA ARG E 237 -23.60 -30.94 47.12
C ARG E 237 -23.94 -30.37 45.73
N PRO E 238 -24.51 -31.17 44.82
CA PRO E 238 -25.11 -30.67 43.58
C PRO E 238 -26.32 -29.79 43.76
N LEU E 239 -26.30 -28.64 43.07
CA LEU E 239 -27.40 -27.65 43.12
C LEU E 239 -28.30 -27.61 41.88
N GLU E 240 -27.67 -27.68 40.70
CA GLU E 240 -28.37 -27.60 39.43
C GLU E 240 -27.41 -27.94 38.30
N GLU E 241 -27.97 -28.43 37.20
CA GLU E 241 -27.24 -28.57 35.94
C GLU E 241 -27.96 -27.74 34.90
N ALA E 242 -27.19 -27.18 33.98
CA ALA E 242 -27.76 -26.37 32.90
C ALA E 242 -26.98 -26.70 31.62
N ALA E 243 -27.70 -26.78 30.51
CA ALA E 243 -27.10 -27.17 29.25
C ALA E 243 -27.41 -26.18 28.13
N GLU E 244 -26.44 -25.96 27.26
CA GLU E 244 -26.65 -25.17 26.05
C GLU E 244 -25.80 -25.89 25.00
N GLY E 245 -26.47 -26.47 23.99
CA GLY E 245 -25.78 -27.13 22.89
C GLY E 245 -25.08 -28.39 23.36
N GLU E 246 -23.79 -28.50 23.05
CA GLU E 246 -22.97 -29.64 23.47
C GLU E 246 -22.33 -29.35 24.83
N TRP E 247 -22.73 -28.25 25.47
CA TRP E 247 -22.07 -27.85 26.70
C TRP E 247 -22.97 -27.97 27.91
N VAL E 248 -22.38 -28.23 29.10
CA VAL E 248 -23.13 -28.11 30.36
C VAL E 248 -22.45 -27.18 31.37
N LEU E 249 -23.28 -26.65 32.28
CA LEU E 249 -22.79 -25.98 33.49
C LEU E 249 -23.23 -26.80 34.68
N LEU E 250 -22.31 -27.01 35.63
CA LEU E 250 -22.63 -27.77 36.85
C LEU E 250 -22.38 -26.93 38.09
N ALA E 251 -23.43 -26.74 38.89
CA ALA E 251 -23.36 -25.89 40.07
C ALA E 251 -23.32 -26.74 41.34
N TYR E 252 -22.41 -26.42 42.26
CA TYR E 252 -22.17 -27.20 43.49
C TYR E 252 -22.15 -26.29 44.69
N GLY E 253 -22.60 -26.81 45.82
CA GLY E 253 -22.50 -26.10 47.09
C GLY E 253 -21.61 -26.84 48.04
N ARG E 254 -20.68 -26.13 48.68
CA ARG E 254 -19.90 -26.79 49.72
C ARG E 254 -20.48 -26.58 51.15
N LYS F 2 -10.79 -23.49 25.25
CA LYS F 2 -10.53 -22.81 23.98
C LYS F 2 -10.40 -23.93 22.94
N LYS F 3 -11.35 -23.96 22.02
CA LYS F 3 -11.41 -25.02 21.03
C LYS F 3 -11.10 -24.29 19.72
N VAL F 4 -10.04 -24.71 19.06
CA VAL F 4 -9.60 -24.03 17.87
C VAL F 4 -10.52 -24.33 16.67
N VAL F 5 -11.06 -23.28 16.05
CA VAL F 5 -11.92 -23.47 14.86
C VAL F 5 -11.19 -23.23 13.55
N ALA F 6 -10.12 -22.43 13.54
CA ALA F 6 -9.31 -22.25 12.34
C ALA F 6 -7.89 -21.82 12.70
N VAL F 7 -6.94 -22.24 11.86
CA VAL F 7 -5.61 -21.66 11.85
C VAL F 7 -5.36 -21.11 10.43
N VAL F 8 -5.29 -19.78 10.34
CA VAL F 8 -5.16 -19.06 9.09
C VAL F 8 -3.69 -18.68 8.91
N LYS F 9 -3.09 -19.14 7.82
CA LYS F 9 -1.72 -18.77 7.51
C LYS F 9 -1.73 -17.77 6.37
N LEU F 10 -1.15 -16.61 6.66
CA LEU F 10 -1.04 -15.52 5.72
C LEU F 10 0.43 -15.15 5.64
N GLN F 11 0.79 -14.40 4.61
CA GLN F 11 2.03 -13.63 4.61
C GLN F 11 1.62 -12.22 4.21
N LEU F 12 2.02 -11.25 5.02
CA LEU F 12 1.60 -9.88 4.78
C LEU F 12 2.82 -8.95 4.77
N PRO F 13 2.68 -7.78 4.17
CA PRO F 13 3.82 -6.86 4.23
C PRO F 13 3.92 -6.21 5.61
N ALA F 14 5.13 -6.19 6.17
CA ALA F 14 5.42 -5.59 7.48
C ALA F 14 4.81 -4.20 7.62
N GLY F 15 4.06 -3.99 8.70
CA GLY F 15 3.52 -2.69 9.02
C GLY F 15 2.39 -2.23 8.12
N LYS F 16 1.99 -3.05 7.17
CA LYS F 16 1.01 -2.62 6.16
C LYS F 16 -0.19 -3.54 5.91
N ALA F 17 -0.59 -4.32 6.90
CA ALA F 17 -1.87 -5.04 6.86
C ALA F 17 -3.05 -4.05 6.72
N THR F 18 -4.07 -4.47 5.97
CA THR F 18 -5.28 -3.68 5.80
C THR F 18 -6.45 -4.65 6.00
N PRO F 19 -7.70 -4.14 6.13
CA PRO F 19 -8.82 -5.08 6.15
C PRO F 19 -9.19 -5.71 4.79
N ALA F 20 -8.54 -5.28 3.71
CA ALA F 20 -8.74 -5.86 2.39
C ALA F 20 -8.27 -7.33 2.35
N PRO F 21 -8.60 -8.05 1.26
CA PRO F 21 -8.08 -9.41 1.13
C PRO F 21 -6.54 -9.45 1.15
N PRO F 22 -5.93 -10.48 1.80
CA PRO F 22 -6.56 -11.69 2.36
C PRO F 22 -7.11 -11.54 3.79
N VAL F 23 -6.78 -10.47 4.50
CA VAL F 23 -7.20 -10.35 5.90
C VAL F 23 -8.73 -10.37 6.07
N GLY F 24 -9.44 -9.52 5.35
CA GLY F 24 -10.89 -9.42 5.48
C GLY F 24 -11.64 -10.74 5.41
N PRO F 25 -11.55 -11.44 4.28
CA PRO F 25 -12.18 -12.76 4.12
C PRO F 25 -11.60 -13.89 4.98
N ALA F 26 -10.28 -13.92 5.19
CA ALA F 26 -9.65 -15.00 5.96
C ALA F 26 -10.06 -15.00 7.44
N LEU F 27 -10.09 -13.82 8.05
CA LEU F 27 -10.56 -13.69 9.43
C LEU F 27 -12.07 -13.59 9.48
N GLY F 28 -12.66 -12.88 8.51
CA GLY F 28 -14.10 -12.66 8.49
C GLY F 28 -14.90 -13.95 8.42
N GLN F 29 -14.32 -14.97 7.77
CA GLN F 29 -15.00 -16.24 7.60
C GLN F 29 -15.38 -16.87 8.95
N HIS F 30 -14.59 -16.54 9.98
CA HIS F 30 -14.72 -17.09 11.30
C HIS F 30 -15.13 -16.01 12.30
N GLY F 31 -15.40 -14.81 11.79
CA GLY F 31 -15.96 -13.76 12.59
C GLY F 31 -14.95 -13.07 13.47
N ALA F 32 -13.65 -13.30 13.21
CA ALA F 32 -12.62 -12.66 14.03
C ALA F 32 -12.56 -11.14 13.78
N ASN F 33 -12.20 -10.39 14.82
CA ASN F 33 -12.06 -8.92 14.73
C ASN F 33 -10.90 -8.51 13.83
N ILE F 34 -11.25 -8.30 12.56
CA ILE F 34 -10.32 -7.92 11.47
C ILE F 34 -9.49 -6.68 11.82
N MET F 35 -10.15 -5.63 12.30
CA MET F 35 -9.46 -4.38 12.59
C MET F 35 -8.54 -4.48 13.79
N GLU F 36 -8.94 -5.22 14.81
CA GLU F 36 -8.06 -5.57 15.92
C GLU F 36 -6.79 -6.32 15.38
N PHE F 37 -6.98 -7.32 14.53
CA PHE F 37 -5.84 -8.00 13.91
C PHE F 37 -4.90 -7.05 13.17
N VAL F 38 -5.49 -6.23 12.28
CA VAL F 38 -4.74 -5.27 11.45
C VAL F 38 -3.88 -4.39 12.33
N LYS F 39 -4.50 -3.79 13.32
CA LYS F 39 -3.81 -2.89 14.22
C LYS F 39 -2.69 -3.60 15.02
N ALA F 40 -2.97 -4.76 15.59
CA ALA F 40 -1.96 -5.49 16.37
C ALA F 40 -0.83 -6.01 15.48
N PHE F 41 -1.17 -6.54 14.32
CA PHE F 41 -0.13 -6.98 13.38
C PHE F 41 0.79 -5.80 13.02
N ASN F 42 0.19 -4.66 12.70
CA ASN F 42 0.98 -3.52 12.26
C ASN F 42 1.87 -2.92 13.35
N ALA F 43 1.39 -2.96 14.59
CA ALA F 43 2.20 -2.51 15.73
C ALA F 43 3.37 -3.48 15.97
N ALA F 44 3.09 -4.78 15.80
CA ALA F 44 4.05 -5.84 16.06
C ALA F 44 5.09 -5.96 14.95
N THR F 45 4.81 -5.34 13.79
CA THR F 45 5.71 -5.42 12.62
C THR F 45 6.15 -4.02 12.14
N ALA F 46 6.12 -3.04 13.04
CA ALA F 46 6.56 -1.67 12.76
C ALA F 46 8.08 -1.56 12.68
N ASN F 47 8.78 -2.37 13.47
CA ASN F 47 10.25 -2.40 13.56
C ASN F 47 10.95 -2.86 12.28
N MET F 48 10.31 -3.80 11.59
CA MET F 48 10.76 -4.33 10.31
C MET F 48 10.34 -3.33 9.23
N GLY F 49 11.03 -3.34 8.09
CA GLY F 49 10.77 -2.35 7.06
C GLY F 49 10.52 -2.94 5.69
N ASP F 50 9.25 -3.13 5.35
CA ASP F 50 8.81 -3.70 4.05
C ASP F 50 8.96 -5.23 3.91
N ALA F 51 9.52 -5.89 4.92
CA ALA F 51 9.63 -7.35 4.91
C ALA F 51 8.29 -8.06 4.69
N ILE F 52 8.34 -9.25 4.10
CA ILE F 52 7.21 -10.15 4.07
C ILE F 52 7.18 -10.84 5.42
N VAL F 53 6.02 -10.79 6.10
CA VAL F 53 5.88 -11.39 7.42
C VAL F 53 4.87 -12.53 7.34
N PRO F 54 5.35 -13.77 7.45
CA PRO F 54 4.42 -14.89 7.63
C PRO F 54 3.73 -14.76 8.99
N VAL F 55 2.40 -14.92 9.00
CA VAL F 55 1.61 -14.78 10.20
C VAL F 55 0.54 -15.89 10.31
N GLU F 56 0.39 -16.43 11.52
CA GLU F 56 -0.50 -17.53 11.75
C GLU F 56 -1.54 -17.11 12.77
N ILE F 57 -2.80 -17.05 12.33
CA ILE F 57 -3.91 -16.61 13.17
C ILE F 57 -4.74 -17.80 13.64
N THR F 58 -4.85 -17.98 14.96
CA THR F 58 -5.64 -19.04 15.58
C THR F 58 -6.94 -18.44 16.09
N ILE F 59 -8.06 -18.98 15.64
CA ILE F 59 -9.38 -18.41 15.93
C ILE F 59 -10.20 -19.41 16.72
N TYR F 60 -10.87 -18.88 17.73
CA TYR F 60 -11.68 -19.66 18.64
C TYR F 60 -13.17 -19.53 18.35
N ALA F 61 -13.99 -20.29 19.06
CA ALA F 61 -15.44 -20.40 18.73
C ALA F 61 -16.28 -19.16 19.09
N ASP F 62 -15.74 -18.28 19.94
CA ASP F 62 -16.46 -17.08 20.32
C ASP F 62 -15.93 -15.88 19.55
N ARG F 63 -15.10 -16.14 18.55
CA ARG F 63 -14.52 -15.12 17.65
C ARG F 63 -13.19 -14.52 18.12
N SER F 64 -12.77 -14.82 19.35
CA SER F 64 -11.44 -14.40 19.77
C SER F 64 -10.34 -15.14 18.97
N PHE F 65 -9.13 -14.60 18.98
CA PHE F 65 -8.02 -15.11 18.19
C PHE F 65 -6.71 -14.68 18.81
N THR F 66 -5.64 -15.36 18.40
CA THR F 66 -4.26 -14.96 18.72
C THR F 66 -3.50 -15.13 17.42
N PHE F 67 -2.31 -14.56 17.35
CA PHE F 67 -1.50 -14.72 16.15
C PHE F 67 -0.03 -14.75 16.54
N VAL F 68 0.78 -15.38 15.70
CA VAL F 68 2.21 -15.37 15.82
C VAL F 68 2.79 -14.99 14.45
N THR F 69 3.76 -14.10 14.46
CA THR F 69 4.46 -13.73 13.24
C THR F 69 5.78 -14.50 13.19
N LYS F 70 6.34 -14.65 11.99
CA LYS F 70 7.64 -15.30 11.83
C LYS F 70 8.68 -14.46 11.07
N THR F 71 9.85 -15.09 10.88
CA THR F 71 10.95 -14.54 10.11
C THR F 71 10.58 -14.53 8.64
N PRO F 72 11.06 -13.53 7.88
CA PRO F 72 10.76 -13.48 6.45
C PRO F 72 11.20 -14.77 5.74
N PRO F 73 10.48 -15.17 4.67
CA PRO F 73 10.91 -16.33 3.86
C PRO F 73 12.39 -16.23 3.51
N ALA F 74 13.07 -17.38 3.44
CA ALA F 74 14.52 -17.43 3.19
C ALA F 74 14.88 -16.82 1.85
N SER F 75 14.01 -17.05 0.86
CA SER F 75 14.16 -16.52 -0.49
C SER F 75 14.06 -14.99 -0.50
N TYR F 76 13.18 -14.43 0.35
CA TYR F 76 13.06 -12.97 0.49
C TYR F 76 14.40 -12.38 0.96
N LEU F 77 15.03 -13.09 1.89
CA LEU F 77 16.25 -12.61 2.54
C LEU F 77 17.44 -12.70 1.59
N ILE F 78 17.59 -13.84 0.92
CA ILE F 78 18.59 -13.99 -0.12
C ILE F 78 18.47 -12.87 -1.17
N ARG F 79 17.26 -12.66 -1.69
CA ARG F 79 17.03 -11.64 -2.72
C ARG F 79 17.30 -10.22 -2.23
N LYS F 80 17.05 -9.98 -0.94
CA LYS F 80 17.30 -8.67 -0.35
C LYS F 80 18.80 -8.39 -0.22
N ALA F 81 19.53 -9.39 0.28
CA ALA F 81 20.99 -9.31 0.45
C ALA F 81 21.72 -9.31 -0.89
N ALA F 82 21.05 -9.80 -1.93
CA ALA F 82 21.61 -9.89 -3.29
C ALA F 82 21.38 -8.61 -4.09
N GLY F 83 20.59 -7.69 -3.55
CA GLY F 83 20.26 -6.44 -4.22
C GLY F 83 19.21 -6.61 -5.30
N LEU F 84 18.46 -7.71 -5.24
CA LEU F 84 17.42 -8.02 -6.24
C LEU F 84 16.12 -7.26 -5.98
N GLU F 85 15.82 -6.27 -6.82
CA GLU F 85 14.61 -5.45 -6.66
C GLU F 85 13.78 -5.31 -7.95
N LYS F 86 12.49 -5.06 -7.76
CA LYS F 86 11.56 -4.71 -8.85
C LYS F 86 11.69 -3.23 -9.27
N GLY F 87 11.21 -2.92 -10.47
CA GLY F 87 11.12 -1.53 -10.93
C GLY F 87 12.24 -1.11 -11.86
N HIS F 89 14.22 -1.88 -14.31
CA HIS F 89 14.97 -2.46 -15.44
C HIS F 89 15.14 -1.46 -16.59
N LYS F 90 15.95 -1.83 -17.58
CA LYS F 90 16.39 -0.87 -18.58
C LYS F 90 16.99 -1.60 -19.79
N PRO F 91 16.90 -1.01 -20.99
CA PRO F 91 17.63 -1.55 -22.15
C PRO F 91 19.14 -1.54 -21.93
N GLY F 92 19.82 -2.54 -22.49
CA GLY F 92 21.27 -2.70 -22.35
C GLY F 92 21.67 -3.51 -21.13
N ARG F 93 22.89 -3.28 -20.67
CA ARG F 93 23.47 -3.94 -19.50
C ARG F 93 22.65 -3.93 -18.21
N GLU F 94 22.49 -5.12 -17.61
CA GLU F 94 22.27 -5.25 -16.15
C GLU F 94 23.19 -6.27 -15.48
N LYS F 95 23.48 -6.00 -14.22
CA LYS F 95 24.31 -6.85 -13.38
C LYS F 95 23.46 -7.91 -12.68
N VAL F 96 24.08 -9.07 -12.49
CA VAL F 96 23.53 -10.19 -11.71
C VAL F 96 23.56 -9.82 -10.20
N GLY F 97 23.12 -10.73 -9.34
CA GLY F 97 23.14 -10.50 -7.89
C GLY F 97 24.26 -11.27 -7.18
N ARG F 98 24.68 -10.76 -6.02
CA ARG F 98 25.73 -11.39 -5.18
C ARG F 98 25.60 -11.08 -3.69
N GLU F 102 29.50 -12.70 1.26
CA GLU F 102 28.79 -13.88 1.75
C GLU F 102 28.03 -13.53 3.03
N GLN F 103 26.76 -13.13 2.85
CA GLN F 103 25.84 -12.88 3.94
C GLN F 103 24.98 -14.13 4.17
N VAL F 104 25.48 -15.27 3.71
CA VAL F 104 24.79 -16.55 3.74
C VAL F 104 24.63 -17.14 5.15
N LEU F 105 25.71 -17.09 5.94
CA LEU F 105 25.76 -17.78 7.23
C LEU F 105 24.75 -17.24 8.25
N GLU F 106 24.66 -15.92 8.34
CA GLU F 106 23.79 -15.27 9.33
C GLU F 106 22.30 -15.35 8.96
N ILE F 107 22.01 -15.48 7.67
CA ILE F 107 20.63 -15.70 7.18
C ILE F 107 20.20 -17.13 7.53
N ALA F 108 21.16 -18.06 7.59
CA ALA F 108 20.90 -19.45 7.97
C ALA F 108 20.44 -19.57 9.44
N LYS F 109 21.03 -18.76 10.32
CA LYS F 109 20.69 -18.78 11.76
C LYS F 109 19.37 -18.10 12.13
N GLN F 110 18.70 -17.54 11.13
CA GLN F 110 17.34 -17.04 11.30
C GLN F 110 16.36 -18.14 10.91
N LYS F 111 16.65 -18.82 9.81
CA LYS F 111 15.77 -19.85 9.25
C LYS F 111 16.06 -21.25 9.79
N MET F 112 16.91 -21.32 10.82
CA MET F 112 17.20 -22.58 11.50
C MET F 112 16.00 -23.08 12.34
N PRO F 113 15.87 -22.62 13.61
CA PRO F 113 14.84 -23.21 14.46
C PRO F 113 13.48 -22.54 14.28
N LEU F 120 21.17 -27.33 14.35
CA LEU F 120 22.38 -26.92 15.05
C LEU F 120 23.45 -26.39 14.10
N GLU F 121 23.46 -26.88 12.86
CA GLU F 121 24.57 -26.57 11.95
C GLU F 121 24.17 -26.11 10.53
N ALA F 122 25.18 -26.03 9.65
CA ALA F 122 25.09 -25.41 8.33
C ALA F 122 24.13 -26.11 7.35
N ALA F 123 23.09 -25.39 6.93
CA ALA F 123 22.10 -25.88 5.97
C ALA F 123 22.62 -25.78 4.53
N ALA F 124 23.91 -26.11 4.37
CA ALA F 124 24.69 -26.02 3.13
C ALA F 124 23.91 -25.93 1.81
N ARG F 125 23.66 -27.08 1.18
CA ARG F 125 23.13 -27.15 -0.20
C ARG F 125 21.80 -26.41 -0.43
N MET F 126 21.13 -26.00 0.65
CA MET F 126 19.88 -25.26 0.49
C MET F 126 19.77 -23.94 1.30
N ILE F 127 20.83 -23.14 1.21
CA ILE F 127 20.76 -21.67 1.37
C ILE F 127 21.79 -21.03 0.46
N ALA F 128 23.02 -21.55 0.49
CA ALA F 128 24.03 -21.17 -0.50
C ALA F 128 23.60 -21.68 -1.86
N GLY F 129 23.02 -22.88 -1.89
CA GLY F 129 22.50 -23.50 -3.10
C GLY F 129 21.14 -23.01 -3.54
N SER F 130 20.40 -22.39 -2.62
CA SER F 130 19.14 -21.71 -2.94
C SER F 130 19.42 -20.43 -3.72
N ALA F 131 20.50 -19.74 -3.32
CA ALA F 131 20.97 -18.54 -3.97
C ALA F 131 21.55 -18.83 -5.36
N ARG F 132 22.23 -19.97 -5.49
CA ARG F 132 22.81 -20.36 -6.77
C ARG F 132 21.72 -20.79 -7.75
N SER F 133 20.63 -21.33 -7.24
CA SER F 133 19.49 -21.70 -8.07
C SER F 133 18.68 -20.46 -8.49
N MET F 134 19.20 -19.27 -8.21
CA MET F 134 18.42 -18.03 -8.28
C MET F 134 18.71 -17.01 -9.42
N GLY F 135 19.87 -17.00 -10.06
CA GLY F 135 21.11 -17.61 -9.63
C GLY F 135 21.98 -16.45 -9.23
N VAL F 136 22.21 -16.35 -7.92
CA VAL F 136 22.96 -15.26 -7.32
C VAL F 136 24.39 -15.74 -7.12
N GLU F 137 25.36 -14.89 -7.44
CA GLU F 137 26.77 -15.22 -7.22
C GLU F 137 27.06 -15.06 -5.73
N VAL F 138 27.88 -15.96 -5.18
CA VAL F 138 28.43 -15.77 -3.84
C VAL F 138 29.93 -15.46 -4.00
N VAL F 139 30.48 -14.66 -3.08
CA VAL F 139 31.84 -14.12 -3.24
C VAL F 139 32.92 -14.83 -2.40
N GLY F 140 32.66 -15.01 -1.11
CA GLY F 140 33.68 -15.57 -0.19
C GLY F 140 33.42 -16.97 0.31
N ALA F 141 32.87 -17.81 -0.58
CA ALA F 141 32.51 -19.20 -0.26
C ALA F 141 33.73 -20.10 0.01
N MET G 1 -41.52 20.99 49.99
CA MET G 1 -42.79 21.43 49.39
C MET G 1 -42.91 22.96 49.40
N TRP G 2 -43.73 23.48 48.48
CA TRP G 2 -44.01 24.91 48.35
C TRP G 2 -45.49 25.25 48.62
N VAL G 3 -45.72 26.49 49.04
CA VAL G 3 -47.08 26.98 49.31
C VAL G 3 -47.42 28.22 48.46
N TYR G 4 -48.63 28.19 47.91
CA TYR G 4 -49.19 29.30 47.16
C TYR G 4 -50.20 30.05 48.01
N ARG G 5 -49.83 31.26 48.41
CA ARG G 5 -50.66 32.05 49.31
C ARG G 5 -51.59 33.00 48.55
N LEU G 6 -52.89 32.88 48.82
CA LEU G 6 -53.95 33.71 48.22
C LEU G 6 -54.82 34.38 49.27
N LYS G 7 -55.13 35.67 49.08
CA LYS G 7 -56.03 36.39 49.99
C LYS G 7 -57.50 35.98 49.82
N GLY G 8 -58.18 35.72 50.95
CA GLY G 8 -59.58 35.30 50.96
C GLY G 8 -59.84 33.93 51.62
N THR G 9 -61.11 33.65 51.92
CA THR G 9 -61.51 32.36 52.48
C THR G 9 -61.73 31.30 51.40
N LEU G 10 -61.81 30.04 51.82
CA LEU G 10 -62.15 28.92 50.93
C LEU G 10 -63.48 29.17 50.22
N GLU G 11 -64.47 29.68 50.97
CA GLU G 11 -65.80 29.99 50.44
C GLU G 11 -65.77 31.09 49.39
N ALA G 12 -64.91 32.09 49.60
CA ALA G 12 -64.79 33.22 48.67
C ALA G 12 -63.99 32.84 47.42
N LEU G 13 -63.02 31.95 47.58
CA LEU G 13 -62.16 31.54 46.47
C LEU G 13 -62.67 30.27 45.77
N ASP G 14 -63.91 29.91 46.06
CA ASP G 14 -64.58 28.74 45.48
C ASP G 14 -64.43 28.62 43.95
N PRO G 15 -64.67 29.72 43.19
CA PRO G 15 -64.56 29.63 41.74
C PRO G 15 -63.21 29.12 41.24
N ILE G 16 -62.12 29.48 41.94
CA ILE G 16 -60.76 29.17 41.47
C ILE G 16 -60.10 27.93 42.11
N LEU G 17 -60.73 27.33 43.11
CA LEU G 17 -60.17 26.19 43.85
C LEU G 17 -59.95 24.90 43.03
N PRO G 18 -60.91 24.54 42.14
CA PRO G 18 -60.63 23.39 41.25
C PRO G 18 -59.44 23.63 40.31
N GLY G 19 -59.24 24.87 39.90
CA GLY G 19 -58.09 25.27 39.08
C GLY G 19 -56.74 25.02 39.74
N LEU G 20 -56.67 25.26 41.06
CA LEU G 20 -55.47 24.99 41.86
C LEU G 20 -55.12 23.49 41.90
N PHE G 21 -56.12 22.65 42.13
CA PHE G 21 -55.95 21.19 42.11
C PHE G 21 -55.58 20.68 40.72
N ASP G 22 -56.12 21.33 39.69
CA ASP G 22 -55.77 21.04 38.31
C ASP G 22 -54.34 21.50 38.01
N GLY G 23 -53.92 22.56 38.71
CA GLY G 23 -52.55 23.09 38.62
C GLY G 23 -51.51 22.28 39.39
N GLY G 24 -51.98 21.28 40.13
CA GLY G 24 -51.10 20.33 40.84
C GLY G 24 -51.13 20.35 42.35
N ALA G 25 -52.04 21.15 42.94
CA ALA G 25 -52.18 21.31 44.40
C ALA G 25 -52.51 19.99 45.09
N ARG G 26 -52.03 19.85 46.32
CA ARG G 26 -52.16 18.59 47.06
C ARG G 26 -53.12 18.74 48.24
N GLY G 27 -53.42 19.99 48.57
CA GLY G 27 -54.28 20.30 49.69
C GLY G 27 -54.39 21.78 49.95
N LEU G 28 -55.57 22.19 50.41
CA LEU G 28 -55.85 23.57 50.77
C LEU G 28 -55.99 23.68 52.28
N TRP G 29 -55.53 24.82 52.81
CA TRP G 29 -55.57 25.10 54.24
C TRP G 29 -55.95 26.57 54.40
N GLU G 30 -57.07 26.80 55.07
CA GLU G 30 -57.55 28.15 55.36
C GLU G 30 -56.92 28.66 56.65
N ARG G 31 -56.10 29.69 56.52
CA ARG G 31 -55.35 30.25 57.64
C ARG G 31 -55.63 31.74 57.82
N GLU G 32 -56.65 32.06 58.61
CA GLU G 32 -56.97 33.44 59.03
C GLU G 32 -56.86 34.50 57.92
N GLY G 33 -57.90 34.58 57.08
CA GLY G 33 -57.95 35.58 56.01
C GLY G 33 -57.20 35.23 54.74
N GLU G 34 -56.61 34.03 54.68
CA GLU G 34 -55.88 33.55 53.50
C GLU G 34 -56.13 32.07 53.25
N VAL G 35 -55.96 31.68 51.98
CA VAL G 35 -55.91 30.26 51.60
C VAL G 35 -54.46 29.88 51.27
N TRP G 36 -54.02 28.76 51.83
CA TRP G 36 -52.68 28.23 51.64
C TRP G 36 -52.75 26.95 50.81
N ALA G 37 -52.28 27.04 49.56
CA ALA G 37 -52.29 25.91 48.61
C ALA G 37 -50.90 25.26 48.48
N PHE G 38 -50.84 23.95 48.64
CA PHE G 38 -49.58 23.23 48.67
C PHE G 38 -49.29 22.45 47.38
N PHE G 39 -48.14 22.75 46.80
CA PHE G 39 -47.64 22.18 45.55
C PHE G 39 -46.23 21.63 45.80
N PRO G 40 -45.82 20.56 45.09
CA PRO G 40 -44.42 20.11 45.06
C PRO G 40 -43.37 21.22 44.75
N ALA G 41 -43.76 22.17 43.88
CA ALA G 41 -42.91 23.28 43.43
C ALA G 41 -43.80 24.39 42.81
N PRO G 42 -43.33 25.65 42.79
CA PRO G 42 -44.17 26.66 42.12
C PRO G 42 -44.48 26.34 40.66
N VAL G 43 -45.75 26.52 40.28
CA VAL G 43 -46.18 26.36 38.90
C VAL G 43 -46.80 27.64 38.34
N ASP G 44 -47.05 27.63 37.03
CA ASP G 44 -47.78 28.69 36.34
C ASP G 44 -49.22 28.78 36.82
N LEU G 45 -49.55 29.91 37.47
CA LEU G 45 -50.90 30.16 37.97
C LEU G 45 -51.29 31.62 37.73
N PRO G 46 -52.48 31.85 37.13
CA PRO G 46 -52.95 33.21 36.87
C PRO G 46 -53.72 33.86 38.05
N TYR G 47 -53.51 33.37 39.27
CA TYR G 47 -54.37 33.73 40.42
C TYR G 47 -53.89 34.89 41.33
N GLU G 48 -52.75 35.49 41.00
CA GLU G 48 -52.19 36.64 41.74
C GLU G 48 -51.85 36.33 43.21
N GLY G 49 -51.63 35.05 43.50
CA GLY G 49 -51.12 34.62 44.81
C GLY G 49 -49.60 34.74 44.90
N VAL G 50 -49.04 34.16 45.95
CA VAL G 50 -47.60 34.27 46.18
C VAL G 50 -46.98 32.92 46.60
N TRP G 51 -45.71 32.71 46.24
CA TRP G 51 -45.02 31.43 46.50
C TRP G 51 -44.00 31.51 47.64
N GLU G 52 -44.10 30.55 48.55
CA GLU G 52 -43.19 30.38 49.70
C GLU G 52 -42.82 28.91 49.90
N GLU G 53 -41.60 28.68 50.40
CA GLU G 53 -41.11 27.33 50.68
C GLU G 53 -41.39 26.92 52.14
N VAL G 54 -42.03 25.77 52.34
CA VAL G 54 -42.36 25.34 53.71
C VAL G 54 -41.12 24.79 54.42
N GLY G 55 -40.93 25.20 55.67
CA GLY G 55 -39.98 24.55 56.57
C GLY G 55 -40.60 23.28 57.14
N ASP G 56 -39.96 22.14 56.88
CA ASP G 56 -40.52 20.82 57.19
C ASP G 56 -40.33 20.34 58.63
N GLU G 57 -39.33 20.88 59.32
CA GLU G 57 -38.86 20.33 60.61
C GLU G 57 -39.91 20.11 61.69
N ASP G 58 -40.74 21.14 61.93
CA ASP G 58 -41.77 21.11 62.96
C ASP G 58 -42.87 20.05 62.73
N TRP G 59 -43.32 19.90 61.48
CA TRP G 59 -44.38 18.93 61.17
C TRP G 59 -43.92 17.45 61.08
N LEU G 60 -42.62 17.24 60.86
CA LEU G 60 -42.00 15.93 61.02
C LEU G 60 -41.72 15.73 62.50
N GLU G 61 -42.65 15.09 63.21
CA GLU G 61 -42.67 15.08 64.69
C GLU G 61 -42.78 16.54 65.10
N ALA G 62 -43.99 17.11 65.16
CA ALA G 62 -45.33 16.48 65.03
C ALA G 62 -45.54 15.01 64.61
N TRP G 63 -45.34 14.70 63.33
CA TRP G 63 -45.68 13.39 62.76
C TRP G 63 -44.97 12.19 63.42
N ARG G 64 -43.65 12.27 63.50
CA ARG G 64 -42.79 11.20 64.00
C ARG G 64 -42.91 10.93 65.50
N ARG G 65 -43.36 11.91 66.27
CA ARG G 65 -43.47 11.80 67.72
C ARG G 65 -44.45 10.72 68.16
N ASP G 66 -45.55 10.59 67.43
CA ASP G 66 -46.63 9.66 67.78
C ASP G 66 -46.52 8.27 67.14
N LEU G 67 -45.48 8.06 66.33
CA LEU G 67 -45.33 6.77 65.70
C LEU G 67 -44.69 5.83 66.70
N LYS G 68 -45.19 4.61 66.72
CA LYS G 68 -44.81 3.65 67.76
C LYS G 68 -44.34 2.31 67.19
N PRO G 69 -43.49 1.57 67.94
CA PRO G 69 -43.17 0.21 67.49
C PRO G 69 -44.43 -0.63 67.16
N ALA G 70 -44.34 -1.49 66.16
CA ALA G 70 -45.49 -2.30 65.75
C ALA G 70 -45.11 -3.77 65.73
N LEU G 71 -45.72 -4.53 66.62
CA LEU G 71 -45.54 -5.96 66.65
C LEU G 71 -46.04 -6.59 65.37
N ALA G 72 -45.21 -7.46 64.81
CA ALA G 72 -45.56 -8.30 63.69
C ALA G 72 -44.85 -9.62 63.89
N PRO G 73 -45.32 -10.43 64.86
CA PRO G 73 -44.60 -11.64 65.27
C PRO G 73 -44.14 -12.49 64.06
N PRO G 74 -42.90 -13.01 64.09
CA PRO G 74 -41.83 -12.97 65.12
C PRO G 74 -41.00 -11.69 65.16
N PHE G 75 -41.46 -10.64 64.47
CA PHE G 75 -40.76 -9.36 64.38
C PHE G 75 -41.41 -8.21 65.19
N VAL G 76 -40.64 -7.13 65.37
CA VAL G 76 -41.15 -5.81 65.74
C VAL G 76 -40.66 -4.78 64.70
N VAL G 77 -41.57 -3.96 64.18
CA VAL G 77 -41.20 -2.95 63.17
C VAL G 77 -40.92 -1.66 63.92
N LEU G 78 -39.67 -1.21 63.80
CA LEU G 78 -39.14 -0.07 64.51
C LEU G 78 -38.78 1.06 63.54
N ALA G 79 -39.02 2.29 64.00
CA ALA G 79 -38.42 3.48 63.40
C ALA G 79 -36.96 3.59 63.88
N PRO G 80 -36.09 4.24 63.08
CA PRO G 80 -34.67 4.37 63.52
C PRO G 80 -34.45 5.01 64.90
N TRP G 81 -35.33 5.93 65.30
CA TRP G 81 -35.19 6.64 66.57
C TRP G 81 -35.84 5.90 67.74
N HIS G 82 -36.41 4.72 67.49
CA HIS G 82 -37.14 4.02 68.54
C HIS G 82 -36.24 3.40 69.62
N THR G 83 -36.64 3.67 70.85
CA THR G 83 -35.93 3.29 72.06
C THR G 83 -36.39 1.91 72.59
N TRP G 84 -36.75 1.01 71.69
CA TRP G 84 -37.30 -0.30 72.03
C TRP G 84 -36.25 -1.32 72.46
N GLU G 85 -36.60 -2.22 73.40
CA GLU G 85 -35.69 -3.23 73.93
C GLU G 85 -36.01 -4.76 73.81
N GLY G 86 -37.24 -5.20 73.97
CA GLY G 86 -37.57 -6.66 74.01
C GLY G 86 -36.91 -7.84 73.27
N ALA G 87 -37.71 -8.87 73.01
CA ALA G 87 -37.23 -10.15 72.49
C ALA G 87 -37.50 -10.44 70.99
N GLU G 88 -38.38 -9.67 70.36
CA GLU G 88 -38.74 -9.94 68.97
C GLU G 88 -37.58 -9.54 68.05
N ILE G 89 -37.59 -10.05 66.83
CA ILE G 89 -36.56 -9.68 65.88
C ILE G 89 -36.87 -8.27 65.35
N PRO G 90 -35.93 -7.34 65.56
CA PRO G 90 -36.16 -5.99 65.06
C PRO G 90 -36.05 -5.89 63.54
N LEU G 91 -36.92 -5.08 62.97
CA LEU G 91 -36.90 -4.73 61.57
C LEU G 91 -36.98 -3.22 61.58
N VAL G 92 -35.87 -2.54 61.26
CA VAL G 92 -35.86 -1.09 61.22
C VAL G 92 -36.27 -0.55 59.83
N ILE G 93 -37.33 0.24 59.80
CA ILE G 93 -37.90 0.78 58.58
C ILE G 93 -38.11 2.29 58.79
N GLU G 94 -37.61 3.12 57.88
CA GLU G 94 -37.84 4.55 57.97
C GLU G 94 -39.24 4.86 57.48
N PRO G 95 -40.10 5.38 58.38
CA PRO G 95 -41.45 5.73 57.94
C PRO G 95 -41.36 6.77 56.83
N GLY G 96 -42.28 6.72 55.88
CA GLY G 96 -42.22 7.63 54.72
C GLY G 96 -43.58 8.22 54.37
N GLY G 100 -50.48 3.56 53.32
CA GLY G 100 -51.22 2.49 52.67
C GLY G 100 -52.34 2.03 53.58
N THR G 101 -53.55 1.98 53.01
CA THR G 101 -54.78 1.71 53.78
C THR G 101 -54.65 0.58 54.82
N GLY G 102 -54.34 -0.63 54.38
CA GLY G 102 -54.14 -1.73 55.33
C GLY G 102 -52.71 -2.21 55.39
N HIS G 103 -51.76 -1.25 55.34
CA HIS G 103 -50.33 -1.56 55.27
C HIS G 103 -49.84 -2.37 56.47
N ALA G 104 -50.21 -1.93 57.67
CA ALA G 104 -49.86 -2.61 58.92
C ALA G 104 -50.40 -4.03 59.00
N GLU G 105 -51.69 -4.20 58.73
CA GLU G 105 -52.31 -5.50 58.77
C GLU G 105 -51.69 -6.48 57.79
N THR G 106 -51.46 -6.02 56.56
CA THR G 106 -51.01 -6.90 55.49
C THR G 106 -49.53 -7.22 55.63
N THR G 107 -48.76 -6.24 56.08
CA THR G 107 -47.33 -6.44 56.42
C THR G 107 -47.20 -7.47 57.54
N ARG G 108 -48.07 -7.34 58.54
CA ARG G 108 -48.11 -8.22 59.68
C ARG G 108 -48.41 -9.67 59.24
N LEU G 109 -49.47 -9.86 58.46
CA LEU G 109 -49.80 -11.13 57.85
C LEU G 109 -48.67 -11.68 56.98
N ALA G 110 -48.13 -10.84 56.10
CA ALA G 110 -47.00 -11.25 55.27
C ALA G 110 -45.77 -11.69 56.09
N LEU G 111 -45.41 -10.93 57.13
CA LEU G 111 -44.21 -11.26 57.93
C LEU G 111 -44.38 -12.60 58.66
N LYS G 112 -45.57 -12.78 59.22
CA LYS G 112 -45.92 -14.01 59.91
C LYS G 112 -45.83 -15.25 58.99
N ALA G 113 -46.48 -15.17 57.82
CA ALA G 113 -46.38 -16.23 56.81
C ALA G 113 -44.95 -16.49 56.34
N LEU G 114 -44.22 -15.42 56.07
CA LEU G 114 -42.82 -15.51 55.63
C LEU G 114 -42.03 -16.35 56.62
N ALA G 115 -42.10 -15.95 57.88
CA ALA G 115 -41.40 -16.64 58.97
C ALA G 115 -41.81 -18.11 59.09
N ARG G 116 -43.08 -18.39 58.85
CA ARG G 116 -43.61 -19.75 58.89
C ARG G 116 -43.17 -20.65 57.73
N HIS G 117 -43.00 -20.09 56.53
CA HIS G 117 -42.76 -20.91 55.33
C HIS G 117 -41.30 -20.94 54.89
N LEU G 118 -40.58 -19.87 55.18
CA LEU G 118 -39.18 -19.73 54.79
C LEU G 118 -38.25 -20.73 55.46
N ARG G 119 -37.40 -21.37 54.66
CA ARG G 119 -36.27 -22.14 55.17
C ARG G 119 -34.96 -21.38 54.87
N PRO G 120 -34.03 -21.27 55.85
CA PRO G 120 -32.71 -20.70 55.53
C PRO G 120 -32.09 -21.26 54.23
N GLY G 121 -31.55 -20.36 53.42
CA GLY G 121 -31.05 -20.74 52.08
C GLY G 121 -32.07 -20.65 50.94
N ASP G 122 -33.37 -20.52 51.25
CA ASP G 122 -34.39 -20.34 50.20
C ASP G 122 -34.13 -19.09 49.40
N LYS G 123 -34.35 -19.19 48.09
CA LYS G 123 -34.39 -18.00 47.26
C LYS G 123 -35.79 -17.37 47.34
N VAL G 124 -35.82 -16.10 47.69
CA VAL G 124 -37.07 -15.38 47.90
C VAL G 124 -37.26 -14.24 46.91
N LEU G 125 -38.41 -14.24 46.23
CA LEU G 125 -38.85 -13.06 45.48
C LEU G 125 -39.93 -12.27 46.25
N ASP G 126 -39.65 -10.99 46.45
CA ASP G 126 -40.57 -10.04 47.05
C ASP G 126 -41.05 -9.17 45.92
N LEU G 127 -42.27 -9.45 45.46
CA LEU G 127 -42.85 -8.74 44.33
C LEU G 127 -43.59 -7.48 44.81
N GLY G 128 -43.22 -6.30 44.30
CA GLY G 128 -43.77 -5.03 44.80
C GLY G 128 -43.09 -4.63 46.12
N THR G 129 -41.75 -4.74 46.15
CA THR G 129 -40.99 -4.58 47.40
C THR G 129 -41.28 -3.29 48.20
N GLY G 130 -41.51 -2.18 47.50
CA GLY G 130 -41.83 -0.89 48.11
C GLY G 130 -40.70 -0.42 49.01
N SER G 131 -40.99 -0.33 50.31
CA SER G 131 -40.04 0.07 51.34
C SER G 131 -38.95 -0.97 51.54
N GLY G 132 -39.25 -2.20 51.14
CA GLY G 132 -38.31 -3.30 51.21
C GLY G 132 -38.44 -4.21 52.41
N VAL G 133 -39.34 -3.90 53.32
CA VAL G 133 -39.52 -4.62 54.59
C VAL G 133 -39.49 -6.16 54.48
N LEU G 134 -40.15 -6.71 53.47
CA LEU G 134 -40.31 -8.15 53.38
C LEU G 134 -39.04 -8.85 52.88
N ALA G 135 -38.34 -8.21 51.94
CA ALA G 135 -37.05 -8.72 51.44
C ALA G 135 -35.95 -8.60 52.51
N ILE G 136 -36.02 -7.51 53.28
CA ILE G 136 -35.15 -7.32 54.45
C ILE G 136 -35.42 -8.39 55.49
N ALA G 137 -36.69 -8.64 55.82
CA ALA G 137 -37.06 -9.72 56.76
C ALA G 137 -36.60 -11.08 56.27
N ALA G 138 -36.82 -11.36 55.00
CA ALA G 138 -36.37 -12.62 54.38
C ALA G 138 -34.87 -12.83 54.59
N GLU G 139 -34.08 -11.79 54.32
CA GLU G 139 -32.63 -11.84 54.56
C GLU G 139 -32.31 -12.02 56.04
N LYS G 140 -33.04 -11.35 56.93
CA LYS G 140 -32.81 -11.55 58.37
C LYS G 140 -32.99 -13.01 58.78
N LEU G 141 -33.93 -13.68 58.12
CA LEU G 141 -34.32 -15.07 58.37
C LEU G 141 -33.44 -16.13 57.66
N GLY G 142 -32.43 -15.69 56.91
CA GLY G 142 -31.52 -16.58 56.17
C GLY G 142 -31.91 -16.86 54.73
N GLY G 143 -32.82 -16.04 54.20
CA GLY G 143 -33.31 -16.20 52.85
C GLY G 143 -32.42 -15.38 51.96
N LYS G 144 -32.39 -15.72 50.68
CA LYS G 144 -31.61 -15.00 49.69
C LYS G 144 -32.64 -14.29 48.84
N ALA G 145 -32.75 -12.97 49.01
CA ALA G 145 -33.94 -12.26 48.54
C ALA G 145 -33.67 -11.30 47.40
N LEU G 146 -34.62 -11.29 46.46
CA LEU G 146 -34.71 -10.26 45.45
C LEU G 146 -36.02 -9.51 45.65
N GLY G 147 -35.92 -8.18 45.75
CA GLY G 147 -37.09 -7.34 45.78
C GLY G 147 -37.16 -6.54 44.51
N VAL G 148 -38.29 -6.66 43.79
CA VAL G 148 -38.53 -5.85 42.58
C VAL G 148 -39.68 -4.88 42.76
N ASP G 149 -39.59 -3.74 42.11
CA ASP G 149 -40.73 -2.82 42.08
C ASP G 149 -40.72 -2.08 40.74
N ILE G 150 -41.90 -1.93 40.14
CA ILE G 150 -42.05 -1.17 38.89
C ILE G 150 -41.78 0.32 39.06
N ASP G 151 -41.84 0.79 40.30
CA ASP G 151 -41.51 2.17 40.61
C ASP G 151 -40.04 2.28 41.09
N PRO G 152 -39.15 2.82 40.25
CA PRO G 152 -37.72 2.94 40.61
C PRO G 152 -37.46 3.93 41.73
N MET G 153 -38.43 4.80 41.99
CA MET G 153 -38.27 5.84 42.98
C MET G 153 -38.30 5.28 44.41
N VAL G 154 -38.83 4.07 44.59
CA VAL G 154 -38.81 3.44 45.90
C VAL G 154 -37.50 2.70 46.21
N LEU G 155 -36.65 2.52 45.20
CA LEU G 155 -35.40 1.74 45.38
C LEU G 155 -34.35 2.39 46.33
N PRO G 156 -34.09 3.70 46.21
CA PRO G 156 -33.17 4.26 47.19
C PRO G 156 -33.64 4.08 48.65
N GLN G 157 -34.95 4.11 48.87
CA GLN G 157 -35.51 3.98 50.21
C GLN G 157 -35.43 2.55 50.70
N ALA G 158 -35.61 1.60 49.79
CA ALA G 158 -35.43 0.17 50.13
C ALA G 158 -33.98 -0.14 50.45
N GLU G 159 -33.06 0.45 49.69
CA GLU G 159 -31.63 0.29 49.98
C GLU G 159 -31.30 0.87 51.34
N ALA G 160 -31.89 2.03 51.65
CA ALA G 160 -31.61 2.69 52.90
C ALA G 160 -32.09 1.85 54.10
N ASN G 161 -33.26 1.22 53.99
CA ASN G 161 -33.83 0.42 55.07
C ASN G 161 -33.04 -0.86 55.32
N ALA G 162 -32.55 -1.45 54.24
CA ALA G 162 -31.70 -2.65 54.30
C ALA G 162 -30.39 -2.42 55.05
N LYS G 163 -29.76 -1.27 54.80
CA LYS G 163 -28.52 -0.86 55.53
C LYS G 163 -28.80 -0.78 57.04
N ARG G 164 -29.98 -0.25 57.40
CA ARG G 164 -30.44 -0.11 58.80
C ARG G 164 -30.57 -1.43 59.53
N ASN G 165 -30.55 -2.52 58.78
CA ASN G 165 -30.81 -3.86 59.27
C ASN G 165 -29.65 -4.78 59.09
N GLY G 166 -28.60 -4.28 58.44
CA GLY G 166 -27.38 -5.04 58.20
C GLY G 166 -27.55 -6.19 57.22
N VAL G 167 -28.44 -6.04 56.25
CA VAL G 167 -28.63 -7.09 55.23
C VAL G 167 -28.54 -6.45 53.84
N ARG G 168 -28.23 -7.26 52.83
CA ARG G 168 -28.16 -6.80 51.43
C ARG G 168 -28.93 -7.71 50.50
N PRO G 169 -30.29 -7.55 50.43
CA PRO G 169 -31.01 -8.22 49.35
C PRO G 169 -30.62 -7.56 48.06
N ARG G 170 -31.03 -8.16 46.97
CA ARG G 170 -30.91 -7.52 45.68
C ARG G 170 -32.22 -6.74 45.44
N PHE G 171 -32.12 -5.47 45.04
CA PHE G 171 -33.27 -4.67 44.66
C PHE G 171 -33.15 -4.19 43.22
N LEU G 172 -34.21 -4.33 42.45
CA LEU G 172 -34.18 -4.07 41.02
C LEU G 172 -35.49 -3.46 40.57
N GLU G 173 -35.43 -2.54 39.61
CA GLU G 173 -36.64 -1.96 39.04
C GLU G 173 -37.28 -3.02 38.15
N GLY G 174 -38.59 -3.20 38.21
CA GLY G 174 -39.23 -4.18 37.37
C GLY G 174 -40.27 -5.03 38.07
N SER G 175 -40.68 -6.11 37.43
CA SER G 175 -41.71 -6.96 37.99
C SER G 175 -41.25 -8.40 37.78
N LEU G 176 -42.18 -9.29 37.45
CA LEU G 176 -41.86 -10.70 37.27
C LEU G 176 -40.88 -10.99 36.12
N GLU G 177 -40.99 -10.25 35.01
CA GLU G 177 -40.09 -10.42 33.87
C GLU G 177 -38.63 -10.14 34.26
N ALA G 178 -38.44 -9.05 35.01
CA ALA G 178 -37.13 -8.64 35.50
C ALA G 178 -36.54 -9.63 36.52
N ALA G 179 -37.42 -10.26 37.31
CA ALA G 179 -37.03 -11.26 38.32
C ALA G 179 -36.60 -12.57 37.70
N LEU G 180 -37.17 -12.90 36.54
CA LEU G 180 -36.92 -14.17 35.83
C LEU G 180 -35.47 -14.73 35.72
N PRO G 181 -34.48 -13.92 35.29
CA PRO G 181 -33.06 -14.36 35.22
C PRO G 181 -32.42 -14.71 36.56
N PHE G 182 -33.06 -14.27 37.64
CA PHE G 182 -32.57 -14.42 39.00
C PHE G 182 -33.25 -15.57 39.71
N GLY G 183 -34.34 -16.08 39.13
CA GLY G 183 -35.02 -17.24 39.67
C GLY G 183 -34.53 -18.50 38.99
N PRO G 184 -35.29 -19.61 39.09
CA PRO G 184 -36.57 -19.70 39.79
C PRO G 184 -36.42 -19.58 41.31
N PHE G 185 -37.48 -19.15 41.98
CA PHE G 185 -37.48 -18.95 43.44
C PHE G 185 -38.15 -20.09 44.22
N ASP G 186 -37.75 -20.22 45.47
CA ASP G 186 -38.36 -21.14 46.40
C ASP G 186 -39.65 -20.57 46.96
N LEU G 187 -39.66 -19.25 47.11
CA LEU G 187 -40.74 -18.58 47.83
C LEU G 187 -41.01 -17.20 47.22
N LEU G 188 -42.28 -16.94 46.95
CA LEU G 188 -42.69 -15.66 46.46
C LEU G 188 -43.58 -15.03 47.53
N VAL G 189 -43.33 -13.76 47.81
CA VAL G 189 -44.13 -13.03 48.76
C VAL G 189 -44.57 -11.76 48.02
N ALA G 190 -45.87 -11.51 47.99
CA ALA G 190 -46.41 -10.41 47.23
C ALA G 190 -47.58 -9.77 47.97
N ASN G 191 -47.33 -8.58 48.51
CA ASN G 191 -48.32 -7.74 49.16
C ASN G 191 -48.73 -6.70 48.12
N LEU G 192 -49.74 -7.05 47.35
CA LEU G 192 -50.20 -6.24 46.26
C LEU G 192 -51.71 -5.99 46.44
N TYR G 193 -52.54 -6.55 45.56
CA TYR G 193 -54.02 -6.45 45.66
C TYR G 193 -54.67 -7.53 44.80
N ALA G 194 -55.92 -7.87 45.10
CA ALA G 194 -56.60 -9.01 44.46
C ALA G 194 -56.51 -9.06 42.93
N GLU G 195 -56.79 -7.94 42.26
CA GLU G 195 -56.83 -7.91 40.80
C GLU G 195 -55.48 -8.24 40.15
N LEU G 196 -54.40 -7.69 40.72
CA LEU G 196 -53.07 -7.94 40.18
C LEU G 196 -52.65 -9.39 40.42
N HIS G 197 -52.91 -9.94 41.60
CA HIS G 197 -52.58 -11.33 41.89
C HIS G 197 -53.29 -12.22 40.89
N ALA G 198 -54.58 -11.99 40.69
CA ALA G 198 -55.35 -12.79 39.77
C ALA G 198 -54.81 -12.72 38.31
N ALA G 199 -54.53 -11.53 37.82
CA ALA G 199 -53.93 -11.33 36.48
C ALA G 199 -52.56 -12.01 36.32
N LEU G 200 -51.84 -12.12 37.42
CA LEU G 200 -50.46 -12.58 37.39
C LEU G 200 -50.27 -14.06 37.79
N ALA G 201 -51.33 -14.68 38.31
CA ALA G 201 -51.27 -16.07 38.79
C ALA G 201 -50.52 -17.08 37.89
N PRO G 202 -50.82 -17.10 36.56
CA PRO G 202 -50.07 -18.03 35.71
C PRO G 202 -48.56 -17.77 35.66
N ARG G 203 -48.14 -16.53 35.86
CA ARG G 203 -46.74 -16.21 35.82
C ARG G 203 -46.07 -16.37 37.19
N TYR G 204 -46.88 -16.35 38.25
CA TYR G 204 -46.43 -16.79 39.58
C TYR G 204 -45.88 -18.20 39.54
N ARG G 205 -46.63 -19.09 38.90
CA ARG G 205 -46.24 -20.48 38.79
C ARG G 205 -44.90 -20.61 38.10
N GLU G 206 -44.71 -19.87 37.02
CA GLU G 206 -43.45 -19.98 36.31
C GLU G 206 -42.24 -19.33 37.03
N ALA G 207 -42.52 -18.51 38.03
CA ALA G 207 -41.49 -17.86 38.84
C ALA G 207 -40.91 -18.81 39.87
N LEU G 208 -41.62 -19.91 40.13
CA LEU G 208 -41.29 -20.82 41.23
C LEU G 208 -40.77 -22.17 40.77
N VAL G 209 -39.85 -22.73 41.56
CA VAL G 209 -39.42 -24.12 41.44
C VAL G 209 -40.61 -25.00 41.79
N PRO G 210 -40.63 -26.25 41.28
CA PRO G 210 -41.59 -27.25 41.74
C PRO G 210 -41.60 -27.32 43.26
N GLY G 211 -42.78 -27.35 43.87
CA GLY G 211 -42.89 -27.38 45.33
C GLY G 211 -42.70 -26.02 45.97
N GLY G 212 -42.46 -25.00 45.14
CA GLY G 212 -42.30 -23.64 45.63
C GLY G 212 -43.58 -23.06 46.20
N ARG G 213 -43.42 -22.01 46.99
CA ARG G 213 -44.54 -21.37 47.70
C ARG G 213 -44.75 -19.91 47.34
N ALA G 214 -46.03 -19.54 47.22
CA ALA G 214 -46.47 -18.16 46.97
C ALA G 214 -47.29 -17.68 48.16
N LEU G 215 -46.92 -16.54 48.73
CA LEU G 215 -47.64 -15.93 49.84
C LEU G 215 -48.23 -14.60 49.38
N LEU G 216 -49.55 -14.58 49.27
CA LEU G 216 -50.22 -13.50 48.60
C LEU G 216 -51.07 -12.71 49.57
N THR G 217 -50.82 -11.41 49.69
CA THR G 217 -51.64 -10.55 50.56
C THR G 217 -51.92 -9.15 49.93
N GLY G 218 -52.45 -8.23 50.73
CA GLY G 218 -53.08 -7.00 50.20
C GLY G 218 -54.47 -7.27 49.60
N ILE G 219 -54.98 -8.48 49.85
CA ILE G 219 -56.24 -8.96 49.30
C ILE G 219 -57.37 -8.67 50.31
N LEU G 220 -58.29 -7.77 49.95
CA LEU G 220 -59.60 -7.64 50.66
C LEU G 220 -60.27 -8.99 50.74
N LYS G 221 -60.80 -9.32 51.92
CA LYS G 221 -61.42 -10.64 52.15
C LYS G 221 -62.53 -11.00 51.16
N ASP G 222 -63.22 -9.99 50.66
CA ASP G 222 -64.35 -10.32 49.77
C ASP G 222 -63.94 -10.37 48.29
N ARG G 223 -62.70 -10.01 47.98
CA ARG G 223 -62.13 -10.29 46.66
C ARG G 223 -61.24 -11.53 46.64
N ALA G 224 -61.18 -12.24 47.77
CA ALA G 224 -60.37 -13.46 47.87
C ALA G 224 -60.73 -14.52 46.84
N PRO G 225 -62.04 -14.74 46.57
CA PRO G 225 -62.45 -15.71 45.53
C PRO G 225 -61.83 -15.49 44.15
N LEU G 226 -61.76 -14.23 43.71
CA LEU G 226 -61.03 -13.88 42.49
C LEU G 226 -59.64 -14.52 42.48
N VAL G 227 -58.91 -14.38 43.61
CA VAL G 227 -57.54 -14.91 43.73
C VAL G 227 -57.49 -16.45 43.89
N ARG G 228 -58.41 -17.02 44.66
CA ARG G 228 -58.49 -18.47 44.81
C ARG G 228 -58.70 -19.18 43.47
N GLU G 229 -59.68 -18.68 42.73
CA GLU G 229 -60.00 -19.04 41.34
C GLU G 229 -58.76 -18.97 40.42
N ALA G 230 -58.17 -17.80 40.33
CA ALA G 230 -57.00 -17.61 39.47
C ALA G 230 -55.82 -18.53 39.88
N MET G 231 -55.57 -18.65 41.18
CA MET G 231 -54.51 -19.53 41.69
C MET G 231 -54.83 -21.01 41.45
N ALA G 232 -56.08 -21.42 41.66
CA ALA G 232 -56.53 -22.79 41.33
C ALA G 232 -56.34 -23.08 39.87
N GLY G 233 -56.75 -22.15 39.00
CA GLY G 233 -56.63 -22.33 37.56
C GLY G 233 -55.20 -22.34 37.04
N ALA G 234 -54.27 -21.83 37.84
CA ALA G 234 -52.86 -21.77 37.48
C ALA G 234 -52.12 -23.03 37.91
N GLY G 235 -52.79 -23.95 38.58
CA GLY G 235 -52.19 -25.21 39.03
C GLY G 235 -51.66 -25.21 40.46
N PHE G 236 -52.09 -24.24 41.26
CA PHE G 236 -51.64 -24.13 42.65
C PHE G 236 -52.50 -24.91 43.63
N ARG G 237 -51.87 -25.44 44.68
CA ARG G 237 -52.58 -26.06 45.81
C ARG G 237 -52.67 -25.02 46.93
N PRO G 238 -53.86 -24.85 47.55
CA PRO G 238 -53.95 -23.97 48.70
C PRO G 238 -53.31 -24.64 49.89
N LEU G 239 -52.63 -23.83 50.69
CA LEU G 239 -51.92 -24.34 51.83
C LEU G 239 -52.62 -23.90 53.10
N GLU G 240 -52.89 -22.61 53.20
CA GLU G 240 -53.53 -22.04 54.39
C GLU G 240 -53.83 -20.58 54.14
N GLU G 241 -54.82 -20.07 54.87
CA GLU G 241 -55.19 -18.69 54.80
C GLU G 241 -55.07 -18.09 56.19
N ALA G 242 -54.92 -16.78 56.22
CA ALA G 242 -54.80 -16.02 57.43
C ALA G 242 -55.59 -14.75 57.19
N ALA G 243 -56.21 -14.21 58.23
CA ALA G 243 -57.00 -13.00 58.10
C ALA G 243 -56.63 -12.02 59.17
N GLU G 244 -56.77 -10.75 58.83
CA GLU G 244 -56.60 -9.70 59.81
C GLU G 244 -57.44 -8.50 59.37
N GLY G 245 -58.54 -8.26 60.07
CA GLY G 245 -59.48 -7.20 59.70
C GLY G 245 -60.18 -7.45 58.39
N GLU G 246 -59.99 -6.53 57.45
CA GLU G 246 -60.56 -6.62 56.08
C GLU G 246 -59.73 -7.48 55.12
N TRP G 247 -58.56 -7.92 55.58
CA TRP G 247 -57.49 -8.41 54.74
C TRP G 247 -57.20 -9.88 54.95
N VAL G 248 -56.82 -10.55 53.88
CA VAL G 248 -56.42 -11.94 53.99
C VAL G 248 -55.04 -12.16 53.39
N LEU G 249 -54.41 -13.27 53.79
CA LEU G 249 -53.21 -13.72 53.14
C LEU G 249 -53.57 -15.13 52.69
N LEU G 250 -53.38 -15.40 51.40
CA LEU G 250 -53.59 -16.73 50.85
C LEU G 250 -52.23 -17.30 50.44
N ALA G 251 -51.97 -18.52 50.82
CA ALA G 251 -50.70 -19.18 50.63
C ALA G 251 -50.89 -20.39 49.74
N TYR G 252 -49.95 -20.60 48.83
CA TYR G 252 -50.07 -21.64 47.82
C TYR G 252 -48.77 -22.36 47.59
N GLY G 253 -48.89 -23.61 47.15
CA GLY G 253 -47.75 -24.43 46.77
C GLY G 253 -47.89 -24.88 45.34
N ARG G 254 -46.80 -24.87 44.60
CA ARG G 254 -46.82 -25.48 43.29
C ARG G 254 -45.96 -26.77 43.25
N MET H 1 -64.33 20.71 78.95
CA MET H 1 -65.38 19.65 78.97
C MET H 1 -66.23 19.52 77.68
N LYS H 2 -65.63 19.66 76.49
CA LYS H 2 -64.20 19.87 76.28
C LYS H 2 -63.89 21.29 75.79
N LYS H 3 -62.61 21.66 75.87
CA LYS H 3 -62.12 22.96 75.41
C LYS H 3 -61.56 22.82 73.99
N VAL H 4 -62.05 23.67 73.08
CA VAL H 4 -61.61 23.66 71.68
C VAL H 4 -60.49 24.70 71.46
N VAL H 5 -59.32 24.25 70.99
CA VAL H 5 -58.18 25.13 70.74
C VAL H 5 -58.07 25.58 69.29
N ALA H 6 -58.72 24.84 68.40
CA ALA H 6 -58.75 25.14 66.96
C ALA H 6 -59.86 24.37 66.24
N VAL H 7 -60.39 25.00 65.19
CA VAL H 7 -61.24 24.31 64.21
C VAL H 7 -60.64 24.51 62.82
N VAL H 8 -59.98 23.47 62.32
CA VAL H 8 -59.13 23.58 61.13
C VAL H 8 -59.91 23.25 59.86
N LYS H 9 -59.75 24.10 58.84
CA LYS H 9 -60.44 23.93 57.58
C LYS H 9 -59.48 23.57 56.45
N LEU H 10 -59.64 22.35 55.95
CA LEU H 10 -58.81 21.83 54.86
C LEU H 10 -59.66 21.41 53.68
N GLN H 11 -59.06 21.41 52.50
CA GLN H 11 -59.62 20.71 51.37
C GLN H 11 -58.58 19.74 50.81
N LEU H 12 -58.97 18.47 50.74
CA LEU H 12 -58.07 17.39 50.37
C LEU H 12 -58.74 16.52 49.32
N PRO H 13 -57.95 15.95 48.38
CA PRO H 13 -58.44 14.89 47.50
C PRO H 13 -58.82 13.62 48.28
N ALA H 14 -59.94 13.01 47.91
CA ALA H 14 -60.48 11.83 48.60
C ALA H 14 -59.53 10.65 48.62
N GLY H 15 -59.39 10.05 49.80
CA GLY H 15 -58.57 8.86 50.01
C GLY H 15 -57.08 9.02 49.80
N LYS H 16 -56.58 10.25 49.84
CA LYS H 16 -55.17 10.56 49.57
C LYS H 16 -54.53 11.49 50.60
N ALA H 17 -55.00 11.45 51.84
CA ALA H 17 -54.38 12.19 52.94
C ALA H 17 -53.04 11.55 53.33
N THR H 18 -52.06 12.41 53.62
CA THR H 18 -50.74 12.00 54.07
C THR H 18 -50.25 12.95 55.20
N PRO H 19 -49.12 12.60 55.87
CA PRO H 19 -48.52 13.50 56.87
C PRO H 19 -48.09 14.86 56.27
N ALA H 20 -47.82 14.86 54.96
CA ALA H 20 -47.35 16.04 54.22
C ALA H 20 -48.35 17.20 54.24
N PRO H 21 -47.85 18.45 54.15
CA PRO H 21 -48.72 19.64 54.16
C PRO H 21 -49.95 19.52 53.24
N PRO H 22 -51.14 19.96 53.72
CA PRO H 22 -51.34 20.79 54.91
C PRO H 22 -51.42 20.04 56.25
N VAL H 23 -51.54 18.72 56.19
CA VAL H 23 -51.95 17.92 57.36
C VAL H 23 -50.95 18.00 58.52
N GLY H 24 -49.69 17.71 58.23
CA GLY H 24 -48.59 17.79 59.20
C GLY H 24 -48.63 19.10 59.97
N PRO H 25 -48.35 20.23 59.29
CA PRO H 25 -48.44 21.53 59.96
C PRO H 25 -49.81 21.79 60.63
N ALA H 26 -50.91 21.58 59.91
CA ALA H 26 -52.25 21.95 60.39
C ALA H 26 -52.62 21.32 61.73
N LEU H 27 -52.34 20.02 61.87
CA LEU H 27 -52.66 19.30 63.10
C LEU H 27 -51.49 19.31 64.07
N GLY H 28 -50.28 19.21 63.52
CA GLY H 28 -49.06 19.15 64.33
C GLY H 28 -48.88 20.30 65.29
N GLN H 29 -49.24 21.50 64.83
CA GLN H 29 -49.13 22.72 65.65
C GLN H 29 -50.10 22.75 66.83
N HIS H 30 -51.11 21.88 66.80
CA HIS H 30 -52.05 21.70 67.92
C HIS H 30 -51.94 20.35 68.64
N GLY H 31 -50.87 19.61 68.34
CA GLY H 31 -50.54 18.38 69.06
C GLY H 31 -51.40 17.17 68.74
N ALA H 32 -52.28 17.28 67.74
CA ALA H 32 -53.18 16.19 67.36
C ALA H 32 -52.46 15.06 66.62
N ASN H 33 -53.04 13.85 66.62
CA ASN H 33 -52.41 12.65 66.01
C ASN H 33 -52.59 12.55 64.49
N ILE H 34 -51.52 12.91 63.79
CA ILE H 34 -51.54 13.05 62.33
C ILE H 34 -51.91 11.76 61.55
N MET H 35 -51.26 10.64 61.87
CA MET H 35 -51.57 9.33 61.25
C MET H 35 -52.96 8.79 61.58
N GLU H 36 -53.46 9.06 62.79
CA GLU H 36 -54.83 8.68 63.16
C GLU H 36 -55.84 9.39 62.24
N PHE H 37 -55.60 10.68 62.00
CA PHE H 37 -56.44 11.44 61.10
C PHE H 37 -56.28 10.94 59.65
N VAL H 38 -55.04 10.70 59.25
CA VAL H 38 -54.73 10.24 57.89
C VAL H 38 -55.52 8.99 57.52
N LYS H 39 -55.44 7.96 58.37
CA LYS H 39 -56.19 6.71 58.16
C LYS H 39 -57.71 6.92 58.31
N ALA H 40 -58.10 7.77 59.26
CA ALA H 40 -59.51 8.06 59.49
C ALA H 40 -60.18 8.77 58.30
N PHE H 41 -59.51 9.81 57.78
CA PHE H 41 -60.00 10.59 56.63
C PHE H 41 -60.04 9.76 55.34
N ASN H 42 -58.97 9.00 55.10
CA ASN H 42 -58.88 8.12 53.93
C ASN H 42 -59.85 6.95 53.93
N ALA H 43 -60.21 6.47 55.12
CA ALA H 43 -61.22 5.42 55.26
C ALA H 43 -62.61 5.97 54.96
N ALA H 44 -62.87 7.19 55.45
CA ALA H 44 -64.16 7.87 55.25
C ALA H 44 -64.39 8.22 53.79
N THR H 45 -63.30 8.51 53.08
CA THR H 45 -63.35 9.00 51.70
C THR H 45 -62.80 7.99 50.67
N ALA H 46 -63.00 6.70 50.93
CA ALA H 46 -62.66 5.67 49.95
C ALA H 46 -63.75 5.52 48.87
N ASN H 47 -64.99 5.82 49.25
CA ASN H 47 -66.16 5.73 48.37
C ASN H 47 -66.29 6.87 47.34
N MET H 48 -65.54 7.94 47.57
CA MET H 48 -65.74 9.19 46.84
C MET H 48 -64.86 9.32 45.59
N GLY H 49 -64.32 8.18 45.14
CA GLY H 49 -63.41 8.08 43.99
C GLY H 49 -62.97 9.32 43.26
N ASP H 50 -61.95 10.01 43.81
CA ASP H 50 -61.21 11.11 43.15
C ASP H 50 -61.68 12.55 43.48
N ALA H 51 -62.77 12.67 44.24
CA ALA H 51 -63.37 13.98 44.53
C ALA H 51 -62.59 14.85 45.53
N ILE H 52 -62.73 16.17 45.42
CA ILE H 52 -62.19 17.11 46.42
C ILE H 52 -63.10 17.15 47.64
N VAL H 53 -62.53 16.77 48.79
CA VAL H 53 -63.29 16.63 50.04
C VAL H 53 -62.96 17.76 51.02
N PRO H 54 -63.90 18.71 51.23
CA PRO H 54 -63.75 19.74 52.27
C PRO H 54 -63.91 19.10 53.64
N VAL H 55 -62.91 19.30 54.51
CA VAL H 55 -62.91 18.68 55.83
C VAL H 55 -62.62 19.69 56.94
N GLU H 56 -63.42 19.59 58.01
CA GLU H 56 -63.29 20.45 59.18
C GLU H 56 -62.90 19.63 60.39
N ILE H 57 -61.66 19.82 60.87
CA ILE H 57 -61.16 19.07 62.03
C ILE H 57 -61.24 19.94 63.29
N THR H 58 -61.82 19.36 64.35
CA THR H 58 -62.00 20.03 65.63
C THR H 58 -61.04 19.44 66.67
N ILE H 59 -60.08 20.25 67.10
CA ILE H 59 -59.03 19.83 68.04
C ILE H 59 -59.29 20.39 69.45
N TYR H 60 -59.21 19.49 70.43
CA TYR H 60 -59.49 19.82 71.82
C TYR H 60 -58.20 20.04 72.60
N ALA H 61 -58.31 20.43 73.87
CA ALA H 61 -57.15 20.78 74.70
C ALA H 61 -56.31 19.55 75.11
N ASP H 62 -56.96 18.39 75.18
CA ASP H 62 -56.29 17.12 75.49
C ASP H 62 -55.71 16.45 74.24
N ARG H 63 -55.64 17.22 73.15
CA ARG H 63 -55.04 16.80 71.86
C ARG H 63 -55.90 15.89 70.97
N SER H 64 -57.01 15.38 71.51
CA SER H 64 -57.94 14.54 70.73
C SER H 64 -58.60 15.33 69.58
N PHE H 65 -59.33 14.61 68.72
CA PHE H 65 -60.04 15.27 67.60
C PHE H 65 -61.26 14.50 67.09
N THR H 66 -62.20 15.25 66.49
CA THR H 66 -63.26 14.71 65.64
C THR H 66 -63.26 15.56 64.37
N PHE H 67 -63.85 15.05 63.30
CA PHE H 67 -63.93 15.82 62.05
C PHE H 67 -65.21 15.56 61.27
N VAL H 68 -65.52 16.46 60.33
CA VAL H 68 -66.70 16.35 59.49
C VAL H 68 -66.36 16.67 58.03
N THR H 69 -66.57 15.69 57.15
CA THR H 69 -66.37 15.85 55.71
C THR H 69 -67.69 16.23 55.03
N LYS H 70 -67.59 16.93 53.90
CA LYS H 70 -68.79 17.41 53.19
C LYS H 70 -68.94 16.80 51.78
N THR H 71 -70.16 16.90 51.24
CA THR H 71 -70.59 16.15 50.06
C THR H 71 -69.95 16.60 48.73
N MET I 1 -13.88 1.43 -5.46
CA MET I 1 -13.07 2.45 -4.73
C MET I 1 -13.99 3.58 -4.27
N TRP I 2 -13.56 4.32 -3.27
CA TRP I 2 -14.33 5.41 -2.73
C TRP I 2 -13.51 6.68 -2.83
N VAL I 3 -14.20 7.79 -3.03
CA VAL I 3 -13.57 9.10 -3.00
C VAL I 3 -14.28 10.01 -1.98
N TYR I 4 -13.46 10.76 -1.25
CA TYR I 4 -13.93 11.78 -0.34
C TYR I 4 -13.58 13.11 -1.01
N ARG I 5 -14.62 13.82 -1.42
CA ARG I 5 -14.49 15.05 -2.21
C ARG I 5 -14.64 16.27 -1.31
N LEU I 6 -13.61 17.11 -1.30
CA LEU I 6 -13.56 18.31 -0.46
C LEU I 6 -13.49 19.55 -1.34
N LYS I 7 -14.35 20.53 -1.04
CA LYS I 7 -14.21 21.87 -1.63
C LYS I 7 -12.88 22.51 -1.22
N GLY I 8 -12.16 23.04 -2.20
CA GLY I 8 -10.90 23.71 -1.94
C GLY I 8 -9.72 23.11 -2.68
N THR I 9 -8.60 23.82 -2.63
CA THR I 9 -7.37 23.39 -3.26
C THR I 9 -6.54 22.62 -2.25
N LEU I 10 -5.49 21.95 -2.73
CA LEU I 10 -4.53 21.31 -1.83
C LEU I 10 -3.87 22.32 -0.88
N GLU I 11 -3.61 23.53 -1.38
CA GLU I 11 -2.99 24.57 -0.56
C GLU I 11 -3.90 25.01 0.60
N ALA I 12 -5.14 25.39 0.25
CA ALA I 12 -6.15 25.75 1.24
C ALA I 12 -6.43 24.62 2.22
N LEU I 13 -6.33 23.37 1.77
CA LEU I 13 -6.73 22.24 2.62
C LEU I 13 -5.61 21.60 3.43
N ASP I 14 -4.39 22.15 3.29
CA ASP I 14 -3.16 21.69 3.98
C ASP I 14 -3.32 21.08 5.38
N PRO I 15 -4.00 21.77 6.33
CA PRO I 15 -4.09 21.22 7.69
C PRO I 15 -4.80 19.85 7.81
N ILE I 16 -5.67 19.52 6.86
CA ILE I 16 -6.45 18.27 6.94
C ILE I 16 -5.89 17.11 6.14
N LEU I 17 -4.89 17.38 5.30
CA LEU I 17 -4.39 16.37 4.38
C LEU I 17 -3.74 15.18 5.09
N PRO I 18 -2.87 15.43 6.11
CA PRO I 18 -2.35 14.27 6.86
C PRO I 18 -3.45 13.40 7.45
N GLY I 19 -4.52 14.02 7.91
CA GLY I 19 -5.69 13.31 8.45
C GLY I 19 -6.43 12.44 7.45
N LEU I 20 -6.41 12.84 6.19
CA LEU I 20 -6.92 12.01 5.10
C LEU I 20 -6.15 10.70 4.95
N PHE I 21 -4.81 10.79 4.96
CA PHE I 21 -3.92 9.62 4.85
C PHE I 21 -4.01 8.74 6.10
N ASP I 22 -3.95 9.35 7.29
CA ASP I 22 -4.16 8.62 8.57
C ASP I 22 -5.53 7.96 8.60
N GLY I 23 -6.49 8.51 7.88
CA GLY I 23 -7.79 7.88 7.72
C GLY I 23 -7.78 6.71 6.74
N GLY I 24 -6.69 6.54 5.99
CA GLY I 24 -6.59 5.46 4.99
C GLY I 24 -6.55 5.85 3.51
N ALA I 25 -6.54 7.15 3.21
CA ALA I 25 -6.43 7.62 1.82
C ALA I 25 -5.15 7.14 1.16
N ARG I 26 -5.25 6.73 -0.10
CA ARG I 26 -4.11 6.18 -0.82
C ARG I 26 -3.42 7.25 -1.67
N GLY I 27 -4.12 8.35 -1.89
CA GLY I 27 -3.55 9.45 -2.62
C GLY I 27 -4.57 10.55 -2.78
N LEU I 28 -4.08 11.72 -3.17
CA LEU I 28 -4.87 12.94 -3.25
C LEU I 28 -4.70 13.55 -4.66
N TRP I 29 -5.78 14.14 -5.19
CA TRP I 29 -5.83 14.66 -6.56
C TRP I 29 -6.61 15.98 -6.53
N GLU I 30 -5.94 17.08 -6.89
CA GLU I 30 -6.60 18.39 -7.00
C GLU I 30 -7.34 18.49 -8.33
N ARG I 31 -8.63 18.76 -8.26
CA ARG I 31 -9.45 18.93 -9.44
C ARG I 31 -10.02 20.36 -9.51
N GLU I 32 -11.09 20.57 -10.29
CA GLU I 32 -11.59 21.93 -10.49
C GLU I 32 -12.31 22.44 -9.23
N GLY I 33 -11.54 23.06 -8.34
CA GLY I 33 -12.05 23.61 -7.08
C GLY I 33 -12.27 22.59 -5.98
N GLU I 34 -11.81 21.36 -6.20
CA GLU I 34 -11.97 20.26 -5.24
C GLU I 34 -10.68 19.46 -5.00
N VAL I 35 -10.61 18.81 -3.85
CA VAL I 35 -9.60 17.77 -3.62
C VAL I 35 -10.33 16.43 -3.50
N TRP I 36 -9.91 15.45 -4.32
CA TRP I 36 -10.46 14.11 -4.32
C TRP I 36 -9.49 13.17 -3.60
N ALA I 37 -9.94 12.59 -2.49
CA ALA I 37 -9.14 11.71 -1.66
C ALA I 37 -9.62 10.27 -1.86
N PHE I 38 -8.71 9.39 -2.24
CA PHE I 38 -9.10 8.04 -2.61
C PHE I 38 -8.83 7.03 -1.52
N PHE I 39 -9.87 6.27 -1.19
CA PHE I 39 -9.85 5.30 -0.10
C PHE I 39 -10.42 4.01 -0.65
N PRO I 40 -9.95 2.86 -0.15
CA PRO I 40 -10.55 1.56 -0.44
C PRO I 40 -12.01 1.45 0.01
N ALA I 41 -12.33 2.03 1.16
CA ALA I 41 -13.65 1.96 1.77
C ALA I 41 -13.96 3.28 2.51
N PRO I 42 -15.25 3.61 2.67
CA PRO I 42 -15.59 4.84 3.38
C PRO I 42 -15.33 4.72 4.87
N VAL I 43 -14.96 5.85 5.48
CA VAL I 43 -14.67 5.95 6.89
C VAL I 43 -15.27 7.27 7.41
N ASP I 44 -15.60 7.30 8.70
CA ASP I 44 -16.12 8.50 9.33
C ASP I 44 -15.00 9.51 9.57
N LEU I 45 -15.16 10.67 8.93
CA LEU I 45 -14.16 11.73 8.93
C LEU I 45 -14.80 13.02 9.42
N PRO I 46 -14.02 13.85 10.15
CA PRO I 46 -14.57 15.10 10.64
C PRO I 46 -14.47 16.29 9.66
N TYR I 47 -14.08 16.05 8.41
CA TYR I 47 -13.79 17.17 7.50
C TYR I 47 -14.93 17.73 6.65
N GLU I 48 -16.10 17.10 6.71
CA GLU I 48 -17.26 17.58 5.92
C GLU I 48 -16.99 17.57 4.40
N GLY I 49 -16.34 16.53 3.90
CA GLY I 49 -16.37 16.26 2.49
C GLY I 49 -17.57 15.40 2.19
N VAL I 50 -17.60 14.83 1.00
CA VAL I 50 -18.70 13.98 0.57
C VAL I 50 -18.14 12.66 0.02
N TRP I 51 -18.77 11.56 0.41
CA TRP I 51 -18.38 10.23 -0.03
C TRP I 51 -19.10 9.85 -1.31
N GLU I 52 -18.36 9.21 -2.21
CA GLU I 52 -18.86 8.79 -3.48
C GLU I 52 -18.09 7.54 -3.89
N GLU I 53 -18.83 6.52 -4.27
CA GLU I 53 -18.23 5.32 -4.78
C GLU I 53 -17.95 5.61 -6.25
N VAL I 54 -16.72 5.37 -6.68
CA VAL I 54 -16.38 5.46 -8.09
C VAL I 54 -16.11 4.05 -8.59
N GLY I 55 -16.28 3.82 -9.89
CA GLY I 55 -16.08 2.49 -10.45
C GLY I 55 -14.60 2.15 -10.55
N ASP I 56 -14.27 0.88 -10.35
CA ASP I 56 -12.90 0.39 -10.49
C ASP I 56 -12.54 0.02 -11.93
N GLU I 57 -11.28 0.30 -12.29
CA GLU I 57 -10.76 0.09 -13.64
C GLU I 57 -9.34 -0.48 -13.56
N ASP I 58 -8.96 -1.24 -14.59
CA ASP I 58 -7.56 -1.53 -14.81
C ASP I 58 -7.07 -0.38 -15.68
N TRP I 59 -6.52 0.63 -15.01
CA TRP I 59 -6.05 1.86 -15.67
C TRP I 59 -4.92 1.62 -16.63
N LEU I 60 -4.03 0.70 -16.27
CA LEU I 60 -3.00 0.25 -17.17
C LEU I 60 -3.52 -0.34 -18.46
N GLU I 61 -4.58 -1.15 -18.35
CA GLU I 61 -5.17 -1.82 -19.51
C GLU I 61 -5.91 -0.83 -20.39
N ALA I 62 -6.64 0.09 -19.77
CA ALA I 62 -7.29 1.17 -20.50
C ALA I 62 -6.25 2.02 -21.25
N TRP I 63 -5.10 2.25 -20.63
CA TRP I 63 -4.02 3.04 -21.24
C TRP I 63 -3.33 2.30 -22.39
N ARG I 64 -2.93 1.05 -22.16
CA ARG I 64 -2.41 0.20 -23.26
C ARG I 64 -3.36 0.11 -24.46
N ARG I 65 -4.63 -0.17 -24.16
CA ARG I 65 -5.71 -0.31 -25.15
C ARG I 65 -5.88 0.87 -26.10
N ASP I 66 -5.83 2.08 -25.54
CA ASP I 66 -6.04 3.29 -26.31
C ASP I 66 -4.76 3.94 -26.88
N LEU I 67 -3.60 3.41 -26.53
CA LEU I 67 -2.34 3.86 -27.11
C LEU I 67 -2.05 2.97 -28.32
N LYS I 68 -2.23 3.53 -29.51
CA LYS I 68 -2.08 2.81 -30.76
C LYS I 68 -0.88 3.27 -31.57
N PRO I 69 -0.33 2.37 -32.41
CA PRO I 69 0.75 2.77 -33.31
C PRO I 69 0.43 4.07 -34.05
N ALA I 70 1.42 4.96 -34.12
CA ALA I 70 1.27 6.23 -34.82
C ALA I 70 1.87 6.13 -36.22
N LEU I 71 0.99 6.19 -37.22
CA LEU I 71 1.38 5.96 -38.60
C LEU I 71 1.86 7.26 -39.21
N ALA I 72 3.06 7.23 -39.80
CA ALA I 72 3.58 8.41 -40.49
C ALA I 72 4.38 8.00 -41.74
N PRO I 73 3.65 7.56 -42.78
CA PRO I 73 4.33 6.95 -43.95
C PRO I 73 5.61 7.70 -44.36
N PRO I 74 6.74 6.98 -44.53
CA PRO I 74 6.88 5.53 -44.55
C PRO I 74 7.07 4.87 -43.20
N PHE I 75 6.88 5.62 -42.12
CA PHE I 75 7.13 5.09 -40.77
C PHE I 75 5.87 4.69 -40.02
N VAL I 76 6.06 3.80 -39.04
CA VAL I 76 5.11 3.63 -37.94
C VAL I 76 5.88 3.78 -36.63
N VAL I 77 5.34 4.59 -35.72
CA VAL I 77 5.98 4.81 -34.42
C VAL I 77 5.31 3.88 -33.44
N LEU I 78 6.11 3.03 -32.83
CA LEU I 78 5.61 1.97 -31.97
C LEU I 78 6.16 2.14 -30.58
N ALA I 79 5.32 1.81 -29.60
CA ALA I 79 5.73 1.58 -28.23
C ALA I 79 6.37 0.18 -28.17
N PRO I 80 7.34 -0.03 -27.25
CA PRO I 80 8.00 -1.32 -27.07
C PRO I 80 7.08 -2.57 -26.97
N TRP I 81 5.87 -2.41 -26.43
CA TRP I 81 4.92 -3.52 -26.32
C TRP I 81 4.05 -3.73 -27.55
N HIS I 82 4.09 -2.80 -28.50
CA HIS I 82 3.30 -2.95 -29.74
C HIS I 82 3.80 -4.09 -30.63
N THR I 83 2.86 -4.71 -31.34
CA THR I 83 3.20 -5.59 -32.48
C THR I 83 2.69 -4.93 -33.75
N TRP I 84 3.36 -5.21 -34.86
CA TRP I 84 3.04 -4.59 -36.14
C TRP I 84 3.43 -5.54 -37.28
N GLU I 85 2.49 -5.76 -38.19
CA GLU I 85 2.72 -6.71 -39.31
C GLU I 85 2.91 -6.02 -40.68
N GLY I 86 2.60 -4.72 -40.78
CA GLY I 86 2.74 -3.98 -42.04
C GLY I 86 4.17 -3.83 -42.58
N ALA I 87 4.32 -3.10 -43.69
CA ALA I 87 5.64 -2.93 -44.36
C ALA I 87 6.38 -1.60 -44.03
N GLU I 88 5.74 -0.77 -43.20
CA GLU I 88 6.33 0.47 -42.71
C GLU I 88 7.65 0.24 -41.97
N ILE I 89 8.55 1.21 -42.09
CA ILE I 89 9.74 1.28 -41.25
C ILE I 89 9.29 1.57 -39.82
N PRO I 90 9.53 0.61 -38.90
CA PRO I 90 9.15 0.75 -37.48
C PRO I 90 10.12 1.67 -36.74
N LEU I 91 9.59 2.49 -35.86
CA LEU I 91 10.37 3.37 -35.00
C LEU I 91 9.85 3.13 -33.60
N VAL I 92 10.65 2.45 -32.78
CA VAL I 92 10.25 2.12 -31.44
C VAL I 92 10.66 3.26 -30.52
N ILE I 93 9.67 3.92 -29.93
CA ILE I 93 9.85 5.05 -29.05
C ILE I 93 9.01 4.76 -27.83
N GLU I 94 9.66 4.77 -26.68
CA GLU I 94 8.99 4.63 -25.39
C GLU I 94 8.16 5.91 -25.16
N PRO I 95 6.82 5.80 -24.97
CA PRO I 95 6.12 7.03 -24.59
C PRO I 95 6.49 7.37 -23.16
N GLY I 96 7.34 8.38 -22.99
CA GLY I 96 7.93 8.68 -21.70
C GLY I 96 7.91 10.15 -21.36
N MET I 97 9.08 10.65 -20.95
CA MET I 97 9.21 11.99 -20.42
C MET I 97 9.92 12.94 -21.37
N ALA I 98 9.86 12.64 -22.66
CA ALA I 98 10.52 13.47 -23.68
C ALA I 98 9.57 13.64 -24.85
N PHE I 99 9.37 14.88 -25.28
CA PHE I 99 8.52 15.16 -26.42
C PHE I 99 9.11 14.46 -27.63
N GLY I 100 8.24 13.84 -28.42
CA GLY I 100 8.64 13.06 -29.59
C GLY I 100 8.27 11.59 -29.44
N THR I 101 7.10 11.35 -28.87
CA THR I 101 6.55 9.99 -28.79
C THR I 101 6.05 9.51 -30.15
N GLY I 102 5.88 10.43 -31.11
CA GLY I 102 5.24 10.15 -32.38
C GLY I 102 3.75 10.51 -32.41
N HIS I 103 3.21 10.90 -31.27
CA HIS I 103 1.78 11.18 -31.22
C HIS I 103 1.47 12.68 -31.39
N ALA I 104 2.43 13.46 -31.87
CA ALA I 104 2.12 14.86 -32.23
C ALA I 104 2.07 15.03 -33.75
N GLU I 105 1.10 15.81 -34.23
CA GLU I 105 1.02 16.19 -35.63
C GLU I 105 2.34 16.72 -36.18
N THR I 106 3.01 17.58 -35.40
CA THR I 106 4.32 18.14 -35.84
C THR I 106 5.42 17.10 -36.02
N THR I 107 5.60 16.22 -35.04
CA THR I 107 6.56 15.12 -35.17
C THR I 107 6.31 14.32 -36.45
N ARG I 108 5.05 13.99 -36.66
CA ARG I 108 4.63 13.28 -37.85
C ARG I 108 4.89 14.04 -39.15
N LEU I 109 4.61 15.34 -39.18
CA LEU I 109 4.91 16.14 -40.37
C LEU I 109 6.41 16.04 -40.72
N ALA I 110 7.25 16.19 -39.70
CA ALA I 110 8.69 16.14 -39.86
C ALA I 110 9.18 14.77 -40.34
N LEU I 111 8.60 13.69 -39.81
CA LEU I 111 8.95 12.36 -40.24
C LEU I 111 8.65 12.12 -41.73
N LYS I 112 7.52 12.63 -42.19
CA LYS I 112 7.10 12.49 -43.57
C LYS I 112 7.99 13.30 -44.48
N ALA I 113 8.28 14.53 -44.07
CA ALA I 113 9.23 15.41 -44.76
C ALA I 113 10.63 14.80 -44.89
N LEU I 114 11.10 14.08 -43.87
CA LEU I 114 12.39 13.39 -43.94
C LEU I 114 12.45 12.37 -45.08
N ALA I 115 11.36 11.64 -45.30
CA ALA I 115 11.34 10.63 -46.36
C ALA I 115 11.36 11.28 -47.75
N ARG I 116 10.82 12.48 -47.84
CA ARG I 116 10.79 13.23 -49.08
C ARG I 116 12.13 13.90 -49.43
N HIS I 117 12.93 14.28 -48.45
CA HIS I 117 14.10 15.15 -48.72
C HIS I 117 15.46 14.54 -48.44
N LEU I 118 15.51 13.47 -47.66
N LEU I 118 15.52 13.52 -47.59
CA LEU I 118 16.75 12.90 -47.17
CA LEU I 118 16.79 12.92 -47.16
C LEU I 118 17.41 11.90 -48.12
C LEU I 118 17.35 12.00 -48.24
N ARG I 119 18.63 12.19 -48.57
CA ARG I 119 19.34 11.31 -49.49
C ARG I 119 20.18 10.34 -48.67
N PRO I 120 20.28 9.07 -49.10
CA PRO I 120 21.19 8.16 -48.43
C PRO I 120 22.62 8.73 -48.32
N GLY I 121 23.16 8.69 -47.10
CA GLY I 121 24.48 9.27 -46.82
C GLY I 121 24.41 10.69 -46.27
N ASP I 122 23.26 11.35 -46.35
CA ASP I 122 23.15 12.74 -45.82
C ASP I 122 23.60 12.89 -44.38
N LYS I 123 24.30 13.99 -44.12
CA LYS I 123 24.52 14.46 -42.76
C LYS I 123 23.31 15.28 -42.29
N VAL I 124 22.71 14.84 -41.19
CA VAL I 124 21.43 15.38 -40.71
C VAL I 124 21.58 15.96 -39.31
N LEU I 125 21.06 17.18 -39.12
CA LEU I 125 20.98 17.82 -37.82
C LEU I 125 19.52 17.80 -37.41
N ASP I 126 19.24 17.09 -36.31
CA ASP I 126 17.94 17.12 -35.67
C ASP I 126 18.08 18.14 -34.52
N LEU I 127 17.67 19.38 -34.76
CA LEU I 127 17.77 20.43 -33.74
C LEU I 127 16.57 20.42 -32.78
N GLY I 128 16.84 20.20 -31.51
CA GLY I 128 15.77 19.99 -30.53
C GLY I 128 15.26 18.56 -30.65
N THR I 129 16.15 17.61 -30.37
CA THR I 129 15.89 16.18 -30.60
C THR I 129 14.83 15.49 -29.69
N GLY I 130 14.65 15.97 -28.45
CA GLY I 130 13.67 15.39 -27.56
C GLY I 130 13.96 13.91 -27.35
N SER I 131 12.97 13.06 -27.66
CA SER I 131 13.07 11.60 -27.61
C SER I 131 14.11 10.96 -28.52
N GLY I 132 14.61 11.71 -29.50
CA GLY I 132 15.61 11.25 -30.48
C GLY I 132 15.00 10.72 -31.76
N VAL I 133 13.66 10.71 -31.81
CA VAL I 133 12.86 10.09 -32.87
C VAL I 133 13.20 10.51 -34.29
N LEU I 134 13.41 11.78 -34.52
CA LEU I 134 13.71 12.28 -35.85
C LEU I 134 15.12 11.91 -36.29
N ALA I 135 16.08 11.99 -35.36
CA ALA I 135 17.46 11.56 -35.62
C ALA I 135 17.53 10.05 -35.86
N ILE I 136 16.66 9.29 -35.18
CA ILE I 136 16.59 7.84 -35.34
C ILE I 136 15.99 7.48 -36.69
N ALA I 137 14.97 8.23 -37.08
CA ALA I 137 14.31 8.08 -38.36
C ALA I 137 15.28 8.39 -39.50
N ALA I 138 16.06 9.47 -39.38
CA ALA I 138 17.15 9.78 -40.33
C ALA I 138 18.13 8.64 -40.53
N GLU I 139 18.52 8.00 -39.43
CA GLU I 139 19.47 6.89 -39.46
C GLU I 139 18.87 5.70 -40.16
N LYS I 140 17.58 5.45 -39.96
CA LYS I 140 16.86 4.39 -40.69
C LYS I 140 16.77 4.69 -42.18
N LEU I 141 16.77 5.97 -42.54
CA LEU I 141 16.77 6.33 -43.96
C LEU I 141 18.17 6.44 -44.59
N GLY I 142 19.20 6.06 -43.84
CA GLY I 142 20.57 6.02 -44.42
C GLY I 142 21.38 7.29 -44.22
N GLY I 143 20.85 8.25 -43.47
CA GLY I 143 21.60 9.43 -43.08
C GLY I 143 22.49 9.22 -41.86
N LYS I 144 23.42 10.13 -41.64
CA LYS I 144 24.16 10.19 -40.37
C LYS I 144 23.62 11.36 -39.55
N ALA I 145 23.11 11.08 -38.37
CA ALA I 145 22.38 12.08 -37.61
C ALA I 145 23.10 12.59 -36.38
N LEU I 146 22.98 13.90 -36.19
CA LEU I 146 23.30 14.55 -34.93
C LEU I 146 22.02 15.12 -34.35
N GLY I 147 21.66 14.65 -33.15
CA GLY I 147 20.55 15.20 -32.41
C GLY I 147 21.07 16.06 -31.28
N VAL I 148 20.71 17.35 -31.28
CA VAL I 148 21.03 18.24 -30.13
C VAL I 148 19.80 18.70 -29.36
N ASP I 149 19.97 18.93 -28.08
CA ASP I 149 18.92 19.48 -27.24
C ASP I 149 19.53 20.28 -26.08
N ILE I 150 18.92 21.43 -25.75
CA ILE I 150 19.38 22.25 -24.63
C ILE I 150 18.95 21.69 -23.26
N ASP I 151 17.92 20.85 -23.28
CA ASP I 151 17.43 20.16 -22.10
C ASP I 151 18.25 18.87 -21.90
N PRO I 152 19.10 18.81 -20.86
CA PRO I 152 19.95 17.61 -20.73
C PRO I 152 19.15 16.38 -20.31
N MET I 153 17.95 16.57 -19.77
CA MET I 153 17.16 15.43 -19.26
C MET I 153 16.73 14.48 -20.37
N VAL I 154 16.63 15.00 -21.60
CA VAL I 154 16.18 14.19 -22.74
C VAL I 154 17.27 13.35 -23.41
N LEU I 155 18.53 13.73 -23.25
CA LEU I 155 19.63 13.03 -23.90
C LEU I 155 19.73 11.53 -23.56
N PRO I 156 19.69 11.16 -22.25
CA PRO I 156 19.69 9.74 -21.92
C PRO I 156 18.48 9.00 -22.49
N GLN I 157 17.34 9.67 -22.53
CA GLN I 157 16.11 9.11 -23.10
C GLN I 157 16.28 8.84 -24.59
N ALA I 158 16.98 9.74 -25.28
CA ALA I 158 17.16 9.64 -26.72
C ALA I 158 18.12 8.52 -27.08
N GLU I 159 19.21 8.40 -26.32
CA GLU I 159 20.15 7.29 -26.39
C GLU I 159 19.46 5.94 -26.17
N ALA I 160 18.61 5.88 -25.14
CA ALA I 160 17.90 4.65 -24.82
C ALA I 160 16.97 4.28 -25.96
N ASN I 161 16.37 5.29 -26.59
CA ASN I 161 15.54 5.07 -27.77
C ASN I 161 16.36 4.58 -28.96
N ALA I 162 17.57 5.12 -29.14
CA ALA I 162 18.46 4.69 -30.21
C ALA I 162 18.76 3.20 -30.10
N LYS I 163 19.08 2.74 -28.88
CA LYS I 163 19.31 1.33 -28.55
C LYS I 163 18.11 0.41 -28.78
N ARG I 164 16.91 0.97 -28.80
CA ARG I 164 15.68 0.24 -29.16
C ARG I 164 15.51 0.09 -30.66
N ASN I 165 16.39 0.75 -31.42
CA ASN I 165 16.27 0.79 -32.88
C ASN I 165 17.53 0.37 -33.63
N GLY I 166 18.57 0.02 -32.87
CA GLY I 166 19.80 -0.51 -33.43
C GLY I 166 20.60 0.51 -34.19
N VAL I 167 20.42 1.79 -33.83
CA VAL I 167 21.13 2.90 -34.47
C VAL I 167 21.87 3.72 -33.42
N ARG I 168 22.89 4.44 -33.84
CA ARG I 168 23.60 5.28 -32.88
C ARG I 168 23.87 6.68 -33.44
N PRO I 169 22.81 7.54 -33.51
CA PRO I 169 23.02 8.96 -33.80
C PRO I 169 23.99 9.54 -32.80
N ARG I 170 24.65 10.64 -33.18
CA ARG I 170 25.37 11.41 -32.18
C ARG I 170 24.35 12.26 -31.43
N PHE I 171 24.34 12.16 -30.11
CA PHE I 171 23.48 13.04 -29.30
C PHE I 171 24.32 14.05 -28.52
N LEU I 172 23.84 15.30 -28.44
CA LEU I 172 24.65 16.38 -27.87
C LEU I 172 23.82 17.44 -27.13
N GLU I 173 24.30 17.82 -25.96
CA GLU I 173 23.68 18.89 -25.19
C GLU I 173 24.08 20.19 -25.82
N GLY I 174 23.07 20.97 -26.20
CA GLY I 174 23.31 22.34 -26.66
C GLY I 174 22.32 22.70 -27.74
N SER I 175 22.70 23.66 -28.57
CA SER I 175 21.85 24.09 -29.64
C SER I 175 22.63 24.17 -30.94
N LEU I 176 22.19 25.05 -31.82
CA LEU I 176 22.80 25.23 -33.14
C LEU I 176 24.33 25.50 -33.08
N GLU I 177 24.79 26.34 -32.16
CA GLU I 177 26.25 26.64 -32.03
C GLU I 177 27.12 25.43 -31.69
N ALA I 178 26.63 24.59 -30.79
CA ALA I 178 27.34 23.36 -30.41
C ALA I 178 27.44 22.33 -31.55
N ALA I 179 26.49 22.41 -32.48
CA ALA I 179 26.36 21.45 -33.57
C ALA I 179 27.21 21.84 -34.76
N LEU I 180 27.46 23.14 -34.91
CA LEU I 180 28.15 23.72 -36.06
C LEU I 180 29.49 23.09 -36.46
N PRO I 181 30.34 22.74 -35.46
CA PRO I 181 31.62 22.08 -35.78
C PRO I 181 31.51 20.64 -36.29
N PHE I 182 30.33 20.03 -36.21
CA PHE I 182 30.09 18.69 -36.74
C PHE I 182 29.51 18.76 -38.15
N GLY I 183 29.24 19.99 -38.59
CA GLY I 183 28.74 20.25 -39.93
C GLY I 183 29.81 20.75 -40.89
N PRO I 184 29.38 21.43 -41.97
CA PRO I 184 27.98 21.74 -42.26
C PRO I 184 27.16 20.50 -42.61
N PHE I 185 25.84 20.65 -42.57
CA PHE I 185 24.97 19.50 -42.78
C PHE I 185 24.28 19.52 -44.13
N ASP I 186 23.86 18.34 -44.58
CA ASP I 186 23.07 18.23 -45.79
C ASP I 186 21.61 18.51 -45.53
N LEU I 187 21.18 18.25 -44.30
CA LEU I 187 19.79 18.41 -43.96
C LEU I 187 19.62 18.86 -42.51
N LEU I 188 18.81 19.88 -42.32
CA LEU I 188 18.43 20.30 -40.98
C LEU I 188 16.97 19.97 -40.81
N VAL I 189 16.64 19.28 -39.73
CA VAL I 189 15.26 19.09 -39.33
C VAL I 189 15.02 19.69 -37.93
N ALA I 190 13.96 20.51 -37.79
CA ALA I 190 13.74 21.26 -36.53
C ALA I 190 12.27 21.44 -36.21
N ASN I 191 11.82 20.71 -35.21
CA ASN I 191 10.46 20.83 -34.73
C ASN I 191 10.54 21.67 -33.48
N LEU I 192 10.52 22.99 -33.68
CA LEU I 192 10.66 23.92 -32.58
C LEU I 192 9.42 24.78 -32.48
N TYR I 193 9.56 26.08 -32.70
CA TYR I 193 8.41 26.99 -32.75
C TYR I 193 8.77 28.20 -33.61
N ALA I 194 7.75 28.84 -34.16
CA ALA I 194 7.94 29.90 -35.14
C ALA I 194 8.99 30.96 -34.79
N GLU I 195 8.98 31.44 -33.55
CA GLU I 195 9.82 32.56 -33.14
C GLU I 195 11.29 32.18 -33.08
N LEU I 196 11.54 30.93 -32.68
CA LEU I 196 12.87 30.43 -32.60
C LEU I 196 13.44 30.24 -34.02
N HIS I 197 12.65 29.68 -34.93
CA HIS I 197 13.06 29.55 -36.34
C HIS I 197 13.43 30.91 -36.94
N ALA I 198 12.55 31.91 -36.76
CA ALA I 198 12.75 33.26 -37.25
C ALA I 198 14.07 33.87 -36.75
N ALA I 199 14.34 33.71 -35.45
CA ALA I 199 15.61 34.16 -34.85
C ALA I 199 16.84 33.40 -35.37
N LEU I 200 16.69 32.10 -35.65
CA LEU I 200 17.83 31.27 -36.08
C LEU I 200 18.07 31.17 -37.58
N ALA I 201 17.09 31.60 -38.38
CA ALA I 201 17.22 31.69 -39.86
C ALA I 201 18.65 31.95 -40.39
N PRO I 202 19.31 33.06 -39.97
CA PRO I 202 20.64 33.28 -40.54
C PRO I 202 21.67 32.20 -40.17
N ARG I 203 21.58 31.67 -38.95
CA ARG I 203 22.45 30.58 -38.53
C ARG I 203 22.07 29.23 -39.19
N TYR I 204 20.79 29.07 -39.54
CA TYR I 204 20.38 27.92 -40.32
C TYR I 204 21.18 27.82 -41.62
N ARG I 205 21.39 28.97 -42.27
CA ARG I 205 22.05 29.01 -43.56
C ARG I 205 23.51 28.58 -43.47
N GLU I 206 24.21 29.05 -42.45
CA GLU I 206 25.60 28.67 -42.18
C GLU I 206 25.75 27.20 -41.79
N ALA I 207 24.72 26.63 -41.19
CA ALA I 207 24.76 25.21 -40.80
C ALA I 207 24.69 24.29 -42.02
N LEU I 208 24.25 24.81 -43.16
CA LEU I 208 23.97 23.97 -44.31
C LEU I 208 24.97 24.18 -45.44
N VAL I 209 25.24 23.10 -46.19
CA VAL I 209 26.00 23.14 -47.45
C VAL I 209 25.13 23.80 -48.53
N PRO I 210 25.76 24.37 -49.59
CA PRO I 210 24.97 24.71 -50.79
C PRO I 210 24.05 23.56 -51.23
N GLY I 211 22.75 23.85 -51.35
CA GLY I 211 21.78 22.81 -51.72
C GLY I 211 21.23 22.00 -50.54
N GLY I 212 21.68 22.30 -49.31
CA GLY I 212 21.15 21.64 -48.12
C GLY I 212 19.69 22.02 -47.89
N ARG I 213 18.94 21.12 -47.26
CA ARG I 213 17.54 21.38 -46.97
C ARG I 213 17.30 21.73 -45.49
N ALA I 214 16.44 22.72 -45.23
CA ALA I 214 15.93 22.99 -43.86
C ALA I 214 14.46 22.63 -43.78
N LEU I 215 14.11 21.76 -42.84
CA LEU I 215 12.72 21.29 -42.64
C LEU I 215 12.29 21.75 -41.26
N LEU I 216 11.41 22.74 -41.22
CA LEU I 216 11.10 23.45 -40.00
C LEU I 216 9.67 23.23 -39.61
N THR I 217 9.46 22.70 -38.42
CA THR I 217 8.07 22.53 -37.99
C THR I 217 7.86 23.04 -36.56
N GLY I 218 6.74 22.67 -35.94
CA GLY I 218 6.32 23.25 -34.66
C GLY I 218 5.70 24.62 -34.85
N ILE I 219 5.46 24.96 -36.11
CA ILE I 219 4.91 26.27 -36.49
C ILE I 219 3.37 26.30 -36.44
N LEU I 220 2.80 27.14 -35.59
CA LEU I 220 1.35 27.42 -35.64
C LEU I 220 1.04 28.12 -36.95
N LYS I 221 -0.02 27.67 -37.61
CA LYS I 221 -0.50 28.25 -38.84
C LYS I 221 -0.38 29.79 -38.89
N ASP I 222 -0.77 30.47 -37.81
CA ASP I 222 -0.83 31.95 -37.80
C ASP I 222 0.55 32.59 -37.60
N ARG I 223 1.50 31.78 -37.15
CA ARG I 223 2.83 32.26 -36.94
C ARG I 223 3.71 31.99 -38.15
N ALA I 224 3.17 31.30 -39.17
CA ALA I 224 3.98 30.92 -40.33
C ALA I 224 4.64 32.09 -41.07
N PRO I 225 3.93 33.24 -41.25
CA PRO I 225 4.59 34.43 -41.83
C PRO I 225 5.90 34.85 -41.17
N LEU I 226 6.05 34.62 -39.86
CA LEU I 226 7.29 34.94 -39.16
C LEU I 226 8.43 34.13 -39.73
N VAL I 227 8.16 32.87 -40.01
CA VAL I 227 9.13 31.96 -40.58
C VAL I 227 9.40 32.23 -42.08
N ARG I 228 8.36 32.29 -42.91
CA ARG I 228 8.51 32.59 -44.33
C ARG I 228 9.38 33.81 -44.57
N GLU I 229 9.07 34.88 -43.84
CA GLU I 229 9.76 36.16 -43.93
C GLU I 229 11.23 36.09 -43.46
N ALA I 230 11.51 35.35 -42.38
CA ALA I 230 12.88 35.15 -41.89
C ALA I 230 13.76 34.27 -42.80
N MET I 231 13.17 33.20 -43.32
CA MET I 231 13.86 32.31 -44.24
C MET I 231 14.12 32.97 -45.59
N ALA I 232 13.17 33.79 -46.05
CA ALA I 232 13.38 34.62 -47.25
C ALA I 232 14.53 35.60 -47.07
N GLY I 233 14.56 36.30 -45.94
CA GLY I 233 15.62 37.26 -45.66
C GLY I 233 17.00 36.64 -45.46
N ALA I 234 17.02 35.35 -45.15
CA ALA I 234 18.27 34.59 -45.00
C ALA I 234 18.72 33.92 -46.30
N GLY I 235 18.01 34.17 -47.41
CA GLY I 235 18.42 33.72 -48.75
C GLY I 235 17.98 32.31 -49.12
N PHE I 236 17.00 31.81 -48.39
CA PHE I 236 16.50 30.46 -48.63
C PHE I 236 15.52 30.39 -49.79
N ARG I 237 15.58 29.29 -50.53
CA ARG I 237 14.56 28.94 -51.50
C ARG I 237 13.48 28.07 -50.82
N PRO I 238 12.21 28.50 -50.87
CA PRO I 238 11.07 27.66 -50.55
C PRO I 238 10.88 26.45 -51.43
N LEU I 239 10.88 25.30 -50.76
CA LEU I 239 10.41 24.06 -51.34
C LEU I 239 8.94 23.96 -50.90
N GLU I 240 8.46 22.82 -50.45
CA GLU I 240 7.02 22.74 -50.20
C GLU I 240 6.59 23.30 -48.83
N GLU I 241 5.28 23.27 -48.60
CA GLU I 241 4.68 23.52 -47.31
C GLU I 241 3.80 22.31 -47.06
N ALA I 242 3.73 21.86 -45.81
CA ALA I 242 2.76 20.82 -45.45
C ALA I 242 2.02 21.22 -44.18
N ALA I 243 0.74 20.88 -44.11
CA ALA I 243 -0.10 21.28 -42.99
C ALA I 243 -0.82 20.09 -42.41
N GLU I 244 -1.01 20.12 -41.09
CA GLU I 244 -1.78 19.11 -40.38
C GLU I 244 -2.39 19.81 -39.18
N GLY I 245 -3.72 19.78 -39.08
CA GLY I 245 -4.39 20.48 -37.99
C GLY I 245 -4.06 21.96 -38.05
N GLU I 246 -3.58 22.47 -36.92
CA GLU I 246 -3.22 23.87 -36.77
C GLU I 246 -1.72 24.07 -37.02
N TRP I 247 -1.05 23.03 -37.49
CA TRP I 247 0.40 23.07 -37.65
C TRP I 247 0.81 23.07 -39.11
N VAL I 248 2.00 23.63 -39.37
CA VAL I 248 2.63 23.54 -40.69
C VAL I 248 4.09 23.14 -40.59
N LEU I 249 4.57 22.48 -41.66
CA LEU I 249 5.99 22.28 -41.87
C LEU I 249 6.35 23.10 -43.10
N LEU I 250 7.45 23.82 -43.02
CA LEU I 250 7.93 24.66 -44.13
C LEU I 250 9.31 24.16 -44.53
N ALA I 251 9.47 23.76 -45.79
CA ALA I 251 10.74 23.25 -46.33
C ALA I 251 11.46 24.31 -47.17
N TYR I 252 12.77 24.44 -46.95
CA TYR I 252 13.62 25.42 -47.60
C TYR I 252 14.90 24.77 -48.11
N GLY I 253 15.44 25.34 -49.19
CA GLY I 253 16.75 24.94 -49.70
C GLY I 253 17.73 26.10 -49.64
N ARG I 254 18.96 25.82 -49.22
CA ARG I 254 19.98 26.86 -49.32
C ARG I 254 20.71 26.76 -50.67
N LYS J 2 6.40 22.45 -27.38
CA LYS J 2 5.71 21.88 -26.20
C LYS J 2 4.65 22.88 -25.78
N LYS J 3 3.39 22.47 -25.85
CA LYS J 3 2.31 23.24 -25.31
C LYS J 3 1.79 22.34 -24.21
N VAL J 4 1.60 22.92 -23.04
CA VAL J 4 1.11 22.18 -21.88
C VAL J 4 -0.41 21.97 -21.96
N VAL J 5 -0.85 20.72 -21.86
CA VAL J 5 -2.28 20.42 -21.97
C VAL J 5 -2.92 20.27 -20.58
N ALA J 6 -2.12 19.87 -19.59
CA ALA J 6 -2.56 19.66 -18.22
C ALA J 6 -1.40 19.77 -17.26
N VAL J 7 -1.64 20.40 -16.12
CA VAL J 7 -0.78 20.28 -14.95
C VAL J 7 -1.63 19.62 -13.85
N VAL J 8 -1.19 18.43 -13.45
CA VAL J 8 -1.93 17.57 -12.53
C VAL J 8 -1.21 17.58 -11.21
N LYS J 9 -1.94 18.01 -10.19
CA LYS J 9 -1.39 18.11 -8.85
C LYS J 9 -1.89 16.97 -7.98
N LEU J 10 -0.97 16.16 -7.52
CA LEU J 10 -1.28 15.05 -6.64
C LEU J 10 -0.48 15.14 -5.36
N GLN J 11 -0.89 14.37 -4.37
CA GLN J 11 -0.05 14.05 -3.22
C GLN J 11 -0.09 12.55 -3.04
N LEU J 12 1.09 11.95 -2.96
CA LEU J 12 1.22 10.52 -3.00
C LEU J 12 2.11 10.04 -1.88
N PRO J 13 1.92 8.78 -1.45
CA PRO J 13 2.81 8.30 -0.41
C PRO J 13 4.16 7.94 -1.00
N ALA J 14 5.23 8.42 -0.38
CA ALA J 14 6.59 8.16 -0.85
C ALA J 14 6.83 6.68 -1.13
N GLY J 15 7.43 6.39 -2.29
CA GLY J 15 7.82 5.03 -2.63
C GLY J 15 6.67 4.11 -3.00
N LYS J 16 5.45 4.64 -2.97
CA LYS J 16 4.28 3.77 -3.03
C LYS J 16 3.21 4.20 -4.01
N ALA J 17 3.57 4.98 -5.04
CA ALA J 17 2.66 5.22 -6.14
C ALA J 17 2.24 3.90 -6.76
N THR J 18 0.98 3.83 -7.19
CA THR J 18 0.47 2.71 -7.97
C THR J 18 -0.34 3.28 -9.12
N PRO J 19 -0.64 2.46 -10.14
CA PRO J 19 -1.43 3.04 -11.22
C PRO J 19 -2.94 3.13 -10.91
N ALA J 20 -3.35 2.76 -9.69
CA ALA J 20 -4.71 2.95 -9.20
C ALA J 20 -4.98 4.42 -8.94
N PRO J 21 -6.25 4.79 -8.71
CA PRO J 21 -6.55 6.19 -8.45
C PRO J 21 -5.73 6.73 -7.27
N PRO J 22 -5.28 8.01 -7.34
CA PRO J 22 -5.56 9.00 -8.39
C PRO J 22 -4.65 8.93 -9.61
N VAL J 23 -3.57 8.17 -9.53
CA VAL J 23 -2.59 8.18 -10.61
C VAL J 23 -3.22 7.73 -11.90
N GLY J 24 -3.90 6.58 -11.87
CA GLY J 24 -4.58 6.06 -13.05
C GLY J 24 -5.46 7.02 -13.81
N PRO J 25 -6.57 7.46 -13.20
CA PRO J 25 -7.42 8.43 -13.90
C PRO J 25 -6.78 9.79 -14.24
N ALA J 26 -5.90 10.30 -13.38
CA ALA J 26 -5.36 11.65 -13.57
C ALA J 26 -4.42 11.77 -14.77
N LEU J 27 -3.54 10.77 -14.91
CA LEU J 27 -2.62 10.71 -16.03
C LEU J 27 -3.28 10.12 -17.28
N GLY J 28 -3.93 8.97 -17.12
CA GLY J 28 -4.73 8.37 -18.19
C GLY J 28 -5.64 9.34 -18.93
N GLN J 29 -6.25 10.27 -18.21
CA GLN J 29 -7.12 11.27 -18.82
C GLN J 29 -6.42 11.99 -20.02
N HIS J 30 -5.13 12.19 -19.90
CA HIS J 30 -4.36 12.89 -20.91
C HIS J 30 -3.43 11.94 -21.64
N GLY J 31 -3.57 10.66 -21.34
CA GLY J 31 -2.93 9.62 -22.10
C GLY J 31 -1.48 9.47 -21.74
N ALA J 32 -1.05 10.07 -20.63
CA ALA J 32 0.32 9.89 -20.15
C ALA J 32 0.62 8.47 -19.68
N ASN J 33 1.90 8.09 -19.81
CA ASN J 33 2.37 6.77 -19.42
C ASN J 33 2.37 6.57 -17.88
N ILE J 34 1.27 6.05 -17.37
CA ILE J 34 1.07 5.78 -15.92
C ILE J 34 2.21 5.02 -15.24
N MET J 35 2.61 3.90 -15.85
CA MET J 35 3.62 3.03 -15.25
C MET J 35 5.01 3.64 -15.27
N GLU J 36 5.33 4.36 -16.33
CA GLU J 36 6.53 5.17 -16.33
C GLU J 36 6.50 6.23 -15.20
N PHE J 37 5.36 6.90 -15.00
CA PHE J 37 5.27 7.83 -13.87
C PHE J 37 5.46 7.11 -12.54
N VAL J 38 4.71 6.03 -12.35
CA VAL J 38 4.82 5.22 -11.13
C VAL J 38 6.29 4.83 -10.81
N LYS J 39 6.98 4.25 -11.78
CA LYS J 39 8.36 3.82 -11.60
C LYS J 39 9.33 4.98 -11.27
N ALA J 40 9.24 6.06 -12.05
CA ALA J 40 10.10 7.24 -11.83
C ALA J 40 9.74 7.95 -10.51
N PHE J 41 8.45 8.09 -10.23
CA PHE J 41 8.07 8.70 -8.96
C PHE J 41 8.64 7.91 -7.79
N ASN J 42 8.43 6.59 -7.79
CA ASN J 42 8.94 5.74 -6.71
C ASN J 42 10.48 5.71 -6.62
N ALA J 43 11.17 5.77 -7.76
CA ALA J 43 12.63 5.86 -7.73
C ALA J 43 13.09 7.17 -7.08
N ALA J 44 12.43 8.28 -7.46
CA ALA J 44 12.74 9.62 -6.96
C ALA J 44 12.41 9.78 -5.47
N THR J 45 11.52 8.94 -4.95
CA THR J 45 11.07 9.07 -3.56
C THR J 45 11.37 7.83 -2.70
N ALA J 46 12.34 7.04 -3.13
CA ALA J 46 12.68 5.77 -2.50
C ALA J 46 13.26 5.92 -1.09
N ASN J 47 14.01 7.01 -0.88
CA ASN J 47 14.71 7.25 0.38
C ASN J 47 13.92 8.13 1.35
N MET J 48 12.65 8.41 1.03
CA MET J 48 11.82 9.36 1.78
C MET J 48 10.89 8.74 2.83
N GLY J 49 11.07 7.45 3.10
CA GLY J 49 10.26 6.73 4.08
C GLY J 49 8.79 6.64 3.67
N ASP J 50 7.90 7.00 4.58
CA ASP J 50 6.46 6.96 4.31
C ASP J 50 5.83 8.35 4.17
N ALA J 51 6.66 9.36 3.94
CA ALA J 51 6.20 10.76 3.84
C ALA J 51 5.15 10.98 2.74
N ILE J 52 4.28 11.97 2.92
CA ILE J 52 3.41 12.46 1.86
C ILE J 52 4.26 13.31 0.93
N VAL J 53 4.15 13.07 -0.38
CA VAL J 53 4.96 13.79 -1.37
C VAL J 53 4.00 14.49 -2.32
N PRO J 54 3.93 15.83 -2.25
CA PRO J 54 3.22 16.56 -3.28
C PRO J 54 3.97 16.45 -4.63
N VAL J 55 3.23 16.23 -5.70
CA VAL J 55 3.82 16.05 -7.02
C VAL J 55 2.98 16.71 -8.13
N GLU J 56 3.67 17.44 -9.00
CA GLU J 56 3.06 18.13 -10.13
C GLU J 56 3.48 17.50 -11.44
N ILE J 57 2.51 17.01 -12.22
CA ILE J 57 2.79 16.36 -13.49
C ILE J 57 2.32 17.25 -14.62
N THR J 58 3.27 17.66 -15.47
CA THR J 58 3.05 18.51 -16.64
C THR J 58 2.96 17.59 -17.87
N ILE J 59 1.80 17.58 -18.52
CA ILE J 59 1.54 16.71 -19.66
C ILE J 59 1.40 17.51 -20.95
N TYR J 60 1.97 16.94 -22.01
CA TYR J 60 2.08 17.59 -23.28
C TYR J 60 1.17 16.92 -24.29
N ALA J 61 1.05 17.51 -25.47
CA ALA J 61 0.05 17.07 -26.44
C ALA J 61 0.28 15.67 -27.06
N ASP J 62 1.51 15.18 -27.01
CA ASP J 62 1.82 13.85 -27.54
C ASP J 62 1.92 12.77 -26.46
N ARG J 63 1.45 13.08 -25.26
CA ARG J 63 1.40 12.16 -24.11
C ARG J 63 2.66 12.19 -23.25
N SER J 64 3.73 12.82 -23.74
CA SER J 64 4.92 12.96 -22.91
C SER J 64 4.61 13.82 -21.67
N PHE J 65 5.44 13.70 -20.65
CA PHE J 65 5.20 14.41 -19.40
C PHE J 65 6.51 14.62 -18.66
N THR J 66 6.52 15.58 -17.73
CA THR J 66 7.56 15.71 -16.74
C THR J 66 6.87 15.84 -15.40
N PHE J 67 7.62 15.73 -14.31
CA PHE J 67 7.04 15.92 -12.99
C PHE J 67 8.05 16.52 -12.04
N VAL J 68 7.56 17.24 -11.04
CA VAL J 68 8.39 17.75 -9.95
C VAL J 68 7.78 17.29 -8.62
N THR J 69 8.64 16.87 -7.69
CA THR J 69 8.22 16.55 -6.33
C THR J 69 8.56 17.70 -5.38
N LYS J 70 7.80 17.79 -4.29
CA LYS J 70 7.99 18.83 -3.29
C LYS J 70 8.31 18.24 -1.91
N THR J 71 8.54 19.13 -0.94
CA THR J 71 8.70 18.73 0.46
C THR J 71 7.32 18.42 1.03
N PRO J 72 7.24 17.50 2.01
CA PRO J 72 5.95 17.17 2.59
C PRO J 72 5.24 18.40 3.16
N PRO J 73 3.89 18.42 3.12
CA PRO J 73 3.10 19.48 3.77
C PRO J 73 3.63 19.82 5.16
N ALA J 74 3.49 21.09 5.55
CA ALA J 74 3.86 21.58 6.87
C ALA J 74 3.18 20.81 8.00
N SER J 75 1.88 20.58 7.84
CA SER J 75 1.10 19.85 8.84
C SER J 75 1.61 18.42 9.00
N TYR J 76 2.01 17.78 7.90
CA TYR J 76 2.61 16.45 7.97
C TYR J 76 3.90 16.39 8.80
N LEU J 77 4.72 17.44 8.70
CA LEU J 77 6.01 17.46 9.39
C LEU J 77 5.83 17.71 10.90
N ILE J 78 4.97 18.67 11.24
CA ILE J 78 4.64 18.94 12.63
C ILE J 78 4.09 17.68 13.32
N ARG J 79 3.09 17.04 12.70
CA ARG J 79 2.45 15.84 13.24
C ARG J 79 3.43 14.68 13.49
N LYS J 80 4.22 14.34 12.49
CA LYS J 80 5.20 13.26 12.60
C LYS J 80 6.26 13.58 13.68
N ALA J 81 6.72 14.84 13.69
CA ALA J 81 7.76 15.28 14.62
C ALA J 81 7.28 15.35 16.07
N ALA J 82 5.95 15.32 16.24
CA ALA J 82 5.30 15.45 17.54
C ALA J 82 4.61 14.17 18.01
N GLY J 83 4.90 13.05 17.35
CA GLY J 83 4.36 11.74 17.74
C GLY J 83 2.94 11.44 17.30
N LEU J 84 2.30 12.37 16.60
CA LEU J 84 0.93 12.15 16.11
C LEU J 84 0.92 11.00 15.09
N GLU J 85 0.18 9.95 15.42
CA GLU J 85 0.32 8.66 14.76
C GLU J 85 -1.03 7.95 14.64
N LYS J 86 -1.27 7.37 13.47
CA LYS J 86 -2.36 6.41 13.25
C LYS J 86 -2.04 5.10 13.97
N GLY J 87 -3.04 4.56 14.67
CA GLY J 87 -2.88 3.30 15.40
C GLY J 87 -4.03 3.09 16.35
N ALA J 88 -3.86 2.16 17.29
CA ALA J 88 -4.89 1.94 18.29
C ALA J 88 -5.02 3.16 19.21
N HIS J 89 -6.25 3.45 19.61
CA HIS J 89 -6.48 4.44 20.65
C HIS J 89 -7.11 3.75 21.85
N LYS J 90 -6.25 3.35 22.78
CA LYS J 90 -6.64 2.60 23.97
C LYS J 90 -7.60 3.35 24.91
N PRO J 91 -8.48 2.63 25.63
CA PRO J 91 -9.17 3.22 26.77
C PRO J 91 -8.20 3.79 27.80
N GLY J 92 -8.61 4.86 28.47
CA GLY J 92 -7.82 5.47 29.53
C GLY J 92 -7.03 6.67 29.11
N ARG J 93 -5.94 6.92 29.83
CA ARG J 93 -5.04 8.03 29.60
C ARG J 93 -4.46 8.04 28.19
N GLU J 94 -4.37 9.23 27.61
CA GLU J 94 -3.66 9.44 26.36
C GLU J 94 -2.97 10.81 26.34
N LYS J 95 -1.72 10.79 25.92
CA LYS J 95 -0.87 11.96 25.96
C LYS J 95 -1.03 12.82 24.71
N VAL J 96 -1.07 14.14 24.94
CA VAL J 96 -1.03 15.16 23.89
C VAL J 96 0.32 15.06 23.15
N GLY J 97 0.38 15.61 21.93
CA GLY J 97 1.62 15.67 21.18
C GLY J 97 2.51 16.82 21.61
N ARG J 98 3.82 16.60 21.52
CA ARG J 98 4.83 17.65 21.72
C ARG J 98 6.09 17.41 20.88
N GLU J 106 13.07 25.20 11.89
CA GLU J 106 13.89 24.35 11.04
C GLU J 106 13.07 23.65 9.95
N ILE J 107 11.97 23.02 10.35
CA ILE J 107 10.91 22.60 9.45
C ILE J 107 10.37 23.85 8.75
N ALA J 108 10.52 24.99 9.43
CA ALA J 108 10.14 26.30 8.90
C ALA J 108 10.92 26.70 7.64
N LYS J 109 12.19 26.29 7.57
CA LYS J 109 13.01 26.61 6.42
C LYS J 109 13.04 25.50 5.37
N GLN J 110 12.43 24.36 5.70
CA GLN J 110 12.04 23.37 4.72
C GLN J 110 10.83 23.89 3.94
N LYS J 111 9.94 24.58 4.65
CA LYS J 111 8.66 25.03 4.11
C LYS J 111 8.63 26.52 3.76
N MET J 112 9.75 27.20 3.97
CA MET J 112 9.87 28.64 3.77
C MET J 112 9.57 29.11 2.32
N PRO J 113 10.27 28.54 1.30
CA PRO J 113 10.01 29.03 -0.05
C PRO J 113 8.77 28.41 -0.68
N LEU J 120 10.43 34.49 5.25
CA LEU J 120 11.88 34.46 5.01
C LEU J 120 12.68 34.59 6.30
N GLU J 121 12.17 35.38 7.24
CA GLU J 121 12.77 35.47 8.57
C GLU J 121 11.89 34.77 9.62
N ALA J 122 10.91 35.50 10.15
CA ALA J 122 9.98 34.98 11.16
C ALA J 122 8.88 34.12 10.53
N ALA J 123 9.31 33.12 9.75
CA ALA J 123 8.39 32.12 9.19
C ALA J 123 8.18 31.00 10.18
N ALA J 124 9.18 30.79 11.05
CA ALA J 124 9.10 29.79 12.13
C ALA J 124 8.02 30.15 13.15
N ARG J 125 7.49 31.36 13.01
CA ARG J 125 6.32 31.85 13.74
C ARG J 125 5.08 31.08 13.30
N MET J 126 4.91 30.93 11.99
CA MET J 126 3.78 30.19 11.43
C MET J 126 3.72 28.77 11.98
N ILE J 127 4.85 28.05 11.89
CA ILE J 127 4.95 26.64 12.31
C ILE J 127 4.56 26.45 13.77
N ALA J 128 5.02 27.38 14.62
CA ALA J 128 4.57 27.43 16.02
C ALA J 128 3.06 27.64 16.12
N GLY J 129 2.55 28.65 15.41
CA GLY J 129 1.12 28.98 15.40
C GLY J 129 0.22 27.86 14.88
N SER J 130 0.71 27.16 13.86
CA SER J 130 0.04 25.99 13.29
C SER J 130 0.07 24.78 14.22
N ALA J 131 1.20 24.56 14.89
CA ALA J 131 1.36 23.44 15.83
C ALA J 131 0.46 23.63 17.06
N ARG J 132 0.46 24.85 17.61
CA ARG J 132 -0.36 25.12 18.76
C ARG J 132 -1.86 25.14 18.44
N SER J 133 -2.23 25.40 17.19
CA SER J 133 -3.64 25.35 16.82
C SER J 133 -4.07 23.92 16.46
N MET J 134 -3.17 22.97 16.74
CA MET J 134 -3.29 21.59 16.34
C MET J 134 -3.79 20.55 17.41
N GLY J 135 -3.75 20.83 18.71
CA GLY J 135 -2.88 21.76 19.37
C GLY J 135 -1.77 20.90 19.99
N VAL J 136 -0.55 21.16 19.54
CA VAL J 136 0.61 20.38 19.94
C VAL J 136 1.41 21.23 20.89
N GLU J 137 1.97 20.61 21.93
CA GLU J 137 2.79 21.34 22.89
C GLU J 137 4.18 21.62 22.33
N VAL J 138 4.65 22.86 22.50
CA VAL J 138 6.00 23.25 22.12
C VAL J 138 6.86 23.55 23.36
N VAL J 139 8.04 22.93 23.42
CA VAL J 139 9.06 23.27 24.40
C VAL J 139 10.05 24.24 23.75
N GLY J 140 10.51 25.24 24.49
CA GLY J 140 11.58 26.16 24.03
C GLY J 140 11.10 27.48 23.42
N ALA J 141 12.12 28.40 23.32
CA ALA J 141 11.94 29.76 22.76
C ALA J 141 10.52 30.15 22.33
N MET K 1 25.02 -24.69 -58.46
CA MET K 1 23.91 -25.59 -58.87
C MET K 1 24.31 -27.07 -58.67
N TRP K 2 23.30 -27.92 -58.54
CA TRP K 2 23.50 -29.38 -58.43
C TRP K 2 23.06 -30.13 -59.70
N VAL K 3 23.60 -31.33 -59.87
CA VAL K 3 23.32 -32.13 -61.06
C VAL K 3 22.98 -33.59 -60.75
N TYR K 4 21.93 -34.08 -61.42
CA TYR K 4 21.41 -35.42 -61.20
C TYR K 4 21.74 -36.31 -62.40
N ARG K 5 22.61 -37.30 -62.15
CA ARG K 5 23.16 -38.16 -63.20
C ARG K 5 22.42 -39.49 -63.29
N LEU K 6 21.93 -39.80 -64.49
CA LEU K 6 21.24 -41.06 -64.78
C LEU K 6 21.85 -41.71 -66.02
N LYS K 7 22.23 -42.98 -65.90
CA LYS K 7 22.70 -43.73 -67.07
C LYS K 7 21.58 -43.99 -68.07
N GLY K 8 21.90 -43.86 -69.35
CA GLY K 8 20.94 -43.98 -70.44
C GLY K 8 20.71 -42.67 -71.17
N THR K 9 20.52 -42.75 -72.49
CA THR K 9 20.29 -41.57 -73.33
C THR K 9 18.94 -40.90 -73.04
N LEU K 10 18.81 -39.65 -73.50
CA LEU K 10 17.54 -38.89 -73.48
C LEU K 10 16.44 -39.62 -74.25
N GLU K 11 16.80 -40.23 -75.37
CA GLU K 11 15.88 -41.02 -76.18
C GLU K 11 15.37 -42.28 -75.45
N ALA K 12 16.25 -42.88 -74.65
CA ALA K 12 15.89 -44.05 -73.85
C ALA K 12 15.03 -43.69 -72.62
N LEU K 13 15.41 -42.63 -71.91
CA LEU K 13 14.80 -42.26 -70.62
C LEU K 13 13.55 -41.37 -70.72
N ASP K 14 12.90 -41.38 -71.90
CA ASP K 14 11.73 -40.52 -72.16
C ASP K 14 10.58 -40.59 -71.14
N PRO K 15 10.20 -41.80 -70.68
CA PRO K 15 9.08 -41.92 -69.73
C PRO K 15 9.24 -41.14 -68.42
N ILE K 16 10.48 -40.91 -67.98
CA ILE K 16 10.73 -40.25 -66.69
C ILE K 16 11.16 -38.77 -66.76
N LEU K 17 11.48 -38.28 -67.96
CA LEU K 17 12.03 -36.93 -68.15
C LEU K 17 11.14 -35.75 -67.70
N PRO K 18 9.83 -35.77 -68.03
CA PRO K 18 8.95 -34.70 -67.51
C PRO K 18 8.81 -34.69 -65.98
N GLY K 19 9.08 -35.82 -65.34
CA GLY K 19 9.10 -35.93 -63.88
C GLY K 19 10.29 -35.22 -63.24
N LEU K 20 11.43 -35.22 -63.94
CA LEU K 20 12.61 -34.46 -63.53
C LEU K 20 12.30 -32.96 -63.59
N PHE K 21 11.61 -32.55 -64.65
CA PHE K 21 11.14 -31.15 -64.79
C PHE K 21 10.08 -30.78 -63.75
N ASP K 22 9.28 -31.76 -63.34
CA ASP K 22 8.30 -31.58 -62.26
C ASP K 22 8.96 -31.57 -60.89
N GLY K 23 10.15 -32.17 -60.80
CA GLY K 23 10.95 -32.21 -59.56
C GLY K 23 11.72 -30.92 -59.35
N GLY K 24 11.96 -30.19 -60.43
CA GLY K 24 12.65 -28.90 -60.38
C GLY K 24 13.80 -28.72 -61.38
N ALA K 25 13.93 -29.66 -62.32
CA ALA K 25 15.01 -29.62 -63.33
C ALA K 25 14.89 -28.41 -64.24
N ARG K 26 16.03 -27.75 -64.49
CA ARG K 26 16.06 -26.53 -65.29
C ARG K 26 16.74 -26.75 -66.63
N GLY K 27 17.13 -28.00 -66.88
CA GLY K 27 17.81 -28.36 -68.11
C GLY K 27 18.27 -29.80 -68.11
N LEU K 28 18.32 -30.37 -69.31
CA LEU K 28 18.83 -31.72 -69.50
C LEU K 28 19.97 -31.68 -70.51
N TRP K 29 21.03 -32.42 -70.21
CA TRP K 29 22.20 -32.47 -71.07
C TRP K 29 22.63 -33.92 -71.26
N GLU K 30 22.61 -34.37 -72.50
CA GLU K 30 23.09 -35.70 -72.86
C GLU K 30 24.62 -35.69 -73.00
N ARG K 31 25.27 -36.53 -72.20
CA ARG K 31 26.72 -36.66 -72.21
C ARG K 31 27.07 -38.13 -72.18
N GLU K 32 27.62 -38.63 -73.29
CA GLU K 32 28.20 -39.98 -73.39
C GLU K 32 27.40 -41.06 -72.65
N GLY K 33 26.21 -41.37 -73.18
CA GLY K 33 25.33 -42.38 -72.60
C GLY K 33 24.69 -42.06 -71.25
N GLU K 34 24.66 -40.79 -70.87
CA GLU K 34 24.04 -40.37 -69.62
C GLU K 34 23.13 -39.16 -69.80
N VAL K 35 22.14 -39.03 -68.91
CA VAL K 35 21.36 -37.80 -68.81
C VAL K 35 21.79 -37.05 -67.56
N TRP K 36 22.12 -35.77 -67.76
CA TRP K 36 22.50 -34.88 -66.69
C TRP K 36 21.40 -33.86 -66.49
N ALA K 37 20.68 -33.98 -65.37
CA ALA K 37 19.60 -33.05 -65.00
C ALA K 37 20.06 -32.06 -63.93
N PHE K 38 19.89 -30.77 -64.21
CA PHE K 38 20.39 -29.70 -63.34
C PHE K 38 19.28 -29.11 -62.47
N PHE K 39 19.46 -29.20 -61.16
CA PHE K 39 18.54 -28.65 -60.16
C PHE K 39 19.31 -27.67 -59.28
N PRO K 40 18.65 -26.59 -58.79
CA PRO K 40 19.25 -25.71 -57.77
C PRO K 40 19.84 -26.44 -56.54
N ALA K 41 19.22 -27.57 -56.16
CA ALA K 41 19.67 -28.44 -55.04
C ALA K 41 19.11 -29.86 -55.21
N PRO K 42 19.76 -30.89 -54.62
CA PRO K 42 19.15 -32.23 -54.69
C PRO K 42 17.74 -32.30 -54.09
N VAL K 43 16.84 -32.93 -54.85
CA VAL K 43 15.48 -33.23 -54.39
C VAL K 43 15.26 -34.75 -54.42
N ASP K 44 14.27 -35.23 -53.68
CA ASP K 44 14.02 -36.66 -53.58
C ASP K 44 13.32 -37.19 -54.83
N LEU K 45 14.10 -37.88 -55.66
CA LEU K 45 13.61 -38.48 -56.88
C LEU K 45 13.79 -40.01 -56.81
N PRO K 46 12.77 -40.78 -57.22
CA PRO K 46 12.88 -42.23 -57.18
C PRO K 46 13.37 -42.85 -58.51
N TYR K 47 14.37 -42.22 -59.14
CA TYR K 47 14.76 -42.57 -60.52
C TYR K 47 16.06 -43.39 -60.70
N GLU K 48 16.82 -43.57 -59.63
CA GLU K 48 18.07 -44.39 -59.60
C GLU K 48 19.35 -43.59 -59.87
N GLY K 49 19.23 -42.27 -59.89
CA GLY K 49 20.37 -41.40 -60.22
C GLY K 49 21.36 -41.05 -59.12
N VAL K 50 22.18 -40.05 -59.42
CA VAL K 50 23.36 -39.68 -58.65
C VAL K 50 23.35 -38.13 -58.56
N TRP K 51 23.74 -37.58 -57.41
CA TRP K 51 23.80 -36.12 -57.19
C TRP K 51 25.25 -35.59 -57.05
N GLU K 52 25.62 -34.67 -57.94
CA GLU K 52 26.93 -34.01 -57.92
C GLU K 52 26.80 -32.49 -57.98
N GLU K 53 27.75 -31.79 -57.34
CA GLU K 53 27.74 -30.33 -57.31
C GLU K 53 28.55 -29.75 -58.46
N VAL K 54 27.92 -28.91 -59.27
CA VAL K 54 28.61 -28.28 -60.40
C VAL K 54 29.62 -27.20 -59.94
N GLY K 55 30.83 -27.30 -60.45
CA GLY K 55 31.88 -26.29 -60.25
C GLY K 55 31.69 -25.22 -61.30
N ASP K 56 31.50 -23.98 -60.87
CA ASP K 56 31.02 -22.90 -61.74
C ASP K 56 32.10 -22.12 -62.51
N GLU K 57 33.34 -22.14 -62.01
CA GLU K 57 34.41 -21.28 -62.50
C GLU K 57 34.56 -21.28 -64.04
N ASP K 58 34.47 -22.45 -64.65
CA ASP K 58 34.72 -22.63 -66.08
C ASP K 58 33.62 -22.12 -67.03
N TRP K 59 32.34 -22.28 -66.65
CA TRP K 59 31.25 -21.78 -67.50
C TRP K 59 30.92 -20.27 -67.34
N LEU K 60 31.14 -19.72 -66.15
CA LEU K 60 31.12 -18.27 -65.94
C LEU K 60 32.43 -17.74 -66.51
N GLU K 61 32.38 -17.21 -67.73
CA GLU K 61 33.56 -17.12 -68.62
C GLU K 61 34.09 -18.54 -68.71
N ALA K 62 33.65 -19.33 -69.68
CA ALA K 62 33.13 -18.96 -71.02
C ALA K 62 31.97 -17.97 -71.26
N TRP K 63 31.10 -17.76 -70.29
CA TRP K 63 29.99 -16.83 -70.46
C TRP K 63 30.44 -15.36 -70.47
N ARG K 64 31.26 -15.01 -69.49
CA ARG K 64 31.76 -13.64 -69.29
C ARG K 64 32.72 -13.15 -70.37
N ARG K 65 33.45 -14.08 -71.00
CA ARG K 65 34.50 -13.72 -71.97
C ARG K 65 33.98 -13.05 -73.23
N ASP K 66 32.75 -13.37 -73.59
CA ASP K 66 32.16 -12.88 -74.84
C ASP K 66 31.31 -11.63 -74.67
N LEU K 67 31.00 -11.29 -73.43
CA LEU K 67 30.23 -10.10 -73.11
C LEU K 67 31.11 -8.88 -73.36
N LYS K 68 30.48 -7.81 -73.85
CA LYS K 68 31.23 -6.66 -74.36
C LYS K 68 30.56 -5.34 -73.98
N PRO K 69 31.35 -4.24 -73.87
CA PRO K 69 30.71 -2.94 -73.61
C PRO K 69 29.49 -2.71 -74.51
N ALA K 70 28.49 -1.98 -74.02
CA ALA K 70 27.31 -1.70 -74.83
C ALA K 70 26.98 -0.21 -74.78
N LEU K 71 27.02 0.44 -75.92
CA LEU K 71 26.65 1.83 -76.00
C LEU K 71 25.18 2.02 -75.72
N ALA K 72 24.89 2.99 -74.87
CA ALA K 72 23.53 3.44 -74.63
C ALA K 72 23.63 4.94 -74.42
N PRO K 73 23.84 5.70 -75.52
CA PRO K 73 24.24 7.11 -75.38
C PRO K 73 23.23 7.85 -74.48
N PRO K 74 23.71 8.78 -73.63
CA PRO K 74 25.09 9.24 -73.41
C PRO K 74 25.99 8.28 -72.63
N PHE K 75 25.50 7.07 -72.37
CA PHE K 75 26.24 6.10 -71.56
C PHE K 75 26.85 4.96 -72.39
N VAL K 76 27.76 4.22 -71.75
CA VAL K 76 28.21 2.89 -72.16
C VAL K 76 28.04 2.00 -70.92
N VAL K 77 27.42 0.83 -71.09
CA VAL K 77 27.20 -0.14 -70.01
C VAL K 77 28.37 -1.11 -70.00
N LEU K 78 29.05 -1.14 -68.86
CA LEU K 78 30.29 -1.85 -68.71
C LEU K 78 30.13 -2.97 -67.68
N ALA K 79 30.75 -4.12 -67.93
CA ALA K 79 30.97 -5.11 -66.90
C ALA K 79 32.16 -4.66 -66.04
N PRO K 80 32.23 -5.09 -64.77
CA PRO K 80 33.33 -4.65 -63.88
C PRO K 80 34.74 -4.94 -64.40
N TRP K 81 34.92 -6.05 -65.12
CA TRP K 81 36.21 -6.41 -65.68
C TRP K 81 36.59 -5.69 -66.98
N HIS K 82 35.66 -4.95 -67.61
CA HIS K 82 35.94 -4.31 -68.90
C HIS K 82 37.06 -3.23 -68.88
N THR K 83 37.96 -3.38 -69.84
CA THR K 83 39.15 -2.55 -70.04
C THR K 83 38.84 -1.35 -70.99
N TRP K 84 37.63 -0.83 -70.93
CA TRP K 84 37.17 0.26 -71.81
C TRP K 84 37.74 1.62 -71.45
N GLU K 85 37.92 2.50 -72.46
CA GLU K 85 38.64 3.78 -72.26
C GLU K 85 38.19 5.10 -72.95
N GLY K 86 36.90 5.33 -73.16
CA GLY K 86 36.44 6.45 -74.00
C GLY K 86 35.78 7.66 -73.34
N ALA K 87 34.81 8.25 -74.05
CA ALA K 87 34.17 9.52 -73.67
C ALA K 87 32.79 9.41 -73.02
N GLU K 88 32.05 8.35 -73.30
CA GLU K 88 30.69 8.20 -72.79
C GLU K 88 30.65 8.07 -71.28
N ILE K 89 29.48 8.25 -70.67
CA ILE K 89 29.39 8.08 -69.24
C ILE K 89 29.33 6.59 -68.93
N PRO K 90 30.34 6.08 -68.20
CA PRO K 90 30.34 4.66 -67.86
C PRO K 90 29.27 4.35 -66.82
N LEU K 91 28.66 3.19 -66.97
CA LEU K 91 27.65 2.70 -66.07
C LEU K 91 28.06 1.24 -65.89
N VAL K 92 28.62 0.91 -64.73
CA VAL K 92 29.12 -0.42 -64.43
C VAL K 92 28.03 -1.28 -63.78
N ILE K 93 27.71 -2.40 -64.45
CA ILE K 93 26.65 -3.29 -64.02
C ILE K 93 27.20 -4.72 -64.03
N GLU K 94 27.09 -5.46 -62.93
CA GLU K 94 27.45 -6.89 -62.96
C GLU K 94 26.42 -7.67 -63.78
N PRO K 95 26.87 -8.29 -64.89
CA PRO K 95 25.97 -9.05 -65.76
C PRO K 95 25.30 -10.20 -65.02
N GLY K 96 24.01 -10.39 -65.28
CA GLY K 96 23.25 -11.49 -64.64
C GLY K 96 22.87 -12.58 -65.63
N THR K 101 13.59 -10.42 -71.84
CA THR K 101 14.14 -10.80 -73.13
C THR K 101 14.87 -9.59 -73.73
N GLY K 102 14.11 -8.64 -74.27
CA GLY K 102 14.70 -7.45 -74.93
C GLY K 102 15.27 -6.41 -73.98
N HIS K 103 16.04 -6.89 -72.99
CA HIS K 103 16.66 -6.05 -71.96
C HIS K 103 17.53 -4.94 -72.52
N ALA K 104 18.46 -5.31 -73.40
CA ALA K 104 19.41 -4.39 -74.00
C ALA K 104 18.71 -3.24 -74.72
N GLU K 105 17.71 -3.58 -75.52
CA GLU K 105 17.02 -2.62 -76.37
C GLU K 105 16.28 -1.60 -75.53
N THR K 106 15.56 -2.10 -74.52
CA THR K 106 14.65 -1.29 -73.70
C THR K 106 15.44 -0.44 -72.73
N THR K 107 16.55 -1.00 -72.26
CA THR K 107 17.54 -0.28 -71.44
C THR K 107 18.19 0.90 -72.19
N ARG K 108 18.58 0.67 -73.44
CA ARG K 108 19.07 1.72 -74.32
C ARG K 108 18.01 2.83 -74.49
N LEU K 109 16.75 2.42 -74.73
CA LEU K 109 15.65 3.35 -74.85
C LEU K 109 15.50 4.17 -73.57
N ALA K 110 15.39 3.48 -72.44
CA ALA K 110 15.20 4.13 -71.15
C ALA K 110 16.32 5.13 -70.82
N LEU K 111 17.58 4.72 -71.02
CA LEU K 111 18.74 5.56 -70.73
C LEU K 111 18.79 6.85 -71.54
N LYS K 112 18.59 6.75 -72.85
CA LYS K 112 18.47 7.93 -73.71
C LYS K 112 17.34 8.88 -73.27
N ALA K 113 16.11 8.36 -73.12
CA ALA K 113 15.01 9.18 -72.61
C ALA K 113 15.28 9.80 -71.23
N LEU K 114 15.88 9.01 -70.33
CA LEU K 114 16.22 9.48 -68.98
C LEU K 114 17.12 10.69 -69.04
N ALA K 115 18.19 10.60 -69.86
CA ALA K 115 19.14 11.69 -70.07
C ALA K 115 18.54 12.91 -70.78
N ARG K 116 17.58 12.64 -71.66
CA ARG K 116 16.89 13.68 -72.42
C ARG K 116 15.93 14.46 -71.53
N HIS K 117 15.22 13.74 -70.66
CA HIS K 117 14.15 14.35 -69.86
C HIS K 117 14.56 14.90 -68.50
N LEU K 118 15.57 14.31 -67.87
CA LEU K 118 15.99 14.66 -66.51
C LEU K 118 16.70 16.00 -66.40
N ARG K 119 16.37 16.72 -65.34
CA ARG K 119 17.12 17.89 -64.89
C ARG K 119 17.74 17.59 -63.52
N PRO K 120 19.01 18.02 -63.29
CA PRO K 120 19.61 17.89 -61.95
C PRO K 120 18.66 18.36 -60.83
N GLY K 121 18.65 17.59 -59.74
CA GLY K 121 17.70 17.84 -58.64
C GLY K 121 16.34 17.17 -58.77
N ASP K 122 15.99 16.68 -59.97
CA ASP K 122 14.70 15.99 -60.14
C ASP K 122 14.59 14.78 -59.21
N LYS K 123 13.43 14.63 -58.59
CA LYS K 123 13.18 13.39 -57.88
C LYS K 123 12.71 12.35 -58.87
N VAL K 124 13.36 11.19 -58.85
CA VAL K 124 13.14 10.16 -59.86
C VAL K 124 12.68 8.85 -59.25
N LEU K 125 11.60 8.30 -59.79
CA LEU K 125 11.20 6.95 -59.44
C LEU K 125 11.49 5.96 -60.56
N ASP K 126 12.33 4.97 -60.25
CA ASP K 126 12.57 3.80 -61.10
C ASP K 126 11.67 2.66 -60.63
N LEU K 127 10.56 2.45 -61.32
CA LEU K 127 9.66 1.37 -60.99
C LEU K 127 10.07 0.05 -61.64
N GLY K 128 10.26 -0.99 -60.83
CA GLY K 128 10.76 -2.28 -61.29
C GLY K 128 12.25 -2.21 -61.51
N THR K 129 12.97 -1.68 -60.53
CA THR K 129 14.38 -1.35 -60.68
C THR K 129 15.32 -2.50 -61.14
N GLY K 130 15.02 -3.74 -60.71
CA GLY K 130 15.85 -4.92 -61.01
C GLY K 130 17.33 -4.79 -60.62
N SER K 131 18.20 -4.78 -61.64
CA SER K 131 19.64 -4.57 -61.44
C SER K 131 19.94 -3.17 -60.92
N GLY K 132 18.96 -2.27 -61.10
CA GLY K 132 19.08 -0.88 -60.68
C GLY K 132 19.73 0.08 -61.64
N VAL K 133 20.04 -0.38 -62.85
CA VAL K 133 20.75 0.43 -63.86
C VAL K 133 20.21 1.85 -64.01
N LEU K 134 18.89 2.01 -63.98
CA LEU K 134 18.27 3.28 -64.34
C LEU K 134 18.22 4.29 -63.18
N ALA K 135 18.02 3.78 -61.96
CA ALA K 135 18.20 4.60 -60.75
C ALA K 135 19.67 5.01 -60.62
N ILE K 136 20.58 4.11 -60.95
CA ILE K 136 22.01 4.43 -60.91
C ILE K 136 22.37 5.52 -61.94
N ALA K 137 21.83 5.42 -63.15
CA ALA K 137 22.02 6.41 -64.21
C ALA K 137 21.41 7.77 -63.84
N ALA K 138 20.20 7.74 -63.27
CA ALA K 138 19.57 8.95 -62.74
C ALA K 138 20.47 9.70 -61.73
N GLU K 139 21.04 8.98 -60.78
CA GLU K 139 21.97 9.57 -59.80
C GLU K 139 23.24 10.10 -60.46
N LYS K 140 23.82 9.35 -61.40
CA LYS K 140 24.93 9.85 -62.25
C LYS K 140 24.64 11.22 -62.87
N LEU K 141 23.41 11.40 -63.32
CA LEU K 141 22.95 12.59 -64.00
C LEU K 141 22.50 13.73 -63.07
N GLY K 142 22.62 13.54 -61.75
CA GLY K 142 22.17 14.53 -60.76
C GLY K 142 20.70 14.43 -60.35
N GLY K 143 20.06 13.31 -60.68
CA GLY K 143 18.73 13.01 -60.17
C GLY K 143 18.84 12.43 -58.78
N LYS K 144 17.72 12.46 -58.05
CA LYS K 144 17.64 11.93 -56.70
C LYS K 144 16.68 10.76 -56.80
N ALA K 145 17.22 9.55 -56.86
CA ALA K 145 16.43 8.43 -57.32
C ALA K 145 16.01 7.48 -56.21
N LEU K 146 14.82 6.90 -56.39
CA LEU K 146 14.32 5.78 -55.62
C LEU K 146 14.02 4.66 -56.61
N GLY K 147 14.66 3.52 -56.37
CA GLY K 147 14.37 2.32 -57.12
C GLY K 147 13.57 1.35 -56.26
N VAL K 148 12.39 0.99 -56.75
CA VAL K 148 11.59 0.00 -56.04
C VAL K 148 11.41 -1.24 -56.90
N ASP K 149 11.36 -2.41 -56.25
CA ASP K 149 11.04 -3.66 -56.93
C ASP K 149 10.26 -4.59 -55.98
N ILE K 150 9.28 -5.29 -56.53
CA ILE K 150 8.46 -6.21 -55.72
C ILE K 150 9.20 -7.49 -55.34
N ASP K 151 10.24 -7.79 -56.11
CA ASP K 151 11.17 -8.86 -55.78
C ASP K 151 12.30 -8.35 -54.88
N PRO K 152 12.29 -8.71 -53.58
CA PRO K 152 13.32 -8.23 -52.64
C PRO K 152 14.70 -8.80 -52.96
N MET K 153 14.71 -9.93 -53.66
CA MET K 153 15.92 -10.66 -54.00
C MET K 153 16.87 -9.93 -54.94
N VAL K 154 16.36 -8.92 -55.67
CA VAL K 154 17.20 -8.18 -56.60
C VAL K 154 17.83 -6.97 -55.95
N LEU K 155 17.44 -6.70 -54.71
CA LEU K 155 17.93 -5.52 -53.97
C LEU K 155 19.44 -5.55 -53.64
N PRO K 156 19.95 -6.69 -53.11
CA PRO K 156 21.40 -6.77 -52.89
C PRO K 156 22.22 -6.51 -54.15
N GLN K 157 21.70 -6.97 -55.29
CA GLN K 157 22.40 -6.83 -56.56
C GLN K 157 22.34 -5.39 -57.07
N ALA K 158 21.22 -4.74 -56.84
CA ALA K 158 21.07 -3.33 -57.18
C ALA K 158 21.99 -2.47 -56.32
N GLU K 159 22.09 -2.78 -55.03
CA GLU K 159 22.94 -2.08 -54.11
C GLU K 159 24.41 -2.24 -54.52
N ALA K 160 24.79 -3.48 -54.82
CA ALA K 160 26.11 -3.83 -55.28
C ALA K 160 26.45 -3.09 -56.60
N ASN K 161 25.47 -2.93 -57.49
CA ASN K 161 25.72 -2.21 -58.77
C ASN K 161 25.94 -0.72 -58.52
N ALA K 162 25.23 -0.19 -57.54
CA ALA K 162 25.31 1.22 -57.19
C ALA K 162 26.69 1.61 -56.59
N LYS K 163 27.25 0.72 -55.76
CA LYS K 163 28.60 0.87 -55.20
C LYS K 163 29.68 0.92 -56.30
N ARG K 164 29.49 0.17 -57.39
CA ARG K 164 30.45 0.18 -58.53
C ARG K 164 30.46 1.48 -59.29
N ASN K 165 29.47 2.32 -59.02
CA ASN K 165 29.26 3.56 -59.74
C ASN K 165 29.43 4.77 -58.86
N GLY K 166 29.56 4.54 -57.55
CA GLY K 166 29.78 5.60 -56.57
C GLY K 166 28.60 6.54 -56.43
N VAL K 167 27.40 5.99 -56.55
CA VAL K 167 26.15 6.71 -56.32
C VAL K 167 25.31 5.93 -55.31
N ARG K 168 24.44 6.65 -54.59
CA ARG K 168 23.61 6.02 -53.57
C ARG K 168 22.12 6.36 -53.74
N PRO K 169 21.44 5.71 -54.70
CA PRO K 169 19.99 5.81 -54.79
C PRO K 169 19.39 5.11 -53.59
N ARG K 170 18.10 5.33 -53.35
CA ARG K 170 17.41 4.56 -52.35
C ARG K 170 16.79 3.35 -53.04
N PHE K 171 16.98 2.18 -52.46
CA PHE K 171 16.35 0.96 -52.94
C PHE K 171 15.41 0.36 -51.90
N LEU K 172 14.26 -0.09 -52.35
CA LEU K 172 13.19 -0.47 -51.46
C LEU K 172 12.37 -1.57 -52.08
N GLU K 173 11.95 -2.55 -51.27
CA GLU K 173 11.02 -3.57 -51.74
C GLU K 173 9.66 -2.94 -51.83
N GLY K 174 8.99 -3.15 -52.97
CA GLY K 174 7.61 -2.73 -53.11
C GLY K 174 7.32 -2.25 -54.52
N SER K 175 6.24 -1.52 -54.67
CA SER K 175 5.82 -1.00 -55.96
C SER K 175 5.38 0.44 -55.73
N LEU K 176 4.32 0.87 -56.41
CA LEU K 176 3.86 2.26 -56.30
C LEU K 176 3.44 2.68 -54.90
N GLU K 177 2.76 1.81 -54.15
CA GLU K 177 2.39 2.11 -52.74
C GLU K 177 3.60 2.40 -51.83
N ALA K 178 4.65 1.61 -51.96
CA ALA K 178 5.86 1.79 -51.19
C ALA K 178 6.62 3.08 -51.56
N ALA K 179 6.53 3.50 -52.83
CA ALA K 179 7.18 4.70 -53.34
C ALA K 179 6.52 5.98 -52.87
N LEU K 180 5.22 5.93 -52.68
CA LEU K 180 4.38 7.10 -52.39
C LEU K 180 4.81 8.07 -51.26
N PRO K 181 5.24 7.55 -50.09
CA PRO K 181 5.67 8.47 -49.03
C PRO K 181 7.02 9.15 -49.33
N PHE K 182 7.65 8.76 -50.43
CA PHE K 182 8.96 9.26 -50.85
C PHE K 182 8.80 10.26 -51.99
N GLY K 183 7.59 10.31 -52.58
CA GLY K 183 7.28 11.25 -53.61
C GLY K 183 6.57 12.49 -53.11
N PRO K 184 5.87 13.22 -54.00
CA PRO K 184 5.73 12.89 -55.43
C PRO K 184 7.02 13.05 -56.24
N PHE K 185 7.03 12.48 -57.44
CA PHE K 185 8.23 12.47 -58.25
C PHE K 185 8.13 13.45 -59.42
N ASP K 186 9.29 13.89 -59.89
CA ASP K 186 9.39 14.73 -61.06
C ASP K 186 9.38 13.89 -62.30
N LEU K 187 9.91 12.68 -62.17
CA LEU K 187 10.10 11.79 -63.28
C LEU K 187 9.96 10.35 -62.83
N LEU K 188 9.14 9.61 -63.57
CA LEU K 188 9.00 8.18 -63.40
C LEU K 188 9.58 7.50 -64.62
N VAL K 189 10.36 6.45 -64.37
CA VAL K 189 10.94 5.66 -65.43
C VAL K 189 10.57 4.25 -65.07
N ALA K 190 10.09 3.49 -66.06
CA ALA K 190 9.54 2.17 -65.79
C ALA K 190 9.74 1.26 -66.98
N ASN K 191 10.69 0.34 -66.86
CA ASN K 191 10.93 -0.66 -67.88
C ASN K 191 10.18 -1.91 -67.45
N LEU K 192 8.91 -1.99 -67.82
CA LEU K 192 8.08 -3.12 -67.45
C LEU K 192 7.55 -3.83 -68.68
N TYR K 193 6.24 -3.76 -68.91
CA TYR K 193 5.60 -4.34 -70.09
C TYR K 193 4.20 -3.72 -70.25
N ALA K 194 3.63 -3.81 -71.46
CA ALA K 194 2.39 -3.13 -71.80
C ALA K 194 1.24 -3.31 -70.79
N GLU K 195 0.96 -4.55 -70.40
CA GLU K 195 -0.18 -4.82 -69.52
C GLU K 195 -0.07 -4.17 -68.13
N LEU K 196 1.15 -4.16 -67.58
CA LEU K 196 1.36 -3.58 -66.28
C LEU K 196 1.22 -2.07 -66.34
N HIS K 197 1.85 -1.43 -67.34
CA HIS K 197 1.72 0.00 -67.56
C HIS K 197 0.26 0.42 -67.70
N ALA K 198 -0.53 -0.37 -68.42
CA ALA K 198 -1.92 -0.03 -68.66
C ALA K 198 -2.76 -0.06 -67.38
N ALA K 199 -2.61 -1.12 -66.59
CA ALA K 199 -3.29 -1.27 -65.30
C ALA K 199 -2.87 -0.21 -64.26
N LEU K 200 -1.60 0.18 -64.31
CA LEU K 200 -1.04 1.08 -63.34
C LEU K 200 -1.19 2.56 -63.71
N ALA K 201 -1.49 2.85 -64.98
CA ALA K 201 -1.62 4.23 -65.49
C ALA K 201 -2.23 5.31 -64.55
N PRO K 202 -3.45 5.07 -63.99
CA PRO K 202 -4.04 6.08 -63.07
C PRO K 202 -3.23 6.33 -61.81
N ARG K 203 -2.48 5.34 -61.37
CA ARG K 203 -1.59 5.52 -60.23
C ARG K 203 -0.24 6.13 -60.59
N TYR K 204 0.16 6.00 -61.85
CA TYR K 204 1.32 6.75 -62.37
C TYR K 204 1.12 8.22 -62.18
N ARG K 205 -0.07 8.69 -62.52
CA ARG K 205 -0.41 10.09 -62.39
C ARG K 205 -0.31 10.55 -60.94
N GLU K 206 -0.85 9.76 -60.02
CA GLU K 206 -0.81 10.05 -58.56
C GLU K 206 0.62 10.12 -58.02
N ALA K 207 1.58 9.52 -58.72
CA ALA K 207 2.97 9.44 -58.26
C ALA K 207 3.82 10.65 -58.66
N LEU K 208 3.32 11.45 -59.60
CA LEU K 208 4.08 12.56 -60.16
C LEU K 208 3.57 13.94 -59.72
N VAL K 209 4.47 14.92 -59.57
CA VAL K 209 4.07 16.33 -59.45
C VAL K 209 3.38 16.75 -60.74
N PRO K 210 2.51 17.78 -60.69
CA PRO K 210 2.01 18.35 -61.95
C PRO K 210 3.15 18.79 -62.83
N GLY K 211 3.09 18.47 -64.11
CA GLY K 211 4.17 18.79 -65.06
C GLY K 211 5.20 17.69 -65.09
N GLY K 212 5.04 16.73 -64.17
CA GLY K 212 5.95 15.61 -64.05
C GLY K 212 5.92 14.71 -65.25
N ARG K 213 6.95 13.88 -65.41
CA ARG K 213 7.02 13.01 -66.59
C ARG K 213 7.14 11.54 -66.26
N ALA K 214 6.61 10.73 -67.18
CA ALA K 214 6.64 9.30 -67.12
C ALA K 214 7.25 8.77 -68.40
N LEU K 215 8.24 7.90 -68.26
CA LEU K 215 8.92 7.27 -69.38
C LEU K 215 8.74 5.76 -69.26
N LEU K 216 7.92 5.23 -70.15
CA LEU K 216 7.41 3.86 -70.07
C LEU K 216 7.95 3.02 -71.21
N THR K 217 8.64 1.91 -70.89
CA THR K 217 9.21 1.03 -71.92
C THR K 217 9.07 -0.45 -71.50
N GLY K 218 9.65 -1.36 -72.26
CA GLY K 218 9.40 -2.79 -72.11
C GLY K 218 8.12 -3.14 -72.84
N ILE K 219 7.67 -2.19 -73.66
CA ILE K 219 6.40 -2.26 -74.37
C ILE K 219 6.64 -2.82 -75.78
N LEU K 220 6.06 -4.00 -76.07
CA LEU K 220 6.05 -4.51 -77.44
C LEU K 220 5.29 -3.51 -78.32
N LYS K 221 5.86 -3.26 -79.50
CA LYS K 221 5.35 -2.28 -80.46
C LYS K 221 3.86 -2.47 -80.79
N ASP K 222 3.44 -3.72 -80.83
CA ASP K 222 2.06 -4.07 -81.22
C ASP K 222 1.07 -3.89 -80.06
N ARG K 223 1.59 -3.79 -78.83
CA ARG K 223 0.74 -3.55 -77.68
C ARG K 223 0.79 -2.10 -77.22
N ALA K 224 1.47 -1.25 -77.99
CA ALA K 224 1.57 0.17 -77.64
C ALA K 224 0.22 0.90 -77.55
N PRO K 225 -0.77 0.56 -78.41
CA PRO K 225 -2.09 1.19 -78.23
C PRO K 225 -2.73 0.94 -76.87
N LEU K 226 -2.52 -0.25 -76.29
CA LEU K 226 -2.98 -0.51 -74.91
C LEU K 226 -2.49 0.57 -73.94
N VAL K 227 -1.18 0.82 -73.93
CA VAL K 227 -0.56 1.81 -73.09
C VAL K 227 -0.93 3.26 -73.46
N ARG K 228 -0.96 3.58 -74.76
CA ARG K 228 -1.45 4.89 -75.24
C ARG K 228 -2.87 5.20 -74.76
N GLU K 229 -3.75 4.22 -74.91
CA GLU K 229 -5.14 4.29 -74.45
C GLU K 229 -5.20 4.54 -72.94
N ALA K 230 -4.55 3.68 -72.17
CA ALA K 230 -4.55 3.80 -70.71
C ALA K 230 -3.93 5.12 -70.25
N MET K 231 -2.87 5.57 -70.91
CA MET K 231 -2.24 6.83 -70.49
C MET K 231 -3.11 8.03 -70.85
N ALA K 232 -3.76 7.99 -72.01
CA ALA K 232 -4.67 9.06 -72.41
C ALA K 232 -5.87 9.10 -71.49
N GLY K 233 -6.41 7.92 -71.14
CA GLY K 233 -7.51 7.82 -70.19
C GLY K 233 -7.16 8.39 -68.84
N ALA K 234 -5.88 8.29 -68.47
CA ALA K 234 -5.40 8.72 -67.15
C ALA K 234 -5.08 10.22 -67.04
N GLY K 235 -5.13 10.95 -68.16
CA GLY K 235 -4.96 12.40 -68.13
C GLY K 235 -3.59 12.86 -68.63
N PHE K 236 -2.84 11.93 -69.20
CA PHE K 236 -1.49 12.22 -69.69
C PHE K 236 -1.45 12.80 -71.11
N ARG K 237 -0.44 13.63 -71.36
CA ARG K 237 -0.16 14.19 -72.69
C ARG K 237 1.06 13.43 -73.22
N PRO K 238 1.01 12.91 -74.48
CA PRO K 238 2.20 12.28 -75.03
C PRO K 238 3.18 13.34 -75.48
N LEU K 239 4.46 13.01 -75.35
CA LEU K 239 5.48 13.98 -75.55
C LEU K 239 6.33 13.56 -76.73
N GLU K 240 6.67 12.27 -76.76
CA GLU K 240 7.42 11.69 -77.87
C GLU K 240 7.50 10.19 -77.65
N GLU K 241 7.69 9.47 -78.75
CA GLU K 241 7.90 8.04 -78.70
C GLU K 241 9.26 7.75 -79.31
N ALA K 242 9.88 6.66 -78.86
CA ALA K 242 11.13 6.17 -79.43
C ALA K 242 10.99 4.65 -79.61
N ALA K 243 11.74 4.09 -80.56
CA ALA K 243 11.62 2.68 -80.87
C ALA K 243 12.97 2.05 -81.17
N GLU K 244 13.09 0.77 -80.82
CA GLU K 244 14.22 -0.05 -81.27
C GLU K 244 13.79 -1.49 -81.41
N GLY K 245 13.90 -2.01 -82.63
CA GLY K 245 13.37 -3.33 -82.96
C GLY K 245 11.89 -3.45 -82.64
N GLU K 246 11.54 -4.46 -81.86
CA GLU K 246 10.14 -4.74 -81.51
C GLU K 246 9.63 -3.96 -80.28
N TRP K 247 10.43 -2.99 -79.84
CA TRP K 247 10.24 -2.34 -78.54
C TRP K 247 10.12 -0.85 -78.68
N VAL K 248 9.29 -0.26 -77.85
CA VAL K 248 9.11 1.20 -77.85
C VAL K 248 9.18 1.77 -76.44
N LEU K 249 9.53 3.04 -76.38
CA LEU K 249 9.44 3.83 -75.17
C LEU K 249 8.41 4.88 -75.48
N LEU K 250 7.48 5.08 -74.54
CA LEU K 250 6.41 6.07 -74.66
C LEU K 250 6.57 7.01 -73.49
N ALA K 251 6.65 8.29 -73.81
CA ALA K 251 6.92 9.32 -72.85
C ALA K 251 5.67 10.16 -72.68
N TYR K 252 5.35 10.51 -71.44
CA TYR K 252 4.12 11.26 -71.17
C TYR K 252 4.38 12.37 -70.19
N GLY K 253 3.47 13.35 -70.18
CA GLY K 253 3.53 14.45 -69.24
C GLY K 253 2.20 14.56 -68.54
N ARG K 254 2.22 14.90 -67.27
CA ARG K 254 1.00 15.32 -66.64
C ARG K 254 1.09 16.81 -66.27
N MET L 1 33.79 -26.26 -93.90
CA MET L 1 32.91 -27.21 -94.68
C MET L 1 31.53 -27.54 -94.05
N LYS L 2 31.33 -27.38 -92.73
CA LYS L 2 32.34 -26.97 -91.76
C LYS L 2 32.77 -28.15 -90.88
N LYS L 3 33.78 -27.93 -90.04
CA LYS L 3 34.37 -28.99 -89.23
C LYS L 3 33.71 -29.07 -87.84
N VAL L 4 32.84 -30.07 -87.68
CA VAL L 4 32.04 -30.25 -86.45
C VAL L 4 32.90 -30.76 -85.28
N VAL L 5 32.83 -30.06 -84.15
CA VAL L 5 33.53 -30.46 -82.92
C VAL L 5 32.61 -31.19 -81.94
N ALA L 6 31.33 -30.82 -81.94
CA ALA L 6 30.31 -31.44 -81.10
C ALA L 6 28.90 -31.20 -81.64
N VAL L 7 27.99 -32.11 -81.32
CA VAL L 7 26.57 -31.93 -81.62
C VAL L 7 25.76 -32.07 -80.30
N VAL L 8 25.67 -30.95 -79.59
CA VAL L 8 25.17 -30.89 -78.20
C VAL L 8 23.66 -31.09 -78.10
N LYS L 9 23.25 -32.11 -77.36
CA LYS L 9 21.85 -32.46 -77.18
C LYS L 9 21.35 -31.95 -75.83
N LEU L 10 20.40 -31.03 -75.86
CA LEU L 10 19.84 -30.43 -74.66
C LEU L 10 18.31 -30.46 -74.65
N GLN L 11 17.74 -30.42 -73.45
CA GLN L 11 16.30 -30.17 -73.28
C GLN L 11 16.09 -29.01 -72.30
N LEU L 12 15.51 -27.93 -72.83
CA LEU L 12 15.34 -26.69 -72.09
C LEU L 12 13.88 -26.23 -72.14
N PRO L 13 13.38 -25.62 -71.03
CA PRO L 13 12.04 -25.01 -71.01
C PRO L 13 11.95 -23.82 -71.98
N ALA L 14 10.90 -23.80 -72.79
CA ALA L 14 10.69 -22.79 -73.83
C ALA L 14 10.73 -21.36 -73.29
N GLY L 15 11.51 -20.51 -73.98
CA GLY L 15 11.61 -19.08 -73.69
C GLY L 15 12.33 -18.72 -72.40
N LYS L 16 13.05 -19.69 -71.82
CA LYS L 16 13.70 -19.52 -70.50
C LYS L 16 15.13 -20.10 -70.41
N ALA L 17 15.88 -20.05 -71.51
CA ALA L 17 17.32 -20.38 -71.52
C ALA L 17 18.13 -19.31 -70.78
N THR L 18 19.27 -19.73 -70.20
CA THR L 18 20.18 -18.84 -69.45
C THR L 18 21.65 -19.25 -69.66
N PRO L 19 22.62 -18.45 -69.14
CA PRO L 19 24.03 -18.91 -69.12
C PRO L 19 24.26 -20.11 -68.18
N ALA L 20 23.38 -20.26 -67.18
CA ALA L 20 23.45 -21.34 -66.20
C ALA L 20 23.44 -22.74 -66.83
N PRO L 21 24.03 -23.73 -66.14
CA PRO L 21 23.97 -25.12 -66.61
C PRO L 21 22.56 -25.54 -67.04
N PRO L 22 22.44 -26.34 -68.13
CA PRO L 22 23.51 -26.98 -68.90
C PRO L 22 24.21 -26.07 -69.91
N VAL L 23 23.59 -24.94 -70.23
CA VAL L 23 23.97 -24.14 -71.39
C VAL L 23 25.41 -23.65 -71.34
N GLY L 24 25.78 -23.01 -70.22
CA GLY L 24 27.14 -22.52 -69.98
C GLY L 24 28.19 -23.58 -70.21
N PRO L 25 28.20 -24.63 -69.36
CA PRO L 25 29.10 -25.79 -69.52
C PRO L 25 29.09 -26.42 -70.92
N ALA L 26 27.89 -26.59 -71.50
CA ALA L 26 27.72 -27.32 -72.76
C ALA L 26 28.33 -26.60 -73.97
N LEU L 27 27.93 -25.34 -74.16
CA LEU L 27 28.45 -24.53 -75.25
C LEU L 27 29.85 -24.01 -74.92
N GLY L 28 30.05 -23.64 -73.67
CA GLY L 28 31.30 -23.06 -73.20
C GLY L 28 32.55 -23.88 -73.48
N GLN L 29 32.48 -25.18 -73.23
CA GLN L 29 33.60 -26.10 -73.48
C GLN L 29 33.99 -26.18 -74.98
N HIS L 30 33.10 -25.74 -75.87
CA HIS L 30 33.40 -25.66 -77.29
C HIS L 30 33.47 -24.23 -77.85
N GLY L 31 33.76 -23.28 -76.96
CA GLY L 31 34.06 -21.90 -77.33
C GLY L 31 32.94 -21.07 -77.93
N ALA L 32 31.75 -21.64 -78.03
CA ALA L 32 30.60 -20.98 -78.67
C ALA L 32 30.06 -19.79 -77.86
N ASN L 33 29.29 -18.92 -78.53
CA ASN L 33 28.69 -17.74 -77.89
C ASN L 33 27.39 -18.04 -77.14
N ILE L 34 27.50 -18.16 -75.82
CA ILE L 34 26.40 -18.60 -74.96
C ILE L 34 25.20 -17.64 -74.98
N MET L 35 25.46 -16.33 -74.92
CA MET L 35 24.39 -15.31 -74.94
C MET L 35 23.69 -15.18 -76.29
N GLU L 36 24.41 -15.43 -77.37
CA GLU L 36 23.82 -15.48 -78.71
C GLU L 36 22.82 -16.63 -78.78
N PHE L 37 23.18 -17.76 -78.18
CA PHE L 37 22.30 -18.91 -78.14
C PHE L 37 21.12 -18.75 -77.19
N VAL L 38 21.37 -18.17 -76.02
CA VAL L 38 20.30 -17.87 -75.06
C VAL L 38 19.19 -17.01 -75.71
N LYS L 39 19.56 -15.85 -76.26
CA LYS L 39 18.61 -14.99 -76.97
C LYS L 39 18.04 -15.64 -78.25
N ALA L 40 18.83 -16.46 -78.93
CA ALA L 40 18.39 -17.16 -80.14
C ALA L 40 17.34 -18.26 -79.87
N PHE L 41 17.59 -19.10 -78.87
CA PHE L 41 16.66 -20.17 -78.44
C PHE L 41 15.35 -19.59 -77.88
N ASN L 42 15.48 -18.56 -77.04
CA ASN L 42 14.32 -17.88 -76.44
C ASN L 42 13.46 -17.15 -77.45
N ALA L 43 14.09 -16.67 -78.53
CA ALA L 43 13.37 -16.02 -79.62
C ALA L 43 12.63 -17.06 -80.46
N ALA L 44 13.23 -18.23 -80.63
CA ALA L 44 12.66 -19.30 -81.45
C ALA L 44 11.50 -20.01 -80.74
N THR L 45 11.60 -20.09 -79.41
CA THR L 45 10.65 -20.86 -78.60
C THR L 45 9.76 -19.94 -77.74
N ALA L 46 9.49 -18.74 -78.26
CA ALA L 46 8.59 -17.78 -77.61
C ALA L 46 7.12 -18.10 -77.90
N ASN L 47 6.88 -18.83 -78.99
CA ASN L 47 5.53 -19.19 -79.43
C ASN L 47 4.95 -20.47 -78.78
N MET L 48 5.79 -21.19 -78.04
CA MET L 48 5.42 -22.49 -77.47
C MET L 48 5.56 -22.54 -75.96
N GLY L 49 5.17 -21.44 -75.30
CA GLY L 49 5.41 -21.22 -73.87
C GLY L 49 5.08 -22.34 -72.91
N ASP L 50 6.00 -22.58 -71.97
CA ASP L 50 5.84 -23.54 -70.86
C ASP L 50 6.23 -24.99 -71.18
N ALA L 51 6.14 -25.37 -72.45
CA ALA L 51 6.46 -26.73 -72.90
C ALA L 51 7.97 -27.04 -72.91
N ILE L 52 8.30 -28.32 -72.87
CA ILE L 52 9.70 -28.77 -72.89
C ILE L 52 10.19 -28.86 -74.34
N VAL L 53 11.31 -28.19 -74.62
CA VAL L 53 11.84 -28.11 -75.99
C VAL L 53 13.20 -28.80 -76.10
N PRO L 54 13.25 -29.95 -76.82
CA PRO L 54 14.53 -30.57 -77.18
C PRO L 54 15.26 -29.76 -78.25
N VAL L 55 16.58 -29.68 -78.13
CA VAL L 55 17.40 -28.86 -79.03
C VAL L 55 18.78 -29.47 -79.25
N GLU L 56 19.21 -29.51 -80.52
CA GLU L 56 20.52 -30.03 -80.89
C GLU L 56 21.37 -28.91 -81.52
N ILE L 57 22.35 -28.42 -80.76
CA ILE L 57 23.26 -27.39 -81.22
C ILE L 57 24.48 -28.04 -81.87
N THR L 58 24.77 -27.65 -83.11
CA THR L 58 25.99 -28.06 -83.80
C THR L 58 27.03 -26.93 -83.73
N ILE L 59 28.15 -27.21 -83.08
CA ILE L 59 29.26 -26.24 -82.95
C ILE L 59 30.39 -26.62 -83.93
N TYR L 60 30.92 -25.61 -84.63
CA TYR L 60 31.87 -25.82 -85.71
C TYR L 60 33.33 -25.55 -85.32
N ALA L 61 34.20 -25.42 -86.33
CA ALA L 61 35.63 -25.15 -86.12
C ALA L 61 35.89 -23.69 -85.69
N ASP L 62 35.32 -22.74 -86.44
CA ASP L 62 35.47 -21.30 -86.14
C ASP L 62 34.63 -20.87 -84.94
N ARG L 63 34.04 -21.86 -84.26
CA ARG L 63 33.29 -21.70 -83.00
C ARG L 63 31.85 -21.17 -83.15
N SER L 64 31.38 -21.05 -84.39
CA SER L 64 29.99 -20.65 -84.64
C SER L 64 29.04 -21.82 -84.37
N PHE L 65 27.74 -21.54 -84.32
CA PHE L 65 26.74 -22.57 -84.00
C PHE L 65 25.44 -22.49 -84.81
N THR L 66 24.77 -23.64 -84.95
CA THR L 66 23.42 -23.75 -85.52
C THR L 66 22.64 -24.78 -84.71
N PHE L 67 21.35 -24.53 -84.49
CA PHE L 67 20.52 -25.45 -83.70
C PHE L 67 19.21 -25.90 -84.37
N VAL L 68 18.61 -26.96 -83.83
CA VAL L 68 17.35 -27.51 -84.33
C VAL L 68 16.41 -27.89 -83.18
N THR L 69 15.26 -27.21 -83.09
CA THR L 69 14.23 -27.52 -82.09
C THR L 69 13.18 -28.49 -82.64
N LYS L 70 12.53 -29.24 -81.75
CA LYS L 70 11.56 -30.28 -82.17
C LYS L 70 10.18 -30.20 -81.50
N THR L 71 9.16 -30.69 -82.24
CA THR L 71 7.77 -30.74 -81.77
C THR L 71 7.37 -32.18 -81.39
N PRO L 72 7.26 -32.46 -80.09
CA PRO L 72 7.50 -31.49 -79.02
C PRO L 72 8.42 -32.07 -77.96
N MET M 1 59.91 -3.82 -79.88
CA MET M 1 60.29 -2.38 -79.69
C MET M 1 61.77 -2.26 -79.32
N TRP M 2 62.32 -1.08 -79.49
CA TRP M 2 63.75 -0.89 -79.40
C TRP M 2 64.17 0.05 -78.30
N VAL M 3 65.35 -0.21 -77.74
CA VAL M 3 65.89 0.65 -76.72
C VAL M 3 67.31 1.06 -77.08
N TYR M 4 67.59 2.35 -76.88
CA TYR M 4 68.91 2.91 -77.08
C TYR M 4 69.47 3.14 -75.68
N ARG M 5 70.54 2.43 -75.34
CA ARG M 5 71.10 2.47 -73.98
C ARG M 5 72.33 3.34 -73.87
N LEU M 6 72.29 4.29 -72.93
CA LEU M 6 73.36 5.28 -72.75
C LEU M 6 73.94 5.29 -71.32
N LYS M 7 75.25 5.17 -71.23
CA LYS M 7 76.04 5.41 -70.01
C LYS M 7 75.67 6.77 -69.42
N GLY M 8 75.15 6.79 -68.19
CA GLY M 8 74.90 8.04 -67.48
C GLY M 8 73.49 8.28 -66.93
N THR M 9 73.39 9.32 -66.11
CA THR M 9 72.11 9.78 -65.57
C THR M 9 71.41 10.73 -66.55
N LEU M 10 70.10 10.91 -66.38
CA LEU M 10 69.35 11.92 -67.12
C LEU M 10 69.94 13.31 -66.91
N GLU M 11 70.50 13.51 -65.73
CA GLU M 11 71.16 14.75 -65.36
C GLU M 11 72.41 14.99 -66.21
N ALA M 12 73.33 14.02 -66.23
CA ALA M 12 74.57 14.16 -66.99
C ALA M 12 74.25 14.29 -68.47
N LEU M 13 73.22 13.58 -68.90
CA LEU M 13 72.91 13.45 -70.33
C LEU M 13 72.02 14.56 -70.91
N ASP M 14 71.64 15.52 -70.06
CA ASP M 14 70.76 16.66 -70.40
C ASP M 14 70.84 17.19 -71.85
N PRO M 15 72.06 17.53 -72.34
CA PRO M 15 72.18 18.13 -73.68
C PRO M 15 71.73 17.24 -74.86
N ILE M 16 71.76 15.92 -74.68
CA ILE M 16 71.41 15.02 -75.78
C ILE M 16 69.98 14.51 -75.77
N LEU M 17 69.19 14.91 -74.77
CA LEU M 17 67.88 14.29 -74.56
C LEU M 17 66.83 14.77 -75.54
N PRO M 18 66.77 16.08 -75.84
CA PRO M 18 65.86 16.52 -76.91
C PRO M 18 66.14 15.81 -78.23
N GLY M 19 67.43 15.64 -78.55
CA GLY M 19 67.87 14.85 -79.69
C GLY M 19 67.27 13.46 -79.75
N LEU M 20 67.15 12.81 -78.59
CA LEU M 20 66.55 11.48 -78.49
C LEU M 20 65.07 11.50 -78.88
N PHE M 21 64.32 12.45 -78.33
CA PHE M 21 62.92 12.65 -78.69
C PHE M 21 62.69 13.04 -80.15
N ASP M 22 63.49 13.99 -80.67
CA ASP M 22 63.46 14.35 -82.11
C ASP M 22 63.82 13.19 -83.01
N GLY M 23 64.56 12.22 -82.48
CA GLY M 23 64.89 10.99 -83.18
C GLY M 23 63.77 9.97 -83.18
N GLY M 24 62.73 10.21 -82.37
CA GLY M 24 61.59 9.30 -82.30
C GLY M 24 61.38 8.59 -80.96
N ALA M 25 62.21 8.89 -79.97
CA ALA M 25 62.03 8.32 -78.62
C ALA M 25 60.66 8.66 -78.07
N ARG M 26 60.03 7.68 -77.46
CA ARG M 26 58.72 7.88 -76.88
C ARG M 26 58.78 8.16 -75.37
N GLY M 27 59.95 8.00 -74.77
CA GLY M 27 60.10 8.19 -73.34
C GLY M 27 61.47 7.76 -72.91
N LEU M 28 61.93 8.33 -71.78
CA LEU M 28 63.25 8.02 -71.22
C LEU M 28 63.10 7.42 -69.83
N TRP M 29 64.02 6.51 -69.48
CA TRP M 29 63.95 5.78 -68.20
C TRP M 29 65.36 5.71 -67.61
N GLU M 30 65.55 6.34 -66.45
CA GLU M 30 66.84 6.28 -65.76
C GLU M 30 66.96 4.97 -65.02
N ARG M 31 68.00 4.22 -65.35
CA ARG M 31 68.33 2.97 -64.70
C ARG M 31 69.72 3.06 -64.08
N GLU M 32 70.21 1.98 -63.48
CA GLU M 32 71.45 2.08 -62.69
C GLU M 32 72.68 2.39 -63.55
N GLY M 33 72.98 3.69 -63.64
CA GLY M 33 74.15 4.16 -64.39
C GLY M 33 73.92 4.27 -65.88
N GLU M 34 72.65 4.17 -66.29
CA GLU M 34 72.22 4.25 -67.69
C GLU M 34 70.88 4.98 -67.85
N VAL M 35 70.68 5.59 -69.01
CA VAL M 35 69.37 6.05 -69.47
C VAL M 35 68.92 5.15 -70.63
N TRP M 36 67.71 4.60 -70.51
CA TRP M 36 67.12 3.77 -71.56
C TRP M 36 66.11 4.59 -72.34
N ALA M 37 66.39 4.81 -73.64
CA ALA M 37 65.52 5.53 -74.55
C ALA M 37 64.76 4.57 -75.48
N PHE M 38 63.43 4.70 -75.47
CA PHE M 38 62.55 3.76 -76.18
C PHE M 38 62.02 4.30 -77.50
N PHE M 39 62.27 3.53 -78.56
CA PHE M 39 61.87 3.87 -79.92
C PHE M 39 61.14 2.66 -80.51
N PRO M 40 60.20 2.91 -81.43
CA PRO M 40 59.58 1.80 -82.19
C PRO M 40 60.56 1.02 -83.10
N ALA M 41 61.56 1.73 -83.64
CA ALA M 41 62.55 1.15 -84.57
C ALA M 41 63.91 1.81 -84.34
N PRO M 42 65.00 1.10 -84.67
CA PRO M 42 66.30 1.75 -84.50
C PRO M 42 66.54 2.83 -85.56
N VAL M 43 67.15 3.93 -85.14
CA VAL M 43 67.51 5.03 -86.01
C VAL M 43 69.00 5.35 -85.79
N ASP M 44 69.62 5.94 -86.81
CA ASP M 44 71.01 6.34 -86.71
C ASP M 44 71.14 7.60 -85.85
N LEU M 45 71.89 7.48 -84.77
CA LEU M 45 72.05 8.54 -83.80
C LEU M 45 73.54 8.78 -83.60
N PRO M 46 73.93 10.06 -83.34
CA PRO M 46 75.32 10.41 -83.13
C PRO M 46 75.78 10.28 -81.65
N TYR M 47 74.93 9.74 -80.79
CA TYR M 47 75.18 9.77 -79.34
C TYR M 47 76.02 8.64 -78.77
N GLU M 48 76.34 7.63 -79.58
CA GLU M 48 77.17 6.52 -79.10
C GLU M 48 76.54 5.77 -77.92
N GLY M 49 75.25 5.49 -78.02
CA GLY M 49 74.61 4.53 -77.13
C GLY M 49 74.60 3.17 -77.83
N VAL M 50 73.82 2.24 -77.30
CA VAL M 50 73.74 0.91 -77.89
C VAL M 50 72.28 0.53 -78.13
N TRP M 51 72.00 0.06 -79.34
CA TRP M 51 70.67 -0.38 -79.70
C TRP M 51 70.48 -1.83 -79.28
N GLU M 52 69.36 -2.07 -78.60
CA GLU M 52 68.98 -3.40 -78.17
C GLU M 52 67.48 -3.53 -78.42
N GLU M 53 67.07 -4.65 -79.00
CA GLU M 53 65.65 -4.93 -79.13
C GLU M 53 65.18 -5.61 -77.84
N VAL M 54 64.06 -5.15 -77.29
CA VAL M 54 63.51 -5.71 -76.04
C VAL M 54 62.26 -6.54 -76.28
N GLY M 55 61.51 -6.14 -77.31
CA GLY M 55 60.32 -6.88 -77.70
C GLY M 55 59.02 -6.19 -77.32
N ASP M 56 58.06 -6.97 -76.85
CA ASP M 56 56.71 -6.46 -76.57
C ASP M 56 55.97 -7.20 -75.47
N GLU M 57 55.20 -6.42 -74.71
CA GLU M 57 54.33 -6.93 -73.66
C GLU M 57 53.09 -6.06 -73.60
N ASP M 58 51.97 -6.67 -73.23
CA ASP M 58 50.79 -5.93 -72.84
C ASP M 58 50.90 -5.71 -71.33
N TRP M 59 51.53 -4.59 -70.95
CA TRP M 59 51.86 -4.29 -69.54
C TRP M 59 50.64 -4.18 -68.63
N LEU M 60 49.53 -3.68 -69.18
CA LEU M 60 48.28 -3.63 -68.46
C LEU M 60 47.75 -5.03 -68.12
N GLU M 61 47.79 -5.93 -69.08
CA GLU M 61 47.34 -7.30 -68.85
C GLU M 61 48.25 -8.01 -67.86
N ALA M 62 49.56 -7.79 -67.98
CA ALA M 62 50.52 -8.30 -66.99
C ALA M 62 50.24 -7.79 -65.57
N TRP M 63 49.94 -6.50 -65.46
CA TRP M 63 49.61 -5.90 -64.16
C TRP M 63 48.29 -6.43 -63.57
N ARG M 64 47.20 -6.38 -64.35
CA ARG M 64 45.92 -6.96 -63.88
C ARG M 64 46.06 -8.42 -63.43
N ARG M 65 46.71 -9.22 -64.26
CA ARG M 65 47.00 -10.63 -63.98
C ARG M 65 47.69 -10.91 -62.62
N ASP M 66 48.72 -10.15 -62.29
CA ASP M 66 49.48 -10.36 -61.05
C ASP M 66 48.94 -9.66 -59.79
N LEU M 67 47.98 -8.74 -59.95
CA LEU M 67 47.31 -8.07 -58.85
C LEU M 67 46.09 -8.88 -58.42
N LYS M 68 46.23 -9.66 -57.35
CA LYS M 68 45.18 -10.56 -56.88
C LYS M 68 44.48 -10.01 -55.63
N PRO M 69 43.18 -10.37 -55.43
CA PRO M 69 42.48 -10.04 -54.19
C PRO M 69 43.32 -10.32 -52.96
N ALA M 70 43.32 -9.38 -52.03
CA ALA M 70 44.11 -9.50 -50.80
C ALA M 70 43.24 -9.95 -49.62
N LEU M 71 43.56 -11.14 -49.13
CA LEU M 71 42.79 -11.78 -48.08
C LEU M 71 43.24 -11.33 -46.73
N ALA M 72 42.29 -10.88 -45.92
CA ALA M 72 42.54 -10.52 -44.53
C ALA M 72 41.29 -10.84 -43.72
N PRO M 73 41.06 -12.15 -43.47
CA PRO M 73 39.78 -12.54 -42.84
C PRO M 73 39.45 -11.63 -41.64
N PRO M 74 38.18 -11.18 -41.53
CA PRO M 74 37.03 -11.58 -42.34
C PRO M 74 36.93 -10.87 -43.68
N PHE M 75 37.95 -10.11 -44.05
CA PHE M 75 37.84 -9.26 -45.21
C PHE M 75 38.53 -9.84 -46.44
N VAL M 76 38.06 -9.41 -47.60
CA VAL M 76 38.85 -9.49 -48.83
C VAL M 76 38.95 -8.08 -49.47
N VAL M 77 40.17 -7.67 -49.78
CA VAL M 77 40.41 -6.36 -50.35
C VAL M 77 40.51 -6.52 -51.86
N LEU M 78 39.60 -5.85 -52.56
CA LEU M 78 39.43 -6.03 -53.99
C LEU M 78 39.69 -4.75 -54.74
N ALA M 79 40.21 -4.91 -55.95
CA ALA M 79 40.28 -3.86 -56.93
C ALA M 79 38.90 -3.78 -57.57
N PRO M 80 38.53 -2.61 -58.11
CA PRO M 80 37.23 -2.43 -58.76
C PRO M 80 36.92 -3.40 -59.90
N TRP M 81 37.93 -3.99 -60.53
CA TRP M 81 37.70 -4.94 -61.62
C TRP M 81 37.70 -6.38 -61.14
N HIS M 82 38.01 -6.61 -59.86
CA HIS M 82 38.05 -7.95 -59.31
C HIS M 82 36.66 -8.51 -59.19
N THR M 83 36.60 -9.84 -59.19
CA THR M 83 35.40 -10.59 -59.01
C THR M 83 35.69 -11.47 -57.79
N TRP M 84 34.69 -11.75 -56.98
CA TRP M 84 34.88 -12.60 -55.80
C TRP M 84 33.60 -13.39 -55.47
N GLU M 85 33.74 -14.71 -55.27
CA GLU M 85 32.58 -15.58 -55.03
C GLU M 85 32.44 -16.06 -53.56
N GLY M 86 33.47 -15.84 -52.74
CA GLY M 86 33.44 -16.26 -51.33
C GLY M 86 32.56 -15.45 -50.38
N ALA M 87 32.65 -15.77 -49.09
CA ALA M 87 31.75 -15.23 -48.05
C ALA M 87 32.36 -14.05 -47.26
N GLU M 88 33.58 -13.66 -47.61
CA GLU M 88 34.28 -12.59 -46.93
C GLU M 88 33.60 -11.25 -47.15
N ILE M 89 33.71 -10.35 -46.17
CA ILE M 89 33.34 -8.95 -46.34
C ILE M 89 34.27 -8.29 -47.35
N PRO M 90 33.72 -7.90 -48.52
CA PRO M 90 34.50 -7.25 -49.57
C PRO M 90 34.83 -5.78 -49.25
N LEU M 91 36.08 -5.38 -49.50
CA LEU M 91 36.50 -4.00 -49.35
C LEU M 91 37.09 -3.59 -50.68
N VAL M 92 36.45 -2.65 -51.35
CA VAL M 92 36.89 -2.23 -52.67
C VAL M 92 37.72 -0.97 -52.55
N ILE M 93 38.97 -1.11 -52.98
CA ILE M 93 39.96 -0.06 -52.87
C ILE M 93 40.63 -0.02 -54.22
N GLU M 94 40.56 1.15 -54.88
CA GLU M 94 41.29 1.42 -56.10
C GLU M 94 42.77 1.43 -55.71
N PRO M 95 43.60 0.52 -56.31
CA PRO M 95 45.03 0.63 -55.99
C PRO M 95 45.55 1.88 -56.66
N GLY M 96 45.86 2.90 -55.88
CA GLY M 96 46.10 4.22 -56.46
C GLY M 96 47.28 4.93 -55.84
N MET M 97 47.04 6.18 -55.49
CA MET M 97 48.09 7.06 -55.00
C MET M 97 47.99 7.30 -53.48
N ALA M 98 47.42 6.35 -52.75
CA ALA M 98 47.29 6.46 -51.30
C ALA M 98 47.58 5.11 -50.64
N PHE M 99 48.49 5.12 -49.66
CA PHE M 99 48.82 3.89 -48.92
C PHE M 99 47.56 3.32 -48.28
N GLY M 100 47.43 1.99 -48.33
CA GLY M 100 46.21 1.31 -47.89
C GLY M 100 45.45 0.57 -49.01
N THR M 101 46.19 0.10 -50.02
CA THR M 101 45.58 -0.71 -51.06
C THR M 101 45.12 -2.09 -50.56
N GLY M 102 45.57 -2.50 -49.37
CA GLY M 102 45.32 -3.83 -48.86
C GLY M 102 46.46 -4.80 -49.12
N HIS M 103 47.46 -4.36 -49.88
CA HIS M 103 48.58 -5.24 -50.18
C HIS M 103 49.79 -5.05 -49.26
N ALA M 104 49.60 -4.44 -48.09
CA ALA M 104 50.66 -4.35 -47.08
C ALA M 104 50.30 -5.24 -45.93
N GLU M 105 51.29 -5.93 -45.38
CA GLU M 105 51.15 -6.73 -44.16
C GLU M 105 50.55 -5.92 -43.00
N THR M 106 51.08 -4.72 -42.77
CA THR M 106 50.56 -3.84 -41.72
C THR M 106 49.06 -3.55 -41.89
N THR M 107 48.63 -3.18 -43.10
CA THR M 107 47.21 -2.92 -43.36
C THR M 107 46.32 -4.12 -43.01
N ARG M 108 46.79 -5.32 -43.38
CA ARG M 108 46.07 -6.55 -43.12
C ARG M 108 46.07 -6.91 -41.64
N LEU M 109 47.19 -6.66 -40.93
CA LEU M 109 47.20 -6.87 -39.49
C LEU M 109 46.09 -6.07 -38.81
N ALA M 110 45.98 -4.79 -39.19
CA ALA M 110 45.02 -3.88 -38.62
C ALA M 110 43.59 -4.30 -38.98
N LEU M 111 43.38 -4.74 -40.21
CA LEU M 111 42.06 -5.16 -40.62
C LEU M 111 41.57 -6.37 -39.81
N LYS M 112 42.47 -7.30 -39.49
CA LYS M 112 42.11 -8.50 -38.74
C LYS M 112 41.89 -8.20 -37.29
N ALA M 113 42.77 -7.35 -36.73
CA ALA M 113 42.61 -6.82 -35.38
C ALA M 113 41.30 -6.04 -35.21
N LEU M 114 40.84 -5.33 -36.24
CA LEU M 114 39.54 -4.69 -36.17
C LEU M 114 38.42 -5.71 -35.96
N ALA M 115 38.49 -6.84 -36.65
CA ALA M 115 37.48 -7.90 -36.49
C ALA M 115 37.44 -8.45 -35.06
N ARG M 116 38.61 -8.56 -34.43
CA ARG M 116 38.72 -9.01 -33.04
C ARG M 116 38.27 -8.03 -31.92
N HIS M 117 38.36 -6.72 -32.17
CA HIS M 117 38.15 -5.75 -31.11
C HIS M 117 36.93 -4.83 -31.25
N LEU M 118 36.42 -4.65 -32.45
CA LEU M 118 35.36 -3.67 -32.68
C LEU M 118 33.94 -4.22 -32.42
N ARG M 119 33.20 -3.56 -31.52
CA ARG M 119 31.83 -3.94 -31.22
C ARG M 119 30.88 -3.15 -32.11
N PRO M 120 29.78 -3.77 -32.57
CA PRO M 120 28.83 -2.96 -33.34
C PRO M 120 28.44 -1.69 -32.60
N GLY M 121 28.49 -0.56 -33.30
CA GLY M 121 28.15 0.73 -32.70
C GLY M 121 29.37 1.48 -32.13
N ASP M 122 30.54 0.85 -32.10
CA ASP M 122 31.76 1.52 -31.62
C ASP M 122 32.06 2.79 -32.41
N LYS M 123 32.46 3.84 -31.72
CA LYS M 123 33.09 4.98 -32.40
C LYS M 123 34.57 4.67 -32.64
N VAL M 124 35.00 4.82 -33.88
CA VAL M 124 36.33 4.39 -34.31
C VAL M 124 37.13 5.56 -34.89
N LEU M 125 38.35 5.75 -34.37
CA LEU M 125 39.28 6.69 -34.96
C LEU M 125 40.31 5.90 -35.78
N ASP M 126 40.36 6.16 -37.09
CA ASP M 126 41.38 5.65 -37.99
C ASP M 126 42.45 6.76 -38.15
N LEU M 127 43.51 6.69 -37.37
CA LEU M 127 44.56 7.73 -37.40
C LEU M 127 45.59 7.48 -38.52
N GLY M 128 45.64 8.37 -39.52
CA GLY M 128 46.49 8.17 -40.70
C GLY M 128 45.76 7.24 -41.64
N THR M 129 44.60 7.70 -42.12
CA THR M 129 43.65 6.90 -42.86
C THR M 129 44.10 6.50 -44.29
N GLY M 130 44.85 7.37 -44.97
CA GLY M 130 45.38 7.03 -46.28
C GLY M 130 44.24 6.80 -47.24
N SER M 131 44.15 5.58 -47.76
CA SER M 131 43.12 5.23 -48.74
C SER M 131 41.72 5.18 -48.14
N GLY M 132 41.62 5.21 -46.81
CA GLY M 132 40.33 5.10 -46.10
C GLY M 132 39.94 3.69 -45.71
N VAL M 133 40.79 2.72 -46.05
CA VAL M 133 40.50 1.28 -45.97
C VAL M 133 40.05 0.80 -44.58
N LEU M 134 40.79 1.22 -43.55
CA LEU M 134 40.48 0.83 -42.18
C LEU M 134 39.21 1.45 -41.64
N ALA M 135 39.01 2.75 -41.94
CA ALA M 135 37.77 3.44 -41.63
C ALA M 135 36.56 2.81 -42.35
N ILE M 136 36.76 2.35 -43.59
CA ILE M 136 35.70 1.75 -44.37
C ILE M 136 35.38 0.38 -43.82
N ALA M 137 36.41 -0.39 -43.45
CA ALA M 137 36.26 -1.71 -42.84
C ALA M 137 35.52 -1.64 -41.50
N ALA M 138 35.87 -0.64 -40.68
CA ALA M 138 35.14 -0.31 -39.45
C ALA M 138 33.64 -0.08 -39.65
N GLU M 139 33.28 0.67 -40.69
CA GLU M 139 31.88 0.89 -41.06
C GLU M 139 31.18 -0.42 -41.46
N LYS M 140 31.83 -1.23 -42.28
CA LYS M 140 31.38 -2.61 -42.58
C LYS M 140 31.14 -3.51 -41.37
N LEU M 141 31.86 -3.26 -40.29
CA LEU M 141 31.69 -4.03 -39.03
C LEU M 141 30.74 -3.41 -37.99
N GLY M 142 30.03 -2.35 -38.37
CA GLY M 142 29.01 -1.74 -37.49
C GLY M 142 29.51 -0.52 -36.71
N GLY M 143 30.77 -0.14 -36.90
CA GLY M 143 31.30 1.05 -36.24
C GLY M 143 30.99 2.38 -36.93
N LYS M 144 31.19 3.47 -36.20
CA LYS M 144 31.08 4.82 -36.75
C LYS M 144 32.50 5.38 -36.85
N ALA M 145 32.96 5.65 -38.08
CA ALA M 145 34.37 5.93 -38.25
C ALA M 145 34.72 7.37 -38.61
N LEU M 146 35.82 7.81 -38.03
CA LEU M 146 36.46 9.05 -38.39
C LEU M 146 37.85 8.67 -38.86
N GLY M 147 38.16 8.97 -40.12
CA GLY M 147 39.49 8.81 -40.63
C GLY M 147 40.14 10.17 -40.78
N VAL M 148 41.31 10.35 -40.18
CA VAL M 148 42.08 11.59 -40.36
C VAL M 148 43.45 11.34 -40.97
N ASP M 149 43.98 12.34 -41.64
CA ASP M 149 45.30 12.26 -42.27
C ASP M 149 45.86 13.69 -42.41
N ILE M 150 47.15 13.86 -42.13
CA ILE M 150 47.85 15.15 -42.31
C ILE M 150 48.07 15.51 -43.77
N ASP M 151 48.06 14.48 -44.62
CA ASP M 151 48.27 14.62 -46.06
C ASP M 151 46.90 14.87 -46.73
N PRO M 152 46.66 16.09 -47.24
CA PRO M 152 45.33 16.41 -47.76
C PRO M 152 45.03 15.71 -49.08
N MET M 153 46.07 15.22 -49.77
CA MET M 153 45.92 14.59 -51.09
C MET M 153 45.20 13.24 -51.04
N VAL M 154 45.25 12.57 -49.91
CA VAL M 154 44.62 11.25 -49.75
C VAL M 154 43.12 11.31 -49.43
N LEU M 155 42.65 12.47 -48.96
CA LEU M 155 41.27 12.59 -48.46
C LEU M 155 40.21 12.46 -49.55
N PRO M 156 40.42 13.08 -50.73
CA PRO M 156 39.49 12.81 -51.82
C PRO M 156 39.54 11.35 -52.30
N GLN M 157 40.70 10.71 -52.17
CA GLN M 157 40.85 9.30 -52.52
C GLN M 157 40.10 8.43 -51.52
N ALA M 158 40.17 8.81 -50.24
CA ALA M 158 39.50 8.08 -49.18
C ALA M 158 37.97 8.22 -49.32
N GLU M 159 37.50 9.41 -49.65
CA GLU M 159 36.10 9.64 -49.97
C GLU M 159 35.63 8.81 -51.16
N ALA M 160 36.44 8.76 -52.21
CA ALA M 160 36.04 8.02 -53.40
C ALA M 160 36.00 6.54 -53.07
N ASN M 161 36.99 6.06 -52.30
CA ASN M 161 36.91 4.68 -51.82
C ASN M 161 35.64 4.39 -51.03
N ALA M 162 35.24 5.29 -50.13
CA ALA M 162 34.02 5.10 -49.35
C ALA M 162 32.81 4.86 -50.26
N LYS M 163 32.69 5.66 -51.31
CA LYS M 163 31.66 5.58 -52.35
C LYS M 163 31.61 4.23 -53.07
N ARG M 164 32.76 3.58 -53.23
CA ARG M 164 32.83 2.23 -53.82
C ARG M 164 32.32 1.16 -52.85
N ASN M 165 32.01 1.57 -51.63
CA ASN M 165 31.69 0.61 -50.58
C ASN M 165 30.34 0.88 -49.88
N GLY M 166 29.67 1.95 -50.29
CA GLY M 166 28.34 2.25 -49.78
C GLY M 166 28.34 2.74 -48.36
N VAL M 167 29.46 3.37 -47.96
CA VAL M 167 29.62 3.91 -46.59
C VAL M 167 30.12 5.35 -46.59
N ARG M 168 29.92 6.04 -45.47
CA ARG M 168 30.39 7.40 -45.36
C ARG M 168 31.01 7.66 -43.98
N PRO M 169 32.29 7.25 -43.80
CA PRO M 169 33.02 7.68 -42.63
C PRO M 169 33.18 9.17 -42.74
N ARG M 170 33.41 9.80 -41.62
CA ARG M 170 33.87 11.17 -41.62
C ARG M 170 35.36 11.16 -41.96
N PHE M 171 35.75 11.94 -42.96
CA PHE M 171 37.17 12.12 -43.22
C PHE M 171 37.58 13.54 -42.91
N LEU M 172 38.80 13.72 -42.41
CA LEU M 172 39.21 15.02 -41.92
C LEU M 172 40.72 15.21 -42.07
N GLU M 173 41.10 16.42 -42.46
CA GLU M 173 42.51 16.75 -42.56
C GLU M 173 43.05 17.11 -41.20
N GLY M 174 44.08 16.38 -40.77
CA GLY M 174 44.83 16.72 -39.58
C GLY M 174 45.37 15.50 -38.89
N SER M 175 45.46 15.56 -37.57
CA SER M 175 45.99 14.46 -36.81
C SER M 175 45.15 14.23 -35.59
N LEU M 176 45.77 13.69 -34.55
CA LEU M 176 45.11 13.35 -33.30
C LEU M 176 44.34 14.55 -32.68
N GLU M 177 45.00 15.70 -32.58
CA GLU M 177 44.39 16.96 -32.08
C GLU M 177 43.09 17.40 -32.78
N ALA M 178 43.01 17.27 -34.10
CA ALA M 178 41.77 17.60 -34.84
C ALA M 178 40.62 16.59 -34.63
N ALA M 179 40.96 15.35 -34.29
CA ALA M 179 39.98 14.31 -34.05
C ALA M 179 39.35 14.42 -32.66
N LEU M 180 40.13 14.91 -31.70
CA LEU M 180 39.72 15.05 -30.31
C LEU M 180 38.26 15.45 -30.06
N PRO M 181 37.78 16.55 -30.69
CA PRO M 181 36.39 17.04 -30.50
C PRO M 181 35.26 16.13 -31.03
N PHE M 182 35.62 15.16 -31.86
CA PHE M 182 34.69 14.15 -32.38
C PHE M 182 34.65 12.92 -31.47
N GLY M 183 35.49 12.95 -30.42
CA GLY M 183 35.58 11.85 -29.50
C GLY M 183 34.96 12.17 -28.15
N PRO M 184 35.35 11.44 -27.09
CA PRO M 184 36.31 10.30 -27.10
C PRO M 184 35.82 9.10 -27.94
N PHE M 185 36.74 8.22 -28.32
CA PHE M 185 36.42 7.09 -29.18
C PHE M 185 36.41 5.76 -28.44
N ASP M 186 35.64 4.80 -28.92
CA ASP M 186 35.74 3.44 -28.39
C ASP M 186 36.99 2.71 -28.83
N LEU M 187 37.45 2.99 -30.04
CA LEU M 187 38.55 2.24 -30.64
C LEU M 187 39.40 3.16 -31.52
N LEU M 188 40.71 3.13 -31.30
CA LEU M 188 41.69 3.74 -32.20
C LEU M 188 42.46 2.68 -32.99
N VAL M 189 42.49 2.86 -34.31
CA VAL M 189 43.35 2.01 -35.14
C VAL M 189 44.40 2.90 -35.80
N ALA M 190 45.68 2.53 -35.70
CA ALA M 190 46.77 3.40 -36.17
C ALA M 190 47.95 2.68 -36.81
N ASN M 191 47.95 2.66 -38.13
CA ASN M 191 49.03 2.08 -38.87
C ASN M 191 50.00 3.21 -39.22
N LEU M 192 50.91 3.50 -38.29
CA LEU M 192 51.83 4.59 -38.47
C LEU M 192 53.22 4.05 -38.45
N TYR M 193 54.03 4.50 -37.50
CA TYR M 193 55.35 3.90 -37.28
C TYR M 193 55.66 4.08 -35.81
N ALA M 194 56.62 3.28 -35.30
CA ALA M 194 56.90 3.15 -33.87
C ALA M 194 57.19 4.46 -33.12
N GLU M 195 57.95 5.36 -33.74
CA GLU M 195 58.33 6.59 -33.12
C GLU M 195 57.13 7.50 -32.95
N LEU M 196 56.26 7.52 -33.97
CA LEU M 196 55.05 8.31 -33.87
C LEU M 196 54.18 7.81 -32.73
N HIS M 197 53.97 6.48 -32.66
CA HIS M 197 53.15 5.90 -31.60
C HIS M 197 53.70 6.26 -30.21
N ALA M 198 55.02 6.13 -30.05
CA ALA M 198 55.70 6.43 -28.79
C ALA M 198 55.51 7.90 -28.34
N ALA M 199 55.68 8.81 -29.30
CA ALA M 199 55.47 10.23 -29.08
C ALA M 199 54.02 10.55 -28.73
N LEU M 200 53.08 9.84 -29.36
CA LEU M 200 51.64 10.12 -29.23
C LEU M 200 50.92 9.38 -28.11
N ALA M 201 51.52 8.31 -27.58
CA ALA M 201 50.93 7.50 -26.47
C ALA M 201 50.09 8.22 -25.38
N PRO M 202 50.62 9.28 -24.72
CA PRO M 202 49.73 9.95 -23.76
C PRO M 202 48.43 10.51 -24.34
N ARG M 203 48.47 11.04 -25.56
CA ARG M 203 47.28 11.59 -26.19
C ARG M 203 46.35 10.49 -26.71
N TYR M 204 46.90 9.29 -26.95
CA TYR M 204 46.07 8.13 -27.25
C TYR M 204 45.11 7.86 -26.09
N ARG M 205 45.62 7.99 -24.87
CA ARG M 205 44.83 7.78 -23.67
C ARG M 205 43.63 8.75 -23.59
N GLU M 206 43.88 10.03 -23.85
CA GLU M 206 42.86 11.08 -23.85
C GLU M 206 41.78 10.85 -24.89
N ALA M 207 42.16 10.19 -25.98
CA ALA M 207 41.26 10.03 -27.11
C ALA M 207 40.26 8.91 -26.91
N LEU M 208 40.50 8.03 -25.93
CA LEU M 208 39.70 6.85 -25.74
C LEU M 208 38.93 6.93 -24.45
N VAL M 209 37.70 6.39 -24.44
CA VAL M 209 36.91 6.21 -23.23
C VAL M 209 37.58 5.13 -22.36
N PRO M 210 37.23 5.06 -21.05
CA PRO M 210 37.61 3.89 -20.24
C PRO M 210 37.24 2.54 -20.87
N GLY M 211 38.24 1.66 -20.97
CA GLY M 211 38.06 0.37 -21.63
C GLY M 211 38.16 0.42 -23.16
N GLY M 212 38.41 1.60 -23.72
CA GLY M 212 38.58 1.73 -25.17
C GLY M 212 39.85 1.02 -25.60
N ARG M 213 39.91 0.59 -26.86
CA ARG M 213 41.05 -0.15 -27.38
C ARG M 213 41.95 0.71 -28.28
N ALA M 214 43.28 0.53 -28.18
CA ALA M 214 44.22 1.09 -29.17
C ALA M 214 44.92 -0.02 -29.95
N LEU M 215 44.78 -0.01 -31.28
CA LEU M 215 45.40 -1.03 -32.15
C LEU M 215 46.47 -0.39 -32.99
N LEU M 216 47.73 -0.70 -32.68
CA LEU M 216 48.85 0.06 -33.22
C LEU M 216 49.68 -0.79 -34.13
N THR M 217 49.87 -0.31 -35.36
CA THR M 217 50.67 -1.06 -36.30
C THR M 217 51.63 -0.19 -37.12
N GLY M 218 52.24 -0.73 -38.17
CA GLY M 218 53.32 -0.02 -38.89
C GLY M 218 54.62 -0.10 -38.11
N ILE M 219 54.59 -1.00 -37.13
CA ILE M 219 55.69 -1.16 -36.19
C ILE M 219 56.62 -2.26 -36.69
N LEU M 220 57.85 -1.87 -37.00
CA LEU M 220 58.92 -2.82 -37.23
C LEU M 220 59.22 -3.56 -35.95
N LYS M 221 59.37 -4.87 -36.10
CA LYS M 221 59.58 -5.79 -35.01
C LYS M 221 60.58 -5.25 -34.00
N ASP M 222 61.73 -4.73 -34.48
CA ASP M 222 62.81 -4.24 -33.61
C ASP M 222 62.52 -2.87 -32.98
N ARG M 223 61.55 -2.15 -33.51
CA ARG M 223 61.14 -0.89 -32.93
C ARG M 223 60.03 -1.06 -31.90
N ALA M 224 59.50 -2.27 -31.76
CA ALA M 224 58.35 -2.56 -30.90
C ALA M 224 58.52 -2.16 -29.42
N PRO M 225 59.74 -2.38 -28.82
CA PRO M 225 60.01 -1.86 -27.46
C PRO M 225 59.72 -0.38 -27.22
N LEU M 226 59.90 0.46 -28.24
N LEU M 226 59.88 0.46 -28.26
CA LEU M 226 59.60 1.89 -28.11
CA LEU M 226 59.61 1.89 -28.13
C LEU M 226 58.14 2.06 -27.78
C LEU M 226 58.13 2.15 -27.87
N VAL M 227 57.29 1.35 -28.51
CA VAL M 227 55.85 1.40 -28.31
C VAL M 227 55.39 0.75 -27.00
N ARG M 228 55.87 -0.46 -26.70
CA ARG M 228 55.55 -1.14 -25.43
C ARG M 228 55.84 -0.26 -24.22
N GLU M 229 57.05 0.28 -24.17
CA GLU M 229 57.46 1.20 -23.10
C GLU M 229 56.60 2.47 -23.04
N ALA M 230 56.32 3.11 -24.17
CA ALA M 230 55.50 4.32 -24.20
C ALA M 230 54.03 4.10 -23.78
N MET M 231 53.46 2.98 -24.23
CA MET M 231 52.09 2.59 -23.90
C MET M 231 51.93 2.12 -22.46
N ALA M 232 52.98 1.53 -21.88
CA ALA M 232 52.99 1.17 -20.46
C ALA M 232 53.04 2.44 -19.65
N GLY M 233 53.88 3.37 -20.11
CA GLY M 233 54.02 4.68 -19.50
C GLY M 233 52.76 5.51 -19.51
N ALA M 234 51.95 5.41 -20.57
CA ALA M 234 50.65 6.11 -20.61
C ALA M 234 49.51 5.33 -19.93
N GLY M 235 49.88 4.28 -19.20
CA GLY M 235 48.95 3.59 -18.32
C GLY M 235 48.10 2.53 -19.00
N PHE M 236 48.45 2.17 -20.22
CA PHE M 236 47.67 1.20 -20.98
C PHE M 236 47.86 -0.23 -20.50
N ARG M 237 46.81 -1.03 -20.64
CA ARG M 237 46.95 -2.49 -20.59
C ARG M 237 47.19 -3.08 -21.99
N PRO M 238 48.22 -3.94 -22.15
CA PRO M 238 48.41 -4.81 -23.31
C PRO M 238 47.34 -5.87 -23.46
N LEU M 239 46.76 -5.96 -24.67
CA LEU M 239 45.72 -6.94 -24.94
C LEU M 239 46.19 -8.19 -25.69
N GLU M 240 46.84 -7.98 -26.83
CA GLU M 240 47.58 -9.02 -27.52
C GLU M 240 48.61 -8.39 -28.43
N GLU M 241 49.43 -9.25 -29.04
CA GLU M 241 50.43 -8.85 -30.01
C GLU M 241 50.27 -9.73 -31.23
N ALA M 242 50.32 -9.13 -32.43
CA ALA M 242 50.28 -9.92 -33.66
C ALA M 242 51.42 -9.55 -34.60
N ALA M 243 51.94 -10.55 -35.30
CA ALA M 243 53.05 -10.36 -36.20
C ALA M 243 52.79 -10.95 -37.59
N GLU M 244 53.43 -10.34 -38.58
CA GLU M 244 53.45 -10.84 -39.94
C GLU M 244 54.71 -10.23 -40.56
N GLY M 245 55.68 -11.07 -40.89
CA GLY M 245 56.93 -10.61 -41.49
C GLY M 245 57.79 -9.84 -40.49
N GLU M 246 58.28 -8.68 -40.94
CA GLU M 246 59.09 -7.83 -40.08
C GLU M 246 58.21 -6.89 -39.23
N TRP M 247 56.89 -7.08 -39.33
CA TRP M 247 55.93 -6.14 -38.78
C TRP M 247 55.16 -6.71 -37.60
N VAL M 248 54.80 -5.83 -36.66
CA VAL M 248 53.91 -6.22 -35.57
C VAL M 248 52.75 -5.27 -35.41
N LEU M 249 51.66 -5.79 -34.87
CA LEU M 249 50.58 -4.99 -34.36
C LEU M 249 50.48 -5.19 -32.85
N LEU M 250 50.31 -4.10 -32.12
CA LEU M 250 50.19 -4.15 -30.65
C LEU M 250 48.86 -3.56 -30.21
N ALA M 251 48.05 -4.36 -29.51
CA ALA M 251 46.74 -3.94 -29.04
C ALA M 251 46.77 -3.60 -27.54
N TYR M 252 46.12 -2.51 -27.16
CA TYR M 252 46.10 -2.02 -25.77
C TYR M 252 44.70 -1.63 -25.34
N GLY M 253 44.46 -1.67 -24.04
CA GLY M 253 43.21 -1.19 -23.47
C GLY M 253 43.48 -0.13 -22.42
N ARG M 254 42.76 0.98 -22.51
CA ARG M 254 42.90 1.98 -21.46
C ARG M 254 41.93 1.70 -20.31
N LYS N 2 55.16 4.36 -44.46
CA LYS N 2 55.40 4.30 -45.92
C LYS N 2 56.90 4.10 -46.11
N LYS N 3 57.32 2.93 -46.58
CA LYS N 3 58.70 2.73 -46.98
C LYS N 3 58.75 2.84 -48.49
N VAL N 4 59.72 3.57 -48.99
CA VAL N 4 59.88 3.73 -50.43
C VAL N 4 60.63 2.52 -50.99
N VAL N 5 60.04 1.85 -51.98
CA VAL N 5 60.71 0.70 -52.60
C VAL N 5 61.40 1.05 -53.90
N ALA N 6 61.00 2.16 -54.52
CA ALA N 6 61.61 2.64 -55.76
C ALA N 6 61.25 4.09 -56.02
N VAL N 7 62.21 4.83 -56.56
CA VAL N 7 61.95 6.12 -57.19
C VAL N 7 62.35 5.97 -58.66
N VAL N 8 61.34 6.02 -59.51
CA VAL N 8 61.52 5.85 -60.95
C VAL N 8 61.58 7.23 -61.55
N LYS N 9 62.67 7.51 -62.26
CA LYS N 9 62.83 8.75 -62.98
C LYS N 9 62.62 8.51 -64.47
N LEU N 10 61.60 9.16 -64.99
CA LEU N 10 61.25 9.11 -66.39
C LEU N 10 61.27 10.51 -66.96
N GLN N 11 61.33 10.58 -68.28
CA GLN N 11 60.98 11.80 -69.03
C GLN N 11 60.00 11.38 -70.08
N LEU N 12 58.86 12.06 -70.09
CA LEU N 12 57.75 11.65 -70.92
C LEU N 12 57.21 12.83 -71.70
N PRO N 13 56.59 12.55 -72.86
CA PRO N 13 56.01 13.68 -73.60
C PRO N 13 54.75 14.17 -72.88
N ALA N 14 54.63 15.48 -72.71
CA ALA N 14 53.50 16.09 -72.02
C ALA N 14 52.17 15.64 -72.65
N GLY N 15 51.22 15.25 -71.81
CA GLY N 15 49.90 14.83 -72.24
C GLY N 15 49.81 13.49 -72.94
N LYS N 16 50.95 12.83 -73.12
CA LYS N 16 51.03 11.69 -74.05
C LYS N 16 51.64 10.41 -73.49
N ALA N 17 51.67 10.26 -72.16
CA ALA N 17 51.99 8.99 -71.54
C ALA N 17 51.04 7.88 -72.01
N THR N 18 51.61 6.69 -72.19
CA THR N 18 50.88 5.49 -72.52
C THR N 18 51.41 4.44 -71.56
N PRO N 19 50.71 3.29 -71.44
CA PRO N 19 51.24 2.20 -70.63
C PRO N 19 52.40 1.41 -71.27
N ALA N 20 52.81 1.78 -72.49
CA ALA N 20 53.96 1.19 -73.15
C ALA N 20 55.29 1.63 -72.49
N PRO N 21 56.42 0.97 -72.83
CA PRO N 21 57.70 1.39 -72.28
C PRO N 21 58.00 2.87 -72.51
N PRO N 22 58.58 3.56 -71.49
CA PRO N 22 59.09 3.03 -70.23
C PRO N 22 58.08 2.85 -69.10
N VAL N 23 56.86 3.35 -69.25
CA VAL N 23 55.90 3.40 -68.13
C VAL N 23 55.52 2.00 -67.71
N GLY N 24 55.07 1.19 -68.66
CA GLY N 24 54.73 -0.20 -68.40
C GLY N 24 55.74 -0.96 -67.56
N PRO N 25 56.97 -1.13 -68.08
CA PRO N 25 57.98 -1.89 -67.32
C PRO N 25 58.47 -1.19 -66.03
N ALA N 26 58.57 0.14 -66.07
CA ALA N 26 59.13 0.90 -64.94
C ALA N 26 58.25 0.85 -63.71
N LEU N 27 56.94 0.97 -63.90
CA LEU N 27 55.99 0.93 -62.77
C LEU N 27 55.55 -0.49 -62.47
N GLY N 28 55.31 -1.27 -63.53
CA GLY N 28 54.90 -2.68 -63.40
C GLY N 28 55.86 -3.51 -62.59
N GLN N 29 57.14 -3.16 -62.66
CA GLN N 29 58.16 -3.86 -61.89
C GLN N 29 57.84 -3.87 -60.38
N HIS N 30 57.33 -2.77 -59.87
CA HIS N 30 57.00 -2.67 -58.47
C HIS N 30 55.49 -2.75 -58.24
N GLY N 31 54.77 -3.24 -59.24
CA GLY N 31 53.34 -3.48 -59.14
C GLY N 31 52.49 -2.25 -59.05
N ALA N 32 53.03 -1.07 -59.37
CA ALA N 32 52.22 0.15 -59.31
C ALA N 32 51.17 0.18 -60.42
N ASN N 33 50.07 0.86 -60.15
CA ASN N 33 48.95 0.95 -61.09
C ASN N 33 49.25 1.84 -62.29
N ILE N 34 49.63 1.21 -63.39
CA ILE N 34 50.08 1.88 -64.64
C ILE N 34 49.10 2.87 -65.23
N MET N 35 47.86 2.42 -65.40
CA MET N 35 46.81 3.25 -66.02
C MET N 35 46.43 4.42 -65.17
N GLU N 36 46.46 4.27 -63.85
CA GLU N 36 46.26 5.40 -62.96
C GLU N 36 47.38 6.45 -63.14
N PHE N 37 48.64 6.01 -63.15
CA PHE N 37 49.72 6.94 -63.41
C PHE N 37 49.52 7.65 -64.75
N VAL N 38 49.26 6.86 -65.80
CA VAL N 38 49.05 7.39 -67.16
C VAL N 38 48.00 8.49 -67.19
N LYS N 39 46.79 8.18 -66.70
CA LYS N 39 45.71 9.16 -66.63
C LYS N 39 46.07 10.41 -65.81
N ALA N 40 46.69 10.23 -64.65
CA ALA N 40 47.03 11.35 -63.76
C ALA N 40 48.16 12.22 -64.33
N PHE N 41 49.18 11.59 -64.89
CA PHE N 41 50.24 12.32 -65.59
C PHE N 41 49.65 13.16 -66.74
N ASN N 42 48.83 12.53 -67.56
CA ASN N 42 48.24 13.19 -68.72
C ASN N 42 47.29 14.31 -68.31
N ALA N 43 46.58 14.15 -67.19
CA ALA N 43 45.76 15.24 -66.65
C ALA N 43 46.64 16.40 -66.16
N ALA N 44 47.74 16.07 -65.49
CA ALA N 44 48.64 17.07 -64.89
C ALA N 44 49.51 17.79 -65.91
N THR N 45 49.63 17.25 -67.12
CA THR N 45 50.46 17.84 -68.17
C THR N 45 49.65 18.16 -69.44
N ALA N 46 48.33 18.30 -69.28
CA ALA N 46 47.40 18.48 -70.40
C ALA N 46 47.52 19.85 -71.08
N ASN N 47 48.10 20.80 -70.33
CA ASN N 47 48.19 22.19 -70.76
C ASN N 47 49.61 22.60 -71.20
N MET N 48 50.48 21.60 -71.40
CA MET N 48 51.90 21.84 -71.61
C MET N 48 52.39 21.58 -73.04
N GLY N 49 51.45 21.39 -73.96
CA GLY N 49 51.78 21.17 -75.38
C GLY N 49 52.48 19.84 -75.61
N ASP N 50 53.61 19.89 -76.31
CA ASP N 50 54.40 18.69 -76.59
C ASP N 50 55.73 18.67 -75.85
N ALA N 51 55.84 19.42 -74.76
CA ALA N 51 57.08 19.48 -73.98
C ALA N 51 57.52 18.12 -73.40
N ILE N 52 58.82 17.97 -73.17
CA ILE N 52 59.38 16.84 -72.44
C ILE N 52 59.14 17.16 -70.97
N VAL N 53 58.49 16.24 -70.26
CA VAL N 53 58.20 16.44 -68.85
C VAL N 53 58.94 15.36 -68.06
N PRO N 54 60.00 15.76 -67.33
CA PRO N 54 60.63 14.85 -66.39
C PRO N 54 59.67 14.60 -65.21
N VAL N 55 59.68 13.37 -64.70
CA VAL N 55 58.72 12.91 -63.70
C VAL N 55 59.35 11.81 -62.84
N GLU N 56 59.24 11.97 -61.51
CA GLU N 56 59.72 10.97 -60.54
C GLU N 56 58.56 10.28 -59.86
N ILE N 57 58.47 8.96 -60.02
CA ILE N 57 57.45 8.16 -59.37
C ILE N 57 58.04 7.48 -58.14
N THR N 58 57.41 7.72 -56.99
CA THR N 58 57.85 7.17 -55.72
C THR N 58 56.85 6.07 -55.42
N ILE N 59 57.34 4.84 -55.31
CA ILE N 59 56.46 3.67 -55.17
C ILE N 59 56.65 3.07 -53.80
N TYR N 60 55.54 2.63 -53.20
CA TYR N 60 55.56 2.06 -51.85
C TYR N 60 55.30 0.55 -51.87
N ALA N 61 55.43 -0.07 -50.69
CA ALA N 61 55.45 -1.53 -50.60
C ALA N 61 54.12 -2.23 -50.91
N ASP N 62 53.01 -1.50 -50.80
CA ASP N 62 51.68 -2.05 -51.11
C ASP N 62 51.19 -1.63 -52.49
N ARG N 63 52.07 -1.05 -53.33
CA ARG N 63 51.80 -0.74 -54.75
C ARG N 63 51.31 0.68 -54.99
N SER N 64 50.99 1.40 -53.92
CA SER N 64 50.62 2.80 -54.02
C SER N 64 51.84 3.62 -54.44
N PHE N 65 51.60 4.80 -55.00
CA PHE N 65 52.70 5.61 -55.54
C PHE N 65 52.27 7.05 -55.53
N THR N 66 53.23 7.97 -55.55
CA THR N 66 52.94 9.36 -55.86
C THR N 66 53.93 9.79 -56.95
N PHE N 67 53.72 10.96 -57.53
CA PHE N 67 54.65 11.44 -58.55
C PHE N 67 54.77 12.95 -58.54
N VAL N 68 55.90 13.45 -59.01
CA VAL N 68 56.13 14.87 -59.18
C VAL N 68 56.69 15.12 -60.57
N THR N 69 56.11 16.10 -61.26
CA THR N 69 56.62 16.56 -62.54
C THR N 69 57.55 17.75 -62.35
N LYS N 70 58.52 17.90 -63.25
CA LYS N 70 59.45 19.00 -63.22
C LYS N 70 59.31 19.84 -64.48
N THR N 71 60.05 20.95 -64.53
CA THR N 71 60.03 21.81 -65.71
C THR N 71 60.94 21.22 -66.79
N PRO N 72 60.59 21.42 -68.08
CA PRO N 72 61.31 20.82 -69.19
C PRO N 72 62.82 21.05 -69.11
N PRO N 73 63.63 20.07 -69.58
CA PRO N 73 65.09 20.20 -69.61
C PRO N 73 65.60 21.52 -70.21
N ALA N 74 66.67 22.06 -69.64
CA ALA N 74 67.33 23.26 -70.13
C ALA N 74 67.56 23.26 -71.65
N SER N 75 68.13 22.18 -72.15
CA SER N 75 68.40 22.04 -73.58
C SER N 75 67.11 21.99 -74.43
N TYR N 76 66.04 21.41 -73.88
CA TYR N 76 64.75 21.41 -74.58
C TYR N 76 64.23 22.82 -74.83
N LEU N 77 64.35 23.68 -73.83
CA LEU N 77 63.78 25.02 -73.89
C LEU N 77 64.56 25.93 -74.83
N ILE N 78 65.89 25.88 -74.72
CA ILE N 78 66.78 26.58 -75.63
C ILE N 78 66.48 26.22 -77.10
N ARG N 79 66.40 24.91 -77.39
CA ARG N 79 66.16 24.43 -78.76
C ARG N 79 64.79 24.85 -79.29
N LYS N 80 63.77 24.83 -78.45
CA LYS N 80 62.45 25.24 -78.88
C LYS N 80 62.41 26.76 -79.13
N ALA N 81 63.07 27.53 -78.25
CA ALA N 81 63.15 28.99 -78.36
C ALA N 81 63.97 29.43 -79.57
N ALA N 82 64.92 28.60 -79.95
CA ALA N 82 65.82 28.88 -81.08
C ALA N 82 65.25 28.39 -82.41
N GLY N 83 64.10 27.71 -82.37
CA GLY N 83 63.47 27.21 -83.58
C GLY N 83 64.06 25.92 -84.13
N LEU N 84 64.78 25.17 -83.30
CA LEU N 84 65.33 23.89 -83.75
C LEU N 84 64.28 22.78 -83.66
N GLU N 85 63.70 22.40 -84.80
CA GLU N 85 62.69 21.31 -84.87
C GLU N 85 63.15 20.10 -85.71
N LYS N 86 62.39 19.01 -85.60
CA LYS N 86 62.62 17.77 -86.33
C LYS N 86 62.05 17.83 -87.76
N GLY N 87 62.82 17.29 -88.72
CA GLY N 87 62.32 17.04 -90.08
C GLY N 87 61.97 18.26 -90.90
N HIS N 89 64.19 18.87 -93.15
CA HIS N 89 65.43 19.33 -93.79
C HIS N 89 65.37 19.25 -95.31
N LYS N 90 66.11 20.13 -95.98
CA LYS N 90 66.05 20.25 -97.43
C LYS N 90 67.44 20.47 -98.04
N PRO N 91 67.65 20.04 -99.31
CA PRO N 91 68.85 20.43 -100.04
C PRO N 91 69.02 21.95 -100.11
N GLY N 92 70.26 22.42 -100.17
CA GLY N 92 70.56 23.84 -100.24
C GLY N 92 70.59 24.53 -98.90
N ARG N 93 70.31 25.83 -98.91
CA ARG N 93 70.29 26.68 -97.72
C ARG N 93 69.52 26.11 -96.53
N GLU N 94 70.14 26.23 -95.36
CA GLU N 94 69.44 26.09 -94.07
C GLU N 94 70.01 27.04 -93.04
N LYS N 95 69.11 27.62 -92.24
CA LYS N 95 69.47 28.66 -91.27
C LYS N 95 69.78 28.12 -89.87
N VAL N 96 70.81 28.69 -89.26
CA VAL N 96 71.19 28.42 -87.88
C VAL N 96 70.12 28.96 -86.91
N GLY N 97 70.13 28.47 -85.66
CA GLY N 97 69.20 28.91 -84.62
C GLY N 97 69.61 30.20 -83.93
N ARG N 98 68.61 30.92 -83.39
CA ARG N 98 68.80 32.20 -82.69
C ARG N 98 67.58 32.55 -81.82
N GLU N 102 67.17 37.50 -77.44
CA GLU N 102 67.69 36.97 -76.18
C GLU N 102 66.53 36.57 -75.29
N GLN N 103 66.19 35.27 -75.35
CA GLN N 103 65.18 34.66 -74.48
C GLN N 103 65.89 33.80 -73.42
N VAL N 104 67.17 34.10 -73.22
CA VAL N 104 68.06 33.48 -72.21
C VAL N 104 67.53 33.67 -70.78
N LEU N 105 67.18 34.92 -70.45
CA LEU N 105 66.77 35.28 -69.10
C LEU N 105 65.56 34.48 -68.62
N GLU N 106 64.49 34.48 -69.42
CA GLU N 106 63.25 33.83 -69.04
C GLU N 106 63.37 32.31 -68.85
N ILE N 107 64.23 31.68 -69.66
CA ILE N 107 64.53 30.26 -69.49
C ILE N 107 65.38 30.04 -68.22
N ALA N 108 66.29 30.99 -67.94
CA ALA N 108 67.14 30.92 -66.75
C ALA N 108 66.30 31.03 -65.47
N LYS N 109 65.30 31.91 -65.48
CA LYS N 109 64.36 32.07 -64.36
C LYS N 109 63.45 30.86 -64.16
N GLN N 110 63.27 30.08 -65.22
CA GLN N 110 62.44 28.87 -65.18
C GLN N 110 63.27 27.63 -64.84
N LYS N 111 64.57 27.69 -65.10
CA LYS N 111 65.47 26.55 -64.88
C LYS N 111 66.33 26.67 -63.62
N MET N 112 66.28 27.83 -62.97
CA MET N 112 66.94 28.04 -61.69
C MET N 112 66.36 27.13 -60.58
N PRO N 113 65.03 27.24 -60.29
CA PRO N 113 64.51 26.48 -59.16
C PRO N 113 64.19 25.03 -59.52
N LEU N 120 71.96 31.87 -59.15
CA LEU N 120 70.93 32.70 -58.54
C LEU N 120 71.00 34.13 -59.07
N GLU N 121 72.21 34.66 -59.13
CA GLU N 121 72.46 36.03 -59.57
C GLU N 121 73.63 36.11 -60.56
N ALA N 122 73.87 34.99 -61.25
CA ALA N 122 74.93 34.85 -62.25
C ALA N 122 74.71 33.61 -63.12
N ALA N 123 73.60 32.91 -62.87
CA ALA N 123 73.31 31.60 -63.47
C ALA N 123 72.81 31.61 -64.92
N ALA N 124 72.53 32.81 -65.46
CA ALA N 124 72.10 32.96 -66.85
C ALA N 124 73.27 32.80 -67.85
N ARG N 125 74.47 32.66 -67.30
CA ARG N 125 75.68 32.41 -68.09
C ARG N 125 75.78 30.95 -68.53
N MET N 126 75.15 30.04 -67.78
CA MET N 126 75.09 28.64 -68.21
C MET N 126 74.21 28.50 -69.44
N ILE N 127 72.99 29.06 -69.38
CA ILE N 127 72.03 28.99 -70.48
C ILE N 127 72.60 29.57 -71.79
N ALA N 128 73.27 30.73 -71.69
CA ALA N 128 73.92 31.35 -72.86
C ALA N 128 75.08 30.49 -73.39
N GLY N 129 75.90 29.98 -72.48
CA GLY N 129 77.06 29.15 -72.82
C GLY N 129 76.71 27.78 -73.34
N SER N 130 75.56 27.26 -72.91
CA SER N 130 74.98 26.02 -73.42
C SER N 130 74.36 26.22 -74.80
N ALA N 131 73.74 27.38 -75.00
CA ALA N 131 73.11 27.75 -76.27
C ALA N 131 74.14 28.00 -77.37
N ARG N 132 75.27 28.61 -76.99
CA ARG N 132 76.32 28.90 -77.95
C ARG N 132 77.13 27.66 -78.31
N SER N 133 77.16 26.69 -77.39
CA SER N 133 77.86 25.44 -77.66
C SER N 133 76.96 24.45 -78.41
N MET N 134 75.89 24.98 -79.00
CA MET N 134 74.81 24.18 -79.57
C MET N 134 74.68 24.14 -81.12
N GLY N 135 75.17 25.11 -81.88
CA GLY N 135 75.58 26.43 -81.46
C GLY N 135 74.55 27.40 -82.01
N VAL N 136 73.76 27.94 -81.11
CA VAL N 136 72.67 28.86 -81.42
C VAL N 136 73.20 30.27 -81.22
N GLU N 137 72.72 31.21 -82.04
CA GLU N 137 73.10 32.62 -81.89
C GLU N 137 72.28 33.29 -80.79
N VAL N 138 72.94 34.16 -80.03
CA VAL N 138 72.30 34.96 -78.98
C VAL N 138 72.36 36.45 -79.36
N VAL N 139 71.25 37.17 -79.13
CA VAL N 139 71.11 38.57 -79.55
C VAL N 139 71.60 39.57 -78.49
N GLY N 140 71.22 39.37 -77.23
CA GLY N 140 71.53 40.32 -76.15
C GLY N 140 72.91 40.17 -75.54
N ALA N 141 73.32 41.17 -74.76
CA ALA N 141 74.65 41.14 -74.12
C ALA N 141 74.62 41.63 -72.68
N MET O 1 -0.42 -17.20 -44.81
CA MET O 1 -0.53 -18.58 -45.38
C MET O 1 -1.76 -18.72 -46.29
N TRP O 2 -1.72 -19.74 -47.17
CA TRP O 2 -2.82 -20.06 -48.09
C TRP O 2 -3.46 -21.42 -47.81
N VAL O 3 -4.77 -21.52 -48.05
CA VAL O 3 -5.50 -22.75 -47.84
C VAL O 3 -6.17 -23.29 -49.13
N TYR O 4 -5.96 -24.58 -49.37
CA TYR O 4 -6.61 -25.30 -50.46
C TYR O 4 -7.84 -26.01 -49.92
N ARG O 5 -9.00 -25.58 -50.39
CA ARG O 5 -10.29 -26.13 -49.95
C ARG O 5 -10.82 -27.16 -50.95
N LEU O 6 -11.04 -28.38 -50.47
CA LEU O 6 -11.58 -29.48 -51.29
C LEU O 6 -12.87 -30.07 -50.71
N LYS O 7 -13.87 -30.24 -51.58
CA LYS O 7 -15.15 -30.82 -51.18
C LYS O 7 -14.99 -32.29 -50.77
N GLY O 8 -15.48 -32.63 -49.57
CA GLY O 8 -15.46 -34.00 -49.06
C GLY O 8 -14.75 -34.17 -47.72
N THR O 9 -14.98 -35.32 -47.07
CA THR O 9 -14.33 -35.64 -45.80
C THR O 9 -12.90 -36.17 -45.99
N LEU O 10 -12.12 -36.18 -44.91
CA LEU O 10 -10.79 -36.81 -44.89
C LEU O 10 -10.83 -38.29 -45.29
N GLU O 11 -11.86 -39.01 -44.84
CA GLU O 11 -12.04 -40.43 -45.18
C GLU O 11 -12.21 -40.64 -46.69
N ALA O 12 -13.08 -39.82 -47.30
CA ALA O 12 -13.40 -39.92 -48.72
C ALA O 12 -12.24 -39.57 -49.66
N LEU O 13 -11.49 -38.52 -49.32
CA LEU O 13 -10.39 -38.03 -50.16
C LEU O 13 -9.04 -38.70 -49.81
N ASP O 14 -9.11 -39.81 -49.07
CA ASP O 14 -7.93 -40.62 -48.70
C ASP O 14 -6.97 -40.92 -49.87
N PRO O 15 -7.50 -41.36 -51.04
CA PRO O 15 -6.61 -41.58 -52.19
C PRO O 15 -5.72 -40.39 -52.56
N ILE O 16 -6.23 -39.15 -52.42
CA ILE O 16 -5.49 -37.97 -52.88
C ILE O 16 -4.74 -37.17 -51.78
N LEU O 17 -4.83 -37.63 -50.53
CA LEU O 17 -4.22 -36.92 -49.38
C LEU O 17 -2.69 -36.89 -49.35
N PRO O 18 -2.01 -38.04 -49.65
CA PRO O 18 -0.55 -38.01 -49.77
C PRO O 18 -0.04 -37.15 -50.93
N GLY O 19 -0.88 -36.89 -51.91
CA GLY O 19 -0.58 -35.98 -53.02
C GLY O 19 -0.53 -34.51 -52.61
N LEU O 20 -1.40 -34.13 -51.67
CA LEU O 20 -1.42 -32.76 -51.11
C LEU O 20 -0.14 -32.49 -50.30
N PHE O 21 0.25 -33.46 -49.47
CA PHE O 21 1.48 -33.40 -48.69
C PHE O 21 2.74 -33.41 -49.56
N ASP O 22 2.62 -34.01 -50.75
CA ASP O 22 3.70 -34.00 -51.74
C ASP O 22 3.82 -32.65 -52.46
N GLY O 23 2.71 -31.92 -52.52
CA GLY O 23 2.67 -30.59 -53.15
C GLY O 23 3.23 -29.48 -52.26
N GLY O 24 3.29 -29.75 -50.95
CA GLY O 24 3.82 -28.81 -49.98
C GLY O 24 2.98 -28.59 -48.73
N ALA O 25 1.85 -29.31 -48.63
CA ALA O 25 0.91 -29.19 -47.50
C ALA O 25 1.57 -29.46 -46.15
N ARG O 26 1.17 -28.68 -45.15
CA ARG O 26 1.78 -28.75 -43.81
C ARG O 26 0.79 -29.24 -42.76
N GLY O 27 -0.42 -29.54 -43.21
CA GLY O 27 -1.48 -30.01 -42.33
C GLY O 27 -2.84 -29.97 -43.01
N LEU O 28 -3.68 -30.94 -42.66
CA LEU O 28 -5.05 -31.01 -43.14
C LEU O 28 -6.01 -30.73 -41.99
N TRP O 29 -7.16 -30.13 -42.32
CA TRP O 29 -8.21 -29.85 -41.34
C TRP O 29 -9.57 -30.14 -41.97
N GLU O 30 -10.33 -31.00 -41.29
CA GLU O 30 -11.69 -31.28 -41.73
C GLU O 30 -12.68 -30.35 -41.04
N ARG O 31 -13.48 -29.67 -41.86
CA ARG O 31 -14.50 -28.74 -41.39
C ARG O 31 -15.88 -29.30 -41.79
N GLU O 32 -16.91 -28.46 -41.81
CA GLU O 32 -18.28 -28.92 -42.12
C GLU O 32 -18.39 -29.45 -43.56
N GLY O 33 -18.13 -30.76 -43.72
CA GLY O 33 -18.16 -31.43 -45.02
C GLY O 33 -17.11 -31.01 -46.05
N GLU O 34 -15.90 -30.70 -45.58
CA GLU O 34 -14.86 -30.13 -46.44
C GLU O 34 -13.47 -30.40 -45.88
N VAL O 35 -12.47 -30.53 -46.75
CA VAL O 35 -11.06 -30.61 -46.34
C VAL O 35 -10.33 -29.28 -46.57
N TRP O 36 -9.65 -28.80 -45.54
CA TRP O 36 -8.82 -27.60 -45.63
C TRP O 36 -7.34 -28.00 -45.57
N ALA O 37 -6.64 -27.79 -46.68
CA ALA O 37 -5.22 -28.13 -46.81
C ALA O 37 -4.37 -26.85 -46.87
N PHE O 38 -3.33 -26.81 -46.05
CA PHE O 38 -2.57 -25.58 -45.82
C PHE O 38 -1.18 -25.60 -46.45
N PHE O 39 -0.94 -24.61 -47.30
CA PHE O 39 0.31 -24.43 -48.03
C PHE O 39 0.86 -23.03 -47.78
N PRO O 40 2.19 -22.87 -47.78
CA PRO O 40 2.80 -21.53 -47.75
C PRO O 40 2.21 -20.59 -48.82
N ALA O 41 2.17 -21.08 -50.06
CA ALA O 41 1.57 -20.38 -51.20
C ALA O 41 0.85 -21.42 -52.09
N PRO O 42 -0.14 -20.97 -52.90
CA PRO O 42 -0.76 -21.87 -53.88
C PRO O 42 0.26 -22.50 -54.86
N VAL O 43 0.21 -23.82 -54.97
CA VAL O 43 1.00 -24.56 -55.94
C VAL O 43 0.07 -25.22 -56.97
N ASP O 44 0.65 -25.81 -58.01
CA ASP O 44 -0.18 -26.44 -59.05
C ASP O 44 -0.59 -27.86 -58.68
N LEU O 45 -1.90 -28.03 -58.45
CA LEU O 45 -2.47 -29.31 -58.06
C LEU O 45 -3.64 -29.69 -59.00
N PRO O 46 -3.74 -30.98 -59.38
CA PRO O 46 -4.81 -31.43 -60.29
C PRO O 46 -6.09 -31.91 -59.58
N TYR O 47 -6.36 -31.38 -58.38
CA TYR O 47 -7.44 -31.90 -57.52
C TYR O 47 -8.78 -31.14 -57.53
N GLU O 48 -8.83 -30.04 -58.28
CA GLU O 48 -10.05 -29.21 -58.48
C GLU O 48 -10.68 -28.67 -57.18
N GLY O 49 -9.81 -28.32 -56.24
CA GLY O 49 -10.17 -27.49 -55.09
C GLY O 49 -9.88 -26.04 -55.39
N VAL O 50 -9.96 -25.20 -54.36
CA VAL O 50 -9.86 -23.75 -54.55
C VAL O 50 -8.88 -23.11 -53.53
N TRP O 51 -8.28 -21.98 -53.91
CA TRP O 51 -7.24 -21.34 -53.11
C TRP O 51 -7.71 -20.07 -52.38
N GLU O 52 -7.50 -20.03 -51.06
CA GLU O 52 -7.87 -18.89 -50.22
C GLU O 52 -6.74 -18.46 -49.28
N GLU O 53 -6.63 -17.15 -49.04
CA GLU O 53 -5.66 -16.66 -48.05
C GLU O 53 -6.23 -16.67 -46.62
N VAL O 54 -5.44 -17.15 -45.67
CA VAL O 54 -5.89 -17.19 -44.28
C VAL O 54 -5.66 -15.85 -43.56
N GLY O 55 -6.62 -15.47 -42.72
CA GLY O 55 -6.50 -14.27 -41.88
C GLY O 55 -5.86 -14.67 -40.57
N ASP O 56 -4.60 -14.29 -40.39
CA ASP O 56 -3.79 -14.75 -39.25
C ASP O 56 -4.22 -14.18 -37.90
N GLU O 57 -4.59 -12.90 -37.88
CA GLU O 57 -4.84 -12.09 -36.67
C GLU O 57 -5.51 -12.83 -35.50
N ASP O 58 -6.56 -13.60 -35.81
CA ASP O 58 -7.32 -14.35 -34.79
C ASP O 58 -6.58 -15.51 -34.12
N TRP O 59 -5.81 -16.29 -34.88
CA TRP O 59 -5.04 -17.40 -34.28
C TRP O 59 -3.72 -16.98 -33.58
N LEU O 60 -3.18 -15.81 -33.95
CA LEU O 60 -2.14 -15.16 -33.14
C LEU O 60 -2.82 -14.51 -31.93
N GLU O 61 -2.90 -15.27 -30.83
CA GLU O 61 -3.83 -15.00 -29.73
C GLU O 61 -5.23 -15.07 -30.29
N ALA O 62 -5.87 -16.24 -30.32
CA ALA O 62 -5.46 -17.56 -29.79
C ALA O 62 -4.07 -17.84 -29.19
N TRP O 63 -3.05 -17.99 -30.04
CA TRP O 63 -1.75 -18.54 -29.64
C TRP O 63 -0.99 -17.74 -28.57
N ARG O 64 -0.93 -16.42 -28.78
CA ARG O 64 -0.15 -15.49 -27.97
C ARG O 64 -0.73 -15.22 -26.58
N ARG O 65 -2.05 -15.34 -26.48
CA ARG O 65 -2.76 -15.00 -25.23
C ARG O 65 -2.36 -15.90 -24.09
N ASP O 66 -1.96 -17.13 -24.43
CA ASP O 66 -1.62 -18.14 -23.42
C ASP O 66 -0.12 -18.27 -23.17
N LEU O 67 0.69 -17.52 -23.91
CA LEU O 67 2.11 -17.52 -23.65
C LEU O 67 2.35 -16.69 -22.40
N LYS O 68 3.29 -17.12 -21.58
CA LYS O 68 3.47 -16.54 -20.26
C LYS O 68 4.95 -16.38 -20.00
N PRO O 69 5.35 -15.42 -19.15
CA PRO O 69 6.75 -15.27 -18.76
C PRO O 69 7.39 -16.61 -18.38
N ALA O 70 8.67 -16.80 -18.72
CA ALA O 70 9.40 -18.02 -18.37
C ALA O 70 10.67 -17.75 -17.56
N LEU O 71 10.70 -18.19 -16.32
CA LEU O 71 11.85 -18.03 -15.49
C LEU O 71 13.02 -18.87 -15.95
N ALA O 72 14.13 -18.19 -16.23
CA ALA O 72 15.36 -18.86 -16.50
C ALA O 72 16.43 -18.17 -15.67
N PRO O 73 16.46 -18.40 -14.34
CA PRO O 73 17.32 -17.65 -13.41
C PRO O 73 18.77 -17.54 -13.94
N PRO O 74 19.41 -16.35 -13.86
CA PRO O 74 19.01 -15.04 -13.30
C PRO O 74 18.02 -14.26 -14.15
N PHE O 75 17.54 -14.84 -15.24
CA PHE O 75 16.67 -14.12 -16.17
C PHE O 75 15.19 -14.49 -16.05
N VAL O 76 14.35 -13.64 -16.63
CA VAL O 76 13.00 -14.02 -17.04
C VAL O 76 12.89 -13.76 -18.56
N VAL O 77 12.37 -14.72 -19.31
CA VAL O 77 12.15 -14.58 -20.75
C VAL O 77 10.74 -14.03 -20.96
N LEU O 78 10.68 -12.89 -21.62
CA LEU O 78 9.44 -12.18 -21.79
C LEU O 78 9.12 -12.04 -23.27
N ALA O 79 7.84 -12.12 -23.60
CA ALA O 79 7.29 -11.67 -24.89
C ALA O 79 7.12 -10.13 -24.82
N PRO O 80 7.19 -9.44 -26.00
CA PRO O 80 7.12 -7.96 -26.00
C PRO O 80 5.89 -7.36 -25.32
N TRP O 81 4.74 -8.00 -25.44
CA TRP O 81 3.50 -7.53 -24.85
C TRP O 81 3.34 -7.91 -23.37
N HIS O 82 4.27 -8.66 -22.78
CA HIS O 82 4.11 -9.10 -21.37
C HIS O 82 4.28 -7.98 -20.34
N THR O 83 3.24 -7.83 -19.52
CA THR O 83 3.24 -6.83 -18.45
C THR O 83 3.73 -7.40 -17.12
N TRP O 84 5.01 -7.82 -17.12
CA TRP O 84 5.62 -8.43 -15.95
C TRP O 84 6.40 -7.39 -15.14
N GLU O 85 6.52 -7.60 -13.83
CA GLU O 85 7.14 -6.60 -12.97
C GLU O 85 8.40 -6.93 -12.13
N GLY O 86 8.54 -8.16 -11.63
CA GLY O 86 9.63 -8.53 -10.69
C GLY O 86 11.10 -8.11 -10.76
N ALA O 87 11.96 -8.95 -10.19
CA ALA O 87 13.39 -8.67 -9.92
C ALA O 87 14.40 -9.26 -10.92
N GLU O 88 14.00 -10.31 -11.63
CA GLU O 88 14.92 -11.01 -12.53
C GLU O 88 15.34 -10.13 -13.70
N ILE O 89 16.49 -10.44 -14.31
CA ILE O 89 16.91 -9.73 -15.51
C ILE O 89 15.98 -10.14 -16.68
N PRO O 90 15.32 -9.16 -17.28
CA PRO O 90 14.43 -9.46 -18.38
C PRO O 90 15.15 -9.69 -19.72
N LEU O 91 14.64 -10.66 -20.46
CA LEU O 91 15.12 -11.01 -21.77
C LEU O 91 13.89 -11.02 -22.66
N VAL O 92 13.70 -9.96 -23.45
CA VAL O 92 12.56 -9.85 -24.35
C VAL O 92 12.82 -10.56 -25.70
N ILE O 93 12.09 -11.63 -25.95
CA ILE O 93 12.20 -12.45 -27.15
C ILE O 93 10.83 -12.52 -27.82
N GLU O 94 10.76 -12.26 -29.12
CA GLU O 94 9.50 -12.42 -29.83
C GLU O 94 9.25 -13.91 -30.08
N PRO O 95 8.16 -14.48 -29.50
CA PRO O 95 7.98 -15.93 -29.65
C PRO O 95 7.71 -16.26 -31.12
N GLY O 96 8.25 -17.36 -31.60
CA GLY O 96 8.09 -17.73 -33.00
C GLY O 96 7.90 -19.23 -33.20
N THR O 101 12.48 -29.46 -29.65
CA THR O 101 11.42 -29.77 -28.71
C THR O 101 11.75 -29.20 -27.33
N GLY O 102 12.88 -29.63 -26.76
CA GLY O 102 13.26 -29.20 -25.41
C GLY O 102 13.81 -27.78 -25.36
N HIS O 103 13.25 -26.88 -26.17
CA HIS O 103 13.71 -25.50 -26.27
C HIS O 103 13.71 -24.77 -24.94
N ALA O 104 12.62 -24.90 -24.19
CA ALA O 104 12.48 -24.27 -22.88
C ALA O 104 13.56 -24.71 -21.89
N GLU O 105 13.69 -26.03 -21.73
CA GLU O 105 14.64 -26.63 -20.79
C GLU O 105 16.09 -26.29 -21.11
N THR O 106 16.45 -26.41 -22.40
CA THR O 106 17.83 -26.25 -22.82
C THR O 106 18.23 -24.78 -22.78
N THR O 107 17.27 -23.90 -23.05
CA THR O 107 17.48 -22.46 -22.93
C THR O 107 17.73 -22.07 -21.47
N ARG O 108 16.93 -22.68 -20.58
CA ARG O 108 17.05 -22.51 -19.15
C ARG O 108 18.44 -22.92 -18.70
N LEU O 109 18.85 -24.13 -19.05
CA LEU O 109 20.19 -24.64 -18.75
C LEU O 109 21.28 -23.72 -19.30
N ALA O 110 21.13 -23.29 -20.55
CA ALA O 110 22.16 -22.50 -21.19
C ALA O 110 22.29 -21.11 -20.55
N LEU O 111 21.14 -20.46 -20.30
CA LEU O 111 21.13 -19.13 -19.67
C LEU O 111 21.80 -19.13 -18.30
N LYS O 112 21.44 -20.14 -17.51
CA LYS O 112 21.95 -20.30 -16.18
C LYS O 112 23.48 -20.59 -16.11
N ALA O 113 23.97 -21.50 -16.97
CA ALA O 113 25.42 -21.71 -17.17
C ALA O 113 26.20 -20.47 -17.68
N LEU O 114 25.59 -19.75 -18.62
CA LEU O 114 26.15 -18.52 -19.18
C LEU O 114 26.45 -17.54 -18.06
N ALA O 115 25.44 -17.26 -17.24
CA ALA O 115 25.55 -16.37 -16.08
C ALA O 115 26.59 -16.85 -15.07
N ARG O 116 26.68 -18.16 -14.88
CA ARG O 116 27.62 -18.78 -13.95
C ARG O 116 29.08 -18.67 -14.39
N HIS O 117 29.31 -18.77 -15.71
CA HIS O 117 30.69 -18.83 -16.20
C HIS O 117 31.24 -17.54 -16.76
N LEU O 118 30.35 -16.67 -17.23
CA LEU O 118 30.73 -15.45 -17.92
C LEU O 118 31.29 -14.37 -17.00
N ARG O 119 32.46 -13.85 -17.36
CA ARG O 119 33.02 -12.67 -16.72
C ARG O 119 32.83 -11.47 -17.66
N PRO O 120 32.38 -10.31 -17.14
CA PRO O 120 32.29 -9.12 -18.01
C PRO O 120 33.57 -8.89 -18.83
N GLY O 121 33.40 -8.45 -20.07
CA GLY O 121 34.50 -8.38 -21.02
C GLY O 121 34.81 -9.65 -21.81
N ASP O 122 34.36 -10.82 -21.35
CA ASP O 122 34.60 -12.05 -22.11
C ASP O 122 34.07 -11.97 -23.54
N LYS O 123 34.84 -12.50 -24.48
CA LYS O 123 34.33 -12.65 -25.83
C LYS O 123 33.58 -13.97 -25.92
N VAL O 124 32.34 -13.90 -26.39
CA VAL O 124 31.43 -15.05 -26.39
C VAL O 124 31.00 -15.42 -27.80
N LEU O 125 31.16 -16.69 -28.12
CA LEU O 125 30.59 -17.24 -29.35
C LEU O 125 29.31 -18.00 -29.04
N ASP O 126 28.20 -17.62 -29.67
CA ASP O 126 26.91 -18.33 -29.59
C ASP O 126 26.68 -19.06 -30.90
N LEU O 127 27.01 -20.36 -30.91
CA LEU O 127 26.97 -21.16 -32.12
C LEU O 127 25.55 -21.68 -32.32
N GLY O 128 24.95 -21.42 -33.48
CA GLY O 128 23.58 -21.76 -33.76
C GLY O 128 22.66 -20.80 -33.02
N THR O 129 22.95 -19.50 -33.11
CA THR O 129 22.22 -18.47 -32.34
C THR O 129 20.68 -18.51 -32.45
N GLY O 130 20.15 -18.83 -33.64
CA GLY O 130 18.70 -18.94 -33.84
C GLY O 130 18.00 -17.62 -33.60
N SER O 131 17.20 -17.57 -32.52
CA SER O 131 16.47 -16.35 -32.12
C SER O 131 17.40 -15.28 -31.53
N GLY O 132 18.56 -15.72 -31.06
CA GLY O 132 19.56 -14.81 -30.49
C GLY O 132 19.61 -14.74 -28.98
N VAL O 133 18.67 -15.38 -28.31
CA VAL O 133 18.51 -15.21 -26.87
C VAL O 133 19.84 -15.28 -26.11
N LEU O 134 20.74 -16.15 -26.54
CA LEU O 134 21.93 -16.39 -25.73
C LEU O 134 23.02 -15.35 -25.96
N ALA O 135 23.20 -14.92 -27.22
CA ALA O 135 24.08 -13.81 -27.53
C ALA O 135 23.54 -12.52 -26.88
N ILE O 136 22.21 -12.35 -26.92
CA ILE O 136 21.56 -11.21 -26.27
C ILE O 136 21.80 -11.21 -24.77
N ALA O 137 21.63 -12.37 -24.13
CA ALA O 137 21.83 -12.50 -22.69
C ALA O 137 23.27 -12.25 -22.33
N ALA O 138 24.17 -12.75 -23.17
CA ALA O 138 25.61 -12.56 -22.98
C ALA O 138 25.95 -11.08 -22.92
N GLU O 139 25.43 -10.30 -23.87
CA GLU O 139 25.64 -8.85 -23.96
C GLU O 139 25.04 -8.15 -22.76
N LYS O 140 23.84 -8.57 -22.34
CA LYS O 140 23.23 -8.12 -21.07
C LYS O 140 24.17 -8.28 -19.86
N LEU O 141 24.94 -9.34 -19.85
CA LEU O 141 25.79 -9.67 -18.72
C LEU O 141 27.19 -9.02 -18.79
N GLY O 142 27.47 -8.25 -19.85
CA GLY O 142 28.79 -7.65 -20.08
C GLY O 142 29.71 -8.42 -21.02
N GLY O 143 29.21 -9.51 -21.59
CA GLY O 143 29.91 -10.24 -22.64
C GLY O 143 29.92 -9.46 -23.94
N LYS O 144 30.88 -9.77 -24.81
CA LYS O 144 30.98 -9.19 -26.13
C LYS O 144 30.70 -10.39 -27.06
N ALA O 145 29.48 -10.48 -27.58
CA ALA O 145 29.01 -11.70 -28.21
C ALA O 145 28.97 -11.63 -29.72
N LEU O 146 29.24 -12.78 -30.32
CA LEU O 146 28.98 -13.00 -31.73
C LEU O 146 28.00 -14.17 -31.75
N GLY O 147 26.87 -14.01 -32.43
CA GLY O 147 26.00 -15.14 -32.71
C GLY O 147 26.06 -15.49 -34.19
N VAL O 148 26.32 -16.76 -34.48
CA VAL O 148 26.31 -17.25 -35.87
C VAL O 148 25.26 -18.33 -36.09
N ASP O 149 24.64 -18.31 -37.26
CA ASP O 149 23.76 -19.40 -37.63
C ASP O 149 23.91 -19.69 -39.14
N ILE O 150 24.00 -20.98 -39.49
CA ILE O 150 24.08 -21.40 -40.90
C ILE O 150 22.81 -21.07 -41.68
N ASP O 151 21.72 -20.81 -40.96
CA ASP O 151 20.47 -20.41 -41.57
C ASP O 151 20.35 -18.88 -41.53
N PRO O 152 20.44 -18.21 -42.70
CA PRO O 152 20.46 -16.75 -42.75
C PRO O 152 19.08 -16.14 -42.49
N MET O 153 18.04 -16.96 -42.58
CA MET O 153 16.67 -16.50 -42.39
C MET O 153 16.33 -16.19 -40.93
N VAL O 154 17.14 -16.66 -39.98
CA VAL O 154 16.87 -16.40 -38.58
C VAL O 154 17.55 -15.11 -38.13
N LEU O 155 18.45 -14.58 -38.96
CA LEU O 155 19.22 -13.36 -38.60
C LEU O 155 18.37 -12.06 -38.41
N PRO O 156 17.44 -11.75 -39.34
CA PRO O 156 16.57 -10.59 -39.08
C PRO O 156 15.84 -10.66 -37.71
N GLN O 157 15.37 -11.85 -37.35
CA GLN O 157 14.66 -12.07 -36.08
C GLN O 157 15.60 -11.95 -34.88
N ALA O 158 16.83 -12.44 -35.01
CA ALA O 158 17.82 -12.26 -33.96
C ALA O 158 18.11 -10.77 -33.73
N GLU O 159 18.31 -10.02 -34.81
CA GLU O 159 18.55 -8.56 -34.73
C GLU O 159 17.36 -7.85 -34.11
N ALA O 160 16.17 -8.24 -34.51
CA ALA O 160 14.96 -7.66 -33.95
C ALA O 160 14.87 -7.91 -32.43
N ASN O 161 15.23 -9.11 -31.96
CA ASN O 161 15.23 -9.41 -30.51
C ASN O 161 16.25 -8.61 -29.71
N ALA O 162 17.39 -8.36 -30.34
CA ALA O 162 18.46 -7.58 -29.75
C ALA O 162 18.05 -6.13 -29.52
N LYS O 163 17.36 -5.54 -30.49
CA LYS O 163 16.89 -4.15 -30.34
C LYS O 163 15.93 -4.05 -29.13
N ARG O 164 15.12 -5.09 -28.93
CA ARG O 164 14.17 -5.21 -27.81
C ARG O 164 14.78 -5.20 -26.44
N ASN O 165 16.07 -5.47 -26.39
CA ASN O 165 16.81 -5.60 -25.15
C ASN O 165 17.89 -4.57 -25.01
N GLY O 166 18.01 -3.68 -26.00
CA GLY O 166 18.99 -2.59 -25.99
C GLY O 166 20.43 -3.06 -26.05
N VAL O 167 20.67 -4.21 -26.70
CA VAL O 167 22.04 -4.73 -26.87
C VAL O 167 22.33 -4.91 -28.35
N ARG O 168 23.62 -4.93 -28.68
CA ARG O 168 24.04 -5.12 -30.06
C ARG O 168 25.15 -6.13 -30.18
N PRO O 169 24.81 -7.43 -30.13
CA PRO O 169 25.77 -8.46 -30.48
C PRO O 169 26.05 -8.38 -31.97
N ARG O 170 27.12 -8.98 -32.43
CA ARG O 170 27.32 -9.15 -33.86
C ARG O 170 26.60 -10.44 -34.24
N PHE O 171 25.82 -10.40 -35.32
CA PHE O 171 25.17 -11.60 -35.84
C PHE O 171 25.61 -11.89 -37.28
N LEU O 172 25.98 -13.15 -37.56
CA LEU O 172 26.55 -13.52 -38.86
C LEU O 172 26.05 -14.86 -39.38
N GLU O 173 25.85 -14.98 -40.68
CA GLU O 173 25.53 -16.27 -41.27
C GLU O 173 26.80 -17.10 -41.27
N GLY O 174 26.67 -18.37 -40.89
CA GLY O 174 27.80 -19.31 -40.95
C GLY O 174 27.90 -20.18 -39.71
N SER O 175 29.11 -20.67 -39.44
CA SER O 175 29.35 -21.57 -38.32
C SER O 175 30.73 -21.26 -37.77
N LEU O 176 31.45 -22.29 -37.32
CA LEU O 176 32.74 -22.11 -36.68
C LEU O 176 33.78 -21.41 -37.57
N GLU O 177 33.71 -21.66 -38.87
CA GLU O 177 34.64 -21.05 -39.81
C GLU O 177 34.42 -19.54 -39.99
N ALA O 178 33.15 -19.13 -40.08
CA ALA O 178 32.78 -17.73 -40.14
C ALA O 178 33.17 -16.95 -38.87
N ALA O 179 33.16 -17.65 -37.72
CA ALA O 179 33.45 -17.09 -36.39
C ALA O 179 34.93 -16.90 -36.12
N LEU O 180 35.77 -17.67 -36.78
CA LEU O 180 37.23 -17.66 -36.57
C LEU O 180 37.97 -16.31 -36.64
N PRO O 181 37.63 -15.44 -37.64
CA PRO O 181 38.29 -14.14 -37.70
C PRO O 181 37.92 -13.19 -36.56
N PHE O 182 36.84 -13.48 -35.84
CA PHE O 182 36.33 -12.66 -34.76
C PHE O 182 36.79 -13.19 -33.41
N GLY O 183 37.36 -14.40 -33.42
CA GLY O 183 37.87 -15.00 -32.19
C GLY O 183 39.35 -14.81 -32.05
N PRO O 184 40.00 -15.63 -31.19
CA PRO O 184 39.39 -16.75 -30.43
C PRO O 184 38.49 -16.24 -29.31
N PHE O 185 37.63 -17.10 -28.78
CA PHE O 185 36.67 -16.67 -27.76
C PHE O 185 37.05 -17.16 -26.37
N ASP O 186 36.47 -16.51 -25.36
CA ASP O 186 36.67 -16.87 -23.97
C ASP O 186 35.67 -17.92 -23.62
N LEU O 187 34.50 -17.80 -24.24
CA LEU O 187 33.41 -18.68 -23.96
C LEU O 187 32.60 -19.00 -25.21
N LEU O 188 32.33 -20.29 -25.39
CA LEU O 188 31.44 -20.78 -26.41
C LEU O 188 30.18 -21.32 -25.75
N VAL O 189 29.03 -20.96 -26.30
CA VAL O 189 27.77 -21.49 -25.82
C VAL O 189 27.08 -22.01 -27.07
N ALA O 190 26.61 -23.25 -27.02
CA ALA O 190 26.04 -23.92 -28.19
C ALA O 190 24.93 -24.84 -27.75
N ASN O 191 23.70 -24.46 -28.09
CA ASN O 191 22.51 -25.24 -27.82
C ASN O 191 22.16 -25.88 -29.14
N LEU O 192 22.81 -27.00 -29.40
CA LEU O 192 22.58 -27.71 -30.65
C LEU O 192 21.98 -29.12 -30.37
N TYR O 193 22.75 -30.16 -30.63
CA TYR O 193 22.39 -31.53 -30.32
C TYR O 193 23.64 -32.40 -30.25
N ALA O 194 23.52 -33.61 -29.70
CA ALA O 194 24.69 -34.44 -29.33
C ALA O 194 25.62 -34.73 -30.52
N GLU O 195 25.04 -35.12 -31.65
CA GLU O 195 25.85 -35.52 -32.81
C GLU O 195 26.69 -34.37 -33.35
N LEU O 196 26.09 -33.18 -33.46
CA LEU O 196 26.82 -32.03 -33.96
C LEU O 196 27.97 -31.63 -33.00
N HIS O 197 27.73 -31.59 -31.69
CA HIS O 197 28.78 -31.31 -30.72
C HIS O 197 29.94 -32.29 -30.86
N ALA O 198 29.61 -33.57 -31.00
CA ALA O 198 30.61 -34.61 -31.10
C ALA O 198 31.48 -34.42 -32.33
N ALA O 199 30.85 -34.14 -33.46
CA ALA O 199 31.59 -33.95 -34.73
C ALA O 199 32.45 -32.68 -34.74
N LEU O 200 32.03 -31.68 -33.97
CA LEU O 200 32.64 -30.35 -33.95
C LEU O 200 33.69 -30.13 -32.85
N ALA O 201 33.67 -30.98 -31.82
CA ALA O 201 34.55 -30.88 -30.66
C ALA O 201 36.01 -30.42 -30.90
N PRO O 202 36.73 -31.04 -31.89
CA PRO O 202 38.10 -30.59 -32.18
C PRO O 202 38.16 -29.14 -32.63
N ARG O 203 37.12 -28.71 -33.31
CA ARG O 203 37.06 -27.35 -33.77
C ARG O 203 36.57 -26.38 -32.68
N TYR O 204 35.82 -26.88 -31.69
CA TYR O 204 35.54 -26.11 -30.47
C TYR O 204 36.82 -25.69 -29.77
N ARG O 205 37.78 -26.60 -29.69
CA ARG O 205 39.05 -26.30 -29.05
C ARG O 205 39.74 -25.13 -29.74
N GLU O 206 39.82 -25.17 -31.06
CA GLU O 206 40.49 -24.10 -31.76
C GLU O 206 39.73 -22.75 -31.77
N ALA O 207 38.44 -22.77 -31.43
CA ALA O 207 37.66 -21.53 -31.30
C ALA O 207 37.97 -20.75 -30.03
N LEU O 208 38.62 -21.40 -29.07
CA LEU O 208 38.78 -20.83 -27.73
C LEU O 208 40.24 -20.47 -27.40
N VAL O 209 40.42 -19.35 -26.67
CA VAL O 209 41.68 -19.06 -25.98
C VAL O 209 41.99 -20.20 -25.01
N PRO O 210 43.28 -20.41 -24.67
CA PRO O 210 43.59 -21.33 -23.58
C PRO O 210 42.86 -20.91 -22.31
N GLY O 211 42.32 -21.88 -21.58
CA GLY O 211 41.53 -21.58 -20.39
C GLY O 211 40.08 -21.25 -20.71
N GLY O 212 39.76 -21.27 -22.01
CA GLY O 212 38.42 -20.93 -22.47
C GLY O 212 37.39 -21.94 -22.05
N ARG O 213 36.12 -21.57 -22.09
CA ARG O 213 35.05 -22.47 -21.66
C ARG O 213 34.02 -22.69 -22.74
N ALA O 214 33.52 -23.93 -22.80
CA ALA O 214 32.48 -24.35 -23.74
C ALA O 214 31.28 -24.89 -22.97
N LEU O 215 30.11 -24.38 -23.31
CA LEU O 215 28.88 -24.71 -22.61
C LEU O 215 27.97 -25.31 -23.65
N LEU O 216 27.81 -26.62 -23.56
CA LEU O 216 27.20 -27.41 -24.61
C LEU O 216 25.89 -28.01 -24.13
N THR O 217 24.80 -27.74 -24.84
CA THR O 217 23.48 -28.30 -24.49
C THR O 217 22.66 -28.66 -25.74
N GLY O 218 21.36 -28.90 -25.60
CA GLY O 218 20.58 -29.53 -26.66
C GLY O 218 20.89 -31.04 -26.74
N ILE O 219 21.57 -31.53 -25.70
CA ILE O 219 22.06 -32.90 -25.61
C ILE O 219 21.08 -33.76 -24.80
N LEU O 220 20.49 -34.75 -25.46
CA LEU O 220 19.71 -35.79 -24.76
C LEU O 220 20.62 -36.51 -23.78
N LYS O 221 20.13 -36.75 -22.55
CA LYS O 221 20.92 -37.35 -21.49
C LYS O 221 21.43 -38.74 -21.87
N ASP O 222 20.70 -39.39 -22.76
CA ASP O 222 21.07 -40.70 -23.23
C ASP O 222 22.25 -40.66 -24.22
N ARG O 223 22.50 -39.49 -24.81
CA ARG O 223 23.59 -39.35 -25.78
C ARG O 223 24.77 -38.52 -25.26
N ALA O 224 24.76 -38.19 -23.97
CA ALA O 224 25.85 -37.42 -23.35
C ALA O 224 27.23 -38.10 -23.46
N PRO O 225 27.32 -39.45 -23.29
CA PRO O 225 28.61 -40.11 -23.52
C PRO O 225 29.24 -39.85 -24.88
N LEU O 226 28.42 -39.71 -25.93
CA LEU O 226 28.96 -39.34 -27.24
C LEU O 226 29.73 -38.03 -27.14
N VAL O 227 29.10 -37.01 -26.53
CA VAL O 227 29.71 -35.71 -26.30
C VAL O 227 30.86 -35.73 -25.29
N ARG O 228 30.68 -36.41 -24.16
CA ARG O 228 31.77 -36.62 -23.18
C ARG O 228 33.04 -37.22 -23.84
N GLU O 229 32.84 -38.28 -24.61
CA GLU O 229 33.90 -38.95 -25.40
C GLU O 229 34.57 -37.95 -26.35
N ALA O 230 33.78 -37.29 -27.20
CA ALA O 230 34.35 -36.37 -28.20
C ALA O 230 35.12 -35.20 -27.56
N MET O 231 34.56 -34.67 -26.49
CA MET O 231 35.18 -33.54 -25.78
C MET O 231 36.45 -33.96 -25.03
N ALA O 232 36.44 -35.17 -24.45
CA ALA O 232 37.64 -35.73 -23.82
C ALA O 232 38.73 -35.93 -24.85
N GLY O 233 38.38 -36.55 -25.97
CA GLY O 233 39.30 -36.81 -27.07
C GLY O 233 39.93 -35.56 -27.64
N ALA O 234 39.21 -34.44 -27.54
CA ALA O 234 39.71 -33.16 -28.02
C ALA O 234 40.60 -32.41 -27.01
N GLY O 235 40.78 -32.96 -25.80
CA GLY O 235 41.64 -32.34 -24.78
C GLY O 235 40.93 -31.35 -23.89
N PHE O 236 39.61 -31.52 -23.72
CA PHE O 236 38.84 -30.69 -22.80
C PHE O 236 38.76 -31.29 -21.39
N ARG O 237 38.76 -30.42 -20.38
CA ARG O 237 38.56 -30.80 -19.00
C ARG O 237 37.09 -30.61 -18.68
N PRO O 238 36.42 -31.62 -18.09
CA PRO O 238 35.02 -31.44 -17.75
C PRO O 238 34.93 -30.64 -16.46
N LEU O 239 33.90 -29.79 -16.37
CA LEU O 239 33.85 -28.85 -15.29
C LEU O 239 32.62 -29.13 -14.46
N GLU O 240 31.46 -29.10 -15.08
CA GLU O 240 30.25 -29.47 -14.40
C GLU O 240 29.17 -29.80 -15.40
N GLU O 241 28.21 -30.58 -14.97
CA GLU O 241 27.09 -30.92 -15.79
C GLU O 241 25.85 -30.46 -15.04
N ALA O 242 24.81 -30.12 -15.79
CA ALA O 242 23.51 -29.81 -15.25
C ALA O 242 22.48 -30.54 -16.11
N ALA O 243 21.34 -30.86 -15.51
CA ALA O 243 20.30 -31.60 -16.17
C ALA O 243 18.97 -30.96 -15.89
N GLU O 244 18.07 -31.10 -16.84
CA GLU O 244 16.72 -30.59 -16.71
C GLU O 244 15.84 -31.49 -17.53
N GLY O 245 15.24 -32.47 -16.87
CA GLY O 245 14.44 -33.50 -17.52
C GLY O 245 15.25 -34.45 -18.38
N GLU O 246 14.92 -34.47 -19.68
CA GLU O 246 15.57 -35.34 -20.66
C GLU O 246 16.86 -34.73 -21.25
N TRP O 247 17.23 -33.55 -20.77
CA TRP O 247 18.28 -32.76 -21.37
C TRP O 247 19.39 -32.44 -20.39
N VAL O 248 20.61 -32.39 -20.89
CA VAL O 248 21.75 -32.01 -20.07
C VAL O 248 22.51 -30.82 -20.71
N LEU O 249 23.27 -30.12 -19.87
CA LEU O 249 24.26 -29.20 -20.34
C LEU O 249 25.59 -29.71 -19.82
N LEU O 250 26.60 -29.78 -20.70
CA LEU O 250 27.94 -30.21 -20.32
C LEU O 250 28.91 -29.06 -20.54
N ALA O 251 29.74 -28.83 -19.53
CA ALA O 251 30.63 -27.69 -19.48
C ALA O 251 32.08 -28.15 -19.49
N TYR O 252 32.92 -27.46 -20.26
CA TYR O 252 34.29 -27.89 -20.48
C TYR O 252 35.25 -26.73 -20.51
N GLY O 253 36.50 -26.99 -20.16
CA GLY O 253 37.53 -25.98 -20.22
C GLY O 253 38.65 -26.51 -21.08
N ARG O 254 39.35 -25.61 -21.77
CA ARG O 254 40.58 -26.03 -22.42
C ARG O 254 41.86 -25.29 -21.90
N MET P 1 -18.87 -33.01 -17.21
CA MET P 1 -19.28 -34.41 -17.53
C MET P 1 -18.32 -35.22 -18.45
N LYS P 2 -17.50 -34.56 -19.30
CA LYS P 2 -17.45 -33.12 -19.53
C LYS P 2 -18.19 -32.73 -20.82
N LYS P 3 -18.63 -31.47 -20.89
CA LYS P 3 -19.39 -30.97 -22.03
C LYS P 3 -18.47 -30.68 -23.21
N VAL P 4 -18.59 -31.50 -24.26
CA VAL P 4 -17.76 -31.39 -25.47
C VAL P 4 -18.31 -30.30 -26.41
N VAL P 5 -17.48 -29.34 -26.78
CA VAL P 5 -17.88 -28.27 -27.71
C VAL P 5 -17.42 -28.51 -29.15
N ALA P 6 -16.38 -29.32 -29.31
CA ALA P 6 -15.79 -29.60 -30.62
C ALA P 6 -15.06 -30.95 -30.65
N VAL P 7 -14.98 -31.53 -31.84
CA VAL P 7 -14.19 -32.74 -32.08
C VAL P 7 -13.37 -32.55 -33.38
N VAL P 8 -12.20 -31.93 -33.23
CA VAL P 8 -11.37 -31.49 -34.36
C VAL P 8 -10.68 -32.67 -35.05
N LYS P 9 -10.73 -32.66 -36.38
CA LYS P 9 -10.02 -33.63 -37.20
C LYS P 9 -8.87 -32.96 -37.94
N LEU P 10 -7.65 -33.36 -37.59
CA LEU P 10 -6.46 -32.91 -38.31
C LEU P 10 -5.66 -34.10 -38.82
N GLN P 11 -4.89 -33.86 -39.87
CA GLN P 11 -3.81 -34.75 -40.26
C GLN P 11 -2.52 -33.94 -40.31
N LEU P 12 -1.58 -34.29 -39.45
CA LEU P 12 -0.34 -33.53 -39.29
C LEU P 12 0.90 -34.41 -39.49
N PRO P 13 1.96 -33.83 -40.09
CA PRO P 13 3.29 -34.46 -40.12
C PRO P 13 3.86 -34.69 -38.72
N ALA P 14 4.41 -35.88 -38.49
CA ALA P 14 4.93 -36.31 -37.19
C ALA P 14 6.11 -35.48 -36.71
N GLY P 15 6.00 -34.99 -35.47
CA GLY P 15 7.04 -34.18 -34.83
C GLY P 15 7.21 -32.79 -35.45
N LYS P 16 6.21 -32.36 -36.22
CA LYS P 16 6.27 -31.10 -36.96
C LYS P 16 5.02 -30.23 -36.79
N ALA P 17 4.44 -30.26 -35.57
CA ALA P 17 3.32 -29.40 -35.22
C ALA P 17 3.81 -27.99 -34.87
N THR P 18 2.98 -27.00 -35.18
CA THR P 18 3.29 -25.58 -34.96
C THR P 18 2.01 -24.83 -34.54
N PRO P 19 2.16 -23.56 -34.07
CA PRO P 19 0.97 -22.73 -33.82
C PRO P 19 0.28 -22.30 -35.12
N ALA P 20 1.01 -22.43 -36.23
CA ALA P 20 0.52 -22.12 -37.57
C ALA P 20 -0.64 -23.05 -37.99
N PRO P 21 -1.50 -22.55 -38.91
CA PRO P 21 -2.62 -23.38 -39.39
C PRO P 21 -2.18 -24.78 -39.86
N PRO P 22 -2.98 -25.81 -39.58
CA PRO P 22 -4.36 -25.76 -39.09
C PRO P 22 -4.51 -25.57 -37.58
N VAL P 23 -3.44 -25.83 -36.83
CA VAL P 23 -3.51 -25.95 -35.37
C VAL P 23 -4.01 -24.66 -34.70
N GLY P 24 -3.43 -23.53 -35.09
CA GLY P 24 -3.82 -22.21 -34.57
C GLY P 24 -5.31 -21.96 -34.63
N PRO P 25 -5.85 -21.76 -35.85
CA PRO P 25 -7.30 -21.60 -36.04
C PRO P 25 -8.16 -22.74 -35.46
N ALA P 26 -7.68 -23.99 -35.57
CA ALA P 26 -8.44 -25.17 -35.16
C ALA P 26 -8.78 -25.18 -33.67
N LEU P 27 -7.77 -25.00 -32.83
CA LEU P 27 -7.98 -25.03 -31.38
C LEU P 27 -8.34 -23.64 -30.86
N GLY P 28 -7.75 -22.62 -31.50
CA GLY P 28 -7.95 -21.22 -31.15
C GLY P 28 -9.39 -20.75 -31.07
N GLN P 29 -10.20 -21.09 -32.07
CA GLN P 29 -11.61 -20.68 -32.09
C GLN P 29 -12.43 -21.26 -30.92
N HIS P 30 -11.89 -22.31 -30.30
CA HIS P 30 -12.50 -22.95 -29.13
C HIS P 30 -11.72 -22.69 -27.83
N GLY P 31 -10.69 -21.84 -27.89
CA GLY P 31 -9.97 -21.38 -26.70
C GLY P 31 -9.08 -22.40 -26.01
N ALA P 32 -8.81 -23.52 -26.66
CA ALA P 32 -7.88 -24.53 -26.16
C ALA P 32 -6.42 -24.05 -26.21
N ASN P 33 -5.54 -24.66 -25.41
CA ASN P 33 -4.13 -24.26 -25.33
C ASN P 33 -3.25 -24.82 -26.45
N ILE P 34 -3.02 -23.97 -27.44
CA ILE P 34 -2.33 -24.33 -28.68
C ILE P 34 -0.92 -24.91 -28.47
N MET P 35 -0.09 -24.22 -27.68
CA MET P 35 1.29 -24.67 -27.40
C MET P 35 1.39 -25.94 -26.55
N GLU P 36 0.43 -26.16 -25.67
CA GLU P 36 0.34 -27.42 -24.91
C GLU P 36 0.12 -28.59 -25.86
N PHE P 37 -0.75 -28.38 -26.85
CA PHE P 37 -1.00 -29.39 -27.86
C PHE P 37 0.21 -29.66 -28.75
N VAL P 38 0.84 -28.60 -29.26
CA VAL P 38 2.03 -28.69 -30.12
C VAL P 38 3.18 -29.45 -29.44
N LYS P 39 3.31 -29.27 -28.14
CA LYS P 39 4.30 -30.02 -27.36
C LYS P 39 3.81 -31.45 -27.07
N ALA P 40 2.50 -31.60 -26.91
CA ALA P 40 1.90 -32.91 -26.62
C ALA P 40 1.93 -33.83 -27.84
N PHE P 41 1.62 -33.26 -29.01
CA PHE P 41 1.59 -34.00 -30.28
C PHE P 41 2.98 -34.47 -30.72
N ASN P 42 3.91 -33.52 -30.81
CA ASN P 42 5.30 -33.79 -31.19
C ASN P 42 6.06 -34.73 -30.26
N ALA P 43 5.63 -34.82 -29.01
CA ALA P 43 6.17 -35.79 -28.07
C ALA P 43 5.63 -37.18 -28.39
N ALA P 44 4.34 -37.26 -28.70
CA ALA P 44 3.69 -38.53 -29.05
C ALA P 44 4.13 -39.05 -30.42
N THR P 45 4.62 -38.14 -31.26
CA THR P 45 4.98 -38.47 -32.64
C THR P 45 6.49 -38.33 -32.95
N ALA P 46 7.31 -38.44 -31.91
CA ALA P 46 8.77 -38.40 -32.05
C ALA P 46 9.31 -39.80 -32.40
N ASN P 47 8.72 -40.83 -31.80
CA ASN P 47 9.10 -42.24 -32.04
C ASN P 47 8.87 -42.70 -33.50
N MET P 48 7.88 -42.11 -34.15
CA MET P 48 7.68 -42.27 -35.59
C MET P 48 8.53 -41.22 -36.33
N GLY P 49 7.90 -40.43 -37.19
CA GLY P 49 8.59 -39.33 -37.86
C GLY P 49 8.50 -39.41 -39.37
N ASP P 50 8.16 -38.28 -39.99
CA ASP P 50 7.99 -38.15 -41.44
C ASP P 50 6.69 -38.80 -41.95
N ALA P 51 6.15 -39.73 -41.19
CA ALA P 51 4.88 -40.38 -41.50
C ALA P 51 3.70 -39.45 -41.17
N ILE P 52 2.61 -39.61 -41.92
CA ILE P 52 1.40 -38.80 -41.71
C ILE P 52 0.61 -39.34 -40.52
N VAL P 53 0.21 -38.43 -39.62
CA VAL P 53 -0.50 -38.80 -38.39
C VAL P 53 -1.86 -38.10 -38.29
N PRO P 54 -2.96 -38.82 -38.58
CA PRO P 54 -4.32 -38.32 -38.33
C PRO P 54 -4.59 -38.21 -36.83
N VAL P 55 -5.10 -37.07 -36.39
CA VAL P 55 -5.32 -36.82 -34.96
C VAL P 55 -6.69 -36.19 -34.70
N GLU P 56 -7.42 -36.76 -33.74
CA GLU P 56 -8.75 -36.27 -33.34
C GLU P 56 -8.71 -35.61 -31.97
N ILE P 57 -8.81 -34.28 -31.95
CA ILE P 57 -8.70 -33.52 -30.71
C ILE P 57 -10.09 -33.24 -30.15
N THR P 58 -10.28 -33.62 -28.90
CA THR P 58 -11.53 -33.35 -28.18
C THR P 58 -11.34 -32.12 -27.30
N ILE P 59 -12.25 -31.16 -27.44
CA ILE P 59 -12.21 -29.92 -26.65
C ILE P 59 -13.49 -29.81 -25.81
N TYR P 60 -13.30 -29.52 -24.52
CA TYR P 60 -14.40 -29.52 -23.56
C TYR P 60 -14.90 -28.11 -23.25
N ALA P 61 -15.80 -28.00 -22.27
CA ALA P 61 -16.41 -26.73 -21.89
C ALA P 61 -15.41 -25.74 -21.31
N ASP P 62 -14.53 -26.23 -20.44
CA ASP P 62 -13.55 -25.40 -19.74
C ASP P 62 -12.24 -25.23 -20.51
N ARG P 63 -12.27 -25.57 -21.80
CA ARG P 63 -11.17 -25.33 -22.76
C ARG P 63 -9.98 -26.30 -22.68
N SER P 64 -10.13 -27.38 -21.91
CA SER P 64 -9.10 -28.43 -21.84
C SER P 64 -9.20 -29.38 -23.04
N PHE P 65 -8.21 -30.27 -23.20
CA PHE P 65 -8.18 -31.19 -24.34
C PHE P 65 -7.47 -32.54 -24.11
N THR P 66 -7.90 -33.54 -24.89
CA THR P 66 -7.20 -34.83 -25.04
C THR P 66 -7.39 -35.29 -26.49
N PHE P 67 -6.41 -36.01 -27.03
CA PHE P 67 -6.45 -36.41 -28.45
C PHE P 67 -6.16 -37.90 -28.70
N VAL P 68 -6.40 -38.33 -29.94
CA VAL P 68 -6.16 -39.71 -30.37
C VAL P 68 -5.41 -39.73 -31.70
N THR P 69 -4.14 -40.12 -31.67
CA THR P 69 -3.31 -40.23 -32.87
C THR P 69 -3.44 -41.61 -33.52
N LYS P 70 -3.26 -41.67 -34.84
CA LYS P 70 -3.38 -42.93 -35.57
C LYS P 70 -2.23 -43.18 -36.58
N THR P 71 -2.31 -44.31 -37.29
CA THR P 71 -1.28 -44.76 -38.23
C THR P 71 -1.86 -45.41 -39.49
N PRO P 72 -1.57 -44.88 -40.68
CA PRO P 72 -0.77 -43.65 -40.87
C PRO P 72 -1.40 -42.76 -41.93
N NO3 Q . -8.37 12.79 68.41
O1 NO3 Q . -8.73 12.93 69.72
O2 NO3 Q . -7.70 11.64 68.01
O3 NO3 Q . -8.69 13.76 67.50
CL CL R . -9.72 -9.94 46.24
CL CL S . -7.79 -5.85 48.93
N SAH T . -8.89 4.68 61.63
CA SAH T . -9.75 4.97 62.85
CB SAH T . -9.19 4.40 64.17
CG SAH T . -7.81 4.93 64.57
SD SAH T . -7.34 4.61 66.29
C SAH T . -9.94 6.47 62.93
O SAH T . -9.45 7.20 62.07
OXT SAH T . -10.62 7.00 63.82
C5' SAH T . -5.84 3.71 65.82
C4' SAH T . -6.09 2.26 65.50
O4' SAH T . -4.86 1.74 65.03
C3' SAH T . -6.48 1.41 66.70
O3' SAH T . -7.65 0.62 66.45
C2' SAH T . -5.26 0.50 66.92
O2' SAH T . -5.62 -0.77 67.39
C1' SAH T . -4.63 0.45 65.55
N9 SAH T . -3.18 0.25 65.57
C8 SAH T . -2.28 0.74 66.50
N7 SAH T . -1.05 0.35 66.18
C5 SAH T . -1.12 -0.38 65.04
C6 SAH T . -0.15 -1.03 64.25
N6 SAH T . 1.14 -1.04 64.54
N1 SAH T . -0.59 -1.69 63.11
C2 SAH T . -1.93 -1.73 62.75
N3 SAH T . -2.85 -1.11 63.54
C4 SAH T . -2.46 -0.45 64.65
C1 EDO U . 2.49 10.73 39.79
O1 EDO U . 3.73 11.34 40.19
C2 EDO U . 2.66 9.95 38.49
O2 EDO U . 2.81 8.54 38.72
N NO3 V . -3.23 4.06 68.74
O1 NO3 V . -3.13 5.05 69.70
O2 NO3 V . -3.38 2.73 69.12
O3 NO3 V . -3.14 4.39 67.42
CE 2MM W . -0.87 11.34 71.68
SD 2MM W . -0.93 10.12 70.43
CG 2MM W . -2.63 9.93 69.96
CB 2MM W . -2.74 9.11 68.68
CA 2MM W . -3.99 8.25 68.49
C 2MM W . -4.90 8.18 69.73
O 2MM W . -5.60 9.15 70.12
N 2MM W . -4.66 8.45 67.17
CN2 2MM W . -5.54 9.63 67.08
CN1 2MM W . -5.40 7.21 66.89
C1 EDO X . -26.35 -9.07 95.22
O1 EDO X . -25.38 -8.90 96.26
C2 EDO X . -26.17 -8.01 94.15
O2 EDO X . -25.95 -8.64 92.88
N SAM Y . -19.39 20.78 29.81
CA SAM Y . -20.27 21.02 28.65
C SAM Y . -19.44 21.29 27.37
O SAM Y . -18.41 21.96 27.35
OXT SAM Y . -19.76 20.85 26.27
CB SAM Y . -21.29 22.16 28.88
CG SAM Y . -22.22 22.20 30.09
SD SAM Y . -23.95 22.59 29.66
CE SAM Y . -23.88 24.08 28.63
C5' SAM Y . -24.87 23.34 31.02
C4' SAM Y . -25.16 22.44 32.21
O4' SAM Y . -24.92 23.26 33.32
C3' SAM Y . -26.60 21.97 32.39
O3' SAM Y . -26.66 20.56 32.53
C2' SAM Y . -27.04 22.61 33.71
O2' SAM Y . -27.82 21.73 34.49
C1' SAM Y . -25.73 22.91 34.39
N9 SAM Y . -25.78 24.06 35.29
C8 SAM Y . -26.51 25.22 35.12
N7 SAM Y . -26.30 26.00 36.19
C5 SAM Y . -25.44 25.38 37.03
C6 SAM Y . -24.89 25.76 38.25
N6 SAM Y . -25.21 26.93 38.80
N1 SAM Y . -24.01 24.88 38.89
C2 SAM Y . -23.71 23.64 38.32
N3 SAM Y . -24.26 23.28 37.11
C4 SAM Y . -25.11 24.15 36.48
N NO3 Z . -17.90 -22.49 23.92
O1 NO3 Z . -16.96 -22.37 24.90
O2 NO3 Z . -19.24 -22.51 24.21
O3 NO3 Z . -17.48 -22.62 22.60
N SAH AA . -13.80 -16.98 31.82
CA SAH AA . -13.89 -16.59 30.38
CB SAH AA . -12.80 -17.23 29.51
CG SAH AA . -12.66 -18.75 29.66
SD SAH AA . -11.49 -19.47 28.50
C SAH AA . -15.24 -17.05 29.84
O SAH AA . -16.05 -17.60 30.61
OXT SAH AA . -15.52 -16.86 28.65
C5' SAH AA . -10.46 -20.30 29.73
C4' SAH AA . -9.37 -19.40 30.32
O4' SAH AA . -8.76 -20.14 31.35
C3' SAH AA . -8.26 -19.05 29.33
O3' SAH AA . -8.02 -17.65 29.29
C2' SAH AA . -7.05 -19.82 29.86
O2' SAH AA . -5.81 -19.18 29.64
C1' SAH AA . -7.36 -19.95 31.34
N9 SAH AA . -6.77 -21.14 31.97
C8 SAH AA . -6.48 -22.35 31.37
N7 SAH AA . -5.97 -23.21 32.28
C5 SAH AA . -5.94 -22.54 33.46
C6 SAH AA . -5.52 -22.89 34.74
N6 SAH AA . -5.03 -24.12 34.99
N1 SAH AA . -5.64 -21.96 35.76
C2 SAH AA . -6.11 -20.68 35.56
N3 SAH AA . -6.50 -20.36 34.29
C4 SAH AA . -6.43 -21.24 33.28
N NO3 BA . -8.87 -23.52 28.17
O1 NO3 BA . -7.63 -22.89 28.25
O2 NO3 BA . -9.77 -23.37 29.20
O3 NO3 BA . -9.20 -24.30 27.07
CE 2MM CA . -14.51 -28.85 26.13
SD 2MM CA . -12.87 -28.55 25.63
CG 2MM CA . -12.29 -26.95 26.16
CB 2MM CA . -13.42 -26.01 26.63
CA 2MM CA . -12.84 -24.64 26.98
C 2MM CA . -12.30 -24.09 25.70
O 2MM CA . -13.04 -23.86 24.73
N 2MM CA . -13.75 -23.68 27.70
CN2 2MM CA . -15.04 -23.43 27.02
CN1 2MM CA . -13.03 -22.42 27.94
N SAM DA . -44.13 -5.11 50.71
CA SAM DA . -44.46 -3.76 50.18
C SAM DA . -44.06 -2.67 51.18
O SAM DA . -43.78 -2.98 52.34
OXT SAM DA . -43.99 -1.46 50.92
CB SAM DA . -45.95 -3.67 49.74
CG SAM DA . -46.22 -3.41 48.26
SD SAM DA . -47.35 -2.01 48.03
CE SAM DA . -49.03 -2.68 48.19
C5' SAM DA . -47.28 -1.37 46.34
C4' SAM DA . -45.93 -1.37 45.65
O4' SAM DA . -46.01 -2.37 44.66
C3' SAM DA . -45.68 -0.06 44.94
O3' SAM DA . -44.38 0.44 45.19
C2' SAM DA . -45.81 -0.41 43.46
O2' SAM DA . -44.88 0.33 42.70
C1' SAM DA . -45.50 -1.89 43.44
N9 SAM DA . -46.18 -2.58 42.34
C8 SAM DA . -47.49 -2.38 41.92
N7 SAM DA . -47.70 -3.21 40.88
C5 SAM DA . -46.57 -3.91 40.63
C6 SAM DA . -46.27 -4.88 39.68
N6 SAM DA . -47.16 -5.25 38.77
N1 SAM DA . -45.00 -5.44 39.67
C2 SAM DA . -44.04 -5.02 40.60
N3 SAM DA . -44.35 -4.05 41.54
C4 SAM DA . -45.60 -3.52 41.54
N NO3 EA . 9.91 23.79 -27.47
O1 NO3 EA . 10.77 23.60 -26.41
O2 NO3 EA . 8.56 24.03 -27.21
O3 NO3 EA . 10.39 23.74 -28.79
N NO3 FA . 2.07 19.03 -31.83
O1 NO3 FA . 3.34 19.52 -31.64
O2 NO3 FA . 1.20 18.93 -30.79
O3 NO3 FA . 1.68 18.62 -33.07
CL CL GA . 32.76 11.21 -35.83
CL CL HA . 28.26 13.88 -36.53
N SAH IA . 12.30 16.66 -32.40
CA SAH IA . 11.28 16.09 -31.45
CB SAH IA . 11.09 16.92 -30.18
CG SAH IA . 10.57 18.34 -30.43
SD SAH IA . 10.00 19.17 -28.92
C SAH IA . 9.97 15.93 -32.18
O SAH IA . 9.87 16.30 -33.36
OXT SAH IA . 8.98 15.45 -31.62
C5' SAH IA . 11.24 20.50 -29.01
C4' SAH IA . 12.58 20.17 -28.35
O4' SAH IA . 13.45 21.24 -28.64
C3' SAH IA . 12.55 20.06 -26.83
O3' SAH IA . 13.09 18.83 -26.38
C2' SAH IA . 13.40 21.23 -26.36
O2' SAH IA . 14.19 20.97 -25.23
C1' SAH IA . 14.29 21.52 -27.55
N9 SAH IA . 14.71 22.92 -27.66
C8 SAH IA . 13.97 24.05 -27.32
N7 SAH IA . 14.71 25.15 -27.59
C5 SAH IA . 15.89 24.73 -28.11
C6 SAH IA . 17.02 25.41 -28.57
N6 SAH IA . 17.11 26.73 -28.56
N1 SAH IA . 18.07 24.67 -29.06
C2 SAH IA . 18.06 23.29 -29.08
N3 SAH IA . 16.95 22.64 -28.63
C4 SAH IA . 15.89 23.34 -28.15
CE 2MM JA . 3.07 27.06 -30.59
SD 2MM JA . 4.41 26.41 -29.70
CG 2MM JA . 4.52 24.72 -30.18
CB 2MM JA . 5.98 24.43 -30.46
CA 2MM JA . 6.50 23.11 -29.93
C 2MM JA . 5.70 22.52 -28.77
O 2MM JA . 4.57 21.99 -28.83
N 2MM JA . 6.82 22.18 -31.05
CN2 2MM JA . 7.93 21.35 -30.55
CN1 2MM JA . 5.69 21.34 -31.49
N SAM KA . 13.59 -1.68 -65.00
CA SAM KA . 14.39 -2.90 -64.72
C SAM KA . 15.85 -2.62 -65.04
O SAM KA . 16.12 -1.49 -65.41
OXT SAM KA . 16.75 -3.50 -64.92
CB SAM KA . 13.83 -4.07 -65.50
CG SAM KA . 12.44 -4.48 -65.05
SD SAM KA . 12.14 -6.18 -65.56
CE SAM KA . 11.18 -5.98 -67.09
C5' SAM KA . 11.01 -6.81 -64.34
C4' SAM KA . 11.37 -6.38 -62.91
O4' SAM KA . 10.31 -5.56 -62.46
C3' SAM KA . 11.44 -7.61 -62.02
O3' SAM KA . 12.55 -7.51 -61.17
C2' SAM KA . 10.14 -7.56 -61.26
O2' SAM KA . 10.32 -8.05 -59.95
C1' SAM KA . 9.79 -6.08 -61.27
N9 SAM KA . 8.35 -5.86 -61.27
C8 SAM KA . 7.37 -6.56 -61.94
N7 SAM KA . 6.17 -6.02 -61.62
C5 SAM KA . 6.38 -5.02 -60.76
C6 SAM KA . 5.51 -4.14 -60.11
N6 SAM KA . 4.20 -4.23 -60.32
N1 SAM KA . 6.04 -3.19 -59.25
C2 SAM KA . 7.40 -3.10 -59.02
N3 SAM KA . 8.26 -3.98 -59.67
C4 SAM KA . 7.74 -4.91 -60.51
N NO3 LA . 53.89 -2.73 -44.89
O1 NO3 LA . 54.74 -2.73 -46.00
O2 NO3 LA . 53.43 -3.92 -44.37
O3 NO3 LA . 53.53 -1.54 -44.31
N SAH MA . 45.66 3.49 -42.46
CA SAH MA . 46.13 3.09 -43.83
CB SAH MA . 47.27 3.99 -44.34
CG SAH MA . 48.52 4.01 -43.47
SD SAH MA . 49.93 4.86 -44.24
C SAH MA . 46.58 1.63 -43.82
O SAH MA . 46.53 0.96 -42.79
OXT SAH MA . 46.99 1.11 -44.86
C5' SAH MA . 50.04 6.09 -42.93
C4' SAH MA . 49.22 7.34 -43.20
O4' SAH MA . 49.34 8.17 -42.05
C3' SAH MA . 49.64 8.17 -44.41
O3' SAH MA . 48.52 8.39 -45.28
C2' SAH MA . 50.15 9.47 -43.79
O2' SAH MA . 49.92 10.62 -44.57
C1' SAH MA . 49.43 9.52 -42.45
N9 SAH MA . 50.17 10.17 -41.36
C8 SAH MA . 51.53 10.18 -41.16
N7 SAH MA . 51.81 10.88 -40.02
C5 SAH MA . 50.62 11.31 -39.50
C6 SAH MA . 50.26 12.06 -38.38
N6 SAH MA . 51.16 12.56 -37.52
N1 SAH MA . 48.91 12.30 -38.12
C2 SAH MA . 47.91 11.84 -38.96
N3 SAH MA . 48.28 11.12 -40.07
C4 SAH MA . 49.59 10.86 -40.35
CE 2MM NA . 59.50 1.44 -40.72
SD 2MM NA . 58.37 2.71 -41.02
CG 2MM NA . 56.85 2.03 -41.60
CB 2MM NA . 55.70 2.99 -41.31
CA 2MM NA . 54.62 2.88 -42.38
C 2MM NA . 55.17 2.01 -43.44
O 2MM NA . 55.38 2.60 -44.50
N 2MM NA . 53.34 2.29 -41.92
CN2 2MM NA . 53.30 0.86 -42.28
CN1 2MM NA . 52.29 2.99 -42.65
N NO3 OA . 53.92 7.10 -42.61
O1 NO3 OA . 55.10 6.45 -42.88
O2 NO3 OA . 52.99 6.46 -41.80
O3 NO3 OA . 53.72 8.38 -43.14
N SAM PA . 20.53 -21.03 -28.80
CA SAM PA . 19.57 -21.17 -29.95
C SAM PA . 18.27 -20.41 -29.62
O SAM PA . 18.08 -20.03 -28.46
OXT SAM PA . 17.39 -20.16 -30.45
CB SAM PA . 19.29 -22.63 -30.31
CG SAM PA . 19.62 -23.02 -31.75
SD SAM PA . 18.73 -24.51 -32.30
CE SAM PA . 19.74 -25.85 -31.67
C5' SAM PA . 18.99 -24.74 -34.07
C4' SAM PA . 19.71 -23.62 -34.78
O4' SAM PA . 21.07 -23.99 -34.98
C3' SAM PA . 19.05 -23.45 -36.14
O3' SAM PA . 18.73 -22.09 -36.37
C2' SAM PA . 20.10 -23.95 -37.10
O2' SAM PA . 20.05 -23.17 -38.28
C1' SAM PA . 21.39 -23.76 -36.33
N9 SAM PA . 22.48 -24.69 -36.69
C8 SAM PA . 22.38 -26.03 -36.92
N7 SAM PA . 23.61 -26.47 -37.21
C5 SAM PA . 24.51 -25.45 -37.15
C6 SAM PA . 25.88 -25.37 -37.38
N6 SAM PA . 26.60 -26.46 -37.70
N1 SAM PA . 26.52 -24.14 -37.23
C2 SAM PA . 25.80 -23.00 -36.89
N3 SAM PA . 24.43 -23.10 -36.70
C4 SAM PA . 23.80 -24.30 -36.83
#